data_9OCE
#
_entry.id   9OCE
#
_cell.length_a   1.00
_cell.length_b   1.00
_cell.length_c   1.00
_cell.angle_alpha   90.00
_cell.angle_beta   90.00
_cell.angle_gamma   90.00
#
_symmetry.space_group_name_H-M   'P 1'
#
loop_
_entity.id
_entity.type
_entity.pdbx_description
1 polymer 'RNA-directed RNA polymerase L'
2 polymer Phosphoprotein
3 polymer 'Protein C'
4 non-polymer 2-methyl-~{N}-[4-[(2~{S})-2-(2-morpholin-4-ylethyl)piperidin-1-yl]sulfonylphenyl]-5-(trifluoromethyl)pyrazole-3-carboxamide
#
loop_
_entity_poly.entity_id
_entity_poly.type
_entity_poly.pdbx_seq_one_letter_code
_entity_poly.pdbx_strand_id
1 'polypeptide(L)'
;MDSLSVNQILYPEVHLDSPIVTNKIVAILEYARVPHAYSLEDPTLCQNIKHRLKNGFSNQMIINNVEVGNVIKSKLRSYP
AHSHIPYPNCNQDLFNIEDKESTRKIRELLKKGNSLYSKVSDKVFQCLRDTNSRLGLGSELREDIKEKVINLGVYMHSSQ
WFEPFLFWFTVKTEMRSVIKSQTHTCHRRRHTPVFFTGSSVELLISRDLVAIISKESQHVYYLTFELVLMYCDVIEGRLM
TETAMTIDARYTELLGRVRYMWKLIDGFFPALGNPTYQIVAMLEPLSLAYLQLRDITVELRGAFLNHCFTEIHDVLDQNG
FSDEGTYHELIEALDYIFITDDIHLTGEIFSFFRSFGHPRLEAVTAAENVRKYMNQPKVIVYETLMKGHAIFCGIIINGY
RDRHGGSWPPLTLPLHAADTIRNAQASGDGLTHEQCVDNWKSFAGVKFGCFMPLSLDSDLTMYLKDKALAALQREWDSVY
PKEFLRYDPPKGTGSRRLVDVFLNDSSFDPYDVIMYVVSGAYLHDPEFNLSYSLKEKEIKETGRLFAKMTYKMRACQVIA
ENLISNGIGKYFKDNGMAKDEHDLTKALHTLAVSGVPKDLKESHRGGPVLKTYSRSPVHTSTRNVRAAKGFIGFPQVIRQ
DQDTDHPENMEAYETVSAFITTDLKKYCLNWRYETISLFAQRLNEIYGLPSFFQWLHKRLETSVLYVSDPHCPPDLDAHI
PLYKVPNDQIFIKYPMGGIEGYCQKLWTISTIPYLYLAAYESGVRIASLVQGDNQTIAVTKRVPSTWPYNLKKREAARVT
RDYFVILRQRLHDIGHHLKANETIVSSHFFVYSKGIYYDGLLVSQSLKSIARCVFWSETIVDETRAACSNIATTMAKSIE
RGYDRYLAYSLNVLKVIQQILISLGFTINSTMTRDVVIPLLTNNDLLIRMALLPAPIGGMNYLNMSRLFVRNIGDPVTSS
IADLKRMILASLMPEETLHQVMTQQPGDSSFLDWASDPYSANLVCVQSITRLLKNITARFVLIHSPNPMLKGLFHDDSKE
EDEGLAAFLMDRHIIVPRAAHEILDHSVTGARESIAGMLDTTKGLIRASMRKGGLTSRVITRLSNYDYEQFRAGMVLLTG
RKRNVLIDKESCSVQLARALRSHMWARLARGRPIYGLEVPDVLESMRGHLIRRHETCVICECGSVNYGWFFVPSGCQLDD
IDKETSSLRVPYIGSTTDERTDMKLAFVRAPSRSLRSAVRIATVYSWAYGDDDSSWNEAWLLARQRANVSLEELRVITPI
STSTNLAHRLRDRSTQVKYSGTSLVRVARYTTISNDNLSFVISDKKVDTNFIYQQGMLLGLGVLETLFRLEKDTGSSNTV
LHLHVETDCCVIPMIDHPRIPSSRKLELRAELCTNPLIYDNAPLIDRDATRLYTQSHRRHLVEFVTWSTPQLYHILAKST
ALSMIDLVTKFEKDHMNEISALIGDDDINSFITEFLLIEPRLFTIYLGQCAAINWAFDVHYHRPSGKYQMGELLSSFLSR
MSKGVFKVLVNALSHPKIYKKFWHCGIIEPIHGPSLDAQNLHTTVCNMVYTCYMTYLDLLLNEELEEFTFLLCESDEDVV
PDRFDNIQAKHLCVLADLYCQPGTCPPIQGLRPVEKCAVLTDHIKAEAMLSPAGSSWNINPIIVDHYSCSLTYLRRGSIK
QIRLRVDPGFIFDALAEVNVSQPKIGSNNISNMSIKAFRPPHDDVAKLLKDINTSKHNLPISGGNLANYEIHAFRRIGLN
SSACYKAVEISTLIRRCLEPGEDGLFLGEGSGSMLITYKEILKLSKCFYNSGVSANSRSGQRELAPYPSEVGLVEHRMGV
GNIVKVLFNGRPEVTWVGSVDCFNFIVSNIPTSSVGFIHSDIETLPDKDTIEKLEELAAILSMALLLGKIGSILVIKLMP
FSGDFVQGFISYVGSHYREVNLVYPRYSNFISTESYLVMTDLKANRLMNPEKIKQQIIESSVRTSPGLIGHILSIKQLSC
IQAIVGDAVSRGDINPTLKKLTPIEQVLINCGLAINGPKLCKELIHHDVASGQDGLLNSILILYRELARFKDNQRSQQGM
FHAYPVLVSSRQRELISRITRKFWGHILLYSGNRKLINKFIQNLKSGYLILDLHQNIFVKNLSKSEKQIIMTGGLKREWV
FKVTVKETKEWYKLVGYSALIKD
;
A
2 'polypeptide(L)'
;MAEEQARHVKNGLECIRALKAEPIGSLAIEEAMAAWSEISDNPGQERATCREEKAGSSGLSKPCLSAIGSTEGGAPRIRG
QGPGESDDDAETLGIPPRNLQASSTGLQCHYVYDHSGEAVKGIQDADSIMVQSGLDGDSTLSGGDNESENSDVDIGEPDT
EGYAITDRGSAPISMGFRASDVETAEGGEIHELLRLQSRGNNFPKLGKTLNVPPPPDPGRASTSGTPIKKGTDARLASFG
TEIASSLTGGATQCARKSPSEPSGPGAPAGNVPECVSNAALIQEWTPESGTTISPRSQNNEEGGDHYDDELFSDVQDIKT
ALAKIHEDNQKIISKLESLLLLKGEVESIKKQINRQNISISTLEGHLSSIMIAIPGLGKDPNDPTADVEINPDLKPIIGR
DSGRALAEVLKKPVASRQLQGMTNGRTSSRGQLLKEFQLKPIGKKMSSAVGFVPDTGPASRSVIRSIIKSSRLEEDRKRY
LMTLLDDIKGANDLAKFHQMLMKIIMKSG
;
B,C,D,E
3 'polypeptide(L)'
;MSKTDWNASGLSRPSPSAHWPSRKLWQHGQKYQTTQDRSEPPAGKRRQAVRVSANHASQQLDQLKAVHLASAVRDLERAM
TTLKLWESPQEISRHQALGYSVIMFMITAVKRLRESKMLTLSWFNQALMVIAPSQEETMNLKTAMWILANLIPRDMLSLT
GDLLPSLWGSGLLMLKLQKEGRSTSS
;
F,G
#
loop_
_chem_comp.id
_chem_comp.type
_chem_comp.name
_chem_comp.formula
A1EF9 non-polymer 2-methyl-~{N}-[4-[(2~{S})-2-(2-morpholin-4-ylethyl)piperidin-1-yl]sulfonylphenyl]-5-(trifluoromethyl)pyrazole-3-carboxamide 'C23 H30 F3 N5 O4 S'
#
# COMPACT_ATOMS: atom_id res chain seq x y z
N ASN A 7 28.89 35.92 -0.70
CA ASN A 7 29.83 35.48 0.31
C ASN A 7 29.05 35.30 1.61
N GLN A 8 29.74 35.37 2.75
CA GLN A 8 29.20 35.22 4.11
C GLN A 8 28.58 33.83 4.20
N ILE A 9 27.30 33.71 4.56
CA ILE A 9 26.69 32.40 4.73
C ILE A 9 26.41 31.74 3.37
N LEU A 10 26.28 32.54 2.32
CA LEU A 10 25.93 32.01 1.01
C LEU A 10 27.17 31.49 0.28
N TYR A 11 26.97 30.45 -0.51
CA TYR A 11 27.99 29.75 -1.25
C TYR A 11 27.61 29.73 -2.72
N PRO A 12 28.59 29.65 -3.62
CA PRO A 12 28.27 29.39 -5.03
C PRO A 12 27.69 28.00 -5.22
N GLU A 13 26.91 27.85 -6.29
CA GLU A 13 26.12 26.65 -6.48
C GLU A 13 26.98 25.45 -6.84
N VAL A 14 26.57 24.27 -6.39
CA VAL A 14 27.39 23.07 -6.51
C VAL A 14 27.02 22.29 -7.77
N HIS A 15 25.73 22.26 -8.11
CA HIS A 15 25.25 21.49 -9.24
C HIS A 15 24.57 22.42 -10.24
N LEU A 16 24.40 21.91 -11.46
CA LEU A 16 23.82 22.70 -12.53
C LEU A 16 22.32 22.86 -12.34
N ASP A 17 21.84 24.10 -12.42
CA ASP A 17 20.42 24.41 -12.29
C ASP A 17 19.98 25.50 -13.25
N SER A 18 20.63 25.64 -14.39
CA SER A 18 20.35 26.70 -15.34
C SER A 18 20.65 26.21 -16.74
N PRO A 19 20.01 26.78 -17.77
CA PRO A 19 20.29 26.34 -19.14
C PRO A 19 21.65 26.82 -19.63
N ILE A 20 22.08 26.21 -20.74
CA ILE A 20 23.34 26.55 -21.39
C ILE A 20 23.02 27.39 -22.61
N VAL A 21 23.48 28.63 -22.61
CA VAL A 21 23.18 29.61 -23.64
C VAL A 21 24.46 29.90 -24.41
N THR A 22 24.38 29.89 -25.74
CA THR A 22 25.54 30.15 -26.58
C THR A 22 26.01 31.60 -26.42
N ASN A 23 25.05 32.51 -26.25
CA ASN A 23 25.34 33.94 -26.30
C ASN A 23 26.15 34.39 -25.09
N LYS A 24 26.04 33.69 -23.96
CA LYS A 24 26.87 34.01 -22.80
C LYS A 24 28.35 33.74 -23.09
N ILE A 25 28.64 32.59 -23.69
CA ILE A 25 30.00 32.23 -24.05
C ILE A 25 30.55 33.21 -25.07
N VAL A 26 29.72 33.55 -26.07
CA VAL A 26 30.13 34.49 -27.12
C VAL A 26 30.37 35.87 -26.53
N ALA A 27 29.55 36.30 -25.57
CA ALA A 27 29.71 37.61 -24.97
C ALA A 27 30.99 37.73 -24.16
N ILE A 28 31.31 36.68 -23.39
CA ILE A 28 32.56 36.67 -22.62
C ILE A 28 33.77 36.68 -23.58
N LEU A 29 33.71 35.87 -24.65
CA LEU A 29 34.86 35.81 -25.55
C LEU A 29 35.00 37.06 -26.41
N GLU A 30 33.90 37.74 -26.71
CA GLU A 30 34.00 38.97 -27.50
C GLU A 30 34.47 40.14 -26.66
N TYR A 31 34.07 40.21 -25.38
CA TYR A 31 34.61 41.28 -24.55
C TYR A 31 36.06 40.98 -24.14
N ALA A 32 36.43 39.70 -24.09
CA ALA A 32 37.81 39.35 -23.80
C ALA A 32 38.70 39.46 -25.02
N ARG A 33 38.13 39.69 -26.21
CA ARG A 33 38.79 39.80 -27.51
C ARG A 33 39.55 38.55 -27.90
N VAL A 34 39.11 37.38 -27.45
CA VAL A 34 39.70 36.10 -27.86
C VAL A 34 38.98 35.61 -29.10
N PRO A 35 39.72 35.16 -30.13
CA PRO A 35 39.06 34.58 -31.31
C PRO A 35 38.38 33.26 -30.98
N HIS A 36 37.26 33.00 -31.64
CA HIS A 36 36.45 31.84 -31.35
C HIS A 36 35.78 31.33 -32.61
N ALA A 37 35.24 30.12 -32.53
CA ALA A 37 34.65 29.43 -33.67
C ALA A 37 33.13 29.36 -33.62
N TYR A 38 32.48 30.00 -32.65
CA TYR A 38 31.03 30.01 -32.60
C TYR A 38 30.44 30.88 -33.69
N SER A 39 29.29 30.44 -34.21
CA SER A 39 28.50 31.23 -35.14
C SER A 39 27.07 31.29 -34.62
N LEU A 40 26.52 32.50 -34.54
CA LEU A 40 25.19 32.73 -34.00
C LEU A 40 24.17 32.80 -35.13
N GLU A 41 22.98 32.26 -34.89
CA GLU A 41 21.91 32.38 -35.86
C GLU A 41 21.39 33.82 -35.94
N ASP A 42 21.31 34.50 -34.79
CA ASP A 42 21.09 35.94 -34.81
C ASP A 42 22.36 36.65 -34.36
N PRO A 43 22.97 37.46 -35.23
CA PRO A 43 24.23 38.13 -34.91
C PRO A 43 24.08 39.46 -34.16
N THR A 44 22.93 39.70 -33.55
CA THR A 44 22.63 41.00 -32.94
C THR A 44 23.58 41.31 -31.78
N LEU A 45 23.92 40.29 -30.99
CA LEU A 45 24.79 40.48 -29.83
C LEU A 45 26.18 40.96 -30.24
N CYS A 46 26.76 40.35 -31.28
CA CYS A 46 28.11 40.74 -31.72
C CYS A 46 28.12 42.15 -32.30
N GLN A 47 27.05 42.52 -33.00
CA GLN A 47 26.91 43.89 -33.49
C GLN A 47 26.83 44.89 -32.35
N ASN A 48 26.09 44.56 -31.30
CA ASN A 48 25.98 45.46 -30.15
C ASN A 48 27.30 45.58 -29.39
N ILE A 49 28.05 44.46 -29.27
CA ILE A 49 29.35 44.51 -28.61
C ILE A 49 30.32 45.38 -29.42
N LYS A 50 30.32 45.22 -30.74
CA LYS A 50 31.20 46.03 -31.58
C LYS A 50 30.81 47.51 -31.55
N HIS A 51 29.50 47.79 -31.47
CA HIS A 51 29.06 49.18 -31.36
C HIS A 51 29.47 49.80 -30.02
N ARG A 52 29.39 49.02 -28.94
CA ARG A 52 29.80 49.54 -27.63
C ARG A 52 31.31 49.73 -27.55
N LEU A 53 32.08 48.85 -28.17
CA LEU A 53 33.54 48.99 -28.14
C LEU A 53 34.01 50.11 -29.06
N LYS A 54 33.23 50.42 -30.10
CA LYS A 54 33.58 51.52 -30.98
C LYS A 54 33.45 52.86 -30.27
N ASN A 55 32.47 52.98 -29.38
CA ASN A 55 32.29 54.20 -28.60
C ASN A 55 33.13 54.23 -27.32
N GLY A 56 33.91 53.19 -27.06
CA GLY A 56 34.78 53.19 -25.90
C GLY A 56 34.10 52.94 -24.58
N PHE A 57 32.97 52.22 -24.58
CA PHE A 57 32.30 51.89 -23.33
C PHE A 57 33.10 50.86 -22.55
N SER A 58 33.17 51.03 -21.23
CA SER A 58 33.83 50.06 -20.37
C SER A 58 33.23 50.13 -18.98
N ASN A 59 33.36 49.03 -18.24
CA ASN A 59 32.96 49.00 -16.84
C ASN A 59 33.86 48.00 -16.12
N GLN A 60 33.46 47.59 -14.92
CA GLN A 60 34.30 46.73 -14.10
C GLN A 60 34.24 45.28 -14.58
N MET A 61 33.26 44.96 -15.44
CA MET A 61 33.20 43.60 -15.98
C MET A 61 34.06 43.47 -17.23
N ILE A 62 34.09 44.50 -18.09
CA ILE A 62 34.90 44.45 -19.31
C ILE A 62 36.39 44.46 -18.96
N ILE A 63 36.79 45.32 -18.03
CA ILE A 63 38.06 45.15 -17.36
C ILE A 63 38.00 43.85 -16.55
N ASN A 64 39.12 43.13 -16.49
CA ASN A 64 39.37 41.80 -15.92
C ASN A 64 38.91 40.68 -16.84
N ASN A 65 38.31 40.97 -17.99
CA ASN A 65 38.31 40.02 -19.10
C ASN A 65 39.28 40.41 -20.19
N VAL A 66 39.66 41.69 -20.28
CA VAL A 66 40.74 42.08 -21.18
C VAL A 66 42.07 41.50 -20.71
N GLU A 67 42.29 41.51 -19.39
CA GLU A 67 43.52 40.98 -18.83
C GLU A 67 43.60 39.46 -18.98
N VAL A 68 42.48 38.78 -18.75
CA VAL A 68 42.42 37.33 -18.92
C VAL A 68 42.65 36.97 -20.38
N GLY A 69 42.07 37.74 -21.30
CA GLY A 69 42.31 37.52 -22.72
C GLY A 69 43.75 37.76 -23.12
N ASN A 70 44.41 38.74 -22.49
CA ASN A 70 45.84 38.97 -22.74
C ASN A 70 46.68 37.78 -22.27
N VAL A 71 46.34 37.21 -21.12
CA VAL A 71 47.06 36.02 -20.64
C VAL A 71 46.84 34.83 -21.56
N ILE A 72 45.61 34.66 -22.06
CA ILE A 72 45.31 33.58 -23.00
C ILE A 72 46.09 33.74 -24.30
N LYS A 73 46.16 34.97 -24.83
CA LYS A 73 46.90 35.19 -26.08
C LYS A 73 48.41 34.97 -25.89
N SER A 74 48.95 35.41 -24.75
CA SER A 74 50.36 35.19 -24.48
C SER A 74 50.71 33.72 -24.34
N LYS A 75 49.79 32.92 -23.78
CA LYS A 75 50.03 31.49 -23.74
C LYS A 75 49.84 30.84 -25.11
N LEU A 76 48.92 31.36 -25.92
CA LEU A 76 48.69 30.75 -27.22
C LEU A 76 49.76 31.10 -28.24
N ARG A 77 50.63 32.07 -27.92
CA ARG A 77 51.81 32.27 -28.77
C ARG A 77 52.75 31.06 -28.73
N SER A 78 52.76 30.31 -27.63
CA SER A 78 53.65 29.15 -27.52
C SER A 78 53.18 27.99 -28.39
N TYR A 79 51.89 27.90 -28.65
CA TYR A 79 51.34 26.82 -29.46
C TYR A 79 50.95 27.38 -30.82
N PRO A 80 51.73 27.16 -31.88
CA PRO A 80 51.43 27.84 -33.15
C PRO A 80 50.26 27.26 -33.90
N ALA A 81 50.04 25.94 -33.86
CA ALA A 81 48.93 25.32 -34.58
C ALA A 81 47.76 25.03 -33.65
N HIS A 82 47.21 26.07 -33.02
CA HIS A 82 46.13 25.92 -32.07
C HIS A 82 44.81 26.16 -32.78
N SER A 83 43.78 25.42 -32.38
CA SER A 83 42.43 25.61 -32.90
C SER A 83 41.42 25.49 -31.78
N HIS A 84 40.42 26.35 -31.80
CA HIS A 84 39.35 26.32 -30.80
C HIS A 84 38.28 25.32 -31.22
N ILE A 85 37.87 24.47 -30.29
CA ILE A 85 36.83 23.48 -30.49
C ILE A 85 35.60 23.92 -29.70
N PRO A 86 34.45 24.17 -30.34
CA PRO A 86 33.27 24.65 -29.61
C PRO A 86 32.62 23.61 -28.70
N TYR A 87 31.56 23.98 -27.96
CA TYR A 87 31.08 23.14 -26.86
C TYR A 87 30.54 21.76 -27.27
N PRO A 88 29.63 21.59 -28.24
CA PRO A 88 29.19 20.21 -28.47
C PRO A 88 30.25 19.35 -29.14
N ASN A 89 31.17 19.97 -29.88
CA ASN A 89 32.17 19.19 -30.60
C ASN A 89 33.28 18.70 -29.69
N CYS A 90 33.44 19.27 -28.50
CA CYS A 90 34.57 18.94 -27.66
C CYS A 90 34.27 17.88 -26.61
N ASN A 91 33.04 17.33 -26.59
CA ASN A 91 32.61 16.43 -25.52
C ASN A 91 33.45 15.17 -25.43
N GLN A 92 33.79 14.57 -26.58
CA GLN A 92 34.62 13.37 -26.59
C GLN A 92 36.01 13.65 -26.02
N ASP A 93 36.52 14.86 -26.22
CA ASP A 93 37.80 15.19 -25.61
C ASP A 93 37.64 15.47 -24.13
N LEU A 94 36.50 16.02 -23.72
CA LEU A 94 36.39 16.45 -22.33
C LEU A 94 35.73 15.40 -21.46
N PHE A 95 35.09 14.40 -22.07
CA PHE A 95 34.63 13.27 -21.27
C PHE A 95 35.78 12.36 -20.91
N ASN A 96 36.89 12.40 -21.66
CA ASN A 96 38.07 11.57 -21.43
C ASN A 96 39.27 12.49 -21.35
N ILE A 97 39.52 13.06 -20.18
CA ILE A 97 40.62 13.99 -19.98
C ILE A 97 41.28 13.67 -18.64
N GLU A 98 42.61 13.72 -18.59
CA GLU A 98 43.36 13.37 -17.39
C GLU A 98 44.56 14.28 -17.28
N ASP A 99 44.96 14.59 -16.04
CA ASP A 99 46.20 15.30 -15.77
C ASP A 99 46.66 14.93 -14.37
N LYS A 100 47.90 14.42 -14.27
CA LYS A 100 48.40 13.93 -12.99
C LYS A 100 48.74 15.06 -12.03
N GLU A 101 49.40 16.11 -12.53
CA GLU A 101 49.91 17.16 -11.65
C GLU A 101 48.79 18.07 -11.17
N SER A 102 47.76 18.26 -12.00
CA SER A 102 46.67 19.15 -11.63
C SER A 102 45.78 18.54 -10.55
N THR A 103 45.77 17.21 -10.44
CA THR A 103 44.86 16.51 -9.57
C THR A 103 45.57 15.73 -8.46
N ARG A 104 46.62 16.30 -7.87
CA ARG A 104 47.38 15.56 -6.86
C ARG A 104 46.64 15.46 -5.55
N LYS A 105 46.01 16.56 -5.11
CA LYS A 105 45.43 16.65 -3.78
C LYS A 105 44.21 15.75 -3.62
N ILE A 106 43.31 15.77 -4.60
CA ILE A 106 42.12 14.93 -4.55
C ILE A 106 42.50 13.47 -4.72
N ARG A 107 43.59 13.19 -5.45
CA ARG A 107 44.06 11.82 -5.60
C ARG A 107 44.58 11.26 -4.29
N GLU A 108 45.34 12.08 -3.53
CA GLU A 108 45.81 11.64 -2.22
C GLU A 108 44.64 11.44 -1.25
N LEU A 109 43.64 12.31 -1.30
CA LEU A 109 42.46 12.14 -0.43
C LEU A 109 41.70 10.87 -0.75
N LEU A 110 41.49 10.57 -2.03
CA LEU A 110 40.70 9.38 -2.36
C LEU A 110 41.52 8.10 -2.16
N LYS A 111 42.84 8.19 -2.27
CA LYS A 111 43.70 7.06 -1.91
C LYS A 111 43.62 6.76 -0.41
N LYS A 112 43.60 7.81 0.41
CA LYS A 112 43.38 7.64 1.85
C LYS A 112 42.00 7.05 2.13
N GLY A 113 40.99 7.44 1.35
CA GLY A 113 39.68 6.86 1.49
C GLY A 113 39.64 5.37 1.17
N ASN A 114 40.38 4.96 0.14
CA ASN A 114 40.50 3.54 -0.17
C ASN A 114 41.18 2.77 0.96
N SER A 115 42.20 3.36 1.58
CA SER A 115 42.85 2.71 2.73
C SER A 115 41.89 2.54 3.90
N LEU A 116 41.12 3.59 4.22
CA LEU A 116 40.17 3.53 5.33
C LEU A 116 39.07 2.52 5.07
N TYR A 117 38.61 2.42 3.82
CA TYR A 117 37.60 1.42 3.49
C TYR A 117 38.17 0.00 3.55
N SER A 118 39.42 -0.17 3.11
CA SER A 118 40.00 -1.50 3.05
C SER A 118 40.33 -2.04 4.43
N LYS A 119 40.49 -1.16 5.42
CA LYS A 119 40.76 -1.66 6.77
C LYS A 119 39.52 -2.33 7.39
N VAL A 120 38.32 -1.99 6.94
CA VAL A 120 37.10 -2.54 7.56
C VAL A 120 36.19 -3.26 6.59
N SER A 121 36.62 -3.47 5.33
CA SER A 121 35.79 -4.10 4.31
C SER A 121 35.36 -5.52 4.69
N ASP A 122 36.30 -6.31 5.23
CA ASP A 122 36.00 -7.71 5.56
C ASP A 122 35.01 -7.80 6.72
N LYS A 123 35.09 -6.87 7.68
CA LYS A 123 34.15 -6.91 8.79
C LYS A 123 32.77 -6.39 8.38
N VAL A 124 32.73 -5.46 7.41
CA VAL A 124 31.45 -5.09 6.80
C VAL A 124 30.81 -6.29 6.11
N PHE A 125 31.63 -7.09 5.41
CA PHE A 125 31.12 -8.32 4.79
C PHE A 125 30.63 -9.32 5.84
N GLN A 126 31.35 -9.45 6.96
CA GLN A 126 30.92 -10.38 8.00
C GLN A 126 29.61 -9.95 8.64
N CYS A 127 29.41 -8.65 8.84
CA CYS A 127 28.15 -8.14 9.37
C CYS A 127 26.98 -8.44 8.42
N LEU A 128 27.17 -8.17 7.12
CA LEU A 128 26.12 -8.47 6.16
C LEU A 128 25.87 -9.97 6.01
N ARG A 129 26.93 -10.77 6.13
CA ARG A 129 26.77 -12.22 6.03
C ARG A 129 26.01 -12.79 7.22
N ASP A 130 26.27 -12.27 8.42
CA ASP A 130 25.52 -12.70 9.60
C ASP A 130 24.05 -12.30 9.50
N THR A 131 23.78 -11.10 9.00
CA THR A 131 22.40 -10.67 8.79
C THR A 131 21.70 -11.53 7.74
N ASN A 132 22.41 -11.90 6.68
CA ASN A 132 21.87 -12.81 5.67
C ASN A 132 21.59 -14.19 6.25
N SER A 133 22.49 -14.69 7.09
CA SER A 133 22.35 -16.04 7.62
C SER A 133 21.22 -16.11 8.65
N ARG A 134 20.97 -15.02 9.36
CA ARG A 134 19.88 -14.98 10.34
C ARG A 134 18.51 -15.09 9.67
N LEU A 135 18.37 -14.53 8.47
CA LEU A 135 17.09 -14.57 7.77
C LEU A 135 16.83 -15.88 7.03
N GLY A 136 17.76 -16.84 7.07
CA GLY A 136 17.49 -18.14 6.50
C GLY A 136 18.06 -18.38 5.13
N LEU A 137 18.89 -17.47 4.61
CA LEU A 137 19.49 -17.62 3.29
C LEU A 137 20.98 -17.90 3.39
N GLY A 138 21.40 -18.70 4.37
CA GLY A 138 22.81 -18.85 4.68
C GLY A 138 23.60 -19.58 3.60
N SER A 139 22.94 -20.46 2.86
CA SER A 139 23.62 -21.15 1.76
C SER A 139 23.46 -20.39 0.44
N GLU A 140 22.63 -19.35 0.41
CA GLU A 140 22.31 -18.69 -0.84
C GLU A 140 23.27 -17.53 -1.17
N LEU A 141 24.19 -17.21 -0.28
CA LEU A 141 25.14 -16.13 -0.55
C LEU A 141 26.14 -16.54 -1.62
N ARG A 142 26.29 -15.71 -2.63
CA ARG A 142 27.16 -16.04 -3.75
C ARG A 142 28.61 -15.78 -3.41
N GLU A 143 29.50 -16.43 -4.17
CA GLU A 143 30.94 -16.30 -3.91
C GLU A 143 31.46 -14.95 -4.39
N ASP A 144 30.81 -14.36 -5.40
CA ASP A 144 31.30 -13.11 -5.97
C ASP A 144 31.04 -11.92 -5.06
N ILE A 145 30.03 -12.04 -4.19
CA ILE A 145 29.62 -10.93 -3.33
C ILE A 145 30.72 -10.57 -2.34
N LYS A 146 31.45 -11.57 -1.84
CA LYS A 146 32.53 -11.33 -0.89
C LYS A 146 33.66 -10.51 -1.52
N GLU A 147 34.11 -10.93 -2.71
CA GLU A 147 35.19 -10.22 -3.39
C GLU A 147 34.76 -8.85 -3.87
N LYS A 148 33.47 -8.70 -4.21
CA LYS A 148 32.99 -7.39 -4.63
C LYS A 148 32.84 -6.42 -3.46
N VAL A 149 32.44 -6.92 -2.29
CA VAL A 149 32.32 -6.05 -1.12
C VAL A 149 33.71 -5.64 -0.60
N ILE A 150 34.63 -6.59 -0.53
CA ILE A 150 35.96 -6.29 0.02
C ILE A 150 36.75 -5.38 -0.90
N ASN A 151 36.65 -5.56 -2.21
CA ASN A 151 37.42 -4.79 -3.18
C ASN A 151 36.62 -3.71 -3.88
N LEU A 152 35.68 -3.07 -3.17
CA LEU A 152 34.81 -2.05 -3.76
C LEU A 152 35.58 -0.83 -4.27
N GLY A 153 36.54 -0.35 -3.47
CA GLY A 153 37.29 0.83 -3.87
C GLY A 153 38.23 0.56 -5.03
N VAL A 154 38.68 -0.69 -5.16
CA VAL A 154 39.50 -1.08 -6.30
C VAL A 154 38.67 -1.04 -7.58
N TYR A 155 37.41 -1.50 -7.50
CA TYR A 155 36.54 -1.44 -8.67
C TYR A 155 36.14 -0.01 -8.99
N MET A 156 36.02 0.85 -7.99
CA MET A 156 35.68 2.25 -8.25
C MET A 156 36.85 3.00 -8.87
N HIS A 157 38.07 2.75 -8.40
CA HIS A 157 39.23 3.42 -8.97
C HIS A 157 39.59 2.89 -10.36
N SER A 158 39.09 1.72 -10.73
CA SER A 158 39.47 1.12 -12.00
C SER A 158 38.60 1.57 -13.17
N SER A 159 37.60 2.43 -12.95
CA SER A 159 36.72 2.84 -14.02
C SER A 159 37.42 3.80 -14.97
N GLN A 160 36.88 3.90 -16.18
CA GLN A 160 37.43 4.83 -17.16
C GLN A 160 37.11 6.27 -16.83
N TRP A 161 36.14 6.50 -15.95
CA TRP A 161 35.68 7.84 -15.60
C TRP A 161 36.31 8.39 -14.34
N PHE A 162 37.24 7.64 -13.71
CA PHE A 162 37.81 8.08 -12.45
C PHE A 162 38.73 9.29 -12.62
N GLU A 163 39.64 9.23 -13.58
CA GLU A 163 40.54 10.34 -13.87
C GLU A 163 39.81 11.58 -14.42
N PRO A 164 38.82 11.46 -15.35
CA PRO A 164 38.00 12.64 -15.65
C PRO A 164 37.23 13.20 -14.46
N PHE A 165 36.76 12.32 -13.56
CA PHE A 165 36.08 12.81 -12.37
C PHE A 165 37.02 13.62 -11.47
N LEU A 166 38.26 13.15 -11.32
CA LEU A 166 39.25 13.88 -10.54
C LEU A 166 39.53 15.26 -11.15
N PHE A 167 39.66 15.31 -12.47
CA PHE A 167 39.94 16.57 -13.16
C PHE A 167 38.77 17.56 -12.99
N TRP A 168 37.54 17.10 -13.23
CA TRP A 168 36.43 18.04 -13.19
C TRP A 168 36.05 18.42 -11.76
N PHE A 169 36.26 17.54 -10.79
CA PHE A 169 36.05 17.92 -9.39
C PHE A 169 37.06 18.98 -8.95
N THR A 170 38.33 18.83 -9.37
CA THR A 170 39.34 19.83 -9.06
C THR A 170 39.00 21.18 -9.67
N VAL A 171 38.59 21.18 -10.95
CA VAL A 171 38.27 22.43 -11.64
C VAL A 171 37.05 23.10 -11.02
N LYS A 172 36.02 22.32 -10.67
CA LYS A 172 34.82 22.88 -10.07
C LYS A 172 35.11 23.48 -8.70
N THR A 173 35.91 22.79 -7.88
CA THR A 173 36.22 23.30 -6.55
C THR A 173 37.06 24.57 -6.61
N GLU A 174 38.05 24.62 -7.50
CA GLU A 174 38.85 25.84 -7.62
C GLU A 174 38.05 27.00 -8.17
N MET A 175 37.12 26.73 -9.11
CA MET A 175 36.29 27.81 -9.64
C MET A 175 35.33 28.36 -8.60
N ARG A 176 34.73 27.48 -7.78
CA ARG A 176 33.86 27.94 -6.71
C ARG A 176 34.64 28.72 -5.66
N SER A 177 35.89 28.32 -5.40
CA SER A 177 36.74 29.09 -4.49
C SER A 177 37.04 30.47 -5.03
N VAL A 178 37.31 30.58 -6.34
CA VAL A 178 37.58 31.88 -6.96
C VAL A 178 36.36 32.79 -6.90
N ILE A 179 35.16 32.22 -7.16
CA ILE A 179 33.94 33.03 -7.09
C ILE A 179 33.67 33.50 -5.66
N LYS A 180 33.85 32.61 -4.68
CA LYS A 180 33.61 32.97 -3.28
C LYS A 180 34.60 34.03 -2.80
N SER A 181 35.86 33.95 -3.24
CA SER A 181 36.83 34.95 -2.81
C SER A 181 36.62 36.28 -3.55
N GLN A 182 36.25 36.23 -4.82
CA GLN A 182 36.09 37.46 -5.59
C GLN A 182 34.82 38.20 -5.20
N THR A 183 33.87 37.51 -4.58
CA THR A 183 32.73 38.22 -3.98
C THR A 183 33.18 39.13 -2.85
N HIS A 184 34.19 38.69 -2.07
CA HIS A 184 34.77 39.54 -1.03
C HIS A 184 35.49 40.74 -1.63
N THR A 185 36.23 40.54 -2.73
CA THR A 185 36.98 41.61 -3.34
C THR A 185 36.10 42.55 -4.15
N ARG A 190 43.13 42.17 -5.81
CA ARG A 190 43.05 41.03 -6.70
C ARG A 190 44.37 40.81 -7.43
N HIS A 191 44.49 39.67 -8.09
CA HIS A 191 45.68 39.31 -8.84
C HIS A 191 45.29 38.75 -10.20
N THR A 192 46.21 38.86 -11.15
CA THR A 192 45.96 38.34 -12.49
C THR A 192 45.99 36.81 -12.47
N PRO A 193 45.11 36.16 -13.22
CA PRO A 193 45.17 34.70 -13.30
C PRO A 193 46.39 34.22 -14.06
N VAL A 194 46.88 33.05 -13.68
CA VAL A 194 48.10 32.47 -14.23
C VAL A 194 47.77 31.05 -14.71
N PHE A 195 48.24 30.71 -15.91
CA PHE A 195 48.15 29.33 -16.38
C PHE A 195 48.97 28.40 -15.49
N PHE A 196 48.41 27.21 -15.24
CA PHE A 196 49.13 26.15 -14.54
C PHE A 196 49.46 25.07 -15.54
N THR A 197 50.72 24.66 -15.58
CA THR A 197 51.22 23.73 -16.59
C THR A 197 51.31 22.32 -15.99
N GLY A 198 50.51 21.41 -16.54
CA GLY A 198 50.59 20.01 -16.18
C GLY A 198 51.37 19.20 -17.21
N SER A 199 51.25 17.88 -17.09
CA SER A 199 51.93 17.01 -18.06
C SER A 199 51.19 16.99 -19.39
N SER A 200 49.86 17.04 -19.36
CA SER A 200 49.08 16.90 -20.57
C SER A 200 48.26 18.12 -20.94
N VAL A 201 47.85 18.95 -19.97
CA VAL A 201 47.05 20.13 -20.25
C VAL A 201 47.68 21.35 -19.58
N GLU A 202 47.23 22.52 -20.03
CA GLU A 202 47.50 23.79 -19.38
C GLU A 202 46.17 24.45 -19.05
N LEU A 203 46.02 24.90 -17.81
CA LEU A 203 44.72 25.24 -17.26
C LEU A 203 44.75 26.64 -16.64
N LEU A 204 43.81 27.49 -17.06
CA LEU A 204 43.56 28.78 -16.44
C LEU A 204 42.14 28.77 -15.90
N ILE A 205 41.99 29.17 -14.64
CA ILE A 205 40.70 29.25 -13.97
C ILE A 205 40.47 30.70 -13.54
N SER A 206 39.37 31.28 -13.99
CA SER A 206 38.99 32.64 -13.65
C SER A 206 37.58 32.60 -13.07
N ARG A 207 37.05 33.80 -12.77
CA ARG A 207 35.72 33.89 -12.16
C ARG A 207 34.65 33.50 -13.17
N ASP A 208 34.81 33.88 -14.43
CA ASP A 208 33.80 33.66 -15.44
C ASP A 208 34.25 32.82 -16.63
N LEU A 209 35.53 32.48 -16.74
CA LEU A 209 36.04 31.73 -17.87
C LEU A 209 37.08 30.71 -17.41
N VAL A 210 37.05 29.54 -18.02
CA VAL A 210 38.07 28.51 -17.83
C VAL A 210 38.66 28.19 -19.20
N ALA A 211 39.99 28.27 -19.30
CA ALA A 211 40.69 28.02 -20.55
C ALA A 211 41.59 26.80 -20.41
N ILE A 212 41.40 25.81 -21.27
CA ILE A 212 42.19 24.58 -21.25
C ILE A 212 42.87 24.43 -22.60
N ILE A 213 44.18 24.18 -22.58
CA ILE A 213 44.94 23.89 -23.79
C ILE A 213 45.51 22.48 -23.66
N SER A 214 45.22 21.62 -24.62
CA SER A 214 45.83 20.30 -24.67
C SER A 214 47.20 20.42 -25.34
N LYS A 215 48.24 19.90 -24.70
CA LYS A 215 49.59 20.15 -25.18
C LYS A 215 49.91 19.36 -26.44
N GLU A 216 49.40 18.12 -26.52
CA GLU A 216 49.75 17.26 -27.64
C GLU A 216 48.99 17.64 -28.90
N SER A 217 47.67 17.84 -28.80
CA SER A 217 46.84 18.11 -29.95
C SER A 217 46.74 19.59 -30.30
N GLN A 218 47.15 20.47 -29.38
CA GLN A 218 46.98 21.93 -29.47
C GLN A 218 45.52 22.31 -29.72
N HIS A 219 44.63 21.73 -28.93
CA HIS A 219 43.21 22.04 -28.94
C HIS A 219 42.89 22.92 -27.75
N VAL A 220 42.08 23.95 -27.98
CA VAL A 220 41.76 24.97 -26.99
C VAL A 220 40.28 24.90 -26.66
N TYR A 221 39.94 24.92 -25.37
CA TYR A 221 38.57 24.86 -24.89
C TYR A 221 38.31 26.03 -23.95
N TYR A 222 37.20 26.74 -24.18
CA TYR A 222 36.77 27.84 -23.35
C TYR A 222 35.42 27.47 -22.73
N LEU A 223 35.34 27.48 -21.41
CA LEU A 223 34.14 27.02 -20.71
C LEU A 223 33.67 28.06 -19.71
N THR A 224 32.35 28.15 -19.54
CA THR A 224 31.77 28.97 -18.49
C THR A 224 31.60 28.14 -17.22
N PHE A 225 31.03 28.78 -16.19
CA PHE A 225 30.80 28.10 -14.91
C PHE A 225 29.76 26.99 -15.04
N GLU A 226 28.73 27.23 -15.86
CA GLU A 226 27.67 26.25 -16.05
C GLU A 226 28.18 25.01 -16.79
N LEU A 227 29.11 25.19 -17.71
CA LEU A 227 29.68 24.05 -18.41
C LEU A 227 30.54 23.19 -17.49
N VAL A 228 31.26 23.83 -16.56
CA VAL A 228 32.05 23.10 -15.57
C VAL A 228 31.14 22.29 -14.66
N LEU A 229 30.03 22.89 -14.22
CA LEU A 229 29.06 22.16 -13.40
C LEU A 229 28.44 20.99 -14.16
N MET A 230 28.12 21.20 -15.44
CA MET A 230 27.54 20.13 -16.26
C MET A 230 28.50 18.97 -16.46
N TYR A 231 29.77 19.28 -16.74
CA TYR A 231 30.76 18.22 -16.95
C TYR A 231 31.01 17.42 -15.67
N CYS A 232 31.09 18.10 -14.52
CA CYS A 232 31.28 17.39 -13.27
C CYS A 232 30.10 16.50 -12.94
N ASP A 233 28.87 16.98 -13.17
CA ASP A 233 27.68 16.17 -12.90
C ASP A 233 27.62 14.93 -13.81
N VAL A 234 27.91 15.10 -15.10
CA VAL A 234 27.85 13.99 -16.05
C VAL A 234 28.89 12.93 -15.73
N ILE A 235 30.13 13.35 -15.46
CA ILE A 235 31.20 12.37 -15.24
C ILE A 235 31.04 11.67 -13.90
N GLU A 236 30.59 12.38 -12.86
CA GLU A 236 30.35 11.72 -11.58
C GLU A 236 29.20 10.72 -11.67
N GLY A 237 28.15 11.07 -12.43
CA GLY A 237 27.07 10.14 -12.66
C GLY A 237 27.50 8.88 -13.41
N ARG A 238 28.34 9.05 -14.45
CA ARG A 238 28.84 7.90 -15.19
C ARG A 238 29.72 7.01 -14.34
N LEU A 239 30.56 7.60 -13.49
CA LEU A 239 31.42 6.83 -12.58
C LEU A 239 30.59 5.98 -11.63
N MET A 240 29.57 6.60 -11.01
CA MET A 240 28.75 5.86 -10.05
C MET A 240 27.94 4.75 -10.72
N THR A 241 27.36 5.04 -11.89
CA THR A 241 26.49 4.03 -12.49
C THR A 241 27.30 2.90 -13.15
N GLU A 242 28.52 3.18 -13.63
CA GLU A 242 29.34 2.10 -14.16
C GLU A 242 29.88 1.22 -13.05
N THR A 243 30.23 1.81 -11.90
CA THR A 243 30.65 1.01 -10.75
C THR A 243 29.51 0.11 -10.26
N ALA A 244 28.29 0.67 -10.20
CA ALA A 244 27.14 -0.12 -9.76
C ALA A 244 26.79 -1.24 -10.73
N MET A 245 26.93 -1.00 -12.04
CA MET A 245 26.66 -2.08 -13.00
C MET A 245 27.77 -3.12 -12.99
N THR A 246 29.01 -2.72 -12.73
CA THR A 246 30.12 -3.65 -12.71
C THR A 246 30.03 -4.60 -11.52
N ILE A 247 29.54 -4.11 -10.39
CA ILE A 247 29.62 -4.89 -9.16
C ILE A 247 28.39 -5.77 -8.98
N ASP A 248 27.23 -5.35 -9.46
CA ASP A 248 26.05 -6.20 -9.43
C ASP A 248 26.03 -7.10 -10.67
N ALA A 249 25.82 -8.40 -10.46
CA ALA A 249 25.83 -9.35 -11.57
C ALA A 249 24.60 -9.24 -12.44
N ARG A 250 23.47 -8.78 -11.87
CA ARG A 250 22.19 -8.69 -12.58
C ARG A 250 22.28 -7.79 -13.82
N TYR A 251 23.16 -6.80 -13.80
CA TYR A 251 23.29 -5.85 -14.88
C TYR A 251 24.45 -6.13 -15.82
N THR A 252 25.09 -7.32 -15.72
CA THR A 252 26.35 -7.56 -16.43
C THR A 252 26.21 -7.41 -17.94
N GLU A 253 25.23 -8.07 -18.55
CA GLU A 253 25.06 -7.92 -19.99
C GLU A 253 24.57 -6.52 -20.33
N LEU A 254 23.78 -5.91 -19.44
CA LEU A 254 23.40 -4.51 -19.58
C LEU A 254 24.62 -3.61 -19.64
N LEU A 255 25.64 -3.92 -18.82
CA LEU A 255 26.88 -3.15 -18.82
C LEU A 255 27.51 -3.14 -20.20
N GLY A 256 27.52 -4.29 -20.87
CA GLY A 256 28.15 -4.39 -22.18
C GLY A 256 27.42 -3.58 -23.24
N ARG A 257 26.14 -3.31 -23.01
CA ARG A 257 25.43 -2.46 -23.96
C ARG A 257 25.66 -0.99 -23.66
N VAL A 258 25.65 -0.61 -22.37
CA VAL A 258 25.65 0.81 -22.03
C VAL A 258 26.99 1.45 -22.38
N ARG A 259 28.08 0.73 -22.08
CA ARG A 259 29.43 1.12 -22.49
C ARG A 259 29.50 1.35 -23.99
N TYR A 260 28.90 0.45 -24.78
CA TYR A 260 28.92 0.59 -26.23
C TYR A 260 28.17 1.84 -26.65
N MET A 261 27.03 2.12 -26.00
CA MET A 261 26.29 3.33 -26.29
C MET A 261 27.13 4.56 -25.96
N TRP A 262 27.86 4.51 -24.84
CA TRP A 262 28.68 5.63 -24.42
C TRP A 262 29.81 5.87 -25.39
N LYS A 263 30.24 4.83 -26.10
CA LYS A 263 31.27 5.08 -27.10
C LYS A 263 30.65 5.72 -28.33
N LEU A 264 29.52 5.16 -28.78
CA LEU A 264 29.01 5.43 -30.13
C LEU A 264 28.58 6.88 -30.29
N ILE A 265 27.74 7.35 -29.36
CA ILE A 265 27.22 8.71 -29.40
C ILE A 265 28.36 9.72 -29.21
N ASP A 266 29.38 9.35 -28.42
CA ASP A 266 30.49 10.28 -28.22
C ASP A 266 31.28 10.47 -29.51
N GLY A 267 31.35 9.41 -30.32
CA GLY A 267 32.03 9.53 -31.61
C GLY A 267 31.27 10.43 -32.58
N PHE A 268 29.98 10.65 -32.32
CA PHE A 268 29.22 11.55 -33.17
C PHE A 268 29.48 13.00 -32.83
N PHE A 269 30.01 13.29 -31.64
CA PHE A 269 30.11 14.69 -31.24
C PHE A 269 31.13 15.54 -32.02
N PRO A 270 32.34 15.07 -32.38
CA PRO A 270 33.22 15.94 -33.20
C PRO A 270 32.67 16.33 -34.56
N ALA A 271 31.93 15.45 -35.23
CA ALA A 271 31.50 15.74 -36.60
C ALA A 271 30.12 16.37 -36.63
N LEU A 272 29.15 15.76 -35.94
CA LEU A 272 27.77 16.24 -36.01
C LEU A 272 27.57 17.53 -35.22
N GLY A 273 28.15 17.62 -34.03
CA GLY A 273 28.06 18.83 -33.24
C GLY A 273 26.80 18.93 -32.39
N ASN A 274 26.16 20.09 -32.43
CA ASN A 274 24.93 20.28 -31.67
C ASN A 274 23.71 19.45 -32.12
N PRO A 275 23.52 19.09 -33.41
CA PRO A 275 22.41 18.18 -33.74
C PRO A 275 22.50 16.77 -33.15
N THR A 276 23.64 16.37 -32.56
CA THR A 276 23.80 15.05 -31.96
C THR A 276 22.77 14.79 -30.87
N TYR A 277 22.38 15.83 -30.13
CA TYR A 277 21.38 15.71 -29.08
C TYR A 277 20.01 15.31 -29.61
N GLN A 278 19.73 15.60 -30.89
CA GLN A 278 18.51 15.07 -31.51
C GLN A 278 18.51 13.55 -31.50
N ILE A 279 19.64 12.93 -31.84
CA ILE A 279 19.78 11.49 -31.72
C ILE A 279 19.65 11.06 -30.27
N VAL A 280 20.19 11.86 -29.34
CA VAL A 280 20.05 11.55 -27.92
C VAL A 280 18.59 11.63 -27.51
N ALA A 281 17.85 12.58 -28.11
CA ALA A 281 16.44 12.72 -27.79
C ALA A 281 15.62 11.57 -28.36
N MET A 282 16.21 10.79 -29.27
CA MET A 282 15.51 9.63 -29.79
C MET A 282 15.67 8.41 -28.89
N LEU A 283 16.44 8.50 -27.81
CA LEU A 283 16.67 7.32 -26.99
C LEU A 283 15.44 6.93 -26.18
N GLU A 284 14.59 7.90 -25.85
CA GLU A 284 13.36 7.55 -25.14
C GLU A 284 12.26 6.98 -26.04
N PRO A 285 12.01 7.46 -27.28
CA PRO A 285 11.08 6.71 -28.14
C PRO A 285 11.56 5.31 -28.49
N LEU A 286 12.83 5.17 -28.90
CA LEU A 286 13.36 3.93 -29.49
C LEU A 286 13.22 2.76 -28.54
N SER A 287 13.48 3.01 -27.25
CA SER A 287 13.31 2.00 -26.21
C SER A 287 11.91 1.40 -26.23
N LEU A 288 10.89 2.25 -26.21
CA LEU A 288 9.51 1.79 -26.25
C LEU A 288 9.21 1.10 -27.58
N ALA A 289 9.83 1.58 -28.66
CA ALA A 289 9.65 0.98 -29.97
C ALA A 289 10.16 -0.45 -29.98
N TYR A 290 11.32 -0.70 -29.35
CA TYR A 290 11.83 -2.06 -29.30
C TYR A 290 10.98 -2.93 -28.37
N LEU A 291 10.34 -2.31 -27.38
CA LEU A 291 9.41 -3.07 -26.54
C LEU A 291 8.19 -3.48 -27.34
N GLN A 292 7.81 -2.64 -28.31
CA GLN A 292 6.69 -2.98 -29.19
C GLN A 292 7.04 -4.11 -30.14
N LEU A 293 8.31 -4.49 -30.22
CA LEU A 293 8.66 -5.66 -31.02
C LEU A 293 8.33 -6.97 -30.32
N ARG A 294 7.85 -6.94 -29.07
CA ARG A 294 7.48 -8.16 -28.38
C ARG A 294 5.96 -8.31 -28.22
N ASP A 295 5.20 -7.70 -29.12
CA ASP A 295 3.76 -7.64 -28.99
C ASP A 295 3.12 -8.91 -29.56
N ILE A 296 2.03 -9.36 -28.91
CA ILE A 296 1.39 -10.60 -29.31
C ILE A 296 0.57 -10.38 -30.59
N THR A 297 0.16 -9.15 -30.85
CA THR A 297 -0.47 -8.80 -32.12
C THR A 297 0.65 -8.45 -33.09
N VAL A 298 0.91 -9.33 -34.05
CA VAL A 298 2.10 -9.20 -34.88
C VAL A 298 1.99 -8.10 -35.92
N GLU A 299 0.80 -7.52 -36.10
CA GLU A 299 0.66 -6.39 -37.01
C GLU A 299 1.21 -5.12 -36.38
N LEU A 300 1.37 -5.11 -35.06
CA LEU A 300 1.82 -3.93 -34.33
C LEU A 300 3.31 -3.95 -34.03
N ARG A 301 4.10 -4.83 -34.65
CA ARG A 301 5.49 -5.02 -34.24
C ARG A 301 6.36 -3.84 -34.64
N GLY A 302 6.24 -3.37 -35.88
CA GLY A 302 7.11 -2.32 -36.37
C GLY A 302 6.49 -0.94 -36.51
N ALA A 303 5.44 -0.63 -35.76
CA ALA A 303 4.68 0.60 -36.01
C ALA A 303 5.45 1.84 -35.57
N PHE A 304 5.97 1.83 -34.35
CA PHE A 304 6.66 3.00 -33.84
C PHE A 304 8.11 3.03 -34.31
N LEU A 305 8.70 1.86 -34.55
CA LEU A 305 10.08 1.76 -34.98
C LEU A 305 10.29 2.36 -36.35
N ASN A 306 9.27 2.27 -37.22
CA ASN A 306 9.35 2.88 -38.54
C ASN A 306 9.46 4.40 -38.46
N HIS A 307 8.67 5.01 -37.58
CA HIS A 307 8.76 6.46 -37.37
C HIS A 307 10.09 6.85 -36.76
N CYS A 308 10.60 6.06 -35.81
CA CYS A 308 11.89 6.36 -35.20
C CYS A 308 13.04 6.27 -36.21
N PHE A 309 13.02 5.24 -37.06
CA PHE A 309 14.08 5.08 -38.05
C PHE A 309 14.00 6.15 -39.13
N THR A 310 12.78 6.55 -39.51
CA THR A 310 12.60 7.64 -40.47
C THR A 310 13.14 8.95 -39.91
N GLU A 311 12.89 9.21 -38.62
CA GLU A 311 13.40 10.42 -37.99
C GLU A 311 14.93 10.42 -37.92
N ILE A 312 15.53 9.26 -37.61
CA ILE A 312 16.99 9.15 -37.56
C ILE A 312 17.60 9.36 -38.95
N HIS A 313 16.98 8.79 -39.98
CA HIS A 313 17.44 9.01 -41.35
C HIS A 313 17.33 10.48 -41.75
N ASP A 314 16.26 11.16 -41.33
CA ASP A 314 16.11 12.58 -41.64
C ASP A 314 17.15 13.43 -40.94
N VAL A 315 17.48 13.09 -39.69
CA VAL A 315 18.51 13.83 -38.95
C VAL A 315 19.88 13.67 -39.59
N LEU A 316 20.22 12.45 -40.02
CA LEU A 316 21.49 12.27 -40.74
C LEU A 316 21.47 12.94 -42.11
N ASP A 317 20.30 13.02 -42.75
CA ASP A 317 20.24 13.58 -44.10
C ASP A 317 20.36 15.10 -44.09
N GLN A 318 19.75 15.77 -43.11
CA GLN A 318 19.78 17.24 -43.10
C GLN A 318 21.16 17.78 -42.75
N ASN A 319 21.97 17.00 -42.06
CA ASN A 319 23.28 17.45 -41.61
C ASN A 319 24.41 17.07 -42.57
N GLY A 320 24.10 16.55 -43.74
CA GLY A 320 25.10 16.27 -44.74
C GLY A 320 25.71 14.89 -44.70
N PHE A 321 25.39 14.09 -43.69
CA PHE A 321 25.90 12.72 -43.60
C PHE A 321 24.89 11.81 -44.26
N SER A 322 24.89 11.77 -45.59
CA SER A 322 23.92 11.00 -46.35
C SER A 322 24.64 9.93 -47.17
N ASP A 323 24.97 8.84 -46.50
CA ASP A 323 25.44 7.61 -47.11
C ASP A 323 24.58 6.47 -46.61
N GLU A 324 24.42 5.44 -47.43
CA GLU A 324 23.65 4.27 -47.01
C GLU A 324 24.42 3.47 -45.97
N GLY A 325 25.75 3.46 -46.07
CA GLY A 325 26.57 2.68 -45.14
C GLY A 325 26.53 3.23 -43.73
N THR A 326 26.58 4.56 -43.58
CA THR A 326 26.51 5.18 -42.26
C THR A 326 25.18 4.90 -41.58
N TYR A 327 24.08 5.04 -42.33
CA TYR A 327 22.76 4.76 -41.81
C TYR A 327 22.61 3.29 -41.43
N HIS A 328 23.10 2.39 -42.29
CA HIS A 328 22.98 0.96 -42.01
C HIS A 328 23.78 0.55 -40.79
N GLU A 329 24.99 1.10 -40.63
CA GLU A 329 25.81 0.79 -39.46
C GLU A 329 25.19 1.37 -38.19
N LEU A 330 24.55 2.54 -38.28
CA LEU A 330 23.86 3.08 -37.11
C LEU A 330 22.67 2.23 -36.70
N ILE A 331 21.92 1.69 -37.68
CA ILE A 331 20.80 0.81 -37.37
C ILE A 331 21.29 -0.49 -36.73
N GLU A 332 22.41 -1.05 -37.23
CA GLU A 332 22.97 -2.25 -36.60
C GLU A 332 23.44 -1.98 -35.17
N ALA A 333 24.04 -0.81 -34.94
CA ALA A 333 24.46 -0.45 -33.59
C ALA A 333 23.27 -0.30 -32.65
N LEU A 334 22.19 0.34 -33.11
CA LEU A 334 21.01 0.50 -32.27
C LEU A 334 20.32 -0.84 -32.01
N ASP A 335 20.36 -1.74 -32.98
CA ASP A 335 19.85 -3.09 -32.78
C ASP A 335 20.66 -3.84 -31.74
N TYR A 336 21.98 -3.62 -31.70
CA TYR A 336 22.77 -4.24 -30.64
C TYR A 336 22.43 -3.65 -29.28
N ILE A 337 22.23 -2.33 -29.20
CA ILE A 337 22.00 -1.68 -27.91
C ILE A 337 20.64 -2.06 -27.32
N PHE A 338 19.57 -2.03 -28.13
CA PHE A 338 18.25 -2.11 -27.52
C PHE A 338 17.62 -3.49 -27.47
N ILE A 339 18.06 -4.45 -28.28
CA ILE A 339 17.44 -5.77 -28.29
C ILE A 339 17.95 -6.59 -27.12
N THR A 340 17.03 -7.04 -26.27
CA THR A 340 17.35 -7.87 -25.12
C THR A 340 16.23 -8.86 -24.88
N ASP A 341 16.53 -9.90 -24.09
CA ASP A 341 15.53 -10.93 -23.82
C ASP A 341 14.83 -10.69 -22.49
N ASP A 342 15.51 -10.05 -21.53
CA ASP A 342 14.92 -9.83 -20.22
C ASP A 342 14.03 -8.59 -20.24
N ILE A 343 12.78 -8.77 -19.79
CA ILE A 343 11.80 -7.69 -19.81
C ILE A 343 12.16 -6.62 -18.78
N HIS A 344 12.67 -7.04 -17.62
CA HIS A 344 12.93 -6.10 -16.53
C HIS A 344 14.12 -5.19 -16.83
N LEU A 345 14.95 -5.54 -17.79
CA LEU A 345 16.07 -4.69 -18.17
C LEU A 345 15.78 -3.85 -19.41
N THR A 346 14.54 -3.86 -19.91
CA THR A 346 14.20 -3.03 -21.06
C THR A 346 14.09 -1.57 -20.68
N GLY A 347 13.73 -1.27 -19.44
CA GLY A 347 13.55 0.08 -18.99
C GLY A 347 14.76 0.73 -18.34
N GLU A 348 15.95 0.14 -18.46
CA GLU A 348 17.11 0.71 -17.78
C GLU A 348 17.79 1.79 -18.61
N ILE A 349 17.61 1.77 -19.94
CA ILE A 349 18.15 2.81 -20.81
C ILE A 349 17.49 4.16 -20.51
N PHE A 350 16.27 4.14 -19.97
CA PHE A 350 15.60 5.32 -19.42
C PHE A 350 16.45 6.03 -18.37
N SER A 351 17.28 5.27 -17.64
CA SER A 351 18.16 5.83 -16.64
C SER A 351 19.29 6.67 -17.24
N PHE A 352 19.65 6.45 -18.50
CA PHE A 352 20.84 7.07 -19.08
C PHE A 352 20.50 8.17 -20.07
N PHE A 353 19.37 8.84 -19.90
CA PHE A 353 19.00 9.94 -20.78
C PHE A 353 19.88 11.18 -20.59
N ARG A 354 20.28 11.46 -19.36
CA ARG A 354 21.03 12.68 -19.07
C ARG A 354 22.53 12.43 -18.99
N SER A 355 23.01 11.32 -19.55
CA SER A 355 24.42 10.97 -19.46
C SER A 355 25.28 11.63 -20.53
N PHE A 356 24.70 12.43 -21.41
CA PHE A 356 25.47 13.07 -22.48
C PHE A 356 25.52 14.58 -22.36
N GLY A 357 25.06 15.14 -21.26
CA GLY A 357 24.98 16.57 -21.13
C GLY A 357 23.72 17.13 -21.75
N HIS A 358 23.74 18.44 -21.97
CA HIS A 358 22.59 19.17 -22.48
C HIS A 358 23.02 20.09 -23.61
N PRO A 359 22.15 20.34 -24.58
CA PRO A 359 22.52 21.20 -25.72
C PRO A 359 22.59 22.67 -25.33
N ARG A 360 23.30 23.43 -26.15
CA ARG A 360 23.33 24.87 -26.04
C ARG A 360 22.13 25.48 -26.77
N LEU A 361 21.67 26.64 -26.29
CA LEU A 361 20.38 27.18 -26.70
C LEU A 361 20.50 28.62 -27.16
N GLU A 362 19.56 29.04 -28.00
CA GLU A 362 19.36 30.42 -28.40
C GLU A 362 17.88 30.76 -28.30
N ALA A 363 17.59 32.04 -28.10
CA ALA A 363 16.20 32.46 -27.89
C ALA A 363 15.42 32.47 -29.20
N VAL A 364 16.11 32.72 -30.32
CA VAL A 364 15.44 32.93 -31.61
C VAL A 364 14.82 31.62 -32.11
N THR A 365 15.46 30.49 -31.82
CA THR A 365 14.95 29.20 -32.30
C THR A 365 13.68 28.79 -31.56
N ALA A 366 13.67 28.97 -30.24
CA ALA A 366 12.47 28.71 -29.45
C ALA A 366 11.35 29.66 -29.81
N ALA A 367 11.69 30.93 -30.11
CA ALA A 367 10.70 31.89 -30.55
C ALA A 367 10.06 31.49 -31.88
N GLU A 368 10.86 30.98 -32.82
CA GLU A 368 10.31 30.51 -34.10
C GLU A 368 9.41 29.30 -33.90
N ASN A 369 9.81 28.39 -33.00
CA ASN A 369 9.00 27.19 -32.75
C ASN A 369 7.65 27.54 -32.14
N VAL A 370 7.60 28.54 -31.26
CA VAL A 370 6.31 28.99 -30.72
C VAL A 370 5.52 29.74 -31.79
N ARG A 371 6.21 30.56 -32.59
CA ARG A 371 5.55 31.44 -33.56
C ARG A 371 4.87 30.66 -34.67
N LYS A 372 5.41 29.49 -35.02
CA LYS A 372 4.82 28.68 -36.07
C LYS A 372 3.43 28.17 -35.69
N TYR A 373 3.27 27.72 -34.44
CA TYR A 373 1.99 27.16 -34.03
C TYR A 373 1.01 28.23 -33.56
N MET A 374 1.50 29.32 -32.96
CA MET A 374 0.55 30.29 -32.43
C MET A 374 -0.03 31.23 -33.48
N ASN A 375 0.42 31.16 -34.74
CA ASN A 375 -0.15 31.96 -35.81
C ASN A 375 -0.67 31.10 -36.97
N GLN A 376 -1.46 30.09 -36.68
CA GLN A 376 -1.90 29.16 -37.72
C GLN A 376 -3.42 29.21 -37.86
N PRO A 377 -3.95 29.37 -39.08
CA PRO A 377 -5.41 29.39 -39.25
C PRO A 377 -6.01 28.00 -39.13
N LYS A 378 -7.23 27.93 -38.60
CA LYS A 378 -7.91 26.66 -38.36
C LYS A 378 -9.35 26.74 -38.83
N VAL A 379 -9.93 25.58 -39.15
CA VAL A 379 -11.33 25.44 -39.52
C VAL A 379 -11.96 24.39 -38.62
N ILE A 380 -13.08 24.73 -37.99
CA ILE A 380 -13.72 23.89 -36.98
C ILE A 380 -15.18 23.67 -37.37
N VAL A 381 -15.62 22.41 -37.28
CA VAL A 381 -16.99 22.03 -37.60
C VAL A 381 -17.82 22.12 -36.31
N TYR A 382 -19.08 22.54 -36.45
CA TYR A 382 -19.90 22.94 -35.32
C TYR A 382 -20.51 21.75 -34.58
N GLU A 383 -20.86 20.67 -35.30
CA GLU A 383 -21.58 19.56 -34.69
C GLU A 383 -20.74 18.78 -33.70
N THR A 384 -19.45 18.58 -34.00
CA THR A 384 -18.56 17.87 -33.08
C THR A 384 -18.39 18.64 -31.79
N LEU A 385 -18.24 19.97 -31.91
CA LEU A 385 -18.15 20.85 -30.75
C LEU A 385 -19.41 20.78 -29.90
N MET A 386 -20.58 20.77 -30.54
CA MET A 386 -21.82 20.74 -29.77
C MET A 386 -22.10 19.38 -29.15
N LYS A 387 -21.66 18.29 -29.80
CA LYS A 387 -21.80 16.97 -29.19
C LYS A 387 -20.91 16.83 -27.96
N GLY A 388 -19.68 17.35 -28.04
CA GLY A 388 -18.84 17.40 -26.85
C GLY A 388 -19.42 18.26 -25.75
N HIS A 389 -20.06 19.38 -26.13
CA HIS A 389 -20.74 20.24 -25.17
C HIS A 389 -21.90 19.52 -24.48
N ALA A 390 -22.65 18.73 -25.24
CA ALA A 390 -23.76 17.96 -24.68
C ALA A 390 -23.28 16.90 -23.69
N ILE A 391 -22.19 16.20 -24.03
CA ILE A 391 -21.63 15.22 -23.08
C ILE A 391 -21.11 15.91 -21.83
N PHE A 392 -20.50 17.09 -21.99
CA PHE A 392 -20.00 17.87 -20.86
C PHE A 392 -21.11 18.28 -19.90
N CYS A 393 -22.23 18.76 -20.46
CA CYS A 393 -23.40 19.09 -19.65
C CYS A 393 -23.98 17.87 -18.96
N GLY A 394 -23.98 16.72 -19.65
CA GLY A 394 -24.47 15.50 -19.03
C GLY A 394 -23.62 15.02 -17.87
N ILE A 395 -22.30 15.17 -17.97
CA ILE A 395 -21.41 14.81 -16.86
C ILE A 395 -21.65 15.70 -15.66
N ILE A 396 -21.85 17.01 -15.89
CA ILE A 396 -22.14 17.91 -14.78
C ILE A 396 -23.47 17.57 -14.10
N ILE A 397 -24.49 17.25 -14.90
CA ILE A 397 -25.80 16.87 -14.36
C ILE A 397 -25.72 15.58 -13.55
N ASN A 398 -24.99 14.58 -14.04
CA ASN A 398 -24.87 13.31 -13.32
C ASN A 398 -24.07 13.47 -12.03
N GLY A 399 -23.06 14.35 -12.03
CA GLY A 399 -22.33 14.60 -10.80
C GLY A 399 -23.17 15.28 -9.74
N TYR A 400 -24.00 16.25 -10.15
CA TYR A 400 -24.86 16.92 -9.19
C TYR A 400 -25.93 15.98 -8.67
N ARG A 401 -26.45 15.09 -9.51
CA ARG A 401 -27.40 14.09 -9.02
C ARG A 401 -26.73 13.12 -8.07
N ASP A 402 -25.46 12.80 -8.32
CA ASP A 402 -24.75 11.87 -7.45
C ASP A 402 -24.51 12.46 -6.07
N ARG A 403 -24.33 13.78 -5.99
CA ARG A 403 -24.08 14.37 -4.69
C ARG A 403 -25.27 15.11 -4.08
N HIS A 404 -26.46 15.05 -4.68
CA HIS A 404 -27.63 15.67 -4.08
C HIS A 404 -28.87 14.79 -4.19
N GLY A 405 -28.68 13.48 -4.07
CA GLY A 405 -29.81 12.55 -3.98
C GLY A 405 -30.66 12.43 -5.22
N GLY A 406 -30.05 12.45 -6.39
CA GLY A 406 -30.76 12.23 -7.63
C GLY A 406 -31.52 13.43 -8.16
N SER A 407 -31.28 14.62 -7.62
CA SER A 407 -31.95 15.83 -8.09
C SER A 407 -31.07 16.58 -9.08
N TRP A 408 -31.70 17.14 -10.10
CA TRP A 408 -30.96 17.88 -11.12
C TRP A 408 -30.48 19.23 -10.59
N PRO A 409 -29.40 19.77 -11.15
CA PRO A 409 -28.98 21.13 -10.81
C PRO A 409 -29.93 22.16 -11.38
N PRO A 410 -29.91 23.39 -10.88
CA PRO A 410 -30.78 24.44 -11.45
C PRO A 410 -30.38 24.79 -12.88
N LEU A 411 -31.29 24.48 -13.81
CA LEU A 411 -31.07 24.78 -15.21
C LEU A 411 -32.42 24.90 -15.90
N THR A 412 -32.44 25.63 -17.01
CA THR A 412 -33.65 25.82 -17.80
C THR A 412 -33.41 25.29 -19.20
N LEU A 413 -34.09 24.21 -19.55
CA LEU A 413 -34.02 23.69 -20.89
C LEU A 413 -34.77 24.61 -21.86
N PRO A 414 -34.35 24.66 -23.12
CA PRO A 414 -35.09 25.46 -24.11
C PRO A 414 -36.42 24.80 -24.47
N LEU A 415 -37.20 25.52 -25.27
CA LEU A 415 -38.51 25.03 -25.69
C LEU A 415 -38.39 23.82 -26.60
N HIS A 416 -37.33 23.79 -27.42
CA HIS A 416 -37.17 22.72 -28.40
C HIS A 416 -36.49 21.48 -27.82
N ALA A 417 -36.38 21.37 -26.50
CA ALA A 417 -35.72 20.22 -25.89
C ALA A 417 -36.53 18.95 -26.12
N ALA A 418 -35.84 17.82 -26.19
CA ALA A 418 -36.48 16.54 -26.41
C ALA A 418 -37.27 16.12 -25.18
N ASP A 419 -38.24 15.21 -25.41
CA ASP A 419 -39.11 14.78 -24.34
C ASP A 419 -38.37 13.91 -23.33
N THR A 420 -37.33 13.19 -23.79
CA THR A 420 -36.54 12.37 -22.89
C THR A 420 -35.79 13.20 -21.86
N ILE A 421 -35.18 14.31 -22.31
CA ILE A 421 -34.42 15.16 -21.41
C ILE A 421 -35.36 15.90 -20.45
N ARG A 422 -36.51 16.34 -20.95
CA ARG A 422 -37.49 17.03 -20.11
C ARG A 422 -38.06 16.09 -19.05
N ASN A 423 -38.38 14.85 -19.42
CA ASN A 423 -38.89 13.89 -18.44
C ASN A 423 -37.81 13.46 -17.47
N ALA A 424 -36.54 13.44 -17.92
CA ALA A 424 -35.45 13.12 -17.01
C ALA A 424 -35.23 14.23 -15.98
N GLN A 425 -35.41 15.49 -16.41
CA GLN A 425 -35.38 16.59 -15.45
C GLN A 425 -36.54 16.52 -14.47
N ALA A 426 -37.73 16.20 -14.99
CA ALA A 426 -38.93 16.20 -14.14
C ALA A 426 -38.90 15.05 -13.12
N SER A 427 -38.47 13.87 -13.54
CA SER A 427 -38.44 12.71 -12.67
C SER A 427 -37.14 12.54 -11.91
N GLY A 428 -36.15 13.40 -12.16
CA GLY A 428 -34.86 13.29 -11.50
C GLY A 428 -34.06 12.06 -11.87
N ASP A 429 -33.98 11.76 -13.16
CA ASP A 429 -33.26 10.60 -13.67
C ASP A 429 -31.98 11.03 -14.37
N GLY A 430 -31.00 10.13 -14.38
CA GLY A 430 -29.73 10.44 -14.99
C GLY A 430 -29.75 10.30 -16.50
N LEU A 431 -28.65 10.74 -17.13
CA LEU A 431 -28.48 10.68 -18.57
C LEU A 431 -27.25 9.85 -18.90
N THR A 432 -27.36 8.99 -19.90
CA THR A 432 -26.20 8.31 -20.44
C THR A 432 -25.58 9.16 -21.54
N HIS A 433 -24.40 8.72 -22.02
CA HIS A 433 -23.70 9.45 -23.06
C HIS A 433 -24.46 9.38 -24.39
N GLU A 434 -25.11 8.24 -24.64
CA GLU A 434 -25.88 8.06 -25.86
C GLU A 434 -27.06 9.04 -25.93
N GLN A 435 -27.71 9.27 -24.80
CA GLN A 435 -28.82 10.22 -24.75
C GLN A 435 -28.35 11.64 -25.00
N CYS A 436 -27.13 11.97 -24.56
CA CYS A 436 -26.59 13.30 -24.79
C CYS A 436 -26.18 13.49 -26.25
N VAL A 437 -25.60 12.46 -26.86
CA VAL A 437 -25.18 12.58 -28.26
C VAL A 437 -26.37 12.63 -29.19
N ASP A 438 -27.39 11.78 -28.93
CA ASP A 438 -28.55 11.73 -29.81
C ASP A 438 -29.41 12.97 -29.69
N ASN A 439 -29.40 13.62 -28.53
CA ASN A 439 -30.20 14.80 -28.26
C ASN A 439 -29.33 16.02 -28.00
N TRP A 440 -28.32 16.25 -28.84
CA TRP A 440 -27.41 17.37 -28.61
C TRP A 440 -28.07 18.71 -28.87
N LYS A 441 -29.00 18.77 -29.83
CA LYS A 441 -29.69 20.02 -30.14
C LYS A 441 -30.58 20.48 -28.99
N SER A 442 -30.96 19.57 -28.10
CA SER A 442 -31.72 19.95 -26.91
C SER A 442 -30.86 20.73 -25.92
N PHE A 443 -29.54 20.58 -25.99
CA PHE A 443 -28.65 21.31 -25.09
C PHE A 443 -28.12 22.59 -25.70
N ALA A 444 -28.65 23.03 -26.85
CA ALA A 444 -28.07 24.17 -27.54
C ALA A 444 -28.30 25.48 -26.80
N GLY A 445 -29.48 25.64 -26.20
CA GLY A 445 -29.82 26.87 -25.51
C GLY A 445 -29.94 26.77 -24.01
N VAL A 446 -29.28 25.80 -23.36
CA VAL A 446 -29.42 25.66 -21.92
C VAL A 446 -28.71 26.78 -21.20
N LYS A 447 -29.10 26.99 -19.94
CA LYS A 447 -28.48 27.99 -19.08
C LYS A 447 -28.51 27.46 -17.66
N PHE A 448 -27.33 27.33 -17.06
CA PHE A 448 -27.23 26.80 -15.71
C PHE A 448 -27.53 27.88 -14.68
N GLY A 449 -27.64 27.46 -13.42
CA GLY A 449 -27.77 28.38 -12.32
C GLY A 449 -26.55 28.33 -11.44
N CYS A 450 -26.42 29.27 -10.51
CA CYS A 450 -25.24 29.34 -9.65
C CYS A 450 -25.42 28.38 -8.48
N PHE A 451 -24.60 27.32 -8.44
CA PHE A 451 -24.65 26.39 -7.32
C PHE A 451 -23.26 26.04 -6.78
N MET A 452 -22.24 26.82 -7.11
CA MET A 452 -20.90 26.58 -6.59
C MET A 452 -20.41 27.79 -5.81
N PRO A 453 -20.00 27.62 -4.55
CA PRO A 453 -19.50 28.76 -3.77
C PRO A 453 -18.10 29.17 -4.21
N LEU A 454 -17.75 30.41 -3.91
CA LEU A 454 -16.38 30.91 -4.08
C LEU A 454 -15.80 31.07 -2.69
N SER A 455 -15.08 30.06 -2.22
CA SER A 455 -14.50 30.06 -0.89
C SER A 455 -13.02 30.36 -1.03
N LEU A 456 -12.66 31.65 -0.97
CA LEU A 456 -11.30 32.09 -1.20
C LEU A 456 -10.64 32.69 0.02
N ASP A 457 -11.40 32.93 1.09
CA ASP A 457 -10.81 33.41 2.34
C ASP A 457 -10.34 32.24 3.19
N SER A 458 -10.78 31.02 2.87
CA SER A 458 -10.45 29.87 3.71
C SER A 458 -9.02 29.38 3.49
N ASP A 459 -8.45 29.62 2.31
CA ASP A 459 -7.15 29.05 1.97
C ASP A 459 -6.16 30.12 1.54
N LEU A 460 -4.88 29.87 1.84
CA LEU A 460 -3.80 30.79 1.57
C LEU A 460 -2.70 30.14 0.73
N THR A 461 -2.80 28.84 0.46
CA THR A 461 -1.71 28.06 -0.10
C THR A 461 -1.35 28.49 -1.52
N MET A 462 -2.29 29.13 -2.21
CA MET A 462 -2.12 29.40 -3.64
C MET A 462 -1.14 30.55 -3.87
N TYR A 463 -1.08 31.51 -2.93
CA TYR A 463 -0.27 32.71 -3.16
C TYR A 463 1.15 32.52 -2.64
N LEU A 464 1.32 31.68 -1.63
CA LEU A 464 2.63 31.53 -1.00
C LEU A 464 3.58 30.68 -1.83
N LYS A 465 3.07 29.99 -2.85
CA LYS A 465 3.95 29.35 -3.82
C LYS A 465 4.71 30.42 -4.61
N ASP A 466 6.02 30.25 -4.71
CA ASP A 466 6.86 31.29 -5.27
C ASP A 466 6.92 31.16 -6.78
N LYS A 467 6.52 32.22 -7.47
CA LYS A 467 6.63 32.30 -8.91
C LYS A 467 7.17 33.67 -9.28
N ALA A 468 8.02 33.71 -10.30
CA ALA A 468 8.64 34.96 -10.73
C ALA A 468 7.64 35.81 -11.50
N LEU A 469 7.84 37.12 -11.44
CA LEU A 469 6.99 38.09 -12.10
C LEU A 469 7.74 38.74 -13.24
N ALA A 470 7.03 39.01 -14.32
CA ALA A 470 7.62 39.75 -15.43
C ALA A 470 7.76 41.22 -15.08
N ALA A 471 8.55 41.92 -15.88
CA ALA A 471 8.70 43.36 -15.72
C ALA A 471 7.44 44.07 -16.18
N LEU A 472 7.34 45.35 -15.83
CA LEU A 472 6.26 46.17 -16.36
C LEU A 472 6.49 46.43 -17.85
N GLN A 473 5.42 46.74 -18.56
CA GLN A 473 5.47 46.81 -20.02
C GLN A 473 6.35 47.96 -20.50
N ARG A 474 6.18 49.15 -19.89
CA ARG A 474 6.92 50.34 -20.32
C ARG A 474 8.42 50.20 -20.09
N GLU A 475 8.81 49.36 -19.13
CA GLU A 475 10.20 49.04 -18.88
C GLU A 475 10.51 47.60 -19.24
N TRP A 476 9.97 47.13 -20.38
CA TRP A 476 10.21 45.76 -20.83
C TRP A 476 11.68 45.53 -21.20
N ASP A 477 12.43 46.60 -21.48
CA ASP A 477 13.86 46.50 -21.72
C ASP A 477 14.69 46.48 -20.45
N SER A 478 14.08 46.46 -19.27
CA SER A 478 14.87 46.52 -18.05
C SER A 478 15.62 45.21 -17.78
N VAL A 479 15.25 44.14 -18.47
CA VAL A 479 15.87 42.84 -18.21
C VAL A 479 17.24 42.73 -18.85
N TYR A 480 17.46 43.42 -19.97
CA TYR A 480 18.74 43.31 -20.65
C TYR A 480 19.77 44.27 -20.04
N PRO A 481 21.00 43.80 -19.85
CA PRO A 481 22.06 44.68 -19.35
C PRO A 481 22.47 45.73 -20.37
N LYS A 482 23.13 46.78 -19.86
CA LYS A 482 23.51 47.90 -20.70
C LYS A 482 24.63 47.54 -21.67
N GLU A 483 25.43 46.53 -21.33
CA GLU A 483 26.60 46.18 -22.14
C GLU A 483 26.19 45.58 -23.47
N PHE A 484 25.03 44.92 -23.52
CA PHE A 484 24.60 44.17 -24.68
C PHE A 484 23.59 44.91 -25.54
N LEU A 485 23.30 46.17 -25.23
CA LEU A 485 22.32 46.96 -25.95
C LEU A 485 23.01 48.14 -26.62
N ARG A 486 22.47 48.58 -27.76
CA ARG A 486 23.02 49.76 -28.43
C ARG A 486 22.57 51.05 -27.74
N TYR A 487 21.45 51.00 -27.01
CA TYR A 487 20.95 52.15 -26.28
C TYR A 487 21.03 51.91 -24.77
N ASP A 488 20.58 52.89 -24.01
CA ASP A 488 20.48 52.76 -22.57
C ASP A 488 19.08 52.32 -22.18
N PRO A 489 18.92 51.16 -21.52
CA PRO A 489 17.58 50.69 -21.21
C PRO A 489 16.97 51.47 -20.06
N PRO A 490 15.64 51.50 -19.95
CA PRO A 490 15.01 52.13 -18.78
C PRO A 490 15.25 51.32 -17.52
N LYS A 491 15.19 52.02 -16.39
CA LYS A 491 15.37 51.36 -15.10
C LYS A 491 14.11 50.57 -14.73
N GLY A 492 14.32 49.45 -14.03
CA GLY A 492 13.23 48.58 -13.64
C GLY A 492 12.79 48.87 -12.21
N THR A 493 11.50 49.19 -12.06
CA THR A 493 10.94 49.57 -10.77
C THR A 493 9.96 48.55 -10.21
N GLY A 494 9.45 47.64 -11.03
CA GLY A 494 8.52 46.64 -10.54
C GLY A 494 9.22 45.56 -9.72
N SER A 495 8.47 44.92 -8.84
CA SER A 495 9.02 43.86 -8.01
C SER A 495 9.15 42.56 -8.81
N ARG A 496 9.92 41.63 -8.27
CA ARG A 496 10.36 40.47 -9.04
C ARG A 496 9.78 39.15 -8.55
N ARG A 497 9.05 39.13 -7.43
CA ARG A 497 8.54 37.89 -6.88
C ARG A 497 7.07 38.06 -6.50
N LEU A 498 6.31 36.96 -6.59
CA LEU A 498 4.90 36.99 -6.28
C LEU A 498 4.66 37.21 -4.79
N VAL A 499 5.42 36.51 -3.93
CA VAL A 499 5.20 36.58 -2.49
C VAL A 499 5.65 37.92 -1.93
N ASP A 500 6.61 38.56 -2.60
CA ASP A 500 7.07 39.88 -2.15
C ASP A 500 5.99 40.93 -2.35
N VAL A 501 5.25 40.85 -3.46
CA VAL A 501 4.14 41.77 -3.67
C VAL A 501 2.97 41.39 -2.78
N PHE A 502 2.72 40.09 -2.64
CA PHE A 502 1.54 39.62 -1.90
C PHE A 502 1.64 39.93 -0.41
N LEU A 503 2.81 39.70 0.19
CA LEU A 503 2.93 39.89 1.63
C LEU A 503 3.01 41.37 1.99
N ASN A 504 3.46 42.21 1.07
CA ASN A 504 3.53 43.64 1.31
C ASN A 504 2.27 44.38 0.91
N ASP A 505 1.24 43.67 0.47
CA ASP A 505 -0.01 44.31 0.07
C ASP A 505 -0.80 44.72 1.30
N SER A 506 -0.98 46.03 1.49
CA SER A 506 -1.67 46.52 2.68
C SER A 506 -3.17 46.22 2.61
N SER A 507 -3.73 46.20 1.41
CA SER A 507 -5.14 45.89 1.22
C SER A 507 -5.26 44.85 0.13
N PHE A 508 -5.55 43.60 0.53
CA PHE A 508 -5.71 42.50 -0.41
C PHE A 508 -7.07 41.85 -0.16
N ASP A 509 -7.86 41.74 -1.21
CA ASP A 509 -9.14 41.04 -1.16
C ASP A 509 -9.23 40.18 -2.41
N PRO A 510 -9.48 38.87 -2.28
CA PRO A 510 -9.60 38.00 -3.46
C PRO A 510 -10.73 38.38 -4.41
N TYR A 511 -11.78 38.96 -3.87
CA TYR A 511 -12.91 39.34 -4.71
C TYR A 511 -12.58 40.56 -5.56
N ASP A 512 -11.67 41.41 -5.08
CA ASP A 512 -11.13 42.48 -5.91
C ASP A 512 -10.29 41.91 -7.06
N VAL A 513 -9.58 40.82 -6.79
CA VAL A 513 -8.81 40.15 -7.84
C VAL A 513 -9.74 39.55 -8.88
N ILE A 514 -10.90 39.03 -8.45
CA ILE A 514 -11.90 38.54 -9.40
C ILE A 514 -12.48 39.70 -10.20
N MET A 515 -12.79 40.82 -9.54
CA MET A 515 -13.34 41.98 -10.23
C MET A 515 -12.34 42.65 -11.16
N TYR A 516 -11.05 42.35 -11.02
CA TYR A 516 -10.07 42.78 -12.02
C TYR A 516 -10.37 42.21 -13.40
N VAL A 517 -10.85 40.96 -13.45
CA VAL A 517 -11.25 40.36 -14.73
C VAL A 517 -12.69 40.71 -15.06
N VAL A 518 -13.59 40.59 -14.07
CA VAL A 518 -15.03 40.73 -14.29
C VAL A 518 -15.37 42.16 -14.70
N SER A 519 -14.68 43.15 -14.13
CA SER A 519 -14.90 44.54 -14.49
C SER A 519 -14.43 44.84 -15.90
N GLY A 520 -13.44 44.11 -16.39
CA GLY A 520 -12.86 44.36 -17.70
C GLY A 520 -11.66 45.26 -17.69
N ALA A 521 -11.10 45.57 -16.52
CA ALA A 521 -9.96 46.47 -16.46
C ALA A 521 -8.67 45.79 -16.91
N TYR A 522 -8.68 44.46 -16.96
CA TYR A 522 -7.48 43.71 -17.33
C TYR A 522 -7.16 43.87 -18.81
N LEU A 523 -8.17 44.15 -19.64
CA LEU A 523 -7.92 44.29 -21.07
C LEU A 523 -7.28 45.63 -21.40
N HIS A 524 -7.39 46.61 -20.51
CA HIS A 524 -6.95 47.96 -20.81
C HIS A 524 -5.89 48.52 -19.85
N ASP A 525 -5.36 47.72 -18.94
CA ASP A 525 -4.37 48.27 -18.02
C ASP A 525 -3.00 48.39 -18.72
N PRO A 526 -2.26 49.47 -18.48
CA PRO A 526 -1.08 49.73 -19.31
C PRO A 526 0.13 48.88 -18.95
N GLU A 527 0.17 48.29 -17.75
CA GLU A 527 1.38 47.65 -17.28
C GLU A 527 1.37 46.13 -17.39
N PHE A 528 0.44 45.55 -18.14
CA PHE A 528 0.47 44.10 -18.33
C PHE A 528 1.61 43.71 -19.26
N ASN A 529 2.27 42.60 -18.93
CA ASN A 529 3.37 42.10 -19.73
C ASN A 529 3.49 40.60 -19.53
N LEU A 530 4.10 39.92 -20.50
CA LEU A 530 4.32 38.49 -20.45
C LEU A 530 5.61 38.15 -21.17
N SER A 531 6.44 37.31 -20.54
CA SER A 531 7.75 36.96 -21.07
C SER A 531 7.96 35.45 -20.99
N TYR A 532 8.86 34.97 -21.85
CA TYR A 532 9.26 33.57 -21.87
C TYR A 532 10.69 33.44 -21.38
N SER A 533 11.01 32.26 -20.85
CA SER A 533 12.35 31.96 -20.38
C SER A 533 12.68 30.50 -20.67
N LEU A 534 13.97 30.23 -20.86
CA LEU A 534 14.43 28.91 -21.30
C LEU A 534 14.53 27.96 -20.11
N LYS A 535 14.11 26.71 -20.33
CA LYS A 535 14.13 25.71 -19.26
C LYS A 535 15.54 25.15 -19.06
N GLU A 536 15.75 24.51 -17.91
CA GLU A 536 17.10 24.31 -17.41
C GLU A 536 17.77 23.10 -18.05
N LYS A 537 17.21 21.91 -17.83
CA LYS A 537 17.92 20.66 -18.13
C LYS A 537 17.05 19.79 -19.03
N GLU A 538 17.15 20.01 -20.34
CA GLU A 538 16.38 19.26 -21.30
C GLU A 538 17.25 18.91 -22.50
N ILE A 539 16.78 17.94 -23.29
CA ILE A 539 17.55 17.40 -24.40
C ILE A 539 17.10 17.99 -25.74
N LYS A 540 16.00 18.73 -25.76
CA LYS A 540 15.51 19.34 -26.98
C LYS A 540 16.43 20.47 -27.41
N GLU A 541 16.88 20.42 -28.67
CA GLU A 541 17.88 21.37 -29.16
C GLU A 541 17.30 22.76 -29.34
N THR A 542 16.03 22.84 -29.76
CA THR A 542 15.40 24.15 -29.89
C THR A 542 15.14 24.78 -28.53
N GLY A 543 14.77 23.97 -27.55
CA GLY A 543 14.54 24.46 -26.21
C GLY A 543 13.06 24.67 -25.92
N ARG A 544 12.72 24.54 -24.64
CA ARG A 544 11.36 24.69 -24.17
C ARG A 544 11.30 25.91 -23.25
N LEU A 545 10.11 26.49 -23.12
CA LEU A 545 9.96 27.78 -22.47
C LEU A 545 8.94 27.69 -21.33
N PHE A 546 9.13 28.54 -20.34
CA PHE A 546 8.13 28.78 -19.31
C PHE A 546 7.87 30.28 -19.22
N ALA A 547 6.65 30.65 -18.83
CA ALA A 547 6.18 32.02 -18.95
C ALA A 547 6.06 32.70 -17.59
N LYS A 548 6.32 34.00 -17.58
CA LYS A 548 6.11 34.86 -16.43
C LYS A 548 5.26 36.04 -16.84
N MET A 549 4.30 36.43 -16.00
CA MET A 549 3.54 37.64 -16.25
C MET A 549 3.38 38.43 -14.95
N THR A 550 2.72 39.58 -15.07
CA THR A 550 2.63 40.54 -13.97
C THR A 550 1.72 40.02 -12.86
N TYR A 551 1.62 40.81 -11.78
CA TYR A 551 1.06 40.35 -10.51
C TYR A 551 -0.42 40.01 -10.60
N LYS A 552 -1.23 40.93 -11.12
CA LYS A 552 -2.68 40.79 -11.03
C LYS A 552 -3.19 39.66 -11.91
N MET A 553 -2.66 39.56 -13.14
CA MET A 553 -3.08 38.48 -14.04
C MET A 553 -2.64 37.13 -13.53
N ARG A 554 -1.45 37.06 -12.90
CA ARG A 554 -0.99 35.81 -12.30
C ARG A 554 -1.89 35.39 -11.15
N ALA A 555 -2.31 36.35 -10.32
CA ALA A 555 -3.22 36.05 -9.22
C ALA A 555 -4.56 35.56 -9.74
N CYS A 556 -5.07 36.17 -10.82
CA CYS A 556 -6.31 35.72 -11.43
C CYS A 556 -6.18 34.31 -12.00
N GLN A 557 -5.03 33.99 -12.60
CA GLN A 557 -4.80 32.65 -13.14
C GLN A 557 -4.81 31.59 -12.04
N VAL A 558 -4.13 31.86 -10.92
CA VAL A 558 -4.09 30.89 -9.83
C VAL A 558 -5.46 30.75 -9.17
N ILE A 559 -6.20 31.85 -9.03
CA ILE A 559 -7.56 31.80 -8.46
C ILE A 559 -8.49 30.99 -9.36
N ALA A 560 -8.41 31.19 -10.68
CA ALA A 560 -9.26 30.45 -11.61
C ALA A 560 -8.97 28.95 -11.58
N GLU A 561 -7.68 28.59 -11.51
CA GLU A 561 -7.32 27.17 -11.41
C GLU A 561 -7.81 26.56 -10.10
N ASN A 562 -7.72 27.31 -8.99
CA ASN A 562 -8.22 26.77 -7.73
C ASN A 562 -9.73 26.62 -7.72
N LEU A 563 -10.44 27.56 -8.34
CA LEU A 563 -11.90 27.48 -8.40
C LEU A 563 -12.36 26.29 -9.22
N ILE A 564 -11.65 25.99 -10.31
CA ILE A 564 -11.98 24.78 -11.07
C ILE A 564 -11.61 23.53 -10.27
N SER A 565 -10.50 23.58 -9.53
CA SER A 565 -10.02 22.39 -8.82
C SER A 565 -10.93 22.00 -7.66
N ASN A 566 -11.38 22.97 -6.87
CA ASN A 566 -12.16 22.63 -5.68
C ASN A 566 -13.61 22.35 -6.00
N GLY A 567 -14.07 22.71 -7.19
CA GLY A 567 -15.48 22.60 -7.52
C GLY A 567 -15.83 21.55 -8.54
N ILE A 568 -16.03 22.00 -9.78
CA ILE A 568 -16.56 21.17 -10.87
C ILE A 568 -15.59 20.05 -11.25
N GLY A 569 -14.29 20.24 -11.00
CA GLY A 569 -13.30 19.23 -11.37
C GLY A 569 -13.44 17.93 -10.60
N LYS A 570 -14.02 17.99 -9.41
CA LYS A 570 -14.26 16.77 -8.64
C LYS A 570 -15.37 15.92 -9.25
N TYR A 571 -16.24 16.53 -10.05
CA TYR A 571 -17.23 15.76 -10.80
C TYR A 571 -16.55 14.92 -11.87
N PHE A 572 -15.48 15.45 -12.46
CA PHE A 572 -14.80 14.78 -13.57
C PHE A 572 -13.72 13.82 -13.07
N LYS A 573 -13.24 14.00 -11.84
CA LYS A 573 -12.21 13.11 -11.32
C LYS A 573 -12.75 11.71 -11.05
N ASP A 574 -14.07 11.57 -10.88
CA ASP A 574 -14.64 10.28 -10.49
C ASP A 574 -14.66 9.30 -11.66
N ASN A 575 -15.02 9.77 -12.85
CA ASN A 575 -15.10 8.86 -14.00
C ASN A 575 -13.71 8.43 -14.48
N GLY A 576 -12.76 9.36 -14.51
CA GLY A 576 -11.38 9.01 -14.75
C GLY A 576 -10.71 8.47 -13.50
N MET A 577 -9.42 8.20 -13.62
CA MET A 577 -8.65 7.69 -12.50
C MET A 577 -7.37 8.50 -12.34
N ALA A 578 -7.08 8.90 -11.10
CA ALA A 578 -5.90 9.72 -10.83
C ALA A 578 -4.62 8.88 -10.82
N LYS A 579 -4.71 7.63 -10.38
CA LYS A 579 -3.52 6.81 -10.16
C LYS A 579 -3.71 5.42 -10.75
N ASP A 580 -2.75 5.01 -11.59
CA ASP A 580 -2.50 3.62 -12.02
C ASP A 580 -3.62 3.04 -12.88
N GLU A 581 -4.48 3.89 -13.46
CA GLU A 581 -5.57 3.51 -14.37
C GLU A 581 -6.56 2.54 -13.73
N HIS A 582 -6.66 2.58 -12.39
CA HIS A 582 -7.46 1.65 -11.57
C HIS A 582 -7.07 0.20 -11.86
N ASP A 583 -5.77 -0.03 -12.12
CA ASP A 583 -5.18 -1.31 -12.52
C ASP A 583 -5.92 -1.91 -13.71
N LEU A 584 -6.01 -1.11 -14.77
CA LEU A 584 -6.81 -1.36 -16.00
C LEU A 584 -8.23 -1.89 -15.74
N GLU A 648 -28.73 -17.07 -21.65
CA GLU A 648 -28.27 -15.98 -22.50
C GLU A 648 -26.97 -15.45 -21.92
N ASN A 649 -25.90 -15.54 -22.73
CA ASN A 649 -24.52 -15.20 -22.35
C ASN A 649 -24.09 -15.96 -21.10
N MET A 650 -24.40 -17.26 -21.06
CA MET A 650 -24.00 -18.10 -19.94
C MET A 650 -22.54 -18.54 -20.04
N GLU A 651 -21.86 -18.24 -21.15
CA GLU A 651 -20.47 -18.64 -21.31
C GLU A 651 -19.54 -17.73 -20.51
N ALA A 652 -20.06 -16.60 -19.99
CA ALA A 652 -19.43 -15.61 -19.13
C ALA A 652 -18.42 -14.76 -19.89
N TYR A 653 -18.23 -13.52 -19.45
CA TYR A 653 -17.45 -12.55 -20.20
C TYR A 653 -16.41 -11.91 -19.29
N GLU A 654 -15.28 -11.55 -19.90
CA GLU A 654 -14.21 -10.85 -19.22
C GLU A 654 -13.93 -9.55 -19.93
N THR A 655 -13.29 -8.63 -19.22
CA THR A 655 -12.87 -7.37 -19.83
C THR A 655 -11.41 -7.47 -20.26
N VAL A 656 -11.15 -7.12 -21.51
CA VAL A 656 -9.80 -7.10 -22.06
C VAL A 656 -9.53 -5.69 -22.59
N SER A 657 -8.32 -5.19 -22.36
CA SER A 657 -7.99 -3.80 -22.64
C SER A 657 -6.66 -3.69 -23.37
N ALA A 658 -6.54 -2.64 -24.17
CA ALA A 658 -5.29 -2.24 -24.79
C ALA A 658 -5.11 -0.74 -24.57
N PHE A 659 -3.93 -0.23 -24.91
CA PHE A 659 -3.53 1.09 -24.46
C PHE A 659 -3.00 1.95 -25.60
N ILE A 660 -3.28 3.24 -25.49
CA ILE A 660 -2.83 4.27 -26.42
C ILE A 660 -2.08 5.33 -25.62
N THR A 661 -0.81 5.56 -25.95
CA THR A 661 -0.02 6.60 -25.30
C THR A 661 0.41 7.62 -26.33
N THR A 662 0.25 8.90 -26.00
CA THR A 662 0.69 9.99 -26.85
C THR A 662 1.26 11.10 -25.98
N ASP A 663 1.97 12.03 -26.59
CA ASP A 663 2.56 13.14 -25.85
C ASP A 663 1.83 14.45 -26.16
N LEU A 664 1.80 15.34 -25.17
CA LEU A 664 0.96 16.53 -25.21
C LEU A 664 1.76 17.82 -25.20
N LYS A 665 2.90 17.87 -25.89
CA LYS A 665 3.80 19.02 -25.75
C LYS A 665 3.26 20.26 -26.43
N LYS A 666 2.68 20.12 -27.62
CA LYS A 666 2.24 21.27 -28.39
C LYS A 666 0.73 21.41 -28.43
N TYR A 667 0.01 20.75 -27.52
CA TYR A 667 -1.45 20.82 -27.55
C TYR A 667 -1.97 22.15 -27.00
N CYS A 668 -1.19 22.80 -26.13
CA CYS A 668 -1.62 24.08 -25.57
C CYS A 668 -1.62 25.17 -26.62
N LEU A 669 -0.74 25.06 -27.62
CA LEU A 669 -0.68 26.06 -28.67
C LEU A 669 -1.84 25.91 -29.65
N ASN A 670 -2.52 24.76 -29.62
CA ASN A 670 -3.59 24.49 -30.57
C ASN A 670 -4.96 24.91 -30.06
N TRP A 671 -5.07 25.26 -28.78
CA TRP A 671 -6.35 25.68 -28.24
C TRP A 671 -6.70 27.09 -28.72
N ARG A 672 -7.98 27.30 -29.02
CA ARG A 672 -8.46 28.59 -29.49
C ARG A 672 -9.64 29.04 -28.64
N TYR A 673 -10.04 30.30 -28.86
CA TYR A 673 -11.17 30.86 -28.14
C TYR A 673 -12.48 30.14 -28.49
N GLU A 674 -12.63 29.80 -29.78
CA GLU A 674 -13.87 29.19 -30.26
C GLU A 674 -14.07 27.81 -29.68
N THR A 675 -12.98 27.09 -29.42
CA THR A 675 -13.10 25.74 -28.92
C THR A 675 -13.43 25.72 -27.42
N ILE A 676 -12.84 26.63 -26.66
CA ILE A 676 -12.99 26.61 -25.20
C ILE A 676 -14.16 27.47 -24.73
N SER A 677 -14.76 28.26 -25.62
CA SER A 677 -15.70 29.31 -25.22
C SER A 677 -16.96 28.75 -24.59
N LEU A 678 -17.55 27.70 -25.17
CA LEU A 678 -18.82 27.17 -24.68
C LEU A 678 -18.68 26.52 -23.30
N PHE A 679 -17.60 25.77 -23.11
CA PHE A 679 -17.30 25.18 -21.81
C PHE A 679 -17.05 26.27 -20.78
N ALA A 680 -16.40 27.35 -21.20
CA ALA A 680 -16.19 28.48 -20.31
C ALA A 680 -17.50 29.19 -19.96
N GLN A 681 -18.45 29.26 -20.89
CA GLN A 681 -19.77 29.82 -20.60
C GLN A 681 -20.51 28.99 -19.56
N ARG A 682 -20.45 27.66 -19.70
CA ARG A 682 -21.12 26.80 -18.72
C ARG A 682 -20.49 26.93 -17.35
N LEU A 683 -19.16 27.04 -17.29
CA LEU A 683 -18.50 27.27 -16.01
C LEU A 683 -18.81 28.65 -15.44
N ASN A 684 -18.99 29.64 -16.32
CA ASN A 684 -19.39 30.97 -15.90
C ASN A 684 -20.77 30.96 -15.27
N GLU A 685 -21.69 30.20 -15.85
CA GLU A 685 -23.04 30.11 -15.30
C GLU A 685 -23.07 29.34 -13.99
N ILE A 686 -22.27 28.28 -13.88
CA ILE A 686 -22.23 27.50 -12.63
C ILE A 686 -21.58 28.31 -11.51
N TYR A 687 -20.49 29.00 -11.80
CA TYR A 687 -19.80 29.76 -10.77
C TYR A 687 -20.30 31.20 -10.64
N GLY A 688 -21.28 31.60 -11.45
CA GLY A 688 -21.87 32.92 -11.31
C GLY A 688 -20.95 34.08 -11.59
N LEU A 689 -19.97 33.89 -12.48
CA LEU A 689 -18.96 34.90 -12.75
C LEU A 689 -19.06 35.35 -14.19
N PRO A 690 -19.35 36.62 -14.47
CA PRO A 690 -19.49 37.07 -15.86
C PRO A 690 -18.16 37.17 -16.61
N SER A 691 -18.05 36.45 -17.72
CA SER A 691 -16.94 36.45 -18.66
C SER A 691 -15.60 36.09 -18.04
N PHE A 692 -15.60 35.23 -17.02
CA PHE A 692 -14.37 34.99 -16.26
C PHE A 692 -13.43 34.04 -16.97
N PHE A 693 -13.93 32.90 -17.43
CA PHE A 693 -13.05 31.82 -17.87
C PHE A 693 -12.61 31.94 -19.32
N GLN A 694 -13.00 33.01 -20.02
CA GLN A 694 -12.47 33.29 -21.35
C GLN A 694 -11.26 34.23 -21.30
N TRP A 695 -10.66 34.41 -20.13
CA TRP A 695 -9.73 35.54 -19.92
C TRP A 695 -8.43 35.38 -20.68
N LEU A 696 -7.95 34.13 -20.86
CA LEU A 696 -6.61 33.91 -21.38
C LEU A 696 -6.49 34.34 -22.84
N HIS A 697 -7.42 33.90 -23.67
CA HIS A 697 -7.34 34.22 -25.10
C HIS A 697 -7.64 35.69 -25.36
N LYS A 698 -8.57 36.27 -24.60
CA LYS A 698 -8.88 37.68 -24.77
C LYS A 698 -7.72 38.56 -24.32
N ARG A 699 -6.94 38.12 -23.34
CA ARG A 699 -5.75 38.90 -22.99
C ARG A 699 -4.64 38.69 -24.02
N LEU A 700 -4.42 37.46 -24.47
CA LEU A 700 -3.24 37.18 -25.29
C LEU A 700 -3.40 37.65 -26.73
N GLU A 701 -4.63 37.75 -27.23
CA GLU A 701 -4.81 38.12 -28.63
C GLU A 701 -4.50 39.59 -28.89
N THR A 702 -4.41 40.42 -27.84
CA THR A 702 -4.11 41.83 -28.00
C THR A 702 -2.73 42.22 -27.48
N SER A 703 -1.89 41.26 -27.10
CA SER A 703 -0.64 41.56 -26.43
C SER A 703 0.52 40.87 -27.15
N VAL A 704 1.70 41.48 -27.05
CA VAL A 704 2.91 41.01 -27.73
C VAL A 704 3.78 40.25 -26.75
N LEU A 705 4.26 39.07 -27.16
CA LEU A 705 5.05 38.18 -26.34
C LEU A 705 6.51 38.23 -26.80
N TYR A 706 7.42 37.99 -25.86
CA TYR A 706 8.84 37.95 -26.22
C TYR A 706 9.58 36.99 -25.31
N VAL A 707 10.69 36.47 -25.81
CA VAL A 707 11.56 35.57 -25.08
C VAL A 707 12.70 36.39 -24.49
N SER A 708 12.81 36.41 -23.17
CA SER A 708 13.75 37.28 -22.48
C SER A 708 14.90 36.45 -21.93
N ASP A 709 16.09 36.66 -22.50
CA ASP A 709 17.33 36.14 -21.98
C ASP A 709 18.31 37.31 -21.91
N PRO A 710 19.12 37.41 -20.85
CA PRO A 710 20.01 38.57 -20.70
C PRO A 710 21.03 38.74 -21.83
N HIS A 711 21.48 37.65 -22.43
CA HIS A 711 22.49 37.73 -23.48
C HIS A 711 21.91 37.66 -24.88
N CYS A 712 20.59 37.60 -25.03
CA CYS A 712 19.97 37.63 -26.34
C CYS A 712 19.18 38.92 -26.47
N PRO A 713 19.80 40.02 -26.90
CA PRO A 713 19.13 41.32 -26.86
C PRO A 713 18.32 41.58 -28.11
N PRO A 714 17.34 42.49 -28.04
CA PRO A 714 16.58 42.85 -29.24
C PRO A 714 17.42 43.65 -30.22
N ASP A 715 17.05 43.57 -31.49
CA ASP A 715 17.73 44.30 -32.56
C ASP A 715 17.08 45.66 -32.77
N LEU A 716 17.22 46.50 -31.74
CA LEU A 716 16.61 47.83 -31.74
C LEU A 716 17.68 48.88 -31.51
N ASP A 717 17.67 49.94 -32.32
CA ASP A 717 18.61 51.02 -32.13
C ASP A 717 18.19 51.96 -30.99
N ALA A 718 16.90 52.00 -30.67
CA ALA A 718 16.41 52.84 -29.59
C ALA A 718 15.20 52.18 -28.94
N HIS A 719 14.76 52.75 -27.82
CA HIS A 719 13.64 52.19 -27.07
C HIS A 719 12.31 52.48 -27.77
N ILE A 720 11.56 51.43 -28.05
CA ILE A 720 10.21 51.52 -28.61
C ILE A 720 9.28 50.64 -27.80
N PRO A 721 7.98 50.92 -27.83
CA PRO A 721 7.02 50.01 -27.19
C PRO A 721 6.89 48.68 -27.93
N LEU A 722 6.21 47.74 -27.27
CA LEU A 722 6.12 46.38 -27.81
C LEU A 722 5.18 46.28 -29.01
N TYR A 723 4.31 47.26 -29.23
CA TYR A 723 3.41 47.12 -30.36
C TYR A 723 4.09 47.55 -31.66
N LYS A 724 5.31 48.08 -31.58
CA LYS A 724 6.00 48.54 -32.77
C LYS A 724 7.06 47.55 -33.25
N VAL A 725 7.33 46.50 -32.48
CA VAL A 725 8.44 45.61 -32.86
C VAL A 725 8.00 44.71 -34.01
N PRO A 726 8.92 44.17 -34.80
CA PRO A 726 8.53 43.22 -35.86
C PRO A 726 8.06 41.89 -35.29
N ASN A 727 7.38 41.12 -36.14
CA ASN A 727 7.01 39.73 -35.81
C ASN A 727 8.14 38.81 -36.25
N ASP A 728 9.29 38.99 -35.60
CA ASP A 728 10.53 38.35 -35.99
C ASP A 728 11.42 38.33 -34.77
N GLN A 729 12.55 37.60 -34.89
CA GLN A 729 13.59 37.47 -33.86
C GLN A 729 12.97 36.84 -32.62
N ILE A 730 12.82 37.57 -31.52
CA ILE A 730 12.39 36.97 -30.26
C ILE A 730 10.94 37.28 -29.96
N PHE A 731 10.25 37.99 -30.86
CA PHE A 731 8.90 38.48 -30.59
C PHE A 731 7.85 37.61 -31.27
N ILE A 732 6.75 37.37 -30.57
CA ILE A 732 5.54 36.78 -31.13
C ILE A 732 4.43 37.79 -30.90
N LYS A 733 3.90 38.37 -31.99
CA LYS A 733 3.17 39.63 -31.83
C LYS A 733 1.74 39.42 -31.36
N TYR A 734 0.94 38.63 -32.05
CA TYR A 734 -0.48 38.51 -31.70
C TYR A 734 -0.87 37.05 -31.61
N PRO A 735 -0.57 36.41 -30.48
CA PRO A 735 -0.74 34.96 -30.38
C PRO A 735 -2.21 34.56 -30.28
N MET A 736 -2.54 33.46 -30.94
CA MET A 736 -3.81 32.79 -30.74
C MET A 736 -3.50 31.38 -30.30
N GLY A 737 -3.63 31.12 -29.02
CA GLY A 737 -3.16 29.88 -28.44
C GLY A 737 -2.95 30.06 -26.95
N GLY A 738 -2.56 28.96 -26.32
CA GLY A 738 -2.48 28.93 -24.87
C GLY A 738 -1.06 28.69 -24.39
N ILE A 739 -0.82 29.09 -23.17
CA ILE A 739 0.46 28.88 -22.49
C ILE A 739 0.41 27.53 -21.79
N GLU A 740 1.55 26.84 -21.75
CA GLU A 740 1.67 25.59 -20.99
C GLU A 740 1.37 25.83 -19.53
N GLY A 741 0.55 24.96 -18.94
CA GLY A 741 -0.07 25.27 -17.68
C GLY A 741 -1.21 26.25 -17.91
N TYR A 742 -1.51 27.03 -16.88
CA TYR A 742 -2.33 28.25 -16.90
C TYR A 742 -3.83 28.02 -17.12
N CYS A 743 -4.21 26.90 -17.72
CA CYS A 743 -5.58 26.44 -17.91
C CYS A 743 -5.65 24.94 -17.91
N GLN A 744 -4.79 24.29 -17.12
CA GLN A 744 -4.58 22.84 -17.20
C GLN A 744 -5.84 22.07 -16.85
N LYS A 745 -6.53 22.49 -15.80
CA LYS A 745 -7.73 21.79 -15.38
C LYS A 745 -8.90 22.07 -16.32
N LEU A 746 -8.98 23.30 -16.83
CA LEU A 746 -10.00 23.63 -17.83
C LEU A 746 -9.80 22.82 -19.10
N TRP A 747 -8.55 22.66 -19.54
CA TRP A 747 -8.30 21.90 -20.76
C TRP A 747 -8.52 20.40 -20.55
N THR A 748 -8.23 19.89 -19.35
CA THR A 748 -8.50 18.49 -19.05
C THR A 748 -10.01 18.19 -19.08
N ILE A 749 -10.77 19.02 -18.37
CA ILE A 749 -12.22 18.89 -18.32
C ILE A 749 -12.85 19.11 -19.69
N SER A 750 -12.27 19.98 -20.51
CA SER A 750 -12.78 20.14 -21.87
C SER A 750 -12.37 18.97 -22.77
N THR A 751 -11.29 18.27 -22.42
CA THR A 751 -10.82 17.17 -23.26
C THR A 751 -11.67 15.92 -23.11
N ILE A 752 -12.07 15.59 -21.87
CA ILE A 752 -12.74 14.29 -21.62
C ILE A 752 -14.03 14.04 -22.42
N PRO A 753 -14.90 15.04 -22.69
CA PRO A 753 -16.06 14.79 -23.58
C PRO A 753 -15.75 14.24 -24.97
N TYR A 754 -14.65 14.64 -25.60
CA TYR A 754 -14.37 14.16 -26.95
C TYR A 754 -13.86 12.72 -26.92
N LEU A 755 -13.17 12.34 -25.83
CA LEU A 755 -12.82 10.95 -25.62
C LEU A 755 -14.07 10.10 -25.45
N TYR A 756 -15.05 10.59 -24.69
CA TYR A 756 -16.30 9.83 -24.54
C TYR A 756 -17.12 9.80 -25.82
N LEU A 757 -17.02 10.86 -26.64
CA LEU A 757 -17.71 10.86 -27.93
C LEU A 757 -17.13 9.83 -28.88
N ALA A 758 -15.81 9.73 -28.94
CA ALA A 758 -15.18 8.70 -29.78
C ALA A 758 -15.45 7.31 -29.22
N ALA A 759 -15.56 7.19 -27.89
CA ALA A 759 -15.93 5.92 -27.27
C ALA A 759 -17.34 5.49 -27.68
N TYR A 760 -18.28 6.45 -27.72
CA TYR A 760 -19.65 6.12 -28.11
C TYR A 760 -19.72 5.75 -29.58
N GLU A 761 -18.96 6.45 -30.43
CA GLU A 761 -19.01 6.14 -31.86
C GLU A 761 -18.32 4.82 -32.17
N SER A 762 -17.35 4.40 -31.35
CA SER A 762 -16.71 3.12 -31.58
C SER A 762 -17.28 1.97 -30.75
N GLY A 763 -18.08 2.28 -29.73
CA GLY A 763 -18.68 1.22 -28.92
C GLY A 763 -17.73 0.48 -28.00
N VAL A 764 -16.88 1.21 -27.28
CA VAL A 764 -15.92 0.63 -26.34
C VAL A 764 -16.06 1.34 -25.00
N ARG A 765 -15.20 0.97 -24.06
CA ARG A 765 -15.13 1.66 -22.77
C ARG A 765 -13.74 2.28 -22.61
N ILE A 766 -13.69 3.46 -21.99
CA ILE A 766 -12.49 4.28 -21.94
C ILE A 766 -12.14 4.64 -20.51
N ALA A 767 -10.88 4.42 -20.14
CA ALA A 767 -10.28 5.04 -18.96
C ALA A 767 -9.13 5.92 -19.41
N SER A 768 -8.85 6.98 -18.67
CA SER A 768 -7.82 7.93 -19.07
C SER A 768 -6.92 8.28 -17.90
N LEU A 769 -5.66 8.58 -18.21
CA LEU A 769 -4.68 8.98 -17.21
C LEU A 769 -3.62 9.85 -17.86
N VAL A 770 -3.37 11.02 -17.27
CA VAL A 770 -2.29 11.89 -17.72
C VAL A 770 -1.16 11.80 -16.69
N GLN A 771 0.06 11.65 -17.19
CA GLN A 771 1.24 11.43 -16.37
C GLN A 771 2.43 12.10 -17.02
N GLY A 772 2.98 13.11 -16.36
CA GLY A 772 4.07 13.87 -16.94
C GLY A 772 3.59 14.65 -18.15
N ASP A 773 4.17 14.35 -19.30
CA ASP A 773 3.75 14.90 -20.58
C ASP A 773 2.99 13.89 -21.43
N ASN A 774 2.55 12.79 -20.84
CA ASN A 774 1.95 11.70 -21.59
C ASN A 774 0.48 11.53 -21.24
N GLN A 775 -0.32 11.27 -22.27
CA GLN A 775 -1.72 10.90 -22.15
C GLN A 775 -1.84 9.41 -22.46
N THR A 776 -2.48 8.67 -21.56
CA THR A 776 -2.71 7.25 -21.75
C THR A 776 -4.21 6.99 -21.72
N ILE A 777 -4.69 6.28 -22.73
CA ILE A 777 -6.09 5.91 -22.85
C ILE A 777 -6.17 4.39 -22.88
N ALA A 778 -6.93 3.81 -21.96
CA ALA A 778 -7.16 2.38 -21.88
C ALA A 778 -8.51 2.07 -22.51
N VAL A 779 -8.51 1.25 -23.56
CA VAL A 779 -9.69 0.88 -24.31
C VAL A 779 -10.06 -0.55 -23.92
N THR A 780 -11.32 -0.74 -23.50
CA THR A 780 -11.76 -1.96 -22.86
C THR A 780 -13.00 -2.50 -23.55
N LYS A 781 -13.00 -3.81 -23.82
CA LYS A 781 -14.11 -4.52 -24.45
C LYS A 781 -14.35 -5.83 -23.72
N ARG A 782 -15.61 -6.29 -23.74
CA ARG A 782 -15.96 -7.58 -23.15
C ARG A 782 -15.81 -8.69 -24.19
N VAL A 783 -15.25 -9.82 -23.75
CA VAL A 783 -14.84 -10.91 -24.62
C VAL A 783 -15.28 -12.21 -23.95
N PRO A 784 -15.60 -13.27 -24.70
CA PRO A 784 -15.85 -14.58 -24.05
C PRO A 784 -14.62 -15.10 -23.32
N SER A 785 -14.86 -15.68 -22.15
CA SER A 785 -13.76 -16.13 -21.31
C SER A 785 -13.23 -17.49 -21.74
N THR A 786 -13.96 -18.19 -22.61
CA THR A 786 -13.49 -19.48 -23.09
C THR A 786 -12.46 -19.33 -24.21
N TRP A 787 -12.30 -18.12 -24.73
CA TRP A 787 -11.38 -17.88 -25.83
C TRP A 787 -9.94 -17.99 -25.35
N PRO A 788 -9.00 -18.33 -26.25
CA PRO A 788 -7.58 -18.29 -25.88
C PRO A 788 -7.12 -16.86 -25.66
N TYR A 789 -5.99 -16.73 -24.96
CA TYR A 789 -5.47 -15.44 -24.54
C TYR A 789 -5.12 -14.54 -25.72
N ASN A 790 -4.51 -15.13 -26.75
CA ASN A 790 -4.06 -14.35 -27.90
C ASN A 790 -5.23 -13.81 -28.71
N LEU A 791 -6.33 -14.56 -28.80
CA LEU A 791 -7.50 -14.09 -29.56
C LEU A 791 -8.18 -12.92 -28.85
N LYS A 792 -8.27 -12.98 -27.52
CA LYS A 792 -8.77 -11.87 -26.73
C LYS A 792 -7.91 -10.62 -26.91
N LYS A 793 -6.59 -10.81 -26.90
CA LYS A 793 -5.68 -9.68 -27.02
C LYS A 793 -5.74 -9.06 -28.40
N ARG A 794 -5.90 -9.89 -29.44
CA ARG A 794 -6.00 -9.37 -30.80
C ARG A 794 -7.32 -8.65 -31.04
N GLU A 795 -8.42 -9.12 -30.43
CA GLU A 795 -9.68 -8.38 -30.56
C GLU A 795 -9.60 -7.02 -29.87
N ALA A 796 -8.95 -6.98 -28.69
CA ALA A 796 -8.75 -5.70 -28.01
C ALA A 796 -7.90 -4.75 -28.84
N ALA A 797 -6.87 -5.28 -29.52
CA ALA A 797 -6.04 -4.44 -30.39
C ALA A 797 -6.84 -3.91 -31.58
N ARG A 798 -7.73 -4.74 -32.15
CA ARG A 798 -8.52 -4.31 -33.31
C ARG A 798 -9.49 -3.19 -32.96
N VAL A 799 -10.20 -3.33 -31.83
CA VAL A 799 -11.12 -2.26 -31.45
C VAL A 799 -10.37 -1.03 -30.99
N THR A 800 -9.14 -1.21 -30.48
CA THR A 800 -8.33 -0.07 -30.07
C THR A 800 -7.84 0.74 -31.28
N ARG A 801 -7.45 0.08 -32.37
CA ARG A 801 -7.01 0.85 -33.53
C ARG A 801 -8.19 1.52 -34.23
N ASP A 802 -9.38 0.89 -34.19
CA ASP A 802 -10.58 1.57 -34.68
C ASP A 802 -10.89 2.83 -33.86
N TYR A 803 -10.75 2.72 -32.53
CA TYR A 803 -10.96 3.87 -31.66
C TYR A 803 -9.94 4.97 -31.93
N PHE A 804 -8.70 4.58 -32.27
CA PHE A 804 -7.68 5.56 -32.64
C PHE A 804 -8.08 6.35 -33.87
N VAL A 805 -8.60 5.67 -34.91
CA VAL A 805 -8.98 6.38 -36.14
C VAL A 805 -10.14 7.34 -35.88
N ILE A 806 -11.15 6.89 -35.12
CA ILE A 806 -12.28 7.75 -34.79
C ILE A 806 -11.86 8.94 -33.93
N LEU A 807 -11.01 8.71 -32.94
CA LEU A 807 -10.53 9.79 -32.07
C LEU A 807 -9.69 10.80 -32.82
N ARG A 808 -8.87 10.35 -33.77
CA ARG A 808 -8.06 11.26 -34.56
C ARG A 808 -8.93 12.16 -35.42
N GLN A 809 -9.98 11.59 -36.03
CA GLN A 809 -10.89 12.42 -36.83
C GLN A 809 -11.65 13.42 -35.97
N ARG A 810 -12.12 12.98 -34.79
CA ARG A 810 -12.86 13.88 -33.91
C ARG A 810 -11.99 15.00 -33.35
N LEU A 811 -10.72 14.71 -33.04
CA LEU A 811 -9.84 15.77 -32.57
C LEU A 811 -9.45 16.71 -33.69
N HIS A 812 -9.36 16.23 -34.93
CA HIS A 812 -9.12 17.14 -36.04
C HIS A 812 -10.31 18.03 -36.30
N ASP A 813 -11.52 17.58 -35.94
CA ASP A 813 -12.71 18.42 -36.08
C ASP A 813 -12.65 19.66 -35.19
N ILE A 814 -11.98 19.58 -34.04
CA ILE A 814 -11.83 20.76 -33.19
C ILE A 814 -10.40 21.29 -33.29
N GLY A 815 -9.58 20.63 -34.10
CA GLY A 815 -8.29 21.17 -34.48
C GLY A 815 -7.12 20.89 -33.56
N HIS A 816 -6.80 19.62 -33.29
CA HIS A 816 -5.73 19.34 -32.34
C HIS A 816 -4.66 18.37 -32.81
N HIS A 817 -4.78 17.75 -34.00
CA HIS A 817 -3.69 17.02 -34.65
C HIS A 817 -3.08 15.86 -33.85
N LEU A 818 -3.79 14.74 -33.75
CA LEU A 818 -3.35 13.61 -32.93
C LEU A 818 -2.01 13.01 -33.40
N LYS A 819 -1.65 13.20 -34.69
CA LYS A 819 -0.33 12.84 -35.22
C LYS A 819 0.02 11.36 -35.09
N ALA A 820 -0.53 10.53 -36.00
CA ALA A 820 -0.46 9.07 -35.90
C ALA A 820 0.97 8.53 -35.89
N ASN A 821 1.95 9.30 -36.35
CA ASN A 821 3.34 8.86 -36.25
C ASN A 821 3.82 8.81 -34.80
N GLU A 822 3.45 9.80 -33.99
CA GLU A 822 4.03 9.94 -32.66
C GLU A 822 3.38 9.01 -31.65
N THR A 823 2.21 8.46 -31.97
CA THR A 823 1.41 7.74 -30.98
C THR A 823 1.81 6.26 -30.92
N ILE A 824 1.89 5.72 -29.71
CA ILE A 824 2.14 4.30 -29.49
C ILE A 824 0.82 3.61 -29.16
N VAL A 825 0.50 2.56 -29.92
CA VAL A 825 -0.63 1.69 -29.64
C VAL A 825 -0.08 0.33 -29.23
N SER A 826 -0.45 -0.14 -28.05
CA SER A 826 0.12 -1.36 -27.49
C SER A 826 -0.97 -2.22 -26.88
N SER A 827 -0.72 -3.52 -26.79
CA SER A 827 -1.67 -4.40 -26.11
C SER A 827 -1.21 -4.71 -24.69
N HIS A 828 0.06 -4.46 -24.37
CA HIS A 828 0.59 -4.80 -23.05
C HIS A 828 1.00 -3.63 -22.18
N PHE A 829 1.73 -2.64 -22.69
CA PHE A 829 2.44 -1.72 -21.83
C PHE A 829 1.90 -0.30 -21.92
N PHE A 830 2.08 0.43 -20.82
CA PHE A 830 1.94 1.88 -20.82
C PHE A 830 2.91 2.47 -19.81
N VAL A 831 3.20 3.77 -19.94
CA VAL A 831 4.21 4.45 -19.14
C VAL A 831 3.52 5.27 -18.06
N TYR A 832 3.94 5.07 -16.81
CA TYR A 832 3.40 5.84 -15.71
C TYR A 832 4.46 6.31 -14.71
N SER A 833 4.06 6.71 -13.52
CA SER A 833 5.00 7.27 -12.54
C SER A 833 6.11 6.37 -12.01
N LYS A 834 5.78 5.13 -11.71
CA LYS A 834 6.77 4.25 -11.12
C LYS A 834 7.52 3.44 -12.15
N GLY A 835 7.21 3.65 -13.43
CA GLY A 835 7.95 2.97 -14.47
C GLY A 835 7.04 2.59 -15.61
N ILE A 836 7.36 1.47 -16.25
CA ILE A 836 6.51 0.93 -17.29
C ILE A 836 5.66 -0.20 -16.73
N TYR A 837 4.37 -0.20 -17.08
CA TYR A 837 3.45 -1.26 -16.71
C TYR A 837 3.36 -2.19 -17.92
N TYR A 838 3.70 -3.45 -17.71
CA TYR A 838 3.67 -4.47 -18.75
C TYR A 838 2.88 -5.66 -18.22
N ASP A 839 1.56 -5.65 -18.47
CA ASP A 839 0.63 -6.74 -18.14
C ASP A 839 0.69 -7.13 -16.66
N GLY A 840 0.68 -6.10 -15.81
CA GLY A 840 0.78 -6.33 -14.39
C GLY A 840 2.19 -6.44 -13.86
N LEU A 841 3.20 -6.33 -14.72
CA LEU A 841 4.58 -6.31 -14.31
C LEU A 841 5.07 -4.88 -14.26
N LEU A 842 6.02 -4.60 -13.37
CA LEU A 842 6.62 -3.28 -13.25
C LEU A 842 8.05 -3.34 -13.77
N VAL A 843 8.33 -2.53 -14.78
CA VAL A 843 9.67 -2.34 -15.30
C VAL A 843 10.18 -1.00 -14.76
N SER A 844 11.20 -1.04 -13.92
CA SER A 844 11.63 0.13 -13.17
C SER A 844 13.01 0.58 -13.62
N GLN A 845 13.33 1.82 -13.27
CA GLN A 845 14.64 2.41 -13.56
C GLN A 845 15.48 2.35 -12.30
N SER A 846 16.20 1.24 -12.13
CA SER A 846 16.93 1.00 -10.89
C SER A 846 18.14 1.90 -10.75
N LEU A 847 18.84 2.15 -11.85
CA LEU A 847 20.11 2.88 -11.83
C LEU A 847 19.96 4.38 -11.97
N LYS A 848 18.73 4.90 -11.99
CA LYS A 848 18.55 6.34 -12.17
C LYS A 848 18.93 7.11 -10.91
N SER A 849 18.61 6.55 -9.74
CA SER A 849 18.92 7.25 -8.49
C SER A 849 20.38 7.10 -8.11
N ILE A 850 21.07 6.08 -8.64
CA ILE A 850 22.50 5.90 -8.34
C ILE A 850 23.31 7.02 -8.97
N ALA A 851 22.88 7.52 -10.14
CA ALA A 851 23.56 8.64 -10.78
C ALA A 851 23.43 9.94 -10.00
N ARG A 852 22.50 10.01 -9.05
CA ARG A 852 22.34 11.17 -8.18
C ARG A 852 23.07 11.01 -6.85
N CYS A 853 23.77 9.90 -6.65
CA CYS A 853 24.56 9.69 -5.43
C CYS A 853 25.88 10.44 -5.62
N VAL A 854 25.86 11.74 -5.31
CA VAL A 854 26.90 12.68 -5.71
C VAL A 854 27.29 13.47 -4.47
N PHE A 855 28.59 13.82 -4.36
CA PHE A 855 29.08 14.66 -3.27
C PHE A 855 28.36 16.00 -3.22
N TRP A 856 28.02 16.42 -2.01
CA TRP A 856 27.28 17.63 -1.62
C TRP A 856 25.83 17.59 -2.06
N SER A 857 25.01 18.48 -1.53
CA SER A 857 23.61 18.56 -1.89
C SER A 857 23.26 20.01 -2.14
N GLU A 858 22.06 20.24 -2.68
CA GLU A 858 21.63 21.59 -3.05
C GLU A 858 21.18 22.31 -1.79
N THR A 859 22.15 22.82 -1.03
CA THR A 859 21.92 23.66 0.14
C THR A 859 22.72 24.94 -0.04
N ILE A 860 22.34 25.99 0.68
CA ILE A 860 23.01 27.27 0.50
C ILE A 860 24.38 27.26 1.18
N VAL A 861 24.58 26.34 2.11
CA VAL A 861 25.86 26.12 2.77
C VAL A 861 26.28 24.69 2.48
N ASP A 862 27.58 24.48 2.27
CA ASP A 862 28.12 23.13 2.17
C ASP A 862 28.02 22.46 3.54
N GLU A 863 27.07 21.54 3.69
CA GLU A 863 26.83 20.82 4.93
C GLU A 863 27.10 19.34 4.71
N THR A 864 27.79 18.72 5.67
CA THR A 864 28.15 17.31 5.53
C THR A 864 26.95 16.40 5.79
N ARG A 865 26.11 16.76 6.76
CA ARG A 865 25.05 15.86 7.18
C ARG A 865 23.94 15.76 6.15
N ALA A 866 23.63 16.87 5.48
CA ALA A 866 22.65 16.84 4.40
C ALA A 866 23.14 16.01 3.22
N ALA A 867 24.44 16.07 2.94
CA ALA A 867 25.03 15.26 1.88
C ALA A 867 24.97 13.78 2.21
N CYS A 868 25.29 13.41 3.46
CA CYS A 868 25.25 12.01 3.86
C CYS A 868 23.82 11.47 3.87
N SER A 869 22.86 12.31 4.29
CA SER A 869 21.46 11.93 4.24
C SER A 869 20.98 11.73 2.80
N ASN A 870 21.45 12.57 1.88
CA ASN A 870 21.12 12.42 0.47
C ASN A 870 21.68 11.12 -0.10
N ILE A 871 22.91 10.76 0.31
CA ILE A 871 23.52 9.49 -0.12
C ILE A 871 22.67 8.31 0.33
N ALA A 872 22.25 8.33 1.61
CA ALA A 872 21.43 7.23 2.13
C ALA A 872 20.07 7.15 1.43
N THR A 873 19.46 8.31 1.14
CA THR A 873 18.17 8.34 0.46
C THR A 873 18.26 7.79 -0.96
N THR A 874 19.30 8.17 -1.70
CA THR A 874 19.45 7.67 -3.07
C THR A 874 19.73 6.18 -3.10
N MET A 875 20.54 5.68 -2.16
CA MET A 875 20.80 4.24 -2.14
C MET A 875 19.57 3.44 -1.75
N ALA A 876 18.77 3.94 -0.80
CA ALA A 876 17.53 3.27 -0.43
C ALA A 876 16.53 3.24 -1.59
N LYS A 877 16.41 4.36 -2.31
CA LYS A 877 15.55 4.41 -3.49
C LYS A 877 16.03 3.47 -4.59
N SER A 878 17.36 3.28 -4.69
CA SER A 878 17.89 2.28 -5.60
C SER A 878 17.50 0.87 -5.19
N ILE A 879 17.47 0.60 -3.87
CA ILE A 879 17.08 -0.73 -3.39
C ILE A 879 15.61 -1.01 -3.68
N GLU A 880 14.74 0.01 -3.58
CA GLU A 880 13.32 -0.22 -3.80
C GLU A 880 12.99 -0.58 -5.25
N ARG A 881 13.87 -0.27 -6.20
CA ARG A 881 13.63 -0.56 -7.60
C ARG A 881 14.39 -1.78 -8.11
N GLY A 882 15.05 -2.52 -7.23
CA GLY A 882 15.59 -3.81 -7.60
C GLY A 882 17.09 -3.98 -7.51
N TYR A 883 17.82 -3.02 -6.95
CA TYR A 883 19.25 -3.19 -6.79
C TYR A 883 19.55 -4.05 -5.56
N ASP A 884 20.75 -4.64 -5.54
CA ASP A 884 21.16 -5.51 -4.44
C ASP A 884 21.34 -4.72 -3.15
N ARG A 885 20.90 -5.30 -2.04
CA ARG A 885 20.91 -4.58 -0.76
C ARG A 885 22.30 -4.44 -0.19
N TYR A 886 23.10 -5.51 -0.24
CA TYR A 886 24.39 -5.51 0.43
C TYR A 886 25.40 -4.64 -0.30
N LEU A 887 25.37 -4.66 -1.63
CA LEU A 887 26.24 -3.80 -2.41
C LEU A 887 25.86 -2.33 -2.27
N ALA A 888 24.57 -2.05 -2.12
CA ALA A 888 24.13 -0.68 -1.87
C ALA A 888 24.58 -0.19 -0.52
N TYR A 889 24.55 -1.06 0.50
CA TYR A 889 25.06 -0.69 1.81
C TYR A 889 26.56 -0.42 1.78
N SER A 890 27.31 -1.24 1.05
CA SER A 890 28.75 -1.03 0.92
C SER A 890 29.07 0.26 0.18
N LEU A 891 28.31 0.57 -0.88
CA LEU A 891 28.47 1.83 -1.59
C LEU A 891 28.15 3.02 -0.71
N ASN A 892 27.15 2.87 0.17
CA ASN A 892 26.83 3.91 1.14
C ASN A 892 28.00 4.17 2.08
N VAL A 893 28.64 3.10 2.57
CA VAL A 893 29.78 3.25 3.50
C VAL A 893 30.95 3.94 2.81
N LEU A 894 31.27 3.51 1.58
CA LEU A 894 32.40 4.10 0.85
C LEU A 894 32.15 5.57 0.51
N LYS A 895 30.92 5.90 0.10
CA LYS A 895 30.62 7.27 -0.26
C LYS A 895 30.59 8.19 0.95
N VAL A 896 30.15 7.68 2.11
CA VAL A 896 30.17 8.50 3.33
C VAL A 896 31.61 8.77 3.77
N ILE A 897 32.49 7.77 3.67
CA ILE A 897 33.91 7.97 4.00
C ILE A 897 34.55 9.02 3.09
N GLN A 898 34.28 8.93 1.78
CA GLN A 898 34.84 9.89 0.84
C GLN A 898 34.26 11.29 1.04
N GLN A 899 32.97 11.39 1.40
CA GLN A 899 32.36 12.69 1.65
C GLN A 899 32.94 13.36 2.89
N ILE A 900 33.21 12.59 3.95
CA ILE A 900 33.83 13.15 5.15
C ILE A 900 35.24 13.63 4.85
N LEU A 901 36.01 12.87 4.07
CA LEU A 901 37.36 13.31 3.72
C LEU A 901 37.35 14.55 2.82
N ILE A 902 36.38 14.64 1.90
CA ILE A 902 36.28 15.84 1.06
C ILE A 902 35.87 17.05 1.91
N SER A 903 34.97 16.84 2.86
CA SER A 903 34.49 17.93 3.70
C SER A 903 35.58 18.45 4.62
N LEU A 904 36.49 17.59 5.06
CA LEU A 904 37.59 18.06 5.89
C LEU A 904 38.74 18.62 5.05
N GLY A 905 39.08 17.98 3.93
CA GLY A 905 40.32 18.29 3.27
C GLY A 905 40.27 18.94 1.91
N PHE A 906 39.13 18.93 1.24
CA PHE A 906 38.96 19.54 -0.08
C PHE A 906 37.71 20.41 -0.06
N THR A 907 37.86 21.63 0.44
CA THR A 907 36.70 22.45 0.73
C THR A 907 37.01 23.93 0.53
N ILE A 908 35.94 24.71 0.34
CA ILE A 908 36.03 26.15 0.26
C ILE A 908 35.58 26.82 1.54
N ASN A 909 35.22 26.04 2.56
CA ASN A 909 34.81 26.58 3.85
C ASN A 909 36.04 27.05 4.61
N SER A 910 36.08 28.34 4.95
CA SER A 910 37.23 28.92 5.62
C SER A 910 37.18 28.73 7.13
N THR A 911 36.06 28.29 7.68
CA THR A 911 35.97 28.05 9.12
C THR A 911 36.56 26.71 9.52
N MET A 912 36.93 25.87 8.57
CA MET A 912 37.66 24.65 8.88
C MET A 912 39.05 25.00 9.38
N THR A 913 39.23 24.94 10.70
CA THR A 913 40.50 25.26 11.33
C THR A 913 41.21 23.98 11.71
N ARG A 914 42.51 24.10 12.00
CA ARG A 914 43.37 22.95 12.21
C ARG A 914 43.01 22.14 13.45
N ASP A 915 42.29 22.75 14.40
CA ASP A 915 41.98 22.11 15.67
C ASP A 915 41.06 20.91 15.49
N VAL A 916 40.28 20.87 14.42
CA VAL A 916 39.47 19.71 14.10
C VAL A 916 39.99 18.98 12.88
N VAL A 917 40.67 19.69 11.97
CA VAL A 917 41.11 19.08 10.73
C VAL A 917 42.28 18.14 10.97
N ILE A 918 43.30 18.60 11.69
CA ILE A 918 44.49 17.78 11.91
C ILE A 918 44.22 16.62 12.87
N PRO A 919 43.49 16.77 14.01
CA PRO A 919 43.14 15.56 14.79
C PRO A 919 42.29 14.54 14.05
N LEU A 920 41.36 14.96 13.19
CA LEU A 920 40.59 13.95 12.45
C LEU A 920 41.39 13.33 11.32
N LEU A 921 42.18 14.12 10.59
CA LEU A 921 42.88 13.57 9.44
C LEU A 921 44.05 12.70 9.85
N THR A 922 44.65 12.96 11.01
CA THR A 922 45.74 12.09 11.46
C THR A 922 45.21 10.81 12.11
N ASN A 923 44.02 10.85 12.69
CA ASN A 923 43.46 9.69 13.40
C ASN A 923 42.51 8.95 12.46
N ASN A 924 42.94 7.77 12.00
CA ASN A 924 42.16 7.01 11.04
C ASN A 924 40.94 6.36 11.66
N ASP A 925 41.11 5.78 12.86
CA ASP A 925 40.04 5.04 13.51
C ASP A 925 38.89 5.95 13.89
N LEU A 926 39.19 7.21 14.21
CA LEU A 926 38.15 8.17 14.55
C LEU A 926 37.26 8.46 13.34
N LEU A 927 37.86 8.60 12.15
CA LEU A 927 37.08 8.80 10.93
C LEU A 927 36.24 7.59 10.58
N ILE A 928 36.80 6.38 10.74
CA ILE A 928 36.04 5.18 10.42
C ILE A 928 34.86 5.00 11.38
N ARG A 929 35.07 5.26 12.67
CA ARG A 929 34.00 5.14 13.65
C ARG A 929 32.96 6.25 13.47
N MET A 930 33.36 7.43 13.00
CA MET A 930 32.39 8.47 12.71
C MET A 930 31.57 8.13 11.47
N ALA A 931 32.19 7.45 10.50
CA ALA A 931 31.46 7.09 9.29
C ALA A 931 30.48 5.95 9.55
N LEU A 932 30.83 5.00 10.42
CA LEU A 932 29.99 3.81 10.57
C LEU A 932 28.89 4.03 11.61
N LEU A 933 29.05 4.96 12.53
CA LEU A 933 28.08 5.13 13.60
C LEU A 933 26.78 5.70 13.06
N PRO A 934 25.63 5.16 13.45
CA PRO A 934 24.35 5.68 12.95
C PRO A 934 24.05 7.10 13.42
N ALA A 935 23.36 7.84 12.56
CA ALA A 935 23.11 9.25 12.81
C ALA A 935 22.13 9.58 13.95
N PRO A 936 21.06 8.81 14.24
CA PRO A 936 20.23 9.17 15.42
C PRO A 936 20.93 9.08 16.76
N ILE A 937 22.06 8.37 16.87
CA ILE A 937 22.79 8.32 18.13
C ILE A 937 24.12 9.07 18.04
N GLY A 938 24.31 9.89 17.00
CA GLY A 938 25.43 10.82 16.95
C GLY A 938 26.43 10.62 15.85
N GLY A 939 26.21 9.71 14.92
CA GLY A 939 27.16 9.45 13.85
C GLY A 939 26.84 10.19 12.57
N MET A 940 27.38 9.67 11.47
CA MET A 940 27.16 10.23 10.14
C MET A 940 26.46 9.26 9.20
N ASN A 941 26.21 8.03 9.64
CA ASN A 941 25.60 7.02 8.79
C ASN A 941 24.09 7.15 8.89
N TYR A 942 23.44 7.54 7.79
CA TYR A 942 22.00 7.73 7.75
C TYR A 942 21.26 6.54 7.17
N LEU A 943 21.93 5.44 6.89
CA LEU A 943 21.30 4.23 6.38
C LEU A 943 21.38 3.14 7.45
N ASN A 944 20.23 2.80 8.02
CA ASN A 944 20.12 1.70 8.95
C ASN A 944 19.99 0.39 8.19
N MET A 945 20.34 -0.72 8.85
CA MET A 945 20.30 -2.00 8.16
C MET A 945 18.88 -2.50 7.99
N SER A 946 17.99 -2.19 8.94
CA SER A 946 16.58 -2.55 8.80
C SER A 946 15.92 -1.77 7.67
N ARG A 947 16.47 -0.61 7.31
CA ARG A 947 15.98 0.15 6.17
C ARG A 947 16.30 -0.55 4.86
N LEU A 948 17.25 -1.51 4.86
CA LEU A 948 17.54 -2.28 3.66
C LEU A 948 16.38 -3.20 3.29
N PHE A 949 15.49 -3.50 4.23
CA PHE A 949 14.38 -4.42 3.98
C PHE A 949 13.01 -3.78 4.04
N VAL A 950 12.76 -2.85 4.95
CA VAL A 950 11.44 -2.23 5.09
C VAL A 950 11.59 -0.71 4.99
N ARG A 951 10.53 -0.05 4.53
CA ARG A 951 10.53 1.40 4.45
C ARG A 951 10.39 2.03 5.81
N ASN A 952 9.51 1.50 6.65
CA ASN A 952 9.21 2.06 7.95
C ASN A 952 9.96 1.28 9.02
N ILE A 953 10.94 1.93 9.64
CA ILE A 953 11.48 1.50 10.92
C ILE A 953 10.74 2.32 11.98
N GLY A 954 10.45 1.70 13.12
CA GLY A 954 9.60 2.38 14.07
C GLY A 954 10.33 3.45 14.84
N ASP A 955 11.28 3.05 15.69
CA ASP A 955 12.02 3.98 16.51
C ASP A 955 13.42 4.08 15.95
N PRO A 956 13.87 5.28 15.56
CA PRO A 956 15.25 5.42 15.06
C PRO A 956 16.32 5.09 16.09
N VAL A 957 16.06 5.38 17.36
CA VAL A 957 17.05 5.14 18.41
C VAL A 957 17.23 3.64 18.65
N THR A 958 16.12 2.90 18.72
CA THR A 958 16.19 1.46 18.93
C THR A 958 16.87 0.75 17.77
N SER A 959 16.53 1.16 16.54
CA SER A 959 17.16 0.57 15.35
C SER A 959 18.63 0.92 15.27
N SER A 960 19.00 2.13 15.68
CA SER A 960 20.40 2.53 15.68
C SER A 960 21.21 1.74 16.69
N ILE A 961 20.64 1.49 17.88
CA ILE A 961 21.36 0.72 18.89
C ILE A 961 21.49 -0.75 18.49
N ALA A 962 20.44 -1.30 17.86
CA ALA A 962 20.52 -2.67 17.35
C ALA A 962 21.55 -2.80 16.23
N ASP A 963 21.62 -1.78 15.37
CA ASP A 963 22.63 -1.70 14.33
C ASP A 963 24.04 -1.66 14.91
N LEU A 964 24.22 -0.86 15.97
CA LEU A 964 25.52 -0.76 16.64
C LEU A 964 25.92 -2.08 17.27
N LYS A 965 24.96 -2.79 17.86
CA LYS A 965 25.27 -4.09 18.47
C LYS A 965 25.64 -5.12 17.42
N ARG A 966 25.01 -5.07 16.24
CA ARG A 966 25.42 -5.95 15.15
C ARG A 966 26.82 -5.61 14.65
N MET A 967 27.19 -4.32 14.66
CA MET A 967 28.55 -3.96 14.27
C MET A 967 29.58 -4.40 15.31
N ILE A 968 29.23 -4.32 16.60
CA ILE A 968 30.14 -4.78 17.65
C ILE A 968 30.32 -6.29 17.59
N LEU A 969 29.24 -7.01 17.31
CA LEU A 969 29.29 -8.47 17.27
C LEU A 969 30.14 -8.97 16.11
N ALA A 970 30.20 -8.22 15.02
CA ALA A 970 31.00 -8.59 13.86
C ALA A 970 32.40 -8.01 13.87
N SER A 971 32.83 -7.42 14.99
CA SER A 971 34.12 -6.74 15.23
C SER A 971 34.31 -5.52 14.36
N LEU A 972 33.25 -4.98 13.77
CA LEU A 972 33.36 -3.76 12.97
C LEU A 972 33.60 -2.54 13.86
N MET A 973 33.03 -2.53 15.05
CA MET A 973 33.16 -1.43 15.99
C MET A 973 33.64 -1.97 17.34
N PRO A 974 34.39 -1.19 18.12
CA PRO A 974 34.76 -1.63 19.45
C PRO A 974 33.57 -1.61 20.40
N GLU A 975 33.69 -2.36 21.49
CA GLU A 975 32.62 -2.43 22.47
C GLU A 975 32.45 -1.11 23.21
N GLU A 976 33.56 -0.39 23.46
CA GLU A 976 33.56 0.86 24.23
C GLU A 976 32.71 1.95 23.59
N THR A 977 32.52 1.87 22.26
CA THR A 977 31.65 2.80 21.54
C THR A 977 30.24 2.81 22.11
N LEU A 978 29.73 1.63 22.51
CA LEU A 978 28.42 1.55 23.14
C LEU A 978 28.37 2.37 24.42
N HIS A 979 29.43 2.27 25.23
CA HIS A 979 29.54 3.08 26.44
C HIS A 979 29.60 4.56 26.09
N GLN A 980 30.30 4.88 25.01
CA GLN A 980 30.43 6.28 24.61
C GLN A 980 29.10 6.82 24.10
N VAL A 981 28.22 5.95 23.62
CA VAL A 981 26.88 6.40 23.24
C VAL A 981 26.06 6.68 24.50
N MET A 982 26.20 5.84 25.53
CA MET A 982 25.31 5.95 26.67
C MET A 982 25.75 7.06 27.62
N THR A 983 27.05 7.36 27.68
CA THR A 983 27.57 8.42 28.54
C THR A 983 27.74 9.73 27.79
N GLN A 984 27.01 9.92 26.71
CA GLN A 984 27.16 11.08 25.83
C GLN A 984 26.63 12.34 26.50
N GLN A 985 27.25 13.47 26.19
CA GLN A 985 26.84 14.75 26.76
C GLN A 985 25.49 15.17 26.19
N PRO A 986 24.50 15.46 27.04
CA PRO A 986 23.18 15.86 26.54
C PRO A 986 23.17 17.26 25.96
N GLY A 987 22.33 17.46 24.96
CA GLY A 987 22.16 18.77 24.37
C GLY A 987 21.19 19.63 25.15
N ASP A 988 20.92 20.81 24.61
CA ASP A 988 20.02 21.77 25.23
C ASP A 988 18.85 22.04 24.31
N SER A 989 17.68 21.50 24.66
CA SER A 989 16.47 21.75 23.90
C SER A 989 15.30 21.78 24.86
N SER A 990 14.22 22.42 24.42
CA SER A 990 13.08 22.70 25.28
C SER A 990 11.97 21.68 25.06
N PHE A 991 10.83 21.92 25.72
CA PHE A 991 9.67 21.06 25.53
C PHE A 991 9.08 21.22 24.13
N LEU A 992 9.21 22.42 23.56
CA LEU A 992 8.70 22.66 22.21
C LEU A 992 9.52 21.93 21.16
N ASP A 993 10.84 21.87 21.35
CA ASP A 993 11.69 21.12 20.44
C ASP A 993 11.44 19.63 20.55
N TRP A 994 11.14 19.14 21.76
CA TRP A 994 10.80 17.74 21.95
C TRP A 994 9.46 17.42 21.32
N ALA A 995 8.49 18.32 21.43
CA ALA A 995 7.16 18.07 20.86
C ALA A 995 7.20 18.16 19.33
N SER A 996 8.08 19.00 18.79
CA SER A 996 8.19 19.12 17.34
C SER A 996 8.88 17.89 16.73
N ASP A 997 9.83 17.30 17.45
CA ASP A 997 10.55 16.11 17.00
C ASP A 997 10.49 15.06 18.10
N PRO A 998 9.47 14.20 18.11
CA PRO A 998 9.25 13.32 19.28
C PRO A 998 10.27 12.20 19.43
N TYR A 999 10.90 11.75 18.35
CA TYR A 999 11.85 10.65 18.43
C TYR A 999 13.29 11.12 18.64
N SER A 1000 13.52 12.41 18.87
CA SER A 1000 14.88 12.91 19.03
C SER A 1000 15.47 12.46 20.35
N ALA A 1001 16.80 12.33 20.37
CA ALA A 1001 17.51 11.89 21.55
C ALA A 1001 18.30 13.02 22.21
N ASN A 1002 17.96 14.27 21.90
CA ASN A 1002 18.58 15.48 22.45
C ASN A 1002 20.09 15.52 22.19
N LEU A 1003 20.48 15.36 20.94
CA LEU A 1003 21.89 15.41 20.58
C LEU A 1003 22.37 16.85 20.49
N VAL A 1004 23.67 17.00 20.26
CA VAL A 1004 24.27 18.33 20.14
C VAL A 1004 24.52 18.62 18.66
N CYS A 1005 23.91 19.70 18.15
CA CYS A 1005 24.23 20.31 16.85
C CYS A 1005 24.00 19.36 15.68
N VAL A 1006 22.80 18.80 15.57
CA VAL A 1006 22.49 17.88 14.48
C VAL A 1006 21.47 18.44 13.51
N GLN A 1007 21.06 19.69 13.69
CA GLN A 1007 20.08 20.29 12.80
C GLN A 1007 20.74 20.71 11.49
N SER A 1008 19.92 21.17 10.56
CA SER A 1008 20.40 21.65 9.27
C SER A 1008 20.40 23.18 9.28
N ILE A 1009 21.42 23.78 8.66
CA ILE A 1009 21.54 25.23 8.63
C ILE A 1009 20.41 25.83 7.79
N THR A 1010 20.12 25.21 6.65
CA THR A 1010 19.14 25.74 5.70
C THR A 1010 17.75 25.75 6.28
N ARG A 1011 17.37 24.69 6.99
CA ARG A 1011 16.03 24.60 7.57
C ARG A 1011 15.83 25.66 8.64
N LEU A 1012 16.85 25.87 9.48
CA LEU A 1012 16.77 26.91 10.51
C LEU A 1012 16.70 28.30 9.89
N LEU A 1013 17.51 28.56 8.85
CA LEU A 1013 17.49 29.87 8.22
C LEU A 1013 16.17 30.14 7.52
N LYS A 1014 15.59 29.12 6.86
CA LYS A 1014 14.29 29.29 6.24
C LYS A 1014 13.19 29.54 7.27
N ASN A 1015 13.26 28.85 8.42
CA ASN A 1015 12.26 29.09 9.47
C ASN A 1015 12.36 30.51 10.05
N ILE A 1016 13.58 30.98 10.32
CA ILE A 1016 13.76 32.33 10.85
C ILE A 1016 13.32 33.39 9.84
N THR A 1017 13.71 33.22 8.57
CA THR A 1017 13.33 34.18 7.53
C THR A 1017 11.84 34.21 7.30
N ALA A 1018 11.20 33.04 7.22
CA ALA A 1018 9.76 32.96 6.99
C ALA A 1018 8.99 33.55 8.16
N ARG A 1019 9.44 33.30 9.40
CA ARG A 1019 8.78 33.86 10.57
C ARG A 1019 8.91 35.38 10.60
N PHE A 1020 10.08 35.91 10.24
CA PHE A 1020 10.28 37.36 10.24
C PHE A 1020 9.39 38.05 9.20
N VAL A 1021 9.33 37.50 7.99
CA VAL A 1021 8.51 38.13 6.94
C VAL A 1021 7.02 37.98 7.26
N LEU A 1022 6.60 36.85 7.84
CA LEU A 1022 5.18 36.70 8.13
C LEU A 1022 4.74 37.55 9.33
N ILE A 1023 5.64 37.84 10.27
CA ILE A 1023 5.27 38.80 11.31
C ILE A 1023 5.19 40.20 10.74
N HIS A 1024 6.14 40.60 9.90
CA HIS A 1024 6.10 41.98 9.42
C HIS A 1024 5.24 42.18 8.17
N SER A 1025 4.32 41.29 7.85
CA SER A 1025 3.47 41.49 6.69
C SER A 1025 2.20 42.25 7.06
N PRO A 1026 1.85 43.31 6.33
CA PRO A 1026 0.60 44.03 6.58
C PRO A 1026 -0.62 43.45 5.88
N ASN A 1027 -0.57 42.22 5.40
CA ASN A 1027 -1.66 41.65 4.61
C ASN A 1027 -2.88 41.39 5.48
N PRO A 1028 -4.08 41.77 5.03
CA PRO A 1028 -5.28 41.59 5.88
C PRO A 1028 -5.66 40.13 6.12
N MET A 1029 -5.24 39.21 5.25
CA MET A 1029 -5.54 37.80 5.48
C MET A 1029 -4.77 37.26 6.67
N LEU A 1030 -3.56 37.75 6.89
CA LEU A 1030 -2.75 37.39 8.06
C LEU A 1030 -2.94 38.41 9.17
N LYS A 1031 -4.19 38.58 9.59
CA LYS A 1031 -4.56 39.69 10.47
C LYS A 1031 -4.03 39.50 11.87
N GLY A 1032 -4.20 38.31 12.45
CA GLY A 1032 -3.82 38.12 13.83
C GLY A 1032 -3.11 36.82 14.11
N LEU A 1033 -2.69 36.12 13.06
CA LEU A 1033 -2.02 34.83 13.25
C LEU A 1033 -0.61 35.03 13.78
N PHE A 1034 0.14 35.98 13.22
CA PHE A 1034 1.54 36.14 13.53
C PHE A 1034 1.74 37.40 14.36
N HIS A 1035 2.41 37.24 15.50
CA HIS A 1035 2.68 38.33 16.42
C HIS A 1035 3.98 38.03 17.15
N ASP A 1036 4.47 39.04 17.87
CA ASP A 1036 5.82 38.95 18.45
C ASP A 1036 5.88 37.97 19.62
N ASP A 1037 4.76 37.75 20.32
CA ASP A 1037 4.73 36.82 21.44
C ASP A 1037 4.26 35.43 21.04
N SER A 1038 4.44 35.04 19.78
CA SER A 1038 3.96 33.75 19.32
C SER A 1038 4.80 32.60 19.87
N LYS A 1039 6.12 32.80 19.95
CA LYS A 1039 7.02 31.74 20.43
C LYS A 1039 6.78 31.43 21.89
N GLU A 1040 6.49 32.46 22.70
CA GLU A 1040 6.16 32.24 24.10
C GLU A 1040 4.86 31.45 24.26
N GLU A 1041 3.89 31.72 23.38
CA GLU A 1041 2.64 30.96 23.40
C GLU A 1041 2.86 29.50 23.01
N ASP A 1042 3.71 29.25 22.02
CA ASP A 1042 4.03 27.88 21.62
C ASP A 1042 4.77 27.13 22.73
N GLU A 1043 5.72 27.80 23.39
CA GLU A 1043 6.44 27.19 24.50
C GLU A 1043 5.52 26.89 25.67
N GLY A 1044 4.58 27.79 25.96
CA GLY A 1044 3.62 27.56 27.02
C GLY A 1044 2.68 26.40 26.72
N LEU A 1045 2.22 26.28 25.47
CA LEU A 1045 1.36 25.16 25.10
C LEU A 1045 2.11 23.83 25.17
N ALA A 1046 3.36 23.81 24.71
CA ALA A 1046 4.15 22.58 24.75
C ALA A 1046 4.47 22.17 26.20
N ALA A 1047 4.76 23.15 27.05
CA ALA A 1047 4.99 22.85 28.45
C ALA A 1047 3.72 22.41 29.16
N PHE A 1048 2.57 22.93 28.75
CA PHE A 1048 1.30 22.48 29.32
C PHE A 1048 1.02 21.04 28.92
N LEU A 1049 1.31 20.68 27.67
CA LEU A 1049 1.02 19.32 27.23
C LEU A 1049 2.00 18.30 27.80
N MET A 1050 3.28 18.67 27.95
CA MET A 1050 4.28 17.65 28.25
C MET A 1050 4.73 17.61 29.71
N ASP A 1051 4.67 18.71 30.45
CA ASP A 1051 5.15 18.70 31.83
C ASP A 1051 4.05 18.13 32.73
N ARG A 1052 3.96 16.80 32.71
CA ARG A 1052 2.99 16.04 33.49
C ARG A 1052 3.75 14.93 34.20
N HIS A 1053 3.03 14.11 34.95
CA HIS A 1053 3.69 13.05 35.71
C HIS A 1053 4.05 11.87 34.80
N ILE A 1054 3.46 11.82 33.61
CA ILE A 1054 3.86 10.89 32.56
C ILE A 1054 4.05 11.69 31.29
N ILE A 1055 5.20 11.53 30.63
CA ILE A 1055 5.55 12.32 29.45
C ILE A 1055 5.26 11.50 28.19
N VAL A 1056 4.30 11.98 27.41
CA VAL A 1056 3.90 11.33 26.16
C VAL A 1056 4.19 12.29 25.02
N PRO A 1057 5.29 12.11 24.30
CA PRO A 1057 5.66 13.09 23.26
C PRO A 1057 4.81 13.04 21.99
N ARG A 1058 4.35 11.86 21.58
CA ARG A 1058 3.65 11.74 20.29
C ARG A 1058 2.27 12.37 20.35
N ALA A 1059 1.58 12.23 21.49
CA ALA A 1059 0.27 12.87 21.64
C ALA A 1059 0.38 14.38 21.64
N ALA A 1060 1.40 14.92 22.32
CA ALA A 1060 1.64 16.34 22.30
C ALA A 1060 2.04 16.82 20.91
N HIS A 1061 2.75 15.98 20.16
CA HIS A 1061 3.10 16.30 18.78
C HIS A 1061 1.87 16.44 17.91
N GLU A 1062 0.92 15.51 18.04
CA GLU A 1062 -0.30 15.59 17.23
C GLU A 1062 -1.19 16.77 17.63
N ILE A 1063 -1.35 17.00 18.94
CA ILE A 1063 -2.18 18.11 19.40
C ILE A 1063 -1.55 19.45 19.01
N LEU A 1064 -0.23 19.56 19.10
CA LEU A 1064 0.44 20.80 18.72
C LEU A 1064 0.43 20.98 17.22
N ASP A 1065 0.39 19.88 16.47
CA ASP A 1065 0.27 19.95 15.01
C ASP A 1065 -1.09 20.46 14.58
N HIS A 1066 -2.15 20.03 15.27
CA HIS A 1066 -3.48 20.47 14.86
C HIS A 1066 -3.95 21.76 15.51
N SER A 1067 -3.13 22.40 16.34
CA SER A 1067 -3.53 23.64 16.99
C SER A 1067 -3.15 24.84 16.11
N VAL A 1068 -3.22 26.03 16.70
CA VAL A 1068 -2.88 27.26 15.98
C VAL A 1068 -1.40 27.30 15.66
N THR A 1069 -0.57 26.75 16.56
CA THR A 1069 0.87 26.67 16.35
C THR A 1069 1.22 25.83 15.12
N GLY A 1070 0.55 24.68 14.96
CA GLY A 1070 0.77 23.86 13.80
C GLY A 1070 0.32 24.52 12.50
N ALA A 1071 -0.75 25.32 12.57
CA ALA A 1071 -1.19 26.08 11.42
C ALA A 1071 -0.17 27.15 11.03
N ARG A 1072 0.42 27.82 12.03
CA ARG A 1072 1.47 28.79 11.75
C ARG A 1072 2.71 28.14 11.14
N GLU A 1073 3.09 26.97 11.66
CA GLU A 1073 4.24 26.26 11.08
C GLU A 1073 3.95 25.77 9.68
N SER A 1074 2.71 25.36 9.40
CA SER A 1074 2.35 24.94 8.05
C SER A 1074 2.40 26.10 7.06
N ILE A 1075 1.89 27.26 7.48
CA ILE A 1075 1.89 28.45 6.62
C ILE A 1075 3.32 28.93 6.38
N ALA A 1076 4.18 28.86 7.41
CA ALA A 1076 5.58 29.19 7.22
C ALA A 1076 6.29 28.14 6.37
N GLY A 1077 5.81 26.90 6.41
CA GLY A 1077 6.44 25.84 5.64
C GLY A 1077 6.16 25.93 4.16
N MET A 1078 4.93 26.32 3.78
CA MET A 1078 4.62 26.42 2.37
C MET A 1078 5.30 27.62 1.72
N LEU A 1079 5.68 28.61 2.52
CA LEU A 1079 6.46 29.72 1.99
C LEU A 1079 7.91 29.28 1.80
N ASP A 1080 8.35 29.26 0.55
CA ASP A 1080 9.71 28.85 0.20
C ASP A 1080 10.55 30.11 0.03
N THR A 1081 11.56 30.25 0.89
CA THR A 1081 12.35 31.48 0.89
C THR A 1081 13.30 31.53 -0.30
N THR A 1082 13.95 30.40 -0.62
CA THR A 1082 15.07 30.27 -1.55
C THR A 1082 16.21 31.21 -1.17
N LYS A 1083 17.12 31.48 -2.11
CA LYS A 1083 18.23 32.36 -1.79
C LYS A 1083 17.80 33.83 -1.74
N GLY A 1084 16.81 34.20 -2.56
CA GLY A 1084 16.46 35.60 -2.71
C GLY A 1084 15.87 36.25 -1.48
N LEU A 1085 14.96 35.54 -0.80
CA LEU A 1085 14.37 36.09 0.42
C LEU A 1085 15.38 36.11 1.56
N ILE A 1086 16.32 35.16 1.54
CA ILE A 1086 17.40 35.16 2.53
C ILE A 1086 18.29 36.38 2.35
N ARG A 1087 18.64 36.70 1.09
CA ARG A 1087 19.41 37.92 0.81
C ARG A 1087 18.62 39.17 1.18
N ALA A 1088 17.32 39.19 0.89
CA ALA A 1088 16.50 40.35 1.21
C ALA A 1088 16.39 40.57 2.72
N SER A 1089 16.21 39.49 3.48
CA SER A 1089 16.12 39.63 4.94
C SER A 1089 17.48 39.93 5.55
N MET A 1090 18.57 39.51 4.89
CA MET A 1090 19.90 39.86 5.37
C MET A 1090 20.19 41.34 5.14
N ARG A 1091 19.78 41.88 3.99
CA ARG A 1091 19.97 43.31 3.73
C ARG A 1091 19.05 44.15 4.61
N LYS A 1092 17.82 43.71 4.86
CA LYS A 1092 16.92 44.45 5.73
C LYS A 1092 17.25 44.29 7.21
N GLY A 1093 18.14 43.36 7.57
CA GLY A 1093 18.50 43.17 8.96
C GLY A 1093 17.63 42.18 9.71
N GLY A 1094 16.90 41.31 9.00
CA GLY A 1094 16.13 40.29 9.69
C GLY A 1094 16.99 39.26 10.38
N LEU A 1095 18.16 38.98 9.82
CA LEU A 1095 19.13 38.08 10.42
C LEU A 1095 20.20 38.91 11.13
N THR A 1096 20.31 38.75 12.44
CA THR A 1096 21.35 39.45 13.18
C THR A 1096 22.70 38.79 12.94
N SER A 1097 23.75 39.48 13.40
CA SER A 1097 25.12 39.00 13.14
C SER A 1097 25.44 37.75 13.95
N ARG A 1098 24.79 37.59 15.11
CA ARG A 1098 25.04 36.42 15.95
C ARG A 1098 24.56 35.14 15.29
N VAL A 1099 23.40 35.19 14.61
CA VAL A 1099 22.90 34.03 13.88
C VAL A 1099 23.80 33.71 12.70
N ILE A 1100 24.34 34.74 12.05
CA ILE A 1100 25.24 34.54 10.91
C ILE A 1100 26.55 33.89 11.37
N THR A 1101 27.12 34.35 12.49
CA THR A 1101 28.34 33.73 12.97
C THR A 1101 28.09 32.34 13.54
N ARG A 1102 26.89 32.09 14.06
CA ARG A 1102 26.54 30.75 14.54
C ARG A 1102 26.41 29.77 13.39
N LEU A 1103 25.75 30.19 12.31
CA LEU A 1103 25.48 29.26 11.22
C LEU A 1103 26.64 29.19 10.25
N SER A 1104 27.60 30.11 10.35
CA SER A 1104 28.79 30.00 9.51
C SER A 1104 29.76 28.95 10.03
N ASN A 1105 29.68 28.63 11.33
CA ASN A 1105 30.58 27.68 11.96
C ASN A 1105 29.92 26.36 12.33
N TYR A 1106 28.72 26.07 11.81
CA TYR A 1106 27.93 24.95 12.31
C TYR A 1106 28.54 23.60 11.93
N ASP A 1107 29.09 23.50 10.71
CA ASP A 1107 29.68 22.25 10.25
C ASP A 1107 30.92 21.90 11.07
N TYR A 1108 31.72 22.92 11.39
CA TYR A 1108 32.87 22.77 12.28
C TYR A 1108 32.45 22.31 13.67
N GLU A 1109 31.36 22.88 14.20
CA GLU A 1109 30.91 22.52 15.54
C GLU A 1109 30.36 21.10 15.59
N GLN A 1110 29.71 20.64 14.51
CA GLN A 1110 29.18 19.29 14.56
C GLN A 1110 30.28 18.24 14.37
N PHE A 1111 31.35 18.60 13.63
CA PHE A 1111 32.55 17.76 13.65
C PHE A 1111 33.20 17.71 15.03
N ARG A 1112 33.25 18.85 15.75
CA ARG A 1112 33.78 18.83 17.10
C ARG A 1112 32.93 17.99 18.04
N ALA A 1113 31.60 18.06 17.90
CA ALA A 1113 30.71 17.28 18.76
C ALA A 1113 30.90 15.79 18.53
N GLY A 1114 31.05 15.37 17.26
CA GLY A 1114 31.35 13.98 16.98
C GLY A 1114 32.70 13.53 17.52
N MET A 1115 33.70 14.41 17.42
CA MET A 1115 35.03 14.08 17.92
C MET A 1115 35.05 13.95 19.44
N VAL A 1116 34.31 14.81 20.14
CA VAL A 1116 34.19 14.70 21.59
C VAL A 1116 33.42 13.43 21.98
N LEU A 1117 32.39 13.08 21.20
CA LEU A 1117 31.61 11.88 21.48
C LEU A 1117 32.44 10.62 21.35
N LEU A 1118 33.26 10.51 20.31
CA LEU A 1118 33.99 9.28 20.09
C LEU A 1118 35.34 9.21 20.79
N THR A 1119 35.59 10.09 21.76
CA THR A 1119 36.87 10.12 22.48
C THR A 1119 36.67 9.94 23.98
N GLY A 1120 35.44 10.11 24.47
CA GLY A 1120 35.19 10.13 25.90
C GLY A 1120 35.42 8.79 26.56
N ARG A 1121 35.79 8.84 27.84
CA ARG A 1121 36.32 7.69 28.56
C ARG A 1121 35.43 7.19 29.69
N LYS A 1122 34.24 7.74 29.86
CA LYS A 1122 33.36 7.29 30.93
C LYS A 1122 32.77 5.92 30.59
N ARG A 1123 32.67 5.07 31.60
CA ARG A 1123 32.16 3.72 31.45
C ARG A 1123 31.25 3.39 32.63
N ASN A 1124 30.25 2.55 32.38
CA ASN A 1124 29.35 2.11 33.43
C ASN A 1124 29.14 0.60 33.29
N VAL A 1125 29.09 -0.10 34.41
CA VAL A 1125 29.02 -1.56 34.39
C VAL A 1125 27.61 -2.04 34.07
N LEU A 1126 26.62 -1.15 34.19
CA LEU A 1126 25.26 -1.51 33.81
C LEU A 1126 25.13 -1.67 32.31
N ILE A 1127 25.92 -0.91 31.54
CA ILE A 1127 25.87 -1.01 30.09
C ILE A 1127 26.51 -2.32 29.67
N ASP A 1128 25.83 -3.05 28.80
CA ASP A 1128 26.35 -4.32 28.33
C ASP A 1128 25.77 -4.62 26.96
N LYS A 1129 26.59 -5.25 26.12
CA LYS A 1129 26.05 -5.89 24.93
C LYS A 1129 25.30 -7.16 25.34
N GLU A 1130 24.61 -7.74 24.37
CA GLU A 1130 23.66 -8.84 24.54
C GLU A 1130 22.54 -8.51 25.53
N SER A 1131 22.21 -7.22 25.66
CA SER A 1131 21.00 -6.77 26.33
C SER A 1131 20.07 -6.19 25.29
N CYS A 1132 18.82 -5.97 25.68
CA CYS A 1132 17.79 -5.59 24.73
C CYS A 1132 17.99 -4.16 24.23
N SER A 1133 17.73 -3.95 22.94
CA SER A 1133 17.89 -2.63 22.35
C SER A 1133 16.79 -1.68 22.82
N VAL A 1134 15.61 -2.22 23.12
CA VAL A 1134 14.51 -1.40 23.62
C VAL A 1134 14.84 -0.84 24.99
N GLN A 1135 15.40 -1.67 25.86
CA GLN A 1135 15.76 -1.21 27.20
C GLN A 1135 16.92 -0.23 27.17
N LEU A 1136 17.86 -0.44 26.25
CA LEU A 1136 18.95 0.52 26.07
C LEU A 1136 18.44 1.84 25.53
N ALA A 1137 17.43 1.80 24.66
CA ALA A 1137 16.81 3.03 24.16
C ALA A 1137 16.08 3.77 25.27
N ARG A 1138 15.40 3.04 26.18
CA ARG A 1138 14.78 3.67 27.33
C ARG A 1138 15.81 4.32 28.25
N ALA A 1139 16.92 3.63 28.49
CA ALA A 1139 17.98 4.19 29.35
C ALA A 1139 18.62 5.42 28.71
N LEU A 1140 18.83 5.38 27.39
CA LEU A 1140 19.40 6.53 26.68
C LEU A 1140 18.47 7.73 26.71
N ARG A 1141 17.17 7.51 26.47
CA ARG A 1141 16.22 8.62 26.47
C ARG A 1141 16.04 9.18 27.88
N SER A 1142 16.17 8.32 28.89
CA SER A 1142 16.11 8.82 30.26
C SER A 1142 17.34 9.63 30.63
N HIS A 1143 18.52 9.23 30.11
CA HIS A 1143 19.74 9.94 30.48
C HIS A 1143 19.84 11.29 29.75
N MET A 1144 19.48 11.32 28.46
CA MET A 1144 19.73 12.54 27.68
C MET A 1144 18.66 13.59 27.90
N TRP A 1145 17.44 13.18 28.26
CA TRP A 1145 16.37 14.13 28.55
C TRP A 1145 16.20 14.37 30.06
N ALA A 1146 17.28 14.26 30.83
CA ALA A 1146 17.17 14.20 32.28
C ALA A 1146 16.83 15.55 32.88
N ARG A 1147 17.16 16.64 32.20
CA ARG A 1147 16.93 17.97 32.76
C ARG A 1147 15.43 18.31 32.73
N LEU A 1148 14.76 17.99 31.63
CA LEU A 1148 13.33 18.27 31.54
C LEU A 1148 12.50 17.22 32.26
N ALA A 1149 12.86 15.94 32.09
CA ALA A 1149 12.01 14.86 32.59
C ALA A 1149 12.09 14.73 34.10
N ARG A 1150 13.29 14.89 34.67
CA ARG A 1150 13.57 14.77 36.10
C ARG A 1150 13.14 13.43 36.67
N GLY A 1151 13.40 12.36 35.93
CA GLY A 1151 13.13 11.01 36.39
C GLY A 1151 11.75 10.49 36.08
N ARG A 1152 10.86 11.31 35.52
CA ARG A 1152 9.52 10.85 35.20
C ARG A 1152 9.55 9.95 33.96
N PRO A 1153 8.62 9.00 33.87
CA PRO A 1153 8.63 8.06 32.74
C PRO A 1153 8.29 8.72 31.41
N ILE A 1154 8.89 8.20 30.35
CA ILE A 1154 8.64 8.62 28.98
C ILE A 1154 7.98 7.44 28.26
N TYR A 1155 6.84 7.69 27.63
CA TYR A 1155 5.97 6.62 27.18
C TYR A 1155 5.64 6.74 25.71
N GLY A 1156 5.67 5.60 25.02
CA GLY A 1156 5.06 5.46 23.71
C GLY A 1156 5.96 5.62 22.51
N LEU A 1157 7.28 5.66 22.67
CA LEU A 1157 8.16 5.93 21.54
C LEU A 1157 8.83 4.69 20.97
N GLU A 1158 9.14 3.70 21.79
CA GLU A 1158 10.02 2.61 21.42
C GLU A 1158 9.24 1.37 21.00
N VAL A 1159 9.69 0.73 19.92
CA VAL A 1159 9.13 -0.50 19.37
C VAL A 1159 10.29 -1.44 19.08
N PRO A 1160 10.07 -2.75 18.93
CA PRO A 1160 11.19 -3.65 18.61
C PRO A 1160 11.79 -3.38 17.23
N ASP A 1161 13.09 -3.64 17.11
CA ASP A 1161 13.76 -3.57 15.82
C ASP A 1161 13.35 -4.75 14.97
N VAL A 1162 13.28 -4.54 13.66
CA VAL A 1162 12.77 -5.56 12.74
C VAL A 1162 13.73 -6.74 12.64
N LEU A 1163 15.02 -6.48 12.44
CA LEU A 1163 15.97 -7.55 12.20
C LEU A 1163 16.32 -8.30 13.48
N GLU A 1164 16.22 -7.64 14.63
CA GLU A 1164 16.52 -8.31 15.89
C GLU A 1164 15.47 -9.34 16.26
N SER A 1165 14.20 -9.01 16.05
CA SER A 1165 13.12 -9.78 16.61
C SER A 1165 12.68 -10.95 15.75
N MET A 1166 13.25 -11.13 14.57
CA MET A 1166 12.75 -12.13 13.62
C MET A 1166 13.88 -13.02 13.12
N ARG A 1167 13.62 -14.32 13.05
CA ARG A 1167 14.52 -15.27 12.41
C ARG A 1167 13.77 -16.11 11.40
N GLY A 1168 14.39 -16.33 10.25
CA GLY A 1168 13.73 -17.02 9.16
C GLY A 1168 14.32 -18.39 8.91
N HIS A 1169 13.51 -19.25 8.32
CA HIS A 1169 13.96 -20.59 7.96
C HIS A 1169 13.22 -21.03 6.70
N LEU A 1170 13.95 -21.65 5.78
CA LEU A 1170 13.38 -22.16 4.53
C LEU A 1170 13.21 -23.66 4.62
N ILE A 1171 12.02 -24.14 4.27
CA ILE A 1171 11.62 -25.52 4.46
C ILE A 1171 11.14 -26.07 3.11
N ARG A 1172 11.64 -27.25 2.77
CA ARG A 1172 11.16 -28.08 1.67
C ARG A 1172 10.04 -28.98 2.21
N ARG A 1173 9.72 -30.06 1.48
CA ARG A 1173 8.58 -30.87 1.91
C ARG A 1173 8.91 -31.68 3.15
N HIS A 1174 9.85 -32.62 3.07
CA HIS A 1174 10.10 -33.50 4.20
C HIS A 1174 11.16 -32.98 5.15
N GLU A 1175 11.61 -31.75 4.96
CA GLU A 1175 12.51 -31.08 5.90
C GLU A 1175 11.71 -30.57 7.10
N THR A 1176 12.37 -30.52 8.26
CA THR A 1176 11.77 -30.01 9.49
C THR A 1176 12.43 -28.70 9.90
N CYS A 1177 11.62 -27.78 10.42
CA CYS A 1177 12.13 -26.50 10.88
C CYS A 1177 12.80 -26.66 12.25
N VAL A 1178 14.04 -26.15 12.36
CA VAL A 1178 14.79 -26.33 13.59
C VAL A 1178 14.29 -25.39 14.69
N ILE A 1179 13.78 -24.21 14.30
CA ILE A 1179 13.27 -23.26 15.28
C ILE A 1179 11.97 -23.81 15.90
N CYS A 1180 11.14 -24.46 15.07
CA CYS A 1180 9.95 -25.12 15.59
C CYS A 1180 10.30 -26.30 16.48
N GLU A 1181 11.42 -26.97 16.20
CA GLU A 1181 11.87 -28.06 17.06
C GLU A 1181 12.36 -27.54 18.40
N CYS A 1182 12.98 -26.35 18.41
CA CYS A 1182 13.46 -25.77 19.67
C CYS A 1182 12.33 -25.28 20.57
N GLY A 1183 11.11 -25.14 20.06
CA GLY A 1183 9.96 -24.82 20.90
C GLY A 1183 9.27 -23.51 20.59
N SER A 1184 9.69 -22.79 19.56
CA SER A 1184 9.03 -21.54 19.18
C SER A 1184 7.84 -21.85 18.29
N VAL A 1185 6.68 -21.29 18.64
CA VAL A 1185 5.44 -21.54 17.91
C VAL A 1185 4.84 -20.25 17.36
N ASN A 1186 5.57 -19.15 17.42
CA ASN A 1186 5.08 -17.85 16.99
C ASN A 1186 5.76 -17.49 15.68
N TYR A 1187 5.06 -17.66 14.56
CA TYR A 1187 5.68 -17.44 13.25
C TYR A 1187 4.63 -17.12 12.21
N GLY A 1188 5.10 -16.52 11.12
CA GLY A 1188 4.30 -16.29 9.93
C GLY A 1188 4.74 -17.22 8.82
N TRP A 1189 3.83 -17.54 7.92
CA TRP A 1189 4.01 -18.63 6.97
C TRP A 1189 3.88 -18.13 5.54
N PHE A 1190 4.85 -18.48 4.69
CA PHE A 1190 4.88 -18.05 3.29
C PHE A 1190 5.08 -19.26 2.40
N PHE A 1191 4.43 -19.26 1.24
CA PHE A 1191 4.48 -20.38 0.30
C PHE A 1191 4.70 -19.87 -1.11
N VAL A 1192 5.61 -20.52 -1.85
CA VAL A 1192 5.84 -20.24 -3.27
C VAL A 1192 5.75 -21.55 -4.02
N PRO A 1193 4.85 -21.66 -5.02
CA PRO A 1193 4.74 -22.90 -5.79
C PRO A 1193 5.88 -23.05 -6.79
N SER A 1194 6.05 -24.27 -7.28
CA SER A 1194 7.13 -24.56 -8.22
C SER A 1194 6.71 -24.31 -9.65
N GLY A 1195 7.71 -24.14 -10.51
CA GLY A 1195 7.51 -24.07 -11.95
C GLY A 1195 6.76 -22.86 -12.44
N CYS A 1196 6.93 -21.71 -11.80
CA CYS A 1196 6.29 -20.47 -12.21
C CYS A 1196 7.35 -19.50 -12.72
N GLN A 1197 7.10 -18.93 -13.90
CA GLN A 1197 8.07 -18.08 -14.58
C GLN A 1197 7.97 -16.66 -14.04
N LEU A 1198 9.08 -16.18 -13.47
CA LEU A 1198 9.09 -14.84 -12.89
C LEU A 1198 9.17 -13.75 -13.96
N ASP A 1199 9.92 -14.00 -15.03
CA ASP A 1199 10.05 -12.99 -16.08
C ASP A 1199 8.80 -12.92 -16.96
N ASP A 1200 8.23 -14.07 -17.31
CA ASP A 1200 7.10 -14.09 -18.23
C ASP A 1200 5.82 -13.64 -17.54
N ILE A 1201 4.78 -13.47 -18.35
CA ILE A 1201 3.47 -13.05 -17.86
C ILE A 1201 2.66 -14.26 -17.42
N PRO A 1231 -16.76 18.27 5.96
CA PRO A 1231 -16.64 19.38 6.90
C PRO A 1231 -15.45 20.27 6.59
N SER A 1232 -15.31 21.37 7.33
CA SER A 1232 -14.18 22.26 7.12
C SER A 1232 -12.91 21.66 7.71
N ARG A 1233 -11.77 22.22 7.30
CA ARG A 1233 -10.48 21.74 7.80
C ARG A 1233 -10.30 22.08 9.27
N SER A 1234 -10.75 23.27 9.68
CA SER A 1234 -10.60 23.70 11.07
C SER A 1234 -11.46 22.86 12.00
N LEU A 1235 -12.66 22.48 11.55
CA LEU A 1235 -13.53 21.64 12.36
C LEU A 1235 -12.95 20.24 12.55
N ARG A 1236 -12.37 19.67 11.48
CA ARG A 1236 -11.71 18.39 11.60
C ARG A 1236 -10.48 18.46 12.50
N SER A 1237 -9.76 19.59 12.45
CA SER A 1237 -8.65 19.80 13.37
C SER A 1237 -9.11 19.88 14.82
N ALA A 1238 -10.25 20.54 15.07
CA ALA A 1238 -10.78 20.63 16.43
C ALA A 1238 -11.22 19.28 16.96
N VAL A 1239 -11.88 18.48 16.11
CA VAL A 1239 -12.25 17.12 16.49
C VAL A 1239 -11.02 16.27 16.78
N ARG A 1240 -9.96 16.44 15.98
CA ARG A 1240 -8.73 15.68 16.21
C ARG A 1240 -8.06 16.07 17.53
N ILE A 1241 -8.03 17.38 17.85
CA ILE A 1241 -7.49 17.84 19.12
C ILE A 1241 -8.25 17.23 20.29
N ALA A 1242 -9.59 17.25 20.21
CA ALA A 1242 -10.41 16.72 21.29
C ALA A 1242 -10.23 15.21 21.46
N THR A 1243 -10.17 14.44 20.36
CA THR A 1243 -10.09 13.00 20.51
C THR A 1243 -8.69 12.57 20.97
N VAL A 1244 -7.63 13.25 20.51
CA VAL A 1244 -6.29 12.89 20.97
C VAL A 1244 -6.09 13.27 22.43
N TYR A 1245 -6.62 14.43 22.86
CA TYR A 1245 -6.50 14.84 24.25
C TYR A 1245 -7.28 13.89 25.16
N SER A 1246 -8.50 13.51 24.76
CA SER A 1246 -9.32 12.64 25.60
C SER A 1246 -8.78 11.22 25.63
N TRP A 1247 -8.17 10.75 24.53
CA TRP A 1247 -7.63 9.41 24.54
C TRP A 1247 -6.31 9.34 25.32
N ALA A 1248 -5.50 10.40 25.25
CA ALA A 1248 -4.17 10.34 25.84
C ALA A 1248 -4.20 10.69 27.32
N TYR A 1249 -4.87 11.78 27.70
CA TYR A 1249 -4.77 12.29 29.07
C TYR A 1249 -5.96 11.93 29.93
N GLY A 1250 -6.79 10.98 29.51
CA GLY A 1250 -7.86 10.50 30.36
C GLY A 1250 -9.19 11.15 30.04
N ASP A 1251 -10.25 10.53 30.54
CA ASP A 1251 -11.63 10.94 30.25
C ASP A 1251 -12.31 11.32 31.56
N ASP A 1252 -12.40 12.61 31.82
CA ASP A 1252 -13.14 13.13 32.96
C ASP A 1252 -13.57 14.56 32.61
N ASP A 1253 -14.37 15.15 33.50
CA ASP A 1253 -15.00 16.43 33.20
C ASP A 1253 -13.99 17.56 33.10
N SER A 1254 -12.95 17.53 33.92
CA SER A 1254 -11.88 18.51 33.79
C SER A 1254 -11.06 18.28 32.52
N SER A 1255 -10.87 17.02 32.14
CA SER A 1255 -10.15 16.70 30.91
C SER A 1255 -10.91 17.18 29.68
N TRP A 1256 -12.23 16.97 29.65
CA TRP A 1256 -13.04 17.53 28.57
C TRP A 1256 -13.12 19.05 28.64
N ASN A 1257 -13.00 19.64 29.83
CA ASN A 1257 -12.92 21.10 29.90
C ASN A 1257 -11.66 21.64 29.23
N GLU A 1258 -10.51 21.02 29.51
CA GLU A 1258 -9.26 21.43 28.87
C GLU A 1258 -9.28 21.13 27.37
N ALA A 1259 -9.84 19.98 26.99
CA ALA A 1259 -9.92 19.61 25.57
C ALA A 1259 -10.84 20.56 24.81
N TRP A 1260 -11.94 20.99 25.45
CA TRP A 1260 -12.83 21.96 24.83
C TRP A 1260 -12.16 23.32 24.70
N LEU A 1261 -11.38 23.73 25.70
CA LEU A 1261 -10.68 25.01 25.62
C LEU A 1261 -9.61 24.99 24.53
N LEU A 1262 -8.96 23.85 24.31
CA LEU A 1262 -8.02 23.77 23.20
C LEU A 1262 -8.73 23.71 21.85
N ALA A 1263 -9.83 22.95 21.76
CA ALA A 1263 -10.47 22.75 20.47
C ALA A 1263 -11.35 23.93 20.06
N ARG A 1264 -11.65 24.83 21.01
CA ARG A 1264 -12.50 25.98 20.70
C ARG A 1264 -11.76 27.01 19.86
N GLN A 1265 -10.43 26.96 19.85
CA GLN A 1265 -9.66 27.93 19.07
C GLN A 1265 -9.71 27.61 17.58
N ARG A 1266 -10.07 26.38 17.22
CA ARG A 1266 -10.18 26.04 15.80
C ARG A 1266 -11.61 26.21 15.30
N ALA A 1267 -12.61 25.96 16.14
CA ALA A 1267 -14.00 25.99 15.69
C ALA A 1267 -14.89 26.48 16.81
N ASN A 1268 -16.05 27.01 16.43
CA ASN A 1268 -17.03 27.53 17.37
C ASN A 1268 -18.03 26.43 17.70
N VAL A 1269 -17.71 25.61 18.70
CA VAL A 1269 -18.59 24.54 19.16
C VAL A 1269 -18.74 24.65 20.66
N SER A 1270 -19.84 24.11 21.17
CA SER A 1270 -20.02 23.97 22.60
C SER A 1270 -19.44 22.65 23.09
N LEU A 1271 -19.42 22.49 24.41
CA LEU A 1271 -18.84 21.28 24.99
C LEU A 1271 -19.72 20.06 24.68
N GLU A 1272 -21.03 20.24 24.66
CA GLU A 1272 -21.94 19.14 24.36
C GLU A 1272 -21.82 18.70 22.91
N GLU A 1273 -21.76 19.67 21.98
CA GLU A 1273 -21.59 19.36 20.57
C GLU A 1273 -20.26 18.68 20.30
N LEU A 1274 -19.21 19.15 20.97
CA LEU A 1274 -17.89 18.53 20.84
C LEU A 1274 -17.88 17.11 21.40
N ARG A 1275 -18.61 16.89 22.51
CA ARG A 1275 -18.65 15.55 23.10
C ARG A 1275 -19.44 14.59 22.21
N VAL A 1276 -20.48 15.08 21.54
CA VAL A 1276 -21.24 14.25 20.62
C VAL A 1276 -20.42 13.93 19.37
N ILE A 1277 -19.75 14.94 18.80
CA ILE A 1277 -19.18 14.78 17.46
C ILE A 1277 -17.89 13.94 17.51
N THR A 1278 -17.23 13.87 18.65
CA THR A 1278 -15.97 13.14 18.71
C THR A 1278 -16.21 11.64 18.91
N PRO A 1279 -15.38 10.80 18.28
CA PRO A 1279 -15.46 9.36 18.57
C PRO A 1279 -14.96 9.04 19.96
N ILE A 1280 -15.40 7.90 20.47
CA ILE A 1280 -15.03 7.41 21.79
C ILE A 1280 -14.36 6.04 21.63
N SER A 1281 -13.22 5.88 22.29
CA SER A 1281 -12.46 4.63 22.21
C SER A 1281 -13.16 3.49 22.95
N SER A 1294 -5.71 -9.46 8.07
CA SER A 1294 -6.14 -10.51 7.15
C SER A 1294 -5.38 -10.42 5.83
N THR A 1295 -4.06 -10.53 5.92
CA THR A 1295 -3.08 -10.41 4.83
C THR A 1295 -3.28 -9.05 4.15
N GLN A 1296 -3.42 -8.99 2.82
CA GLN A 1296 -3.65 -7.76 2.05
C GLN A 1296 -2.55 -6.72 2.28
N VAL A 1297 -1.30 -7.16 2.21
CA VAL A 1297 -0.17 -6.25 2.31
C VAL A 1297 -0.01 -5.49 1.00
N LYS A 1298 0.44 -4.23 1.09
CA LYS A 1298 0.64 -3.39 -0.08
C LYS A 1298 2.08 -3.50 -0.53
N TYR A 1299 2.32 -4.32 -1.57
CA TYR A 1299 3.65 -4.51 -2.12
C TYR A 1299 3.85 -3.87 -3.47
N SER A 1300 2.81 -3.22 -4.02
CA SER A 1300 2.86 -2.73 -5.39
C SER A 1300 3.76 -1.51 -5.50
N GLY A 1301 4.32 -1.31 -6.69
CA GLY A 1301 5.21 -0.20 -6.94
C GLY A 1301 6.66 -0.46 -6.60
N THR A 1302 7.01 -1.68 -6.22
CA THR A 1302 8.38 -2.04 -5.89
C THR A 1302 8.79 -3.25 -6.71
N SER A 1303 10.02 -3.71 -6.51
CA SER A 1303 10.47 -4.94 -7.12
C SER A 1303 9.85 -6.18 -6.48
N LEU A 1304 9.28 -6.03 -5.28
CA LEU A 1304 8.69 -7.13 -4.52
C LEU A 1304 7.55 -7.82 -5.27
N VAL A 1305 6.94 -7.13 -6.24
CA VAL A 1305 5.87 -7.68 -7.07
C VAL A 1305 6.31 -8.93 -7.80
N ARG A 1306 7.59 -9.01 -8.21
CA ARG A 1306 8.06 -10.07 -9.10
C ARG A 1306 7.88 -11.47 -8.52
N VAL A 1307 7.93 -11.59 -7.19
CA VAL A 1307 7.64 -12.85 -6.54
C VAL A 1307 6.26 -12.84 -5.89
N ALA A 1308 5.75 -11.66 -5.52
CA ALA A 1308 4.60 -11.61 -4.61
C ALA A 1308 3.29 -11.97 -5.31
N ARG A 1309 3.30 -12.01 -6.64
CA ARG A 1309 2.10 -12.42 -7.36
C ARG A 1309 1.87 -13.93 -7.22
N TYR A 1310 2.92 -14.69 -6.89
CA TYR A 1310 2.75 -16.13 -6.75
C TYR A 1310 2.69 -16.58 -5.28
N THR A 1311 3.14 -15.76 -4.34
CA THR A 1311 3.27 -16.23 -2.97
C THR A 1311 1.91 -16.28 -2.27
N THR A 1312 1.85 -17.06 -1.20
CA THR A 1312 0.66 -17.20 -0.36
C THR A 1312 1.08 -17.01 1.09
N ILE A 1313 0.33 -16.20 1.83
CA ILE A 1313 0.70 -15.78 3.17
C ILE A 1313 -0.38 -16.24 4.13
N SER A 1314 0.03 -16.87 5.24
CA SER A 1314 -0.89 -17.17 6.33
C SER A 1314 -0.31 -16.73 7.66
N ASN A 1315 -1.20 -16.24 8.53
CA ASN A 1315 -0.86 -15.71 9.84
C ASN A 1315 -1.58 -16.45 10.96
N ASP A 1316 -1.88 -17.74 10.75
CA ASP A 1316 -2.64 -18.49 11.76
C ASP A 1316 -1.77 -18.80 12.98
N ASN A 1317 -0.48 -18.96 12.79
CA ASN A 1317 0.43 -19.28 13.88
C ASN A 1317 1.04 -18.03 14.52
N LEU A 1318 0.64 -16.83 14.11
CA LEU A 1318 1.06 -15.62 14.78
C LEU A 1318 0.12 -15.31 15.93
N SER A 1319 0.65 -15.29 17.15
CA SER A 1319 -0.15 -15.05 18.34
C SER A 1319 -0.31 -13.55 18.52
N PHE A 1320 -1.51 -13.04 18.28
CA PHE A 1320 -1.79 -11.62 18.39
C PHE A 1320 -1.96 -11.20 19.85
N THR A 1329 2.56 -3.97 18.61
CA THR A 1329 2.19 -5.33 18.24
C THR A 1329 1.68 -5.39 16.81
N ASN A 1330 0.90 -4.38 16.42
CA ASN A 1330 0.46 -4.28 15.03
C ASN A 1330 1.63 -3.97 14.11
N PHE A 1331 2.56 -3.11 14.56
CA PHE A 1331 3.71 -2.70 13.76
C PHE A 1331 4.56 -3.90 13.37
N ILE A 1332 4.81 -4.79 14.33
CA ILE A 1332 5.49 -6.06 14.07
C ILE A 1332 4.70 -6.89 13.08
N TYR A 1333 3.37 -6.81 13.14
CA TYR A 1333 2.53 -7.66 12.30
C TYR A 1333 2.58 -7.24 10.83
N GLN A 1334 2.65 -5.94 10.52
CA GLN A 1334 2.86 -5.61 9.09
C GLN A 1334 4.31 -5.75 8.67
N GLN A 1335 5.27 -5.38 9.53
CA GLN A 1335 6.66 -5.39 9.08
C GLN A 1335 7.18 -6.82 8.92
N GLY A 1336 6.56 -7.79 9.59
CA GLY A 1336 6.91 -9.18 9.36
C GLY A 1336 6.54 -9.66 7.97
N MET A 1337 5.36 -9.29 7.49
CA MET A 1337 4.97 -9.68 6.14
C MET A 1337 5.81 -8.99 5.09
N LEU A 1338 6.13 -7.71 5.33
CA LEU A 1338 7.03 -6.99 4.42
C LEU A 1338 8.43 -7.61 4.40
N LEU A 1339 8.95 -8.00 5.56
CA LEU A 1339 10.26 -8.63 5.64
C LEU A 1339 10.27 -10.00 4.97
N GLY A 1340 9.19 -10.77 5.12
CA GLY A 1340 9.11 -12.07 4.46
C GLY A 1340 9.08 -11.95 2.95
N LEU A 1341 8.34 -10.96 2.43
CA LEU A 1341 8.35 -10.72 1.00
C LEU A 1341 9.73 -10.24 0.52
N GLY A 1342 10.43 -9.45 1.34
CA GLY A 1342 11.79 -9.05 0.99
C GLY A 1342 12.77 -10.22 0.93
N VAL A 1343 12.64 -11.16 1.87
CA VAL A 1343 13.49 -12.35 1.89
C VAL A 1343 13.22 -13.21 0.66
N LEU A 1344 11.95 -13.39 0.30
CA LEU A 1344 11.62 -14.18 -0.87
C LEU A 1344 12.04 -13.48 -2.16
N GLU A 1345 12.06 -12.14 -2.17
CA GLU A 1345 12.60 -11.42 -3.32
C GLU A 1345 14.10 -11.63 -3.45
N THR A 1346 14.82 -11.60 -2.33
CA THR A 1346 16.27 -11.80 -2.36
C THR A 1346 16.62 -13.22 -2.78
N LEU A 1347 15.77 -14.20 -2.44
CA LEU A 1347 16.05 -15.59 -2.78
C LEU A 1347 15.99 -15.84 -4.28
N PHE A 1348 15.00 -15.27 -4.96
CA PHE A 1348 14.80 -15.49 -6.39
C PHE A 1348 15.27 -14.33 -7.25
N ARG A 1349 16.34 -13.65 -6.85
CA ARG A 1349 16.75 -12.43 -7.55
C ARG A 1349 17.38 -12.73 -8.90
N LEU A 1350 18.24 -13.75 -8.97
CA LEU A 1350 19.00 -14.06 -10.17
C LEU A 1350 18.48 -15.28 -10.90
N GLU A 1351 17.26 -15.70 -10.64
CA GLU A 1351 16.68 -16.90 -11.23
C GLU A 1351 15.50 -16.56 -12.12
N LYS A 1352 15.42 -17.24 -13.26
CA LYS A 1352 14.31 -17.02 -14.18
C LYS A 1352 13.04 -17.70 -13.69
N ASP A 1353 13.19 -18.81 -12.96
CA ASP A 1353 12.08 -19.70 -12.66
C ASP A 1353 12.24 -20.23 -11.24
N THR A 1354 11.10 -20.39 -10.55
CA THR A 1354 11.06 -21.11 -9.28
C THR A 1354 11.07 -22.60 -9.61
N GLY A 1355 12.17 -23.27 -9.31
CA GLY A 1355 12.38 -24.55 -9.96
C GLY A 1355 12.16 -25.83 -9.18
N SER A 1356 11.20 -26.63 -9.63
CA SER A 1356 10.98 -28.05 -9.38
C SER A 1356 10.57 -28.39 -7.95
N SER A 1357 10.46 -27.43 -7.04
CA SER A 1357 10.03 -27.72 -5.68
C SER A 1357 9.34 -26.51 -5.09
N ASN A 1358 8.33 -26.76 -4.27
CA ASN A 1358 7.66 -25.70 -3.53
C ASN A 1358 8.56 -25.22 -2.40
N THR A 1359 8.40 -23.95 -2.03
CA THR A 1359 9.22 -23.33 -1.00
C THR A 1359 8.31 -22.83 0.12
N VAL A 1360 8.69 -23.11 1.37
CA VAL A 1360 7.97 -22.60 2.53
C VAL A 1360 8.93 -21.78 3.35
N LEU A 1361 8.52 -20.57 3.74
CA LEU A 1361 9.31 -19.74 4.64
C LEU A 1361 8.58 -19.60 5.96
N HIS A 1362 9.27 -19.93 7.06
CA HIS A 1362 8.82 -19.66 8.41
C HIS A 1362 9.55 -18.42 8.90
N LEU A 1363 8.80 -17.43 9.38
CA LEU A 1363 9.39 -16.24 9.96
C LEU A 1363 8.97 -16.15 11.41
N HIS A 1364 9.89 -16.48 12.33
CA HIS A 1364 9.62 -16.61 13.74
C HIS A 1364 9.91 -15.31 14.45
N VAL A 1365 9.03 -14.93 15.37
CA VAL A 1365 9.13 -13.69 16.12
C VAL A 1365 9.59 -14.01 17.54
N GLU A 1366 10.66 -13.34 17.98
CA GLU A 1366 11.19 -13.49 19.34
C GLU A 1366 11.13 -12.14 20.04
N THR A 1367 9.99 -11.85 20.67
CA THR A 1367 9.81 -10.65 21.47
C THR A 1367 9.40 -11.01 22.89
N ASP A 1368 10.08 -11.98 23.49
CA ASP A 1368 9.87 -12.26 24.91
C ASP A 1368 10.43 -11.15 25.77
N CYS A 1369 11.50 -10.53 25.33
CA CYS A 1369 11.96 -9.22 25.80
C CYS A 1369 11.17 -8.13 25.09
N CYS A 1370 11.68 -6.91 25.09
CA CYS A 1370 11.12 -5.75 24.36
C CYS A 1370 9.75 -5.36 24.90
N VAL A 1371 9.45 -5.71 26.14
CA VAL A 1371 8.14 -5.46 26.74
C VAL A 1371 8.21 -4.19 27.56
N ILE A 1372 7.09 -3.49 27.65
CA ILE A 1372 6.96 -2.25 28.42
C ILE A 1372 5.81 -2.43 29.40
N PRO A 1373 5.96 -2.01 30.66
CA PRO A 1373 4.80 -1.99 31.57
C PRO A 1373 3.74 -1.01 31.08
N MET A 1374 2.59 -1.55 30.70
CA MET A 1374 1.53 -0.78 30.07
C MET A 1374 0.73 -0.04 31.13
N ILE A 1375 0.43 1.23 30.85
CA ILE A 1375 -0.32 2.07 31.78
C ILE A 1375 -1.74 2.35 31.29
N ASP A 1376 -2.05 2.03 30.03
CA ASP A 1376 -3.38 2.17 29.39
C ASP A 1376 -3.82 3.62 29.45
N HIS A 1377 -4.99 3.94 30.00
CA HIS A 1377 -5.43 5.32 30.19
C HIS A 1377 -5.39 5.63 31.67
N PRO A 1378 -4.27 6.12 32.21
CA PRO A 1378 -4.15 6.26 33.67
C PRO A 1378 -4.61 7.60 34.21
N ARG A 1379 -5.37 8.35 33.39
CA ARG A 1379 -5.95 9.65 33.75
C ARG A 1379 -4.86 10.66 34.13
N ILE A 1380 -4.04 11.01 33.15
CA ILE A 1380 -2.89 11.87 33.40
C ILE A 1380 -3.37 13.32 33.53
N PRO A 1381 -3.18 13.96 34.68
CA PRO A 1381 -3.67 15.34 34.85
C PRO A 1381 -2.63 16.37 34.48
N SER A 1382 -3.01 17.66 34.50
CA SER A 1382 -2.14 18.74 34.05
C SER A 1382 -1.61 19.49 35.27
N SER A 1383 -0.29 19.65 35.34
CA SER A 1383 0.31 20.39 36.43
C SER A 1383 0.25 21.89 36.20
N ARG A 1384 0.50 22.34 34.97
CA ARG A 1384 0.58 23.76 34.66
C ARG A 1384 -0.82 24.36 34.51
N LYS A 1385 -0.85 25.67 34.31
CA LYS A 1385 -2.08 26.39 34.03
C LYS A 1385 -2.13 26.78 32.56
N LEU A 1386 -3.28 26.56 31.94
CA LEU A 1386 -3.46 26.82 30.52
C LEU A 1386 -3.81 28.29 30.33
N GLU A 1387 -2.86 29.05 29.76
CA GLU A 1387 -3.04 30.49 29.64
C GLU A 1387 -3.97 30.86 28.49
N LEU A 1388 -3.87 30.14 27.37
CA LEU A 1388 -4.61 30.37 26.11
C LEU A 1388 -4.28 31.77 25.61
N ARG A 1389 -5.28 32.55 25.18
CA ARG A 1389 -5.07 33.87 24.62
C ARG A 1389 -6.17 34.79 25.16
N ALA A 1390 -5.90 36.10 25.15
CA ALA A 1390 -6.87 37.07 25.66
C ALA A 1390 -8.12 37.11 24.79
N GLU A 1391 -7.97 36.89 23.48
CA GLU A 1391 -9.10 36.80 22.58
C GLU A 1391 -8.85 35.68 21.56
N LEU A 1392 -9.93 35.14 21.02
CA LEU A 1392 -9.83 34.14 19.97
C LEU A 1392 -9.67 34.81 18.62
N CYS A 1393 -8.78 34.28 17.79
CA CYS A 1393 -8.66 34.76 16.43
C CYS A 1393 -9.82 34.23 15.60
N THR A 1394 -10.62 35.15 15.05
CA THR A 1394 -11.71 34.79 14.16
C THR A 1394 -11.31 34.85 12.70
N ASN A 1395 -10.02 34.65 12.42
CA ASN A 1395 -9.55 34.61 11.04
C ASN A 1395 -10.08 33.35 10.36
N PRO A 1396 -10.63 33.47 9.15
CA PRO A 1396 -11.23 32.29 8.48
C PRO A 1396 -10.22 31.24 8.05
N LEU A 1397 -8.93 31.56 8.06
CA LEU A 1397 -7.91 30.56 7.76
C LEU A 1397 -7.88 29.45 8.79
N ILE A 1398 -8.09 29.79 10.06
CA ILE A 1398 -7.94 28.84 11.16
C ILE A 1398 -9.22 28.64 11.95
N TYR A 1399 -10.23 29.49 11.79
CA TYR A 1399 -11.41 29.47 12.63
C TYR A 1399 -12.65 29.23 11.78
N ASP A 1400 -13.55 28.38 12.29
CA ASP A 1400 -14.81 28.08 11.63
C ASP A 1400 -15.95 28.60 12.49
N ASN A 1401 -16.58 29.69 12.05
CA ASN A 1401 -17.60 30.35 12.86
C ASN A 1401 -18.91 29.57 12.88
N ALA A 1402 -19.28 28.96 11.76
CA ALA A 1402 -20.54 28.22 11.64
C ALA A 1402 -20.22 26.80 11.22
N PRO A 1403 -19.92 25.92 12.18
CA PRO A 1403 -19.55 24.55 11.80
C PRO A 1403 -20.73 23.67 11.42
N LEU A 1404 -21.94 24.06 11.84
CA LEU A 1404 -23.20 23.34 11.63
C LEU A 1404 -23.17 21.97 12.30
N ILE A 1405 -24.00 21.05 11.85
CA ILE A 1405 -23.99 19.67 12.34
C ILE A 1405 -23.54 18.76 11.21
N ASP A 1406 -22.80 17.71 11.56
CA ASP A 1406 -22.32 16.74 10.58
C ASP A 1406 -22.87 15.34 10.80
N ARG A 1407 -22.69 14.79 11.99
CA ARG A 1407 -23.09 13.41 12.28
C ARG A 1407 -24.04 13.35 13.46
N VAL A 1422 -24.11 -12.12 21.58
CA VAL A 1422 -23.23 -13.19 22.02
C VAL A 1422 -23.33 -14.39 21.09
N GLU A 1423 -22.35 -14.53 20.21
CA GLU A 1423 -22.28 -15.65 19.27
C GLU A 1423 -21.11 -16.53 19.69
N PHE A 1424 -21.43 -17.73 20.15
CA PHE A 1424 -20.36 -18.66 20.52
C PHE A 1424 -19.72 -19.29 19.29
N VAL A 1425 -20.42 -19.26 18.16
CA VAL A 1425 -19.93 -19.91 16.95
C VAL A 1425 -18.77 -19.12 16.33
N THR A 1426 -18.65 -17.84 16.66
CA THR A 1426 -17.58 -17.04 16.05
C THR A 1426 -16.38 -16.93 16.97
N TRP A 1427 -16.52 -17.35 18.23
CA TRP A 1427 -15.43 -17.21 19.18
C TRP A 1427 -14.35 -18.25 18.93
N SER A 1428 -13.12 -17.89 19.29
CA SER A 1428 -12.03 -18.85 19.26
C SER A 1428 -12.14 -19.82 20.43
N THR A 1429 -11.44 -20.94 20.31
CA THR A 1429 -11.49 -21.97 21.35
C THR A 1429 -10.90 -21.53 22.70
N PRO A 1430 -9.78 -20.78 22.79
CA PRO A 1430 -9.40 -20.22 24.10
C PRO A 1430 -10.44 -19.31 24.73
N GLN A 1431 -11.18 -18.53 23.92
CA GLN A 1431 -12.24 -17.69 24.46
C GLN A 1431 -13.36 -18.53 25.05
N LEU A 1432 -13.68 -19.64 24.40
CA LEU A 1432 -14.69 -20.56 24.92
C LEU A 1432 -14.24 -21.17 26.23
N TYR A 1433 -12.98 -21.57 26.33
CA TYR A 1433 -12.45 -22.15 27.56
C TYR A 1433 -12.45 -21.12 28.70
N HIS A 1434 -12.05 -19.88 28.41
CA HIS A 1434 -12.06 -18.83 29.43
C HIS A 1434 -13.46 -18.51 29.91
N ILE A 1435 -14.43 -18.41 29.00
CA ILE A 1435 -15.80 -18.09 29.39
C ILE A 1435 -16.41 -19.21 30.22
N LEU A 1436 -16.12 -20.46 29.85
CA LEU A 1436 -16.63 -21.60 30.63
C LEU A 1436 -16.01 -21.62 32.03
N ALA A 1437 -14.72 -21.32 32.14
CA ALA A 1437 -14.06 -21.29 33.46
C ALA A 1437 -14.60 -20.15 34.34
N LYS A 1438 -14.79 -18.96 33.76
CA LYS A 1438 -15.37 -17.83 34.49
C LYS A 1438 -16.76 -18.16 35.00
N SER A 1439 -17.59 -18.74 34.13
CA SER A 1439 -18.98 -19.02 34.50
C SER A 1439 -19.06 -20.10 35.58
N THR A 1440 -18.21 -21.13 35.49
CA THR A 1440 -18.21 -22.17 36.53
C THR A 1440 -17.77 -21.62 37.88
N ALA A 1441 -16.69 -20.83 37.92
CA ALA A 1441 -16.21 -20.28 39.19
C ALA A 1441 -17.22 -19.31 39.80
N LEU A 1442 -17.81 -18.44 38.97
CA LEU A 1442 -18.76 -17.47 39.48
C LEU A 1442 -20.04 -18.15 39.95
N SER A 1443 -20.45 -19.23 39.28
CA SER A 1443 -21.64 -19.96 39.73
C SER A 1443 -21.38 -20.69 41.05
N MET A 1444 -20.16 -21.20 41.25
CA MET A 1444 -19.81 -21.78 42.56
C MET A 1444 -19.89 -20.75 43.68
N ILE A 1445 -19.33 -19.56 43.46
CA ILE A 1445 -19.36 -18.54 44.51
C ILE A 1445 -20.78 -18.00 44.72
N ASP A 1446 -21.60 -17.99 43.66
CA ASP A 1446 -23.00 -17.65 43.81
C ASP A 1446 -23.75 -18.70 44.64
N LEU A 1447 -23.43 -19.98 44.47
CA LEU A 1447 -24.02 -21.00 45.32
C LEU A 1447 -23.61 -20.84 46.78
N VAL A 1448 -22.35 -20.43 47.00
CA VAL A 1448 -21.85 -20.14 48.34
C VAL A 1448 -22.67 -19.02 48.98
N THR A 1449 -22.88 -17.93 48.24
CA THR A 1449 -23.55 -16.78 48.84
C THR A 1449 -25.07 -17.00 48.94
N LYS A 1450 -25.64 -17.92 48.14
CA LYS A 1450 -27.05 -18.24 48.30
C LYS A 1450 -27.31 -19.17 49.48
N PHE A 1451 -26.37 -20.09 49.76
CA PHE A 1451 -26.62 -21.06 50.83
C PHE A 1451 -26.61 -20.42 52.21
N GLU A 1452 -25.96 -19.27 52.36
CA GLU A 1452 -26.05 -18.54 53.62
C GLU A 1452 -27.41 -17.85 53.77
N LYS A 1453 -27.96 -17.32 52.67
CA LYS A 1453 -29.26 -16.66 52.75
C LYS A 1453 -30.38 -17.67 52.94
N ASP A 1454 -30.23 -18.88 52.40
CA ASP A 1454 -31.25 -19.91 52.60
C ASP A 1454 -31.30 -20.36 54.06
N HIS A 1455 -30.15 -20.51 54.70
CA HIS A 1455 -30.10 -20.90 56.10
C HIS A 1455 -29.16 -20.01 56.89
N ASP A 1466 -29.77 -32.47 38.55
CA ASP A 1466 -30.30 -31.54 37.55
C ASP A 1466 -29.21 -30.57 37.10
N ASP A 1467 -29.09 -29.47 37.85
CA ASP A 1467 -28.04 -28.50 37.59
C ASP A 1467 -26.68 -29.05 38.01
N ILE A 1468 -26.66 -29.92 39.02
CA ILE A 1468 -25.41 -30.46 39.53
C ILE A 1468 -24.76 -31.40 38.51
N ASN A 1469 -25.58 -32.14 37.75
CA ASN A 1469 -25.01 -33.01 36.71
C ASN A 1469 -24.48 -32.19 35.54
N SER A 1470 -25.11 -31.05 35.27
CA SER A 1470 -24.57 -30.10 34.30
C SER A 1470 -23.23 -29.56 34.77
N PHE A 1471 -23.11 -29.28 36.08
CA PHE A 1471 -21.82 -28.89 36.64
C PHE A 1471 -20.80 -30.02 36.57
N ILE A 1472 -21.25 -31.28 36.67
CA ILE A 1472 -20.35 -32.42 36.48
C ILE A 1472 -19.80 -32.44 35.07
N THR A 1473 -20.66 -32.17 34.08
CA THR A 1473 -20.21 -32.07 32.69
C THR A 1473 -19.22 -30.93 32.50
N GLU A 1474 -19.51 -29.77 33.11
CA GLU A 1474 -18.60 -28.63 33.01
C GLU A 1474 -17.25 -28.90 33.68
N PHE A 1475 -17.26 -29.56 34.84
CA PHE A 1475 -16.01 -29.93 35.51
C PHE A 1475 -15.26 -30.98 34.72
N LEU A 1476 -15.98 -31.79 33.93
CA LEU A 1476 -15.30 -32.70 33.02
C LEU A 1476 -14.65 -31.94 31.87
N LEU A 1477 -15.20 -30.79 31.47
CA LEU A 1477 -14.70 -30.16 30.25
C LEU A 1477 -13.77 -28.97 30.52
N ILE A 1478 -13.76 -28.40 31.72
CA ILE A 1478 -12.94 -27.21 31.95
C ILE A 1478 -11.45 -27.56 32.06
N GLU A 1479 -10.62 -26.54 31.84
CA GLU A 1479 -9.20 -26.64 32.16
C GLU A 1479 -8.99 -26.32 33.64
N PRO A 1480 -8.10 -27.04 34.33
CA PRO A 1480 -7.97 -26.83 35.77
C PRO A 1480 -7.30 -25.51 36.17
N ARG A 1481 -6.28 -25.07 35.43
CA ARG A 1481 -5.53 -23.87 35.83
C ARG A 1481 -6.37 -22.61 35.68
N LEU A 1482 -7.13 -22.51 34.59
CA LEU A 1482 -8.03 -21.38 34.41
C LEU A 1482 -9.07 -21.34 35.51
N PHE A 1483 -9.61 -22.52 35.86
CA PHE A 1483 -10.62 -22.60 36.91
C PHE A 1483 -10.06 -22.19 38.27
N THR A 1484 -8.83 -22.61 38.61
CA THR A 1484 -8.33 -22.30 39.94
C THR A 1484 -7.95 -20.82 40.06
N ILE A 1485 -7.48 -20.20 38.98
CA ILE A 1485 -7.20 -18.76 39.04
C ILE A 1485 -8.50 -17.96 39.12
N TYR A 1486 -9.52 -18.33 38.33
CA TYR A 1486 -10.79 -17.60 38.39
C TYR A 1486 -11.50 -17.82 39.72
N LEU A 1487 -11.36 -19.01 40.31
CA LEU A 1487 -11.88 -19.25 41.65
C LEU A 1487 -11.18 -18.40 42.69
N GLY A 1488 -9.86 -18.20 42.53
CA GLY A 1488 -9.13 -17.30 43.42
C GLY A 1488 -9.63 -15.87 43.35
N GLN A 1489 -9.87 -15.36 42.13
CA GLN A 1489 -10.40 -13.99 42.02
C GLN A 1489 -11.79 -13.86 42.60
N CYS A 1490 -12.66 -14.84 42.32
CA CYS A 1490 -14.03 -14.74 42.81
C CYS A 1490 -14.11 -14.85 44.32
N ALA A 1491 -13.24 -15.69 44.92
CA ALA A 1491 -13.18 -15.77 46.37
C ALA A 1491 -12.66 -14.47 46.99
N ALA A 1492 -11.64 -13.86 46.37
CA ALA A 1492 -11.12 -12.60 46.88
C ALA A 1492 -12.15 -11.48 46.80
N ILE A 1493 -12.86 -11.39 45.68
CA ILE A 1493 -13.90 -10.36 45.51
C ILE A 1493 -15.06 -10.61 46.48
N ASN A 1494 -15.36 -11.89 46.75
CA ASN A 1494 -16.46 -12.21 47.66
C ASN A 1494 -16.13 -11.84 49.10
N TRP A 1495 -14.92 -12.11 49.56
CA TRP A 1495 -14.58 -11.92 50.97
C TRP A 1495 -13.66 -10.72 51.24
N ALA A 1496 -13.54 -9.80 50.27
CA ALA A 1496 -12.72 -8.60 50.46
C ALA A 1496 -13.21 -7.72 51.60
N PHE A 1497 -14.53 -7.57 51.76
CA PHE A 1497 -15.04 -6.73 52.83
C PHE A 1497 -14.81 -7.33 54.21
N ASP A 1498 -14.94 -8.65 54.34
CA ASP A 1498 -14.67 -9.30 55.62
C ASP A 1498 -13.19 -9.20 55.99
N VAL A 1499 -12.31 -9.40 55.00
CA VAL A 1499 -10.87 -9.27 55.25
C VAL A 1499 -10.52 -7.82 55.59
N HIS A 1500 -11.14 -6.86 54.90
CA HIS A 1500 -10.88 -5.45 55.19
C HIS A 1500 -11.42 -5.04 56.55
N TYR A 1501 -12.50 -5.69 57.01
CA TYR A 1501 -12.97 -5.44 58.37
C TYR A 1501 -11.98 -5.97 59.40
N HIS A 1502 -11.42 -7.15 59.17
CA HIS A 1502 -10.46 -7.66 60.15
C HIS A 1502 -9.07 -7.03 60.04
N ARG A 1503 -8.77 -6.38 58.90
CA ARG A 1503 -7.53 -5.64 58.60
C ARG A 1503 -6.22 -6.40 58.86
N PRO A 1504 -5.83 -7.36 58.02
CA PRO A 1504 -4.52 -8.01 58.21
C PRO A 1504 -3.40 -7.12 57.72
N SER A 1505 -2.19 -7.66 57.85
CA SER A 1505 -1.02 -7.16 57.15
C SER A 1505 -0.30 -8.34 56.51
N GLY A 1506 -0.15 -8.31 55.20
CA GLY A 1506 0.49 -9.39 54.49
C GLY A 1506 -0.48 -10.42 53.96
N LYS A 1507 0.06 -11.31 53.12
CA LYS A 1507 -0.76 -12.28 52.41
C LYS A 1507 -1.19 -13.43 53.31
N TYR A 1508 -0.30 -13.88 54.21
CA TYR A 1508 -0.54 -15.10 54.97
C TYR A 1508 -1.63 -14.91 56.01
N GLN A 1509 -1.69 -13.72 56.63
CA GLN A 1509 -2.76 -13.42 57.57
C GLN A 1509 -4.12 -13.37 56.88
N MET A 1510 -4.14 -12.84 55.65
CA MET A 1510 -5.34 -12.81 54.84
C MET A 1510 -5.84 -14.22 54.53
N GLY A 1511 -4.91 -15.11 54.16
CA GLY A 1511 -5.28 -16.50 53.91
C GLY A 1511 -5.72 -17.22 55.17
N GLU A 1512 -5.11 -16.91 56.32
CA GLU A 1512 -5.51 -17.52 57.58
C GLU A 1512 -6.92 -17.11 57.97
N LEU A 1513 -7.26 -15.84 57.79
CA LEU A 1513 -8.62 -15.40 58.09
C LEU A 1513 -9.63 -15.96 57.09
N LEU A 1514 -9.24 -16.13 55.83
CA LEU A 1514 -10.16 -16.76 54.88
C LEU A 1514 -10.37 -18.24 55.23
N SER A 1515 -9.32 -18.92 55.69
CA SER A 1515 -9.46 -20.30 56.15
C SER A 1515 -10.36 -20.38 57.38
N SER A 1516 -10.28 -19.38 58.25
CA SER A 1516 -11.19 -19.31 59.41
C SER A 1516 -12.65 -19.12 58.96
N PHE A 1517 -12.88 -18.24 57.98
CA PHE A 1517 -14.24 -18.02 57.48
C PHE A 1517 -14.79 -19.26 56.79
N LEU A 1518 -13.93 -19.99 56.08
CA LEU A 1518 -14.37 -21.24 55.48
C LEU A 1518 -14.60 -22.32 56.53
N SER A 1519 -13.90 -22.23 57.67
CA SER A 1519 -14.15 -23.14 58.78
C SER A 1519 -15.49 -22.85 59.44
N ARG A 1520 -15.92 -21.58 59.45
CA ARG A 1520 -17.21 -21.26 60.08
C ARG A 1520 -18.40 -21.71 59.24
N MET A 1521 -18.20 -22.04 57.97
CA MET A 1521 -19.32 -22.46 57.13
C MET A 1521 -19.79 -23.87 57.47
N SER A 1522 -21.02 -24.17 57.08
CA SER A 1522 -21.64 -25.45 57.38
C SER A 1522 -21.13 -26.54 56.44
N LYS A 1523 -21.53 -27.78 56.73
CA LYS A 1523 -21.08 -28.91 55.94
C LYS A 1523 -21.76 -28.96 54.58
N GLY A 1524 -23.06 -28.66 54.53
CA GLY A 1524 -23.82 -28.78 53.31
C GLY A 1524 -23.76 -27.61 52.37
N VAL A 1525 -22.87 -26.64 52.62
CA VAL A 1525 -22.76 -25.47 51.75
C VAL A 1525 -22.18 -25.85 50.40
N PHE A 1526 -21.18 -26.75 50.40
CA PHE A 1526 -20.52 -27.19 49.18
C PHE A 1526 -21.00 -28.61 48.87
N LYS A 1527 -22.07 -28.73 48.09
CA LYS A 1527 -22.50 -30.05 47.67
C LYS A 1527 -22.02 -30.37 46.26
N VAL A 1528 -21.98 -29.35 45.40
CA VAL A 1528 -21.66 -29.53 43.98
C VAL A 1528 -20.21 -29.96 43.81
N LEU A 1529 -19.31 -29.32 44.56
CA LEU A 1529 -17.90 -29.65 44.46
C LEU A 1529 -17.60 -31.03 45.03
N VAL A 1530 -18.35 -31.44 46.06
CA VAL A 1530 -18.19 -32.79 46.61
C VAL A 1530 -18.69 -33.84 45.63
N ASN A 1531 -19.82 -33.57 44.96
CA ASN A 1531 -20.30 -34.50 43.94
C ASN A 1531 -19.37 -34.54 42.73
N ALA A 1532 -18.70 -33.43 42.43
CA ALA A 1532 -17.73 -33.42 41.35
C ALA A 1532 -16.49 -34.22 41.71
N LEU A 1533 -15.98 -34.04 42.93
CA LEU A 1533 -14.77 -34.76 43.33
C LEU A 1533 -15.05 -36.22 43.66
N SER A 1534 -16.32 -36.58 43.82
CA SER A 1534 -16.69 -37.98 44.01
C SER A 1534 -16.40 -38.79 42.75
N HIS A 1535 -16.57 -38.17 41.59
CA HIS A 1535 -16.21 -38.84 40.34
C HIS A 1535 -14.69 -38.93 40.23
N PRO A 1536 -14.14 -40.06 39.80
CA PRO A 1536 -12.68 -40.24 39.87
C PRO A 1536 -11.91 -39.43 38.84
N LYS A 1537 -12.47 -39.22 37.65
CA LYS A 1537 -11.73 -38.53 36.59
C LYS A 1537 -11.55 -37.05 36.90
N ILE A 1538 -12.58 -36.42 37.47
CA ILE A 1538 -12.48 -35.01 37.87
C ILE A 1538 -11.47 -34.84 38.99
N TYR A 1539 -11.45 -35.79 39.93
CA TYR A 1539 -10.48 -35.76 41.02
C TYR A 1539 -9.07 -35.96 40.49
N LYS A 1540 -8.90 -36.80 39.47
CA LYS A 1540 -7.57 -37.00 38.90
C LYS A 1540 -7.09 -35.78 38.14
N LYS A 1541 -7.99 -35.11 37.40
CA LYS A 1541 -7.62 -33.89 36.70
C LYS A 1541 -7.26 -32.77 37.67
N PHE A 1542 -7.98 -32.68 38.78
CA PHE A 1542 -7.60 -31.69 39.79
C PHE A 1542 -6.36 -32.14 40.58
N TRP A 1543 -6.08 -33.45 40.58
CA TRP A 1543 -4.85 -33.95 41.21
C TRP A 1543 -3.62 -33.63 40.38
N HIS A 1544 -3.76 -33.57 39.05
CA HIS A 1544 -2.59 -33.30 38.22
C HIS A 1544 -2.15 -31.84 38.32
N CYS A 1545 -3.03 -30.98 38.80
CA CYS A 1545 -2.62 -29.67 39.30
C CYS A 1545 -2.42 -29.75 40.81
N GLY A 1546 -1.73 -28.74 41.35
CA GLY A 1546 -1.32 -28.78 42.74
C GLY A 1546 -2.37 -28.33 43.74
N ILE A 1547 -3.62 -28.12 43.31
CA ILE A 1547 -4.61 -27.49 44.17
C ILE A 1547 -5.22 -28.49 45.14
N ILE A 1548 -5.10 -29.78 44.85
CA ILE A 1548 -5.79 -30.82 45.62
C ILE A 1548 -4.79 -31.55 46.51
N GLU A 1549 -5.07 -31.56 47.82
CA GLU A 1549 -4.28 -32.32 48.76
C GLU A 1549 -4.65 -33.80 48.67
N PRO A 1550 -3.70 -34.71 48.95
CA PRO A 1550 -4.01 -36.15 48.97
C PRO A 1550 -4.92 -36.54 50.13
N ASP A 1557 -16.51 -40.42 52.52
CA ASP A 1557 -15.66 -39.43 53.16
C ASP A 1557 -16.13 -38.01 52.82
N ALA A 1558 -17.39 -37.71 53.15
CA ALA A 1558 -17.97 -36.41 52.79
C ALA A 1558 -17.34 -35.28 53.60
N GLN A 1559 -17.02 -35.54 54.88
CA GLN A 1559 -16.34 -34.54 55.69
C GLN A 1559 -14.92 -34.31 55.19
N ASN A 1560 -14.25 -35.38 54.78
CA ASN A 1560 -12.92 -35.26 54.18
C ASN A 1560 -12.96 -34.50 52.87
N LEU A 1561 -14.00 -34.71 52.07
CA LEU A 1561 -14.14 -33.96 50.83
C LEU A 1561 -14.47 -32.50 51.09
N HIS A 1562 -15.24 -32.21 52.16
CA HIS A 1562 -15.52 -30.83 52.53
C HIS A 1562 -14.24 -30.10 52.97
N THR A 1563 -13.40 -30.79 53.75
CA THR A 1563 -12.11 -30.23 54.14
C THR A 1563 -11.21 -30.04 52.92
N THR A 1564 -11.26 -30.98 51.97
CA THR A 1564 -10.48 -30.87 50.74
C THR A 1564 -10.93 -29.68 49.90
N VAL A 1565 -12.24 -29.43 49.84
CA VAL A 1565 -12.76 -28.29 49.10
C VAL A 1565 -12.36 -26.97 49.76
N CYS A 1566 -12.42 -26.92 51.10
CA CYS A 1566 -11.99 -25.71 51.81
C CYS A 1566 -10.51 -25.42 51.61
N ASN A 1567 -9.67 -26.45 51.68
CA ASN A 1567 -8.24 -26.26 51.44
C ASN A 1567 -7.95 -25.96 49.97
N MET A 1568 -8.78 -26.47 49.06
CA MET A 1568 -8.65 -26.14 47.64
C MET A 1568 -8.94 -24.66 47.40
N VAL A 1569 -9.98 -24.13 48.04
CA VAL A 1569 -10.31 -22.72 47.91
C VAL A 1569 -9.20 -21.85 48.50
N TYR A 1570 -8.62 -22.31 49.62
CA TYR A 1570 -7.46 -21.63 50.21
C TYR A 1570 -6.26 -21.62 49.27
N THR A 1571 -6.00 -22.74 48.61
CA THR A 1571 -4.87 -22.83 47.67
C THR A 1571 -5.08 -21.94 46.44
N CYS A 1572 -6.31 -21.90 45.93
CA CYS A 1572 -6.64 -21.01 44.82
C CYS A 1572 -6.48 -19.55 45.22
N TYR A 1573 -6.86 -19.22 46.47
CA TYR A 1573 -6.72 -17.86 46.95
C TYR A 1573 -5.25 -17.44 47.03
N MET A 1574 -4.41 -18.33 47.57
CA MET A 1574 -2.97 -18.04 47.65
C MET A 1574 -2.34 -17.94 46.28
N THR A 1575 -2.73 -18.79 45.33
CA THR A 1575 -2.20 -18.73 43.98
C THR A 1575 -2.60 -17.43 43.29
N TYR A 1576 -3.85 -16.99 43.47
CA TYR A 1576 -4.29 -15.74 42.86
C TYR A 1576 -3.56 -14.55 43.47
N LEU A 1577 -3.33 -14.58 44.78
CA LEU A 1577 -2.59 -13.49 45.42
C LEU A 1577 -1.13 -13.45 44.96
N ASP A 1578 -0.51 -14.63 44.76
CA ASP A 1578 0.86 -14.67 44.25
C ASP A 1578 0.94 -14.13 42.83
N LEU A 1579 -0.04 -14.45 41.98
CA LEU A 1579 -0.03 -13.90 40.63
C LEU A 1579 -0.36 -12.41 40.64
N LEU A 1580 -1.13 -11.94 41.63
CA LEU A 1580 -1.46 -10.53 41.70
C LEU A 1580 -0.28 -9.71 42.18
N LEU A 1581 0.57 -10.29 43.04
CA LEU A 1581 1.75 -9.57 43.52
C LEU A 1581 2.77 -9.33 42.40
N ASN A 1582 2.77 -10.15 41.36
CA ASN A 1582 3.80 -10.11 40.33
C ASN A 1582 3.27 -9.75 38.95
N GLU A 1583 2.03 -9.23 38.86
CA GLU A 1583 1.43 -8.69 37.64
C GLU A 1583 1.35 -9.71 36.52
N GLU A 1584 0.82 -10.89 36.82
CA GLU A 1584 0.71 -11.97 35.85
C GLU A 1584 -0.74 -12.35 35.57
N LEU A 1585 -1.66 -11.38 35.62
CA LEU A 1585 -3.09 -11.64 35.42
C LEU A 1585 -3.67 -10.81 34.29
N GLU A 1586 -2.92 -10.63 33.20
CA GLU A 1586 -3.35 -9.74 32.13
C GLU A 1586 -4.49 -10.36 31.32
N GLU A 1587 -4.43 -11.66 31.08
CA GLU A 1587 -5.45 -12.32 30.25
C GLU A 1587 -6.76 -12.48 31.02
N PHE A 1588 -6.68 -12.59 32.34
CA PHE A 1588 -7.85 -12.89 33.14
C PHE A 1588 -8.62 -11.63 33.49
N THR A 1589 -9.93 -11.64 33.25
CA THR A 1589 -10.80 -10.51 33.55
C THR A 1589 -11.95 -10.99 34.41
N PHE A 1590 -12.48 -10.08 35.22
CA PHE A 1590 -13.67 -10.38 36.01
C PHE A 1590 -14.90 -10.40 35.12
N LEU A 1591 -15.94 -11.10 35.58
CA LEU A 1591 -17.16 -11.30 34.81
C LEU A 1591 -18.33 -10.61 35.49
N LEU A 1592 -19.15 -9.90 34.71
CA LEU A 1592 -20.33 -9.22 35.25
C LEU A 1592 -21.54 -9.53 34.38
N CYS A 1593 -22.55 -10.16 34.98
CA CYS A 1593 -23.82 -10.46 34.35
C CYS A 1593 -24.92 -9.65 35.03
N GLU A 1594 -25.80 -9.04 34.23
CA GLU A 1594 -26.79 -8.11 34.73
C GLU A 1594 -28.16 -8.45 34.16
N SER A 1595 -29.21 -7.91 34.77
CA SER A 1595 -30.54 -7.96 34.16
C SER A 1595 -30.99 -6.56 33.72
N ASP A 1596 -30.60 -5.53 34.44
CA ASP A 1596 -31.03 -4.17 34.18
C ASP A 1596 -29.82 -3.26 33.99
N GLU A 1597 -29.96 -2.30 33.06
CA GLU A 1597 -28.82 -1.45 32.73
C GLU A 1597 -28.56 -0.41 33.82
N ASP A 1598 -29.61 0.01 34.54
CA ASP A 1598 -29.48 1.08 35.52
C ASP A 1598 -28.65 0.67 36.73
N VAL A 1599 -28.52 -0.64 36.96
CA VAL A 1599 -27.74 -1.13 38.09
C VAL A 1599 -26.30 -1.41 37.65
N VAL A 1600 -26.03 -1.30 36.34
CA VAL A 1600 -24.67 -1.53 35.81
C VAL A 1600 -23.56 -0.67 36.43
N PRO A 1601 -23.73 0.65 36.64
CA PRO A 1601 -22.64 1.38 37.33
C PRO A 1601 -22.35 0.92 38.75
N ASP A 1602 -23.38 0.82 39.59
CA ASP A 1602 -23.21 0.63 41.04
C ASP A 1602 -22.49 -0.67 41.36
N ARG A 1603 -22.93 -1.80 40.76
CA ARG A 1603 -22.27 -3.09 40.92
C ARG A 1603 -20.81 -3.00 40.55
N PHE A 1604 -20.52 -2.34 39.41
CA PHE A 1604 -19.15 -2.15 38.94
C PHE A 1604 -18.31 -1.45 39.99
N ASP A 1605 -18.86 -0.39 40.58
CA ASP A 1605 -18.13 0.37 41.59
C ASP A 1605 -17.87 -0.49 42.82
N ASN A 1606 -18.86 -1.33 43.18
CA ASN A 1606 -18.71 -2.23 44.31
C ASN A 1606 -17.54 -3.19 44.10
N ILE A 1607 -17.44 -3.74 42.88
CA ILE A 1607 -16.34 -4.66 42.57
C ILE A 1607 -15.01 -3.94 42.68
N GLN A 1608 -14.97 -2.69 42.20
CA GLN A 1608 -13.76 -1.89 42.27
C GLN A 1608 -13.35 -1.66 43.71
N ALA A 1609 -14.34 -1.39 44.57
CA ALA A 1609 -14.07 -1.15 45.98
C ALA A 1609 -13.47 -2.39 46.61
N LYS A 1610 -14.02 -3.56 46.27
CA LYS A 1610 -13.53 -4.82 46.81
C LYS A 1610 -12.09 -5.05 46.40
N HIS A 1611 -11.77 -4.75 45.13
CA HIS A 1611 -10.42 -4.93 44.64
C HIS A 1611 -9.46 -4.01 45.37
N LEU A 1612 -9.91 -2.76 45.61
CA LEU A 1612 -9.05 -1.79 46.30
C LEU A 1612 -8.77 -2.24 47.71
N CYS A 1613 -9.76 -2.87 48.35
CA CYS A 1613 -9.59 -3.37 49.72
C CYS A 1613 -8.49 -4.42 49.74
N VAL A 1614 -8.49 -5.30 48.74
CA VAL A 1614 -7.48 -6.35 48.64
C VAL A 1614 -6.10 -5.73 48.51
N LEU A 1615 -5.99 -4.67 47.68
CA LEU A 1615 -4.71 -4.01 47.47
C LEU A 1615 -4.22 -3.38 48.76
N ALA A 1616 -5.14 -2.76 49.52
CA ALA A 1616 -4.77 -2.17 50.80
C ALA A 1616 -4.32 -3.24 51.76
N ASP A 1617 -5.04 -4.36 51.78
CA ASP A 1617 -4.70 -5.44 52.70
C ASP A 1617 -3.47 -6.17 52.24
N LEU A 1618 -3.07 -5.98 50.98
CA LEU A 1618 -1.81 -6.56 50.54
C LEU A 1618 -0.65 -5.61 50.87
N TYR A 1619 -0.91 -4.31 50.87
CA TYR A 1619 0.24 -3.39 50.79
C TYR A 1619 0.32 -2.44 51.97
N CYS A 1620 -0.80 -1.80 52.32
CA CYS A 1620 -0.77 -0.73 53.31
C CYS A 1620 -0.61 -1.27 54.72
N GLN A 1621 -0.13 -0.39 55.61
CA GLN A 1621 0.07 -0.76 57.00
C GLN A 1621 -1.28 -0.90 57.71
N PRO A 1622 -1.41 -1.83 58.66
CA PRO A 1622 -2.70 -2.01 59.34
C PRO A 1622 -3.00 -0.88 60.30
N GLY A 1623 -4.27 -0.48 60.37
CA GLY A 1623 -4.71 0.57 61.24
C GLY A 1623 -4.62 1.97 60.67
N THR A 1624 -3.88 2.16 59.58
CA THR A 1624 -3.79 3.48 58.97
C THR A 1624 -4.97 3.75 58.05
N CYS A 1625 -5.72 2.71 57.70
CA CYS A 1625 -6.83 2.86 56.77
C CYS A 1625 -8.01 3.56 57.45
N PRO A 1626 -8.53 4.64 56.87
CA PRO A 1626 -9.76 5.22 57.39
C PRO A 1626 -10.93 4.30 57.14
N PRO A 1627 -11.96 4.35 58.00
CA PRO A 1627 -13.11 3.45 57.82
C PRO A 1627 -13.93 3.81 56.59
N ILE A 1628 -14.39 2.78 55.88
CA ILE A 1628 -15.24 2.94 54.71
C ILE A 1628 -16.65 2.40 54.92
N GLN A 1629 -16.99 2.03 56.15
CA GLN A 1629 -18.30 1.44 56.42
C GLN A 1629 -19.39 2.51 56.35
N GLY A 1630 -20.52 2.14 55.73
CA GLY A 1630 -21.61 3.07 55.56
C GLY A 1630 -21.32 4.22 54.63
N LEU A 1631 -20.69 3.94 53.50
CA LEU A 1631 -20.36 4.96 52.51
C LEU A 1631 -20.89 4.54 51.13
N ARG A 1632 -20.94 5.52 50.23
CA ARG A 1632 -21.26 5.24 48.85
C ARG A 1632 -20.10 4.49 48.19
N PRO A 1633 -20.38 3.68 47.16
CA PRO A 1633 -19.28 2.97 46.47
C PRO A 1633 -18.25 3.88 45.82
N VAL A 1634 -18.68 4.98 45.21
CA VAL A 1634 -17.75 5.93 44.61
C VAL A 1634 -16.90 6.59 45.69
N GLU A 1635 -17.53 6.89 46.83
CA GLU A 1635 -16.84 7.50 47.96
C GLU A 1635 -15.77 6.57 48.54
N LYS A 1636 -16.10 5.29 48.71
CA LYS A 1636 -15.13 4.37 49.31
C LYS A 1636 -14.01 4.06 48.34
N CYS A 1637 -14.32 3.98 47.03
CA CYS A 1637 -13.25 3.86 46.03
C CYS A 1637 -12.33 5.06 46.03
N ALA A 1638 -12.89 6.26 46.19
CA ALA A 1638 -12.06 7.47 46.23
C ALA A 1638 -11.14 7.51 47.44
N VAL A 1639 -11.67 7.20 48.63
CA VAL A 1639 -10.85 7.32 49.83
C VAL A 1639 -9.81 6.19 49.88
N LEU A 1640 -10.17 4.99 49.38
CA LEU A 1640 -9.18 3.91 49.31
C LEU A 1640 -8.10 4.20 48.29
N THR A 1641 -8.46 4.81 47.15
CA THR A 1641 -7.46 5.19 46.15
C THR A 1641 -6.47 6.21 46.70
N ASP A 1642 -6.99 7.22 47.40
CA ASP A 1642 -6.12 8.23 48.00
C ASP A 1642 -5.24 7.64 49.10
N HIS A 1643 -5.80 6.70 49.88
CA HIS A 1643 -5.04 6.09 50.97
C HIS A 1643 -3.91 5.21 50.45
N ILE A 1644 -4.16 4.42 49.40
CA ILE A 1644 -3.11 3.58 48.84
C ILE A 1644 -2.05 4.43 48.14
N LYS A 1645 -2.44 5.51 47.48
CA LYS A 1645 -1.45 6.42 46.89
C LYS A 1645 -0.57 7.08 47.96
N ALA A 1646 -1.19 7.53 49.06
CA ALA A 1646 -0.41 8.14 50.14
C ALA A 1646 0.52 7.14 50.81
N GLU A 1647 0.04 5.92 51.05
CA GLU A 1647 0.86 4.90 51.69
C GLU A 1647 1.97 4.43 50.75
N ALA A 1648 1.74 4.48 49.44
CA ALA A 1648 2.80 4.20 48.50
C ALA A 1648 3.87 5.29 48.51
N MET A 1649 3.45 6.54 48.69
CA MET A 1649 4.44 7.62 48.82
C MET A 1649 5.24 7.52 50.11
N LEU A 1650 4.61 7.04 51.20
CA LEU A 1650 5.35 6.90 52.45
C LEU A 1650 6.36 5.75 52.40
N SER A 1651 5.95 4.61 51.86
CA SER A 1651 6.78 3.41 51.92
C SER A 1651 7.95 3.50 50.94
N PRO A 1652 9.07 2.82 51.25
CA PRO A 1652 10.17 2.73 50.27
C PRO A 1652 9.78 2.04 48.97
N ALA A 1653 8.88 1.08 49.04
CA ALA A 1653 8.31 0.46 47.85
C ALA A 1653 7.14 1.31 47.36
N GLY A 1654 6.36 0.78 46.41
CA GLY A 1654 5.25 1.49 45.83
C GLY A 1654 5.43 1.82 44.37
N SER A 1655 6.65 2.14 43.95
CA SER A 1655 6.95 2.20 42.52
C SER A 1655 6.85 0.82 41.89
N SER A 1656 7.31 -0.21 42.61
CA SER A 1656 7.17 -1.57 42.13
C SER A 1656 5.76 -2.11 42.33
N TRP A 1657 5.00 -1.50 43.23
CA TRP A 1657 3.71 -2.04 43.59
C TRP A 1657 2.66 -1.73 42.52
N ASN A 1658 1.73 -2.66 42.32
CA ASN A 1658 0.68 -2.56 41.31
C ASN A 1658 -0.60 -2.05 41.96
N ILE A 1659 -1.12 -0.94 41.46
CA ILE A 1659 -2.38 -0.35 41.94
C ILE A 1659 -3.43 -0.25 40.85
N ASN A 1660 -3.24 -0.95 39.74
CA ASN A 1660 -4.13 -0.79 38.59
C ASN A 1660 -5.48 -1.45 38.87
N PRO A 1661 -6.58 -0.82 38.46
CA PRO A 1661 -7.89 -1.43 38.64
C PRO A 1661 -8.10 -2.62 37.71
N ILE A 1662 -8.97 -3.54 38.14
CA ILE A 1662 -9.23 -4.72 37.33
C ILE A 1662 -10.12 -4.37 36.15
N ILE A 1663 -10.05 -5.19 35.11
CA ILE A 1663 -10.86 -5.02 33.91
C ILE A 1663 -12.04 -5.97 34.00
N VAL A 1664 -13.23 -5.44 33.76
CA VAL A 1664 -14.47 -6.20 33.92
C VAL A 1664 -15.10 -6.42 32.54
N ASP A 1665 -15.36 -7.67 32.21
CA ASP A 1665 -16.06 -8.05 30.98
C ASP A 1665 -17.54 -8.19 31.29
N HIS A 1666 -18.36 -7.61 30.43
CA HIS A 1666 -19.76 -7.33 30.73
C HIS A 1666 -20.66 -8.06 29.74
N TYR A 1667 -21.59 -8.88 30.26
CA TYR A 1667 -22.47 -9.66 29.41
C TYR A 1667 -23.90 -9.61 29.93
N SER A 1668 -24.84 -9.24 29.07
CA SER A 1668 -26.24 -9.11 29.45
C SER A 1668 -26.99 -10.43 29.28
N CYS A 1669 -26.47 -11.46 29.93
CA CYS A 1669 -27.05 -12.80 29.86
C CYS A 1669 -26.97 -13.45 31.23
N SER A 1670 -27.72 -14.52 31.41
CA SER A 1670 -27.61 -15.30 32.63
C SER A 1670 -26.36 -16.16 32.59
N LEU A 1671 -25.96 -16.64 33.77
CA LEU A 1671 -24.79 -17.53 33.84
C LEU A 1671 -25.09 -18.89 33.25
N THR A 1672 -26.34 -19.36 33.38
CA THR A 1672 -26.72 -20.65 32.81
C THR A 1672 -26.69 -20.61 31.28
N TYR A 1673 -27.07 -19.47 30.69
CA TYR A 1673 -27.00 -19.34 29.24
C TYR A 1673 -25.57 -19.39 28.74
N LEU A 1674 -24.65 -18.72 29.44
CA LEU A 1674 -23.24 -18.75 29.08
C LEU A 1674 -22.67 -20.16 29.21
N ARG A 1675 -23.03 -20.86 30.30
CA ARG A 1675 -22.55 -22.23 30.50
C ARG A 1675 -23.08 -23.16 29.41
N ARG A 1676 -24.37 -23.09 29.11
CA ARG A 1676 -24.96 -23.99 28.11
C ARG A 1676 -24.45 -23.69 26.71
N GLY A 1677 -24.29 -22.41 26.37
CA GLY A 1677 -23.76 -22.07 25.06
C GLY A 1677 -22.31 -22.48 24.88
N SER A 1678 -21.49 -22.27 25.92
CA SER A 1678 -20.09 -22.69 25.85
C SER A 1678 -19.96 -24.20 25.78
N ILE A 1679 -20.73 -24.93 26.57
CA ILE A 1679 -20.66 -26.37 26.56
C ILE A 1679 -21.10 -26.88 25.20
N LYS A 1680 -22.15 -26.31 24.66
CA LYS A 1680 -22.67 -26.78 23.39
C LYS A 1680 -21.63 -26.59 22.33
N GLN A 1681 -21.11 -25.37 22.22
CA GLN A 1681 -20.13 -25.08 21.18
C GLN A 1681 -18.86 -25.90 21.36
N ILE A 1682 -18.43 -26.15 22.60
CA ILE A 1682 -17.17 -26.86 22.81
C ILE A 1682 -17.35 -28.35 22.51
N ARG A 1683 -18.57 -28.87 22.68
CA ARG A 1683 -18.81 -30.26 22.30
C ARG A 1683 -19.07 -30.39 20.82
N LEU A 1684 -19.69 -29.37 20.22
CA LEU A 1684 -20.05 -29.46 18.80
C LEU A 1684 -18.84 -29.22 17.91
N ARG A 1685 -17.96 -28.31 18.30
CA ARG A 1685 -16.68 -28.14 17.62
C ARG A 1685 -15.78 -29.32 17.98
N VAL A 1686 -14.60 -29.40 17.36
CA VAL A 1686 -13.77 -30.57 17.57
C VAL A 1686 -13.05 -30.52 18.93
N ASP A 1687 -13.76 -31.01 19.94
CA ASP A 1687 -13.18 -31.31 21.24
C ASP A 1687 -13.85 -32.57 21.77
N PRO A 1688 -13.44 -33.75 21.26
CA PRO A 1688 -14.02 -34.99 21.76
C PRO A 1688 -13.55 -35.30 23.17
N GLY A 1689 -14.35 -36.08 23.88
CA GLY A 1689 -13.99 -36.44 25.24
C GLY A 1689 -12.82 -37.41 25.27
N PHE A 1690 -11.88 -37.13 26.17
CA PHE A 1690 -10.69 -37.95 26.44
C PHE A 1690 -9.82 -38.17 25.21
N ASN A 1699 -11.98 -48.69 29.67
CA ASN A 1699 -10.86 -47.99 30.29
C ASN A 1699 -10.14 -48.91 31.27
N VAL A 1700 -10.63 -50.15 31.36
CA VAL A 1700 -10.06 -51.16 32.25
C VAL A 1700 -9.55 -52.35 31.42
N SER A 1701 -9.41 -52.17 30.11
CA SER A 1701 -9.06 -53.25 29.21
C SER A 1701 -7.62 -53.71 29.44
N GLN A 1702 -7.37 -55.00 29.19
CA GLN A 1702 -6.12 -55.68 29.45
C GLN A 1702 -5.54 -56.30 28.17
N PRO A 1703 -4.22 -56.18 27.98
CA PRO A 1703 -3.63 -56.63 26.71
C PRO A 1703 -3.55 -58.15 26.63
N LYS A 1704 -3.37 -58.65 25.41
CA LYS A 1704 -3.30 -60.09 25.16
C LYS A 1704 -2.02 -60.65 25.78
N ASN A 1712 23.79 -64.52 28.84
CA ASN A 1712 24.36 -63.21 29.15
C ASN A 1712 23.31 -62.13 29.03
N MET A 1713 23.45 -61.08 29.86
CA MET A 1713 22.56 -59.91 29.89
C MET A 1713 21.11 -60.32 30.13
N SER A 1714 20.86 -60.82 31.35
CA SER A 1714 19.58 -61.42 31.69
C SER A 1714 18.42 -60.45 31.57
N ILE A 1715 17.36 -60.91 30.90
CA ILE A 1715 16.16 -60.16 30.55
C ILE A 1715 14.98 -60.98 31.03
N LYS A 1716 13.77 -60.61 30.57
CA LYS A 1716 12.43 -61.15 30.81
C LYS A 1716 11.84 -60.60 32.10
N ALA A 1717 12.57 -59.79 32.86
CA ALA A 1717 11.98 -58.97 33.90
C ALA A 1717 11.59 -57.60 33.39
N PHE A 1718 11.90 -57.30 32.12
CA PHE A 1718 11.63 -56.00 31.52
C PHE A 1718 10.62 -56.09 30.37
N ARG A 1719 9.76 -57.10 30.36
CA ARG A 1719 8.84 -57.27 29.25
C ARG A 1719 7.74 -56.21 29.29
N PRO A 1720 7.53 -55.47 28.21
CA PRO A 1720 6.45 -54.49 28.17
C PRO A 1720 5.17 -55.13 27.70
N PRO A 1721 4.02 -54.49 27.94
CA PRO A 1721 2.77 -54.97 27.34
C PRO A 1721 2.77 -54.82 25.83
N HIS A 1722 2.09 -55.75 25.15
CA HIS A 1722 1.97 -55.71 23.71
C HIS A 1722 0.66 -56.38 23.30
N ASP A 1723 0.25 -56.05 22.08
CA ASP A 1723 -1.02 -56.51 21.53
C ASP A 1723 -0.78 -57.12 20.16
N ASP A 1724 -1.58 -58.12 19.81
CA ASP A 1724 -1.61 -58.62 18.45
C ASP A 1724 -2.52 -57.73 17.62
N VAL A 1725 -2.09 -57.44 16.40
CA VAL A 1725 -2.76 -56.44 15.56
C VAL A 1725 -4.13 -56.93 15.09
N ALA A 1726 -4.22 -58.19 14.67
CA ALA A 1726 -5.46 -58.70 14.09
C ALA A 1726 -6.59 -58.74 15.13
N LYS A 1727 -6.29 -59.26 16.32
CA LYS A 1727 -7.29 -59.36 17.38
C LYS A 1727 -7.72 -57.99 17.87
N LEU A 1728 -6.75 -57.07 18.00
CA LEU A 1728 -7.06 -55.70 18.41
C LEU A 1728 -7.91 -54.99 17.38
N LEU A 1729 -7.63 -55.22 16.09
CA LEU A 1729 -8.37 -54.58 15.02
C LEU A 1729 -9.81 -55.09 14.96
N LYS A 1730 -10.00 -56.41 15.13
CA LYS A 1730 -11.35 -56.95 15.22
C LYS A 1730 -12.10 -56.42 16.44
N ASP A 1731 -11.40 -56.28 17.58
CA ASP A 1731 -12.02 -55.77 18.79
C ASP A 1731 -12.47 -54.32 18.63
N ILE A 1732 -11.63 -53.50 17.99
CA ILE A 1732 -11.98 -52.09 17.76
C ILE A 1732 -13.15 -51.97 16.79
N ASN A 1733 -13.14 -52.76 15.71
CA ASN A 1733 -14.21 -52.67 14.73
C ASN A 1733 -15.54 -53.20 15.27
N THR A 1734 -15.50 -54.26 16.08
CA THR A 1734 -16.74 -54.86 16.55
C THR A 1734 -17.29 -54.16 17.79
N SER A 1735 -16.43 -53.49 18.55
CA SER A 1735 -16.88 -52.85 19.78
C SER A 1735 -17.74 -51.62 19.48
N LYS A 1736 -17.13 -50.62 18.84
CA LYS A 1736 -17.80 -49.38 18.39
C LYS A 1736 -18.49 -48.65 19.53
N HIS A 1737 -17.77 -48.45 20.63
CA HIS A 1737 -18.31 -47.72 21.76
C HIS A 1737 -18.38 -46.23 21.45
N ASN A 1738 -19.43 -45.58 21.97
CA ASN A 1738 -19.64 -44.16 21.69
C ASN A 1738 -18.65 -43.29 22.45
N LEU A 1739 -18.31 -43.70 23.68
CA LEU A 1739 -17.47 -43.00 24.66
C LEU A 1739 -17.81 -41.51 24.87
N PRO A 1740 -19.04 -41.18 25.24
CA PRO A 1740 -19.40 -39.76 25.36
C PRO A 1740 -18.96 -39.18 26.69
N ILE A 1741 -19.34 -37.92 26.91
CA ILE A 1741 -19.03 -37.22 28.15
C ILE A 1741 -20.26 -37.15 29.04
N LEU A 1746 -4.10 -34.07 31.56
CA LEU A 1746 -2.87 -34.07 30.76
C LEU A 1746 -1.79 -33.24 31.44
N ALA A 1747 -0.71 -32.98 30.68
CA ALA A 1747 0.44 -32.17 31.10
C ALA A 1747 1.10 -32.73 32.36
N ASN A 1748 1.63 -33.94 32.24
CA ASN A 1748 2.35 -34.59 33.32
C ASN A 1748 3.74 -34.96 32.83
N TYR A 1749 4.76 -34.62 33.61
CA TYR A 1749 6.15 -34.88 33.23
C TYR A 1749 6.94 -35.58 34.34
N GLU A 1750 6.26 -36.37 35.17
CA GLU A 1750 6.94 -37.06 36.26
C GLU A 1750 7.80 -38.22 35.76
N ILE A 1751 7.58 -38.68 34.53
CA ILE A 1751 8.33 -39.77 33.94
C ILE A 1751 9.82 -39.43 33.82
N HIS A 1752 10.15 -38.14 33.73
CA HIS A 1752 11.55 -37.73 33.64
C HIS A 1752 12.28 -37.91 34.96
N ALA A 1753 11.55 -38.15 36.06
CA ALA A 1753 12.21 -38.54 37.30
C ALA A 1753 12.84 -39.92 37.17
N PHE A 1754 12.27 -40.79 36.33
CA PHE A 1754 12.77 -42.15 36.21
C PHE A 1754 13.84 -42.29 35.13
N ARG A 1755 14.04 -41.25 34.31
CA ARG A 1755 15.02 -41.30 33.23
C ARG A 1755 16.28 -40.58 33.68
N ARG A 1756 17.24 -41.32 34.24
CA ARG A 1756 18.46 -40.68 34.75
C ARG A 1756 19.74 -41.26 34.18
N ILE A 1757 19.70 -41.92 33.03
CA ILE A 1757 20.88 -42.30 32.28
C ILE A 1757 20.73 -41.83 30.84
N GLY A 1758 21.76 -41.18 30.33
CA GLY A 1758 21.73 -40.65 28.98
C GLY A 1758 21.87 -39.14 28.99
N LEU A 1759 23.01 -38.64 28.50
CA LEU A 1759 23.29 -37.21 28.61
C LEU A 1759 22.45 -36.41 27.63
N ASN A 1760 22.23 -36.92 26.43
CA ASN A 1760 21.48 -36.19 25.42
C ASN A 1760 20.09 -36.76 25.17
N SER A 1761 19.90 -38.06 25.32
CA SER A 1761 18.60 -38.67 25.23
C SER A 1761 18.56 -39.87 26.15
N SER A 1762 17.36 -40.19 26.64
CA SER A 1762 17.16 -41.34 27.50
C SER A 1762 16.07 -42.24 26.94
N ALA A 1763 16.13 -42.51 25.64
CA ALA A 1763 15.22 -43.44 24.98
C ALA A 1763 15.74 -44.87 25.03
N CYS A 1764 16.89 -45.08 25.68
CA CYS A 1764 17.53 -46.39 25.73
C CYS A 1764 16.79 -47.38 26.63
N TYR A 1765 15.98 -46.87 27.57
CA TYR A 1765 15.10 -47.74 28.37
C TYR A 1765 14.11 -48.47 27.47
N LYS A 1766 13.54 -47.73 26.51
CA LYS A 1766 12.64 -48.30 25.52
C LYS A 1766 13.36 -49.31 24.65
N ALA A 1767 14.64 -49.06 24.36
CA ALA A 1767 15.43 -50.01 23.57
C ALA A 1767 15.60 -51.33 24.29
N VAL A 1768 15.83 -51.29 25.61
CA VAL A 1768 15.90 -52.52 26.41
C VAL A 1768 14.57 -53.27 26.37
N GLU A 1769 13.47 -52.54 26.58
CA GLU A 1769 12.16 -53.19 26.65
C GLU A 1769 11.73 -53.81 25.31
N ILE A 1770 12.01 -53.13 24.20
CA ILE A 1770 11.70 -53.72 22.89
C ILE A 1770 12.63 -54.88 22.58
N SER A 1771 13.90 -54.77 22.99
CA SER A 1771 14.85 -55.84 22.70
C SER A 1771 14.53 -57.14 23.44
N THR A 1772 13.81 -57.05 24.57
CA THR A 1772 13.31 -58.27 25.21
C THR A 1772 12.37 -59.06 24.30
N LEU A 1773 11.63 -58.38 23.42
CA LEU A 1773 10.80 -59.11 22.45
C LEU A 1773 11.57 -59.46 21.19
N ILE A 1774 12.54 -58.62 20.81
CA ILE A 1774 13.29 -58.89 19.56
C ILE A 1774 14.21 -60.11 19.71
N ARG A 1775 14.87 -60.28 20.87
CA ARG A 1775 16.08 -61.09 20.96
C ARG A 1775 15.84 -62.57 20.69
N ARG A 1776 14.63 -63.07 20.97
CA ARG A 1776 14.36 -64.48 20.74
C ARG A 1776 14.29 -64.81 19.25
N CYS A 1777 13.69 -63.92 18.46
CA CYS A 1777 13.49 -64.20 17.04
C CYS A 1777 14.76 -63.96 16.23
N LEU A 1778 15.61 -63.07 16.70
CA LEU A 1778 16.80 -62.66 15.95
C LEU A 1778 18.03 -63.39 16.47
N GLU A 1779 18.88 -63.83 15.55
CA GLU A 1779 20.21 -64.30 15.86
C GLU A 1779 21.14 -63.09 16.02
N PRO A 1780 22.44 -63.31 16.29
CA PRO A 1780 23.41 -62.28 15.92
C PRO A 1780 23.27 -61.97 14.44
N GLY A 1781 22.86 -60.73 14.13
CA GLY A 1781 22.48 -60.40 12.77
C GLY A 1781 23.62 -59.79 11.98
N GLU A 1782 24.57 -59.17 12.69
CA GLU A 1782 25.70 -58.43 12.11
C GLU A 1782 25.26 -57.41 11.06
N ASP A 1783 24.14 -56.73 11.33
CA ASP A 1783 23.50 -55.87 10.36
C ASP A 1783 22.68 -54.83 11.12
N GLY A 1784 22.03 -53.95 10.37
CA GLY A 1784 21.19 -52.97 11.01
C GLY A 1784 21.13 -51.61 10.34
N LEU A 1785 19.91 -51.12 10.13
CA LEU A 1785 19.66 -49.81 9.56
C LEU A 1785 18.81 -49.01 10.53
N PHE A 1786 19.22 -47.77 10.79
CA PHE A 1786 18.58 -46.92 11.77
C PHE A 1786 18.21 -45.59 11.14
N LEU A 1787 16.94 -45.22 11.22
CA LEU A 1787 16.42 -44.03 10.58
C LEU A 1787 15.94 -43.03 11.63
N GLY A 1788 16.45 -41.82 11.54
CA GLY A 1788 16.07 -40.74 12.46
C GLY A 1788 16.45 -40.99 13.90
N GLU A 1789 17.69 -41.43 14.15
CA GLU A 1789 18.06 -41.83 15.51
C GLU A 1789 18.18 -40.64 16.45
N GLY A 1790 18.90 -39.60 16.05
CA GLY A 1790 19.07 -38.47 16.95
C GLY A 1790 19.94 -38.78 18.15
N SER A 1791 21.26 -38.87 17.92
CA SER A 1791 22.37 -39.10 18.84
C SER A 1791 22.50 -40.56 19.28
N GLY A 1792 21.53 -41.41 18.94
CA GLY A 1792 21.72 -42.85 18.97
C GLY A 1792 21.96 -43.50 20.32
N SER A 1793 21.18 -43.15 21.35
CA SER A 1793 21.22 -43.92 22.59
C SER A 1793 20.67 -45.32 22.39
N MET A 1794 19.55 -45.42 21.67
CA MET A 1794 18.96 -46.71 21.34
C MET A 1794 19.87 -47.52 20.45
N LEU A 1795 20.67 -46.85 19.61
CA LEU A 1795 21.57 -47.58 18.73
C LEU A 1795 22.68 -48.28 19.53
N ILE A 1796 23.22 -47.60 20.55
CA ILE A 1796 24.21 -48.20 21.43
C ILE A 1796 23.62 -49.37 22.20
N THR A 1797 22.40 -49.20 22.72
CA THR A 1797 21.73 -50.27 23.44
C THR A 1797 21.46 -51.49 22.56
N TYR A 1798 20.90 -51.26 21.37
CA TYR A 1798 20.60 -52.35 20.44
C TYR A 1798 21.88 -52.99 19.93
N LYS A 1799 22.96 -52.22 19.81
CA LYS A 1799 24.23 -52.78 19.37
C LYS A 1799 24.82 -53.72 20.40
N GLU A 1800 24.72 -53.39 21.69
CA GLU A 1800 25.27 -54.34 22.64
C GLU A 1800 24.36 -55.54 22.83
N ILE A 1801 23.07 -55.30 23.09
CA ILE A 1801 22.24 -56.38 23.61
C ILE A 1801 21.81 -57.35 22.50
N LEU A 1802 21.85 -56.90 21.25
CA LEU A 1802 21.53 -57.78 20.12
C LEU A 1802 22.75 -58.21 19.33
N LYS A 1803 23.93 -57.63 19.65
CA LYS A 1803 25.22 -57.98 19.05
C LYS A 1803 25.23 -57.75 17.54
N LEU A 1804 25.02 -56.51 17.14
CA LEU A 1804 25.05 -56.11 15.74
C LEU A 1804 26.42 -55.51 15.44
N SER A 1805 27.05 -55.94 14.35
CA SER A 1805 28.38 -55.40 14.05
C SER A 1805 28.28 -54.13 13.22
N LYS A 1806 27.52 -54.17 12.13
CA LYS A 1806 27.47 -53.09 11.16
C LYS A 1806 26.17 -52.31 11.35
N CYS A 1807 26.28 -51.00 11.51
CA CYS A 1807 25.12 -50.15 11.77
C CYS A 1807 25.15 -48.96 10.81
N PHE A 1808 23.99 -48.67 10.23
CA PHE A 1808 23.82 -47.54 9.33
C PHE A 1808 22.95 -46.50 10.01
N TYR A 1809 23.36 -45.24 9.93
CA TYR A 1809 22.73 -44.14 10.67
C TYR A 1809 22.24 -43.09 9.68
N ASN A 1810 20.97 -42.71 9.79
CA ASN A 1810 20.42 -41.72 8.87
C ASN A 1810 20.29 -40.31 9.42
N SER A 1811 19.41 -40.12 10.40
CA SER A 1811 18.99 -38.82 10.95
C SER A 1811 18.45 -37.86 9.88
N GLY A 1812 18.24 -36.61 10.24
CA GLY A 1812 17.77 -35.61 9.30
C GLY A 1812 18.45 -34.28 9.51
N VAL A 1813 19.10 -33.76 8.47
CA VAL A 1813 20.00 -32.62 8.58
C VAL A 1813 19.50 -31.50 7.67
N SER A 1814 19.39 -30.29 8.22
CA SER A 1814 19.14 -29.09 7.45
C SER A 1814 20.46 -28.43 7.10
N ALA A 1815 20.45 -27.61 6.05
CA ALA A 1815 21.65 -26.92 5.60
C ALA A 1815 22.11 -25.86 6.59
N GLU A 1823 32.08 -27.50 8.29
CA GLU A 1823 31.28 -28.44 9.07
C GLU A 1823 30.54 -29.42 8.16
N LEU A 1824 29.24 -29.57 8.42
CA LEU A 1824 28.35 -30.50 7.71
C LEU A 1824 28.87 -31.93 7.73
N ALA A 1825 29.34 -32.36 8.90
CA ALA A 1825 29.73 -33.76 9.13
C ALA A 1825 28.98 -34.22 10.38
N PRO A 1826 27.72 -34.64 10.23
CA PRO A 1826 26.94 -35.04 11.41
C PRO A 1826 27.45 -36.35 12.00
N TYR A 1827 27.42 -36.44 13.32
CA TYR A 1827 27.77 -37.67 13.98
C TYR A 1827 27.03 -37.70 15.31
N PRO A 1828 26.58 -38.87 15.75
CA PRO A 1828 25.82 -38.96 17.00
C PRO A 1828 26.68 -38.63 18.22
N SER A 1829 26.09 -37.88 19.14
CA SER A 1829 26.85 -37.41 20.29
C SER A 1829 27.00 -38.50 21.35
N GLU A 1830 25.93 -39.24 21.65
CA GLU A 1830 26.01 -40.32 22.64
C GLU A 1830 26.90 -41.46 22.16
N VAL A 1831 26.86 -41.76 20.86
CA VAL A 1831 27.74 -42.79 20.31
C VAL A 1831 29.19 -42.33 20.38
N GLY A 1832 29.43 -41.03 20.17
CA GLY A 1832 30.76 -40.49 20.34
C GLY A 1832 31.27 -40.57 21.77
N LEU A 1833 30.41 -40.26 22.74
CA LEU A 1833 30.81 -40.35 24.14
C LEU A 1833 31.06 -41.79 24.57
N VAL A 1834 30.23 -42.73 24.10
CA VAL A 1834 30.45 -44.14 24.42
C VAL A 1834 31.73 -44.66 23.78
N GLU A 1835 31.98 -44.30 22.51
CA GLU A 1835 33.16 -44.80 21.84
C GLU A 1835 34.43 -44.12 22.33
N HIS A 1836 34.28 -42.97 23.02
CA HIS A 1836 35.45 -42.35 23.64
C HIS A 1836 35.71 -42.92 25.04
N ARG A 1837 34.64 -43.12 25.82
CA ARG A 1837 34.81 -43.56 27.21
C ARG A 1837 35.17 -45.05 27.28
N MET A 1838 34.54 -45.88 26.43
CA MET A 1838 34.74 -47.33 26.50
C MET A 1838 36.15 -47.71 26.10
N GLY A 1839 36.77 -46.93 25.21
CA GLY A 1839 38.15 -47.17 24.84
C GLY A 1839 38.52 -46.34 23.64
N VAL A 1840 39.38 -46.89 22.80
CA VAL A 1840 39.63 -46.28 21.50
C VAL A 1840 38.58 -46.90 20.58
N GLY A 1841 37.40 -46.32 20.57
CA GLY A 1841 36.38 -46.75 19.65
C GLY A 1841 36.30 -45.80 18.46
N ASN A 1842 36.41 -46.36 17.27
CA ASN A 1842 36.48 -45.57 16.05
C ASN A 1842 35.25 -45.82 15.20
N ILE A 1843 34.64 -44.74 14.72
CA ILE A 1843 33.64 -44.72 13.66
C ILE A 1843 32.35 -45.44 14.06
N VAL A 1844 32.43 -46.76 14.27
CA VAL A 1844 31.36 -47.65 14.74
C VAL A 1844 30.22 -47.77 13.72
N LYS A 1845 29.61 -46.66 13.33
CA LYS A 1845 28.52 -46.65 12.38
C LYS A 1845 28.97 -46.12 11.04
N VAL A 1846 28.34 -46.59 9.97
CA VAL A 1846 28.77 -46.27 8.62
C VAL A 1846 28.47 -44.83 8.26
N LEU A 1847 27.26 -44.34 8.62
CA LEU A 1847 26.75 -42.99 8.44
C LEU A 1847 26.54 -42.65 6.95
N PHE A 1848 25.80 -41.58 6.66
CA PHE A 1848 25.45 -41.23 5.30
C PHE A 1848 26.04 -39.87 4.97
N ASN A 1849 25.66 -39.32 3.81
CA ASN A 1849 26.47 -38.30 3.14
C ASN A 1849 26.52 -36.99 3.92
N GLY A 1850 25.39 -36.47 4.34
CA GLY A 1850 25.35 -35.18 5.01
C GLY A 1850 24.94 -34.02 4.13
N ARG A 1851 24.82 -34.22 2.82
CA ARG A 1851 24.15 -33.27 1.96
C ARG A 1851 22.67 -33.24 2.34
N PRO A 1852 22.00 -32.09 2.23
CA PRO A 1852 20.67 -31.96 2.86
C PRO A 1852 19.56 -32.76 2.20
N GLU A 1853 19.57 -32.92 0.88
CA GLU A 1853 18.46 -33.62 0.21
C GLU A 1853 18.54 -35.12 0.42
N VAL A 1854 19.75 -35.67 0.50
CA VAL A 1854 19.97 -36.95 1.14
C VAL A 1854 19.62 -36.83 2.61
N THR A 1855 19.03 -37.89 3.20
CA THR A 1855 18.15 -37.91 4.37
C THR A 1855 16.86 -37.21 3.94
N TRP A 1856 16.09 -36.66 4.89
CA TRP A 1856 14.70 -36.22 4.67
C TRP A 1856 13.89 -37.40 4.11
N VAL A 1857 13.74 -38.42 4.93
CA VAL A 1857 13.16 -39.68 4.47
C VAL A 1857 11.67 -39.50 4.18
N GLY A 1858 11.21 -40.16 3.13
CA GLY A 1858 9.95 -39.86 2.50
C GLY A 1858 10.09 -39.17 1.16
N SER A 1859 11.30 -38.76 0.80
CA SER A 1859 11.60 -38.11 -0.46
C SER A 1859 12.31 -39.07 -1.40
N VAL A 1860 12.39 -38.69 -2.67
CA VAL A 1860 12.96 -39.56 -3.70
C VAL A 1860 14.47 -39.69 -3.52
N ASP A 1861 15.14 -38.59 -3.17
CA ASP A 1861 16.59 -38.58 -3.06
C ASP A 1861 17.09 -39.48 -1.94
N CYS A 1862 16.39 -39.48 -0.80
CA CYS A 1862 16.75 -40.34 0.32
C CYS A 1862 16.60 -41.80 -0.04
N PHE A 1863 15.50 -42.15 -0.72
CA PHE A 1863 15.26 -43.53 -1.11
C PHE A 1863 16.31 -44.02 -2.09
N ASN A 1864 16.64 -43.19 -3.07
CA ASN A 1864 17.67 -43.55 -4.05
C ASN A 1864 19.04 -43.70 -3.40
N PHE A 1865 19.40 -42.80 -2.48
CA PHE A 1865 20.70 -42.86 -1.84
C PHE A 1865 20.84 -44.08 -0.92
N ILE A 1866 19.81 -44.34 -0.11
CA ILE A 1866 19.88 -45.47 0.82
C ILE A 1866 19.84 -46.79 0.08
N VAL A 1867 19.06 -46.88 -1.00
CA VAL A 1867 19.03 -48.11 -1.81
C VAL A 1867 20.36 -48.31 -2.52
N SER A 1868 20.98 -47.23 -2.98
CA SER A 1868 22.27 -47.34 -3.68
C SER A 1868 23.39 -47.76 -2.74
N ASN A 1869 23.42 -47.28 -1.51
CA ASN A 1869 24.54 -47.59 -0.62
C ASN A 1869 24.48 -48.98 -0.02
N ILE A 1870 23.42 -49.27 0.73
CA ILE A 1870 23.27 -50.58 1.36
C ILE A 1870 22.99 -51.67 0.35
N PRO A 1871 23.64 -52.84 0.49
CA PRO A 1871 23.39 -53.98 -0.41
C PRO A 1871 22.00 -54.60 -0.25
N THR A 1872 21.42 -55.08 -1.35
CA THR A 1872 20.08 -55.66 -1.30
C THR A 1872 19.97 -56.96 -0.53
N SER A 1873 18.87 -57.15 0.18
CA SER A 1873 18.66 -58.36 0.95
C SER A 1873 19.79 -58.64 1.90
N SER A 1874 20.29 -57.60 2.56
CA SER A 1874 21.41 -57.78 3.46
C SER A 1874 21.11 -57.49 4.92
N VAL A 1875 20.48 -56.37 5.23
CA VAL A 1875 20.28 -56.04 6.64
C VAL A 1875 19.17 -56.88 7.23
N GLY A 1876 19.23 -57.09 8.55
CA GLY A 1876 18.30 -57.95 9.23
C GLY A 1876 17.50 -57.28 10.34
N PHE A 1877 17.82 -56.03 10.63
CA PHE A 1877 17.13 -55.26 11.66
C PHE A 1877 16.99 -53.82 11.20
N ILE A 1878 15.75 -53.36 11.01
CA ILE A 1878 15.48 -52.00 10.58
C ILE A 1878 14.65 -51.32 11.66
N HIS A 1879 15.07 -50.13 12.07
CA HIS A 1879 14.47 -49.39 13.16
C HIS A 1879 14.23 -47.95 12.73
N SER A 1880 13.07 -47.40 13.09
CA SER A 1880 12.71 -46.04 12.75
C SER A 1880 12.17 -45.32 13.97
N ASP A 1881 12.77 -44.18 14.30
CA ASP A 1881 12.47 -43.38 15.48
C ASP A 1881 12.20 -41.93 15.08
N ILE A 1882 11.32 -41.72 14.11
CA ILE A 1882 11.11 -40.38 13.59
C ILE A 1882 10.03 -39.68 14.41
N GLU A 1883 10.36 -38.50 14.93
CA GLU A 1883 9.49 -37.76 15.81
C GLU A 1883 8.59 -36.85 15.00
N THR A 1884 7.29 -36.90 15.27
CA THR A 1884 6.29 -36.20 14.48
C THR A 1884 5.78 -34.99 15.25
N LEU A 1885 5.90 -33.82 14.62
CA LEU A 1885 5.30 -32.62 15.19
C LEU A 1885 3.78 -32.72 15.12
N PRO A 1886 3.06 -32.10 16.07
CA PRO A 1886 1.59 -32.28 16.12
C PRO A 1886 0.83 -31.72 14.92
N ASP A 1887 1.41 -30.76 14.21
CA ASP A 1887 0.75 -30.13 13.07
C ASP A 1887 1.19 -30.67 11.71
N LYS A 1888 1.83 -31.83 11.68
CA LYS A 1888 2.31 -32.38 10.41
C LYS A 1888 1.15 -32.91 9.59
N ASP A 1889 1.26 -32.76 8.27
CA ASP A 1889 0.24 -33.24 7.35
C ASP A 1889 0.20 -34.77 7.33
N THR A 1890 -1.01 -35.32 7.24
CA THR A 1890 -1.17 -36.78 7.34
C THR A 1890 -0.70 -37.49 6.08
N ILE A 1891 -0.87 -36.87 4.92
CA ILE A 1891 -0.41 -37.46 3.67
C ILE A 1891 1.11 -37.54 3.63
N GLU A 1892 1.77 -36.51 4.17
CA GLU A 1892 3.22 -36.49 4.25
C GLU A 1892 3.76 -37.59 5.17
N LYS A 1893 3.08 -37.82 6.30
CA LYS A 1893 3.45 -38.90 7.20
C LYS A 1893 3.22 -40.26 6.55
N LEU A 1894 2.17 -40.37 5.74
CA LEU A 1894 1.92 -41.61 5.00
C LEU A 1894 3.01 -41.85 3.96
N GLU A 1895 3.49 -40.79 3.30
CA GLU A 1895 4.61 -40.94 2.37
C GLU A 1895 5.87 -41.40 3.07
N GLU A 1896 6.14 -40.86 4.26
CA GLU A 1896 7.29 -41.29 5.05
C GLU A 1896 7.19 -42.76 5.44
N LEU A 1897 6.02 -43.20 5.91
CA LEU A 1897 5.83 -44.60 6.30
C LEU A 1897 5.93 -45.54 5.11
N ALA A 1898 5.42 -45.12 3.95
CA ALA A 1898 5.51 -45.92 2.74
C ALA A 1898 6.96 -46.05 2.28
N ALA A 1899 7.75 -44.98 2.42
CA ALA A 1899 9.17 -45.04 2.08
C ALA A 1899 9.91 -46.03 2.98
N ILE A 1900 9.62 -45.99 4.29
CA ILE A 1900 10.25 -46.94 5.22
C ILE A 1900 9.87 -48.38 4.90
N LEU A 1901 8.60 -48.62 4.58
CA LEU A 1901 8.16 -49.97 4.24
C LEU A 1901 8.79 -50.48 2.96
N SER A 1902 8.92 -49.62 1.95
CA SER A 1902 9.53 -50.04 0.69
C SER A 1902 11.02 -50.32 0.85
N MET A 1903 11.72 -49.51 1.66
CA MET A 1903 13.11 -49.80 1.99
C MET A 1903 13.24 -51.12 2.74
N ALA A 1904 12.26 -51.42 3.62
CA ALA A 1904 12.30 -52.67 4.36
C ALA A 1904 12.08 -53.88 3.46
N LEU A 1905 11.17 -53.76 2.49
CA LEU A 1905 10.95 -54.88 1.58
C LEU A 1905 12.13 -55.08 0.63
N LEU A 1906 12.82 -54.00 0.26
CA LEU A 1906 13.93 -54.16 -0.68
C LEU A 1906 15.19 -54.64 0.03
N LEU A 1907 15.57 -53.99 1.14
CA LEU A 1907 16.87 -54.25 1.74
C LEU A 1907 16.85 -55.27 2.86
N GLY A 1908 15.69 -55.81 3.24
CA GLY A 1908 15.64 -56.76 4.32
C GLY A 1908 15.81 -58.20 3.86
N LYS A 1909 16.31 -59.03 4.76
CA LYS A 1909 16.39 -60.46 4.50
C LYS A 1909 15.06 -61.14 4.84
N ILE A 1910 15.06 -62.47 4.74
CA ILE A 1910 13.84 -63.23 5.03
C ILE A 1910 13.54 -63.22 6.52
N GLY A 1911 14.56 -63.34 7.35
CA GLY A 1911 14.33 -63.27 8.78
C GLY A 1911 14.36 -61.88 9.37
N SER A 1912 14.17 -60.85 8.55
CA SER A 1912 14.37 -59.48 9.01
C SER A 1912 13.22 -59.02 9.91
N ILE A 1913 13.53 -58.02 10.75
CA ILE A 1913 12.60 -57.44 11.71
C ILE A 1913 12.55 -55.94 11.47
N LEU A 1914 11.34 -55.39 11.48
CA LEU A 1914 11.11 -53.96 11.27
C LEU A 1914 10.38 -53.37 12.46
N VAL A 1915 10.96 -52.32 13.06
CA VAL A 1915 10.37 -51.63 14.20
C VAL A 1915 10.16 -50.17 13.82
N ILE A 1916 8.94 -49.68 13.96
CA ILE A 1916 8.60 -48.30 13.63
C ILE A 1916 7.93 -47.64 14.82
N LYS A 1917 8.39 -46.45 15.19
CA LYS A 1917 7.72 -45.67 16.23
C LYS A 1917 6.50 -44.95 15.64
N LEU A 1918 5.36 -45.09 16.32
CA LEU A 1918 4.11 -44.49 15.87
C LEU A 1918 3.55 -43.59 16.97
N MET A 1919 2.89 -42.51 16.57
CA MET A 1919 2.15 -41.65 17.49
C MET A 1919 0.81 -41.29 16.85
N PRO A 1920 -0.18 -42.16 16.98
CA PRO A 1920 -1.43 -41.98 16.23
C PRO A 1920 -2.28 -40.81 16.73
N PHE A 1921 -3.06 -40.26 15.80
CA PHE A 1921 -4.10 -39.28 16.09
C PHE A 1921 -5.36 -39.70 15.36
N SER A 1922 -6.50 -39.20 15.83
CA SER A 1922 -7.78 -39.55 15.20
C SER A 1922 -7.90 -38.86 13.85
N GLY A 1923 -8.26 -39.64 12.83
CA GLY A 1923 -8.33 -39.14 11.48
C GLY A 1923 -7.06 -39.29 10.68
N ASP A 1924 -6.04 -39.95 11.21
CA ASP A 1924 -4.79 -40.16 10.49
C ASP A 1924 -4.91 -41.38 9.58
N PHE A 1925 -3.81 -41.69 8.90
CA PHE A 1925 -3.71 -42.90 8.09
C PHE A 1925 -2.90 -43.98 8.76
N VAL A 1926 -2.74 -43.91 10.09
CA VAL A 1926 -1.89 -44.87 10.79
C VAL A 1926 -2.52 -46.25 10.80
N GLN A 1927 -3.82 -46.33 11.12
CA GLN A 1927 -4.51 -47.62 11.25
C GLN A 1927 -4.57 -48.37 9.92
N GLY A 1928 -4.68 -47.63 8.81
CA GLY A 1928 -4.56 -48.24 7.50
C GLY A 1928 -3.20 -48.86 7.26
N PHE A 1929 -2.14 -48.20 7.73
CA PHE A 1929 -0.79 -48.74 7.59
C PHE A 1929 -0.60 -49.99 8.45
N ILE A 1930 -1.14 -49.97 9.66
CA ILE A 1930 -1.03 -51.12 10.56
C ILE A 1930 -1.80 -52.32 10.01
N SER A 1931 -2.94 -52.06 9.36
CA SER A 1931 -3.67 -53.14 8.72
C SER A 1931 -2.99 -53.60 7.45
N TYR A 1932 -2.26 -52.70 6.78
CA TYR A 1932 -1.61 -53.05 5.51
C TYR A 1932 -0.40 -53.95 5.72
N VAL A 1933 0.42 -53.67 6.74
CA VAL A 1933 1.70 -54.37 6.86
C VAL A 1933 1.58 -55.80 7.35
N GLY A 1934 0.37 -56.29 7.63
CA GLY A 1934 0.22 -57.65 8.13
C GLY A 1934 0.47 -58.72 7.09
N SER A 1935 0.39 -58.34 5.81
CA SER A 1935 0.57 -59.33 4.74
C SER A 1935 2.02 -59.73 4.58
N HIS A 1936 2.95 -58.77 4.67
CA HIS A 1936 4.34 -59.05 4.34
C HIS A 1936 5.08 -59.70 5.51
N TYR A 1937 4.54 -59.62 6.73
CA TYR A 1937 5.21 -60.15 7.90
C TYR A 1937 4.31 -61.15 8.62
N ARG A 1938 4.93 -62.23 9.13
CA ARG A 1938 4.15 -63.23 9.86
C ARG A 1938 3.65 -62.73 11.20
N GLU A 1939 4.50 -62.07 11.99
CA GLU A 1939 4.09 -61.62 13.32
C GLU A 1939 4.16 -60.11 13.42
N VAL A 1940 3.00 -59.47 13.62
CA VAL A 1940 2.93 -58.02 13.76
C VAL A 1940 2.31 -57.72 15.12
N ASN A 1941 3.02 -56.95 15.94
CA ASN A 1941 2.59 -56.62 17.29
C ASN A 1941 2.74 -55.13 17.55
N LEU A 1942 1.96 -54.63 18.50
CA LEU A 1942 2.02 -53.23 18.92
C LEU A 1942 2.47 -53.21 20.38
N VAL A 1943 3.58 -52.52 20.64
CA VAL A 1943 4.31 -52.63 21.90
C VAL A 1943 4.24 -51.30 22.63
N TYR A 1944 3.96 -51.35 23.93
CA TYR A 1944 3.67 -50.19 24.75
C TYR A 1944 4.76 -50.08 25.80
N PRO A 1945 5.78 -49.24 25.63
CA PRO A 1945 6.91 -49.24 26.56
C PRO A 1945 6.55 -48.58 27.89
N ARG A 1946 7.07 -49.15 28.98
CA ARG A 1946 6.73 -48.66 30.31
C ARG A 1946 7.40 -47.33 30.62
N TYR A 1947 8.55 -47.07 30.00
CA TYR A 1947 9.25 -45.83 30.28
C TYR A 1947 8.84 -44.70 29.35
N SER A 1948 7.85 -44.92 28.49
CA SER A 1948 7.23 -43.84 27.76
C SER A 1948 6.25 -43.07 28.64
N ASN A 1949 5.99 -41.82 28.25
CA ASN A 1949 5.03 -41.00 28.98
C ASN A 1949 3.61 -41.50 28.73
N PHE A 1950 2.82 -41.59 29.80
CA PHE A 1950 1.50 -42.20 29.68
C PHE A 1950 0.48 -41.23 29.09
N ILE A 1951 0.80 -39.93 29.06
CA ILE A 1951 -0.13 -38.96 28.48
C ILE A 1951 -0.06 -39.01 26.95
N SER A 1952 1.03 -39.54 26.40
CA SER A 1952 1.21 -39.62 24.97
C SER A 1952 0.64 -40.93 24.43
N THR A 1953 0.44 -40.96 23.11
CA THR A 1953 -0.07 -42.14 22.44
C THR A 1953 0.99 -42.91 21.70
N GLU A 1954 2.28 -42.69 21.99
CA GLU A 1954 3.31 -43.33 21.19
C GLU A 1954 3.41 -44.81 21.50
N SER A 1955 3.70 -45.59 20.47
CA SER A 1955 3.79 -47.03 20.54
C SER A 1955 4.85 -47.46 19.55
N TYR A 1956 5.20 -48.74 19.57
CA TYR A 1956 6.15 -49.27 18.61
C TYR A 1956 5.54 -50.46 17.89
N LEU A 1957 5.49 -50.37 16.57
CA LEU A 1957 5.00 -51.45 15.73
C LEU A 1957 6.19 -52.35 15.40
N VAL A 1958 6.11 -53.61 15.82
CA VAL A 1958 7.18 -54.58 15.66
C VAL A 1958 6.69 -55.67 14.72
N MET A 1959 7.38 -55.84 13.60
CA MET A 1959 7.04 -56.82 12.59
C MET A 1959 8.19 -57.80 12.42
N THR A 1960 7.88 -59.08 12.39
CA THR A 1960 8.85 -60.17 12.40
C THR A 1960 8.47 -61.18 11.32
N ASP A 1961 9.50 -61.80 10.75
CA ASP A 1961 9.42 -62.80 9.67
C ASP A 1961 8.80 -62.21 8.40
N LEU A 1962 9.60 -61.37 7.74
CA LEU A 1962 9.32 -60.96 6.37
C LEU A 1962 9.15 -62.18 5.47
N LYS A 1963 8.03 -62.24 4.75
CA LYS A 1963 7.74 -63.45 3.99
C LYS A 1963 8.55 -63.51 2.69
N ALA A 1964 8.76 -62.36 2.04
CA ALA A 1964 9.48 -62.33 0.76
C ALA A 1964 10.00 -60.93 0.51
N ASN A 1965 10.97 -60.85 -0.41
CA ASN A 1965 11.47 -59.58 -0.90
C ASN A 1965 10.69 -59.16 -2.13
N ARG A 1966 10.19 -57.93 -2.14
CA ARG A 1966 9.47 -57.38 -3.26
C ARG A 1966 10.03 -56.01 -3.61
N LEU A 1967 9.79 -55.59 -4.85
CA LEU A 1967 10.15 -54.27 -5.32
C LEU A 1967 8.88 -53.45 -5.50
N MET A 1968 8.63 -52.54 -4.56
CA MET A 1968 7.42 -51.73 -4.53
C MET A 1968 7.82 -50.28 -4.40
N ASN A 1969 7.32 -49.43 -5.29
CA ASN A 1969 7.52 -48.00 -5.10
C ASN A 1969 6.58 -47.47 -4.01
N PRO A 1970 6.98 -46.43 -3.27
CA PRO A 1970 6.14 -45.94 -2.17
C PRO A 1970 4.79 -45.37 -2.60
N GLU A 1971 4.69 -44.90 -3.84
CA GLU A 1971 3.48 -44.23 -4.28
C GLU A 1971 2.32 -45.20 -4.42
N LYS A 1972 2.59 -46.42 -4.89
CA LYS A 1972 1.53 -47.43 -4.99
C LYS A 1972 1.05 -47.86 -3.62
N ILE A 1973 1.97 -47.96 -2.65
CA ILE A 1973 1.59 -48.28 -1.27
C ILE A 1973 0.71 -47.17 -0.69
N LYS A 1974 1.08 -45.92 -0.95
CA LYS A 1974 0.27 -44.79 -0.49
C LYS A 1974 -1.12 -44.80 -1.10
N GLN A 1975 -1.21 -45.09 -2.41
CA GLN A 1975 -2.51 -45.11 -3.05
C GLN A 1975 -3.37 -46.28 -2.59
N GLN A 1976 -2.76 -47.43 -2.31
CA GLN A 1976 -3.54 -48.56 -1.78
C GLN A 1976 -4.06 -48.27 -0.38
N ILE A 1977 -3.26 -47.61 0.46
CA ILE A 1977 -3.74 -47.29 1.81
C ILE A 1977 -4.84 -46.23 1.76
N ILE A 1978 -4.74 -45.26 0.83
CA ILE A 1978 -5.80 -44.27 0.69
C ILE A 1978 -7.08 -44.90 0.13
N GLU A 1979 -6.96 -45.83 -0.83
CA GLU A 1979 -8.13 -46.48 -1.38
C GLU A 1979 -8.75 -47.48 -0.40
N SER A 1980 -7.98 -47.92 0.60
CA SER A 1980 -8.56 -48.79 1.63
C SER A 1980 -9.52 -48.02 2.53
N SER A 1981 -9.35 -46.70 2.62
CA SER A 1981 -10.22 -45.72 3.29
C SER A 1981 -10.32 -45.92 4.79
N VAL A 1982 -9.38 -46.61 5.43
CA VAL A 1982 -9.37 -46.73 6.88
C VAL A 1982 -8.65 -45.52 7.46
N ARG A 1983 -9.34 -44.80 8.36
CA ARG A 1983 -8.81 -43.53 8.87
C ARG A 1983 -8.82 -43.44 10.39
N THR A 1984 -8.41 -44.51 11.09
CA THR A 1984 -8.27 -44.61 12.55
C THR A 1984 -9.59 -44.46 13.31
N SER A 1985 -9.56 -44.74 14.60
CA SER A 1985 -10.74 -44.61 15.43
C SER A 1985 -10.37 -43.98 16.75
N PRO A 1986 -11.30 -43.30 17.41
CA PRO A 1986 -11.08 -42.92 18.81
C PRO A 1986 -10.96 -44.12 19.75
N GLY A 1987 -11.48 -45.28 19.36
CA GLY A 1987 -11.34 -46.47 20.17
C GLY A 1987 -9.92 -46.94 20.31
N LEU A 1988 -9.14 -46.86 19.22
CA LEU A 1988 -7.72 -47.22 19.29
C LEU A 1988 -6.94 -46.27 20.18
N ILE A 1989 -7.23 -44.97 20.07
CA ILE A 1989 -6.57 -43.96 20.91
C ILE A 1989 -6.88 -44.18 22.38
N GLY A 1990 -8.17 -44.42 22.69
CA GLY A 1990 -8.56 -44.70 24.07
C GLY A 1990 -7.97 -45.99 24.61
N HIS A 1991 -7.85 -47.01 23.74
CA HIS A 1991 -7.26 -48.28 24.14
C HIS A 1991 -5.78 -48.13 24.48
N ILE A 1992 -5.03 -47.41 23.64
CA ILE A 1992 -3.60 -47.17 23.88
C ILE A 1992 -3.41 -46.36 25.16
N LEU A 1993 -4.20 -45.30 25.33
CA LEU A 1993 -4.06 -44.46 26.51
C LEU A 1993 -4.47 -45.19 27.78
N SER A 1994 -5.46 -46.08 27.69
CA SER A 1994 -5.87 -46.87 28.84
C SER A 1994 -4.79 -47.84 29.28
N ILE A 1995 -4.16 -48.54 28.34
CA ILE A 1995 -3.12 -49.48 28.73
C ILE A 1995 -1.87 -48.74 29.21
N LYS A 1996 -1.54 -47.59 28.61
CA LYS A 1996 -0.38 -46.86 29.10
C LYS A 1996 -0.64 -46.21 30.46
N GLN A 1997 -1.89 -45.89 30.77
CA GLN A 1997 -2.20 -45.43 32.12
C GLN A 1997 -2.15 -46.57 33.12
N LEU A 1998 -2.59 -47.76 32.72
CA LEU A 1998 -2.68 -48.87 33.64
C LEU A 1998 -1.30 -49.49 33.91
N SER A 1999 -0.42 -49.50 32.91
CA SER A 1999 0.82 -50.26 32.97
C SER A 1999 2.08 -49.40 32.85
N CYS A 2000 2.01 -48.14 33.26
CA CYS A 2000 3.19 -47.29 33.30
C CYS A 2000 4.13 -47.75 34.41
N ILE A 2001 5.37 -47.27 34.36
CA ILE A 2001 6.33 -47.58 35.43
C ILE A 2001 5.90 -46.89 36.72
N GLN A 2002 5.27 -45.72 36.61
CA GLN A 2002 4.77 -45.02 37.79
C GLN A 2002 3.58 -45.75 38.39
N ALA A 2003 2.88 -46.53 37.58
CA ALA A 2003 1.80 -47.35 38.12
C ALA A 2003 2.34 -48.57 38.86
N ILE A 2004 3.47 -49.11 38.41
CA ILE A 2004 3.89 -50.41 38.92
C ILE A 2004 4.84 -50.24 40.12
N VAL A 2005 5.59 -49.13 40.19
CA VAL A 2005 6.45 -48.91 41.35
C VAL A 2005 5.99 -47.75 42.21
N GLY A 2006 4.92 -47.05 41.83
CA GLY A 2006 4.45 -45.93 42.59
C GLY A 2006 5.03 -44.61 42.10
N ASP A 2007 4.39 -43.52 42.51
CA ASP A 2007 4.83 -42.19 42.12
C ASP A 2007 6.13 -41.83 42.83
N ALA A 2008 6.93 -40.99 42.17
CA ALA A 2008 8.22 -40.62 42.72
C ALA A 2008 8.10 -39.61 43.84
N VAL A 2009 7.02 -38.82 43.85
CA VAL A 2009 7.00 -37.65 44.72
C VAL A 2009 6.38 -37.96 46.08
N SER A 2010 5.36 -38.84 46.13
CA SER A 2010 4.60 -39.26 47.34
C SER A 2010 4.10 -38.02 48.07
N ARG A 2011 4.44 -37.82 49.34
CA ARG A 2011 4.15 -36.59 50.08
C ARG A 2011 5.48 -36.05 50.60
N GLY A 2012 6.23 -35.38 49.72
CA GLY A 2012 7.55 -34.89 50.07
C GLY A 2012 8.65 -35.93 50.18
N ASP A 2013 8.31 -37.22 50.19
CA ASP A 2013 9.30 -38.29 50.35
C ASP A 2013 9.54 -38.96 49.00
N ILE A 2014 10.81 -39.11 48.65
CA ILE A 2014 11.16 -39.71 47.38
C ILE A 2014 10.95 -41.21 47.45
N ASN A 2015 10.51 -41.80 46.33
CA ASN A 2015 10.26 -43.23 46.21
C ASN A 2015 11.54 -44.01 46.52
N PRO A 2016 11.49 -44.96 47.46
CA PRO A 2016 12.72 -45.69 47.86
C PRO A 2016 13.37 -46.50 46.75
N THR A 2017 12.60 -46.93 45.74
CA THR A 2017 13.16 -47.68 44.63
C THR A 2017 14.12 -46.82 43.81
N LEU A 2018 13.95 -45.49 43.85
CA LEU A 2018 14.87 -44.59 43.19
C LEU A 2018 16.13 -44.33 44.01
N LYS A 2019 16.20 -44.82 45.25
CA LYS A 2019 17.38 -44.56 46.08
C LYS A 2019 18.61 -45.28 45.55
N LYS A 2020 18.44 -46.50 45.06
CA LYS A 2020 19.54 -47.27 44.48
C LYS A 2020 19.23 -47.48 43.00
N LEU A 2021 20.27 -47.73 42.22
CA LEU A 2021 20.12 -47.99 40.80
C LEU A 2021 19.33 -49.26 40.54
N THR A 2022 18.35 -49.17 39.66
CA THR A 2022 17.48 -50.29 39.31
C THR A 2022 18.25 -51.27 38.43
N PRO A 2023 17.78 -52.53 38.32
CA PRO A 2023 18.48 -53.49 37.45
C PRO A 2023 18.56 -53.09 35.98
N ILE A 2024 17.52 -52.43 35.45
CA ILE A 2024 17.55 -51.96 34.07
C ILE A 2024 18.60 -50.86 33.90
N GLU A 2025 18.80 -50.06 34.95
CA GLU A 2025 19.85 -49.05 34.90
C GLU A 2025 21.24 -49.69 34.93
N GLN A 2026 21.39 -50.82 35.62
CA GLN A 2026 22.67 -51.53 35.58
C GLN A 2026 22.91 -52.17 34.22
N VAL A 2027 21.85 -52.63 33.57
CA VAL A 2027 21.95 -53.12 32.18
C VAL A 2027 22.38 -51.98 31.27
N LEU A 2028 21.87 -50.77 31.51
CA LEU A 2028 22.24 -49.61 30.69
C LEU A 2028 23.69 -49.20 30.93
N ILE A 2029 24.17 -49.32 32.17
CA ILE A 2029 25.58 -49.04 32.45
C ILE A 2029 26.49 -50.09 31.81
N ASN A 2030 26.02 -51.33 31.69
CA ASN A 2030 26.80 -52.35 30.96
C ASN A 2030 26.89 -52.03 29.47
N CYS A 2031 25.95 -51.25 28.94
CA CYS A 2031 25.99 -50.87 27.52
C CYS A 2031 27.08 -49.82 27.26
N GLY A 2032 27.47 -49.11 28.29
CA GLY A 2032 28.19 -47.86 28.14
C GLY A 2032 27.46 -46.88 29.02
N LEU A 2033 27.34 -45.61 28.57
CA LEU A 2033 26.38 -44.62 29.08
C LEU A 2033 26.70 -44.13 30.48
N ALA A 2034 26.15 -42.98 30.86
CA ALA A 2034 26.49 -42.40 32.14
C ALA A 2034 25.25 -41.78 32.77
N ILE A 2035 25.34 -41.53 34.07
CA ILE A 2035 24.29 -40.81 34.78
C ILE A 2035 24.29 -39.35 34.32
N ASN A 2036 23.10 -38.83 34.03
CA ASN A 2036 23.00 -37.49 33.48
C ASN A 2036 22.91 -36.39 34.53
N GLY A 2037 22.87 -36.72 35.82
CA GLY A 2037 22.77 -35.76 36.89
C GLY A 2037 23.92 -34.77 37.01
N PRO A 2038 25.17 -35.27 37.00
CA PRO A 2038 26.29 -34.39 36.65
C PRO A 2038 26.11 -33.88 35.22
N LYS A 2039 26.45 -32.61 35.04
CA LYS A 2039 26.25 -31.70 33.90
C LYS A 2039 24.79 -31.25 33.80
N LEU A 2040 23.85 -31.95 34.44
CA LEU A 2040 22.53 -31.37 34.63
C LEU A 2040 22.56 -30.32 35.73
N CYS A 2041 23.33 -30.59 36.79
CA CYS A 2041 23.57 -29.56 37.80
C CYS A 2041 24.37 -28.40 37.22
N LYS A 2042 25.24 -28.68 36.24
CA LYS A 2042 26.03 -27.60 35.63
C LYS A 2042 25.18 -26.71 34.73
N GLU A 2043 24.33 -27.31 33.89
CA GLU A 2043 23.51 -26.48 33.01
C GLU A 2043 22.36 -25.82 33.75
N LEU A 2044 21.79 -26.50 34.74
CA LEU A 2044 20.56 -26.00 35.35
C LEU A 2044 20.82 -24.97 36.44
N ILE A 2045 21.59 -25.33 37.48
CA ILE A 2045 21.79 -24.46 38.62
C ILE A 2045 23.22 -23.96 38.74
N HIS A 2046 24.07 -24.28 37.75
CA HIS A 2046 25.49 -23.88 37.68
C HIS A 2046 26.25 -24.31 38.92
N HIS A 2047 26.17 -25.61 39.21
CA HIS A 2047 26.79 -26.20 40.38
C HIS A 2047 27.57 -27.44 39.97
N ASP A 2048 28.74 -27.60 40.57
CA ASP A 2048 29.57 -28.78 40.36
C ASP A 2048 29.41 -29.70 41.57
N VAL A 2049 29.08 -30.95 41.31
CA VAL A 2049 28.78 -31.90 42.39
C VAL A 2049 30.02 -32.39 43.12
N ALA A 2050 31.22 -32.06 42.62
CA ALA A 2050 32.45 -32.43 43.33
C ALA A 2050 32.57 -31.69 44.65
N SER A 2051 32.19 -30.42 44.68
CA SER A 2051 32.18 -29.62 45.90
C SER A 2051 30.75 -29.50 46.38
N GLY A 2052 30.31 -30.45 47.20
CA GLY A 2052 28.94 -30.46 47.67
C GLY A 2052 28.81 -29.87 49.05
N GLN A 2053 27.79 -29.03 49.23
CA GLN A 2053 27.35 -28.30 50.44
C GLN A 2053 28.31 -27.12 50.72
N ASP A 2054 29.45 -27.04 50.05
CA ASP A 2054 30.30 -25.85 50.02
C ASP A 2054 30.01 -25.01 48.79
N GLY A 2055 30.11 -25.60 47.61
CA GLY A 2055 29.37 -25.08 46.48
C GLY A 2055 27.88 -25.23 46.72
N LEU A 2056 27.11 -24.30 46.15
CA LEU A 2056 25.70 -23.95 46.39
C LEU A 2056 25.49 -23.30 47.76
N LEU A 2057 26.54 -23.13 48.56
CA LEU A 2057 26.48 -22.28 49.74
C LEU A 2057 27.33 -21.05 49.53
N ASN A 2058 28.56 -21.22 49.03
CA ASN A 2058 29.40 -20.06 48.71
C ASN A 2058 28.84 -19.24 47.57
N SER A 2059 28.28 -19.91 46.55
CA SER A 2059 27.82 -19.21 45.35
C SER A 2059 26.59 -18.35 45.64
N ILE A 2060 25.67 -18.86 46.47
CA ILE A 2060 24.50 -18.08 46.88
C ILE A 2060 24.92 -16.85 47.66
N LEU A 2061 25.91 -17.02 48.56
CA LEU A 2061 26.42 -15.86 49.31
C LEU A 2061 27.13 -14.87 48.40
N ILE A 2062 27.86 -15.34 47.38
CA ILE A 2062 28.52 -14.44 46.44
C ILE A 2062 27.50 -13.61 45.67
N LEU A 2063 26.40 -14.25 45.24
CA LEU A 2063 25.31 -13.50 44.61
C LEU A 2063 24.67 -12.51 45.59
N TYR A 2064 24.59 -12.88 46.87
CA TYR A 2064 24.00 -11.99 47.87
C TYR A 2064 24.87 -10.76 48.14
N ARG A 2065 26.19 -10.95 48.32
CA ARG A 2065 27.10 -9.81 48.41
C ARG A 2065 27.07 -8.95 47.15
N GLU A 2066 26.98 -9.57 45.98
CA GLU A 2066 26.96 -8.80 44.74
C GLU A 2066 25.70 -7.94 44.63
N LEU A 2067 24.55 -8.49 45.03
CA LEU A 2067 23.32 -7.71 45.05
C LEU A 2067 23.38 -6.58 46.09
N ALA A 2068 23.96 -6.88 47.26
CA ALA A 2068 24.05 -5.88 48.34
C ALA A 2068 24.95 -4.71 47.94
N ARG A 2069 26.12 -5.00 47.36
CA ARG A 2069 26.98 -3.90 46.91
C ARG A 2069 26.47 -3.28 45.62
N PHE A 2070 25.58 -4.00 44.91
CA PHE A 2070 24.95 -3.41 43.74
C PHE A 2070 23.94 -2.35 44.12
N LYS A 2071 23.31 -2.46 45.30
CA LYS A 2071 22.29 -1.47 45.65
C LYS A 2071 22.86 -0.07 45.90
N ASP A 2072 23.89 0.03 46.75
CA ASP A 2072 24.58 1.30 47.08
C ASP A 2072 23.63 2.38 47.58
N ASN A 2073 22.66 1.98 48.37
CA ASN A 2073 21.70 2.92 48.93
C ASN A 2073 21.69 2.86 50.45
N HIS A 2082 20.94 9.95 34.53
CA HIS A 2082 21.82 8.80 34.33
C HIS A 2082 21.05 7.62 33.75
N ALA A 2083 21.79 6.54 33.48
CA ALA A 2083 21.23 5.37 32.82
C ALA A 2083 20.94 4.23 33.78
N TYR A 2084 20.75 4.52 35.07
CA TYR A 2084 20.56 3.44 36.02
C TYR A 2084 19.16 2.80 36.07
N PRO A 2085 18.02 3.53 36.19
CA PRO A 2085 16.83 2.90 36.82
C PRO A 2085 16.20 1.72 36.08
N VAL A 2086 16.46 1.57 34.78
CA VAL A 2086 15.96 0.40 34.06
C VAL A 2086 16.95 -0.75 34.15
N LEU A 2087 18.23 -0.45 33.93
CA LEU A 2087 19.26 -1.49 33.87
C LEU A 2087 19.51 -2.08 35.25
N VAL A 2088 19.35 -1.25 36.29
CA VAL A 2088 19.48 -1.69 37.68
C VAL A 2088 18.42 -2.73 38.01
N SER A 2089 17.18 -2.46 37.62
CA SER A 2089 16.08 -3.39 37.89
C SER A 2089 16.23 -4.67 37.09
N SER A 2090 16.72 -4.57 35.85
CA SER A 2090 16.95 -5.77 35.05
C SER A 2090 18.02 -6.67 35.66
N ARG A 2091 19.13 -6.09 36.11
CA ARG A 2091 20.20 -6.89 36.69
C ARG A 2091 19.78 -7.44 38.05
N GLN A 2092 18.95 -6.70 38.78
CA GLN A 2092 18.39 -7.20 40.04
C GLN A 2092 17.52 -8.42 39.82
N ARG A 2093 16.66 -8.38 38.80
CA ARG A 2093 15.83 -9.53 38.46
C ARG A 2093 16.66 -10.75 38.06
N GLU A 2094 17.74 -10.51 37.29
CA GLU A 2094 18.59 -11.62 36.87
C GLU A 2094 19.31 -12.28 38.06
N LEU A 2095 19.81 -11.46 38.99
CA LEU A 2095 20.47 -12.00 40.18
C LEU A 2095 19.49 -12.79 41.05
N ILE A 2096 18.27 -12.26 41.25
CA ILE A 2096 17.29 -12.96 42.10
C ILE A 2096 16.83 -14.25 41.44
N SER A 2097 16.78 -14.28 40.10
CA SER A 2097 16.47 -15.52 39.38
C SER A 2097 17.54 -16.60 39.61
N ARG A 2098 18.81 -16.20 39.55
CA ARG A 2098 19.89 -17.15 39.84
C ARG A 2098 19.84 -17.66 41.28
N ILE A 2099 19.55 -16.76 42.23
CA ILE A 2099 19.45 -17.15 43.64
C ILE A 2099 18.30 -18.12 43.85
N THR A 2100 17.18 -17.90 43.16
CA THR A 2100 16.04 -18.81 43.27
C THR A 2100 16.36 -20.21 42.78
N ARG A 2101 17.01 -20.31 41.61
CA ARG A 2101 17.36 -21.63 41.08
C ARG A 2101 18.37 -22.36 41.97
N LYS A 2102 19.38 -21.63 42.48
CA LYS A 2102 20.36 -22.29 43.34
C LYS A 2102 19.77 -22.66 44.70
N PHE A 2103 18.79 -21.89 45.18
CA PHE A 2103 18.16 -22.19 46.46
C PHE A 2103 17.32 -23.47 46.39
N TRP A 2104 16.52 -23.60 45.33
CA TRP A 2104 15.72 -24.83 45.21
C TRP A 2104 16.60 -26.03 44.85
N GLY A 2105 17.70 -25.80 44.15
CA GLY A 2105 18.66 -26.87 43.94
C GLY A 2105 19.31 -27.35 45.23
N HIS A 2106 19.60 -26.40 46.14
CA HIS A 2106 20.15 -26.77 47.45
C HIS A 2106 19.14 -27.56 48.27
N ILE A 2107 17.86 -27.18 48.22
CA ILE A 2107 16.85 -27.92 48.98
C ILE A 2107 16.69 -29.34 48.44
N LEU A 2108 16.67 -29.50 47.11
CA LEU A 2108 16.54 -30.85 46.55
C LEU A 2108 17.78 -31.69 46.81
N LEU A 2109 18.97 -31.10 46.73
CA LEU A 2109 20.18 -31.90 46.75
C LEU A 2109 20.61 -32.26 48.18
N TYR A 2110 20.52 -31.33 49.12
CA TYR A 2110 21.16 -31.52 50.42
C TYR A 2110 20.26 -31.31 51.64
N SER A 2111 19.16 -30.58 51.51
CA SER A 2111 18.39 -30.22 52.70
C SER A 2111 17.35 -31.29 53.06
N GLY A 2112 16.65 -31.03 54.16
CA GLY A 2112 15.65 -31.98 54.64
C GLY A 2112 14.37 -31.91 53.84
N ASN A 2113 13.66 -33.04 53.77
CA ASN A 2113 12.53 -33.17 52.87
C ASN A 2113 11.26 -32.55 53.45
N ARG A 2114 11.24 -32.31 54.75
CA ARG A 2114 10.00 -31.95 55.44
C ARG A 2114 9.48 -30.57 55.06
N LYS A 2115 8.27 -30.55 54.47
CA LYS A 2115 7.45 -29.37 54.20
C LYS A 2115 8.07 -28.39 53.19
N LEU A 2116 9.12 -28.77 52.50
CA LEU A 2116 9.71 -27.92 51.48
C LEU A 2116 9.78 -28.61 50.13
N ILE A 2117 9.98 -29.93 50.11
CA ILE A 2117 9.95 -30.68 48.86
C ILE A 2117 8.52 -30.69 48.30
N ASN A 2118 7.53 -30.85 49.17
CA ASN A 2118 6.13 -30.85 48.77
C ASN A 2118 5.72 -29.50 48.20
N LYS A 2119 6.14 -28.41 48.84
CA LYS A 2119 5.83 -27.07 48.35
C LYS A 2119 6.47 -26.81 47.01
N PHE A 2120 7.72 -27.28 46.82
CA PHE A 2120 8.41 -27.14 45.55
C PHE A 2120 7.70 -27.90 44.44
N ILE A 2121 7.24 -29.12 44.73
CA ILE A 2121 6.58 -29.93 43.70
C ILE A 2121 5.21 -29.35 43.36
N GLN A 2122 4.48 -28.84 44.35
CA GLN A 2122 3.20 -28.20 44.04
C GLN A 2122 3.38 -26.90 43.26
N ASN A 2123 4.42 -26.12 43.56
CA ASN A 2123 4.68 -24.92 42.77
C ASN A 2123 5.16 -25.26 41.37
N LEU A 2124 5.90 -26.36 41.21
CA LEU A 2124 6.32 -26.78 39.88
C LEU A 2124 5.15 -27.30 39.05
N LYS A 2125 4.20 -27.96 39.70
CA LYS A 2125 2.97 -28.36 39.02
C LYS A 2125 2.13 -27.15 38.65
N SER A 2126 2.13 -26.11 39.48
CA SER A 2126 1.48 -24.86 39.09
C SER A 2126 2.25 -24.15 37.99
N GLY A 2127 3.57 -24.32 37.95
CA GLY A 2127 4.39 -23.75 36.91
C GLY A 2127 5.29 -22.60 37.34
N TYR A 2128 5.53 -22.41 38.63
CA TYR A 2128 6.29 -21.28 39.13
C TYR A 2128 7.35 -21.73 40.13
N LEU A 2129 8.37 -20.90 40.27
CA LEU A 2129 9.38 -21.02 41.32
C LEU A 2129 9.29 -19.76 42.18
N ILE A 2130 9.18 -19.95 43.49
CA ILE A 2130 8.97 -18.85 44.44
C ILE A 2130 10.17 -18.77 45.37
N LEU A 2131 10.72 -17.57 45.53
CA LEU A 2131 11.78 -17.30 46.49
C LEU A 2131 11.33 -16.18 47.40
N ASP A 2132 11.64 -16.29 48.69
CA ASP A 2132 11.35 -15.25 49.67
C ASP A 2132 12.66 -14.68 50.20
N LEU A 2133 12.80 -13.35 50.11
CA LEU A 2133 13.99 -12.63 50.56
C LEU A 2133 13.72 -12.08 51.96
N HIS A 2134 13.99 -12.90 52.97
CA HIS A 2134 13.69 -12.58 54.36
C HIS A 2134 14.77 -13.26 55.20
N GLN A 2135 14.45 -13.51 56.48
CA GLN A 2135 15.34 -14.25 57.38
C GLN A 2135 15.75 -15.58 56.79
N ASN A 2136 14.79 -16.35 56.26
CA ASN A 2136 14.97 -17.40 55.26
C ASN A 2136 15.97 -18.49 55.65
N ILE A 2137 16.78 -18.91 54.69
CA ILE A 2137 17.95 -19.74 54.90
C ILE A 2137 19.07 -19.03 54.13
N PHE A 2138 20.29 -19.07 54.67
CA PHE A 2138 21.55 -18.50 54.19
C PHE A 2138 21.62 -16.98 54.41
N VAL A 2139 20.54 -16.34 54.82
CA VAL A 2139 20.59 -14.92 55.11
C VAL A 2139 21.19 -14.70 56.51
N LYS A 2140 21.05 -15.68 57.39
CA LYS A 2140 21.71 -15.61 58.69
C LYS A 2140 23.23 -15.68 58.57
N ASN A 2141 23.73 -16.26 57.47
CA ASN A 2141 25.18 -16.28 57.24
C ASN A 2141 25.70 -14.98 56.67
N LEU A 2142 24.81 -14.05 56.29
CA LEU A 2142 25.25 -12.74 55.82
C LEU A 2142 25.72 -11.88 56.99
N SER A 2143 26.39 -10.79 56.65
CA SER A 2143 26.71 -9.76 57.63
C SER A 2143 25.46 -9.02 58.04
N LYS A 2144 25.52 -8.38 59.22
CA LYS A 2144 24.36 -7.65 59.72
C LYS A 2144 24.10 -6.39 58.88
N SER A 2145 25.17 -5.73 58.42
CA SER A 2145 25.01 -4.57 57.57
C SER A 2145 24.44 -4.94 56.20
N GLU A 2146 24.91 -6.05 55.62
CA GLU A 2146 24.41 -6.51 54.33
C GLU A 2146 22.95 -6.94 54.43
N LYS A 2147 22.60 -7.64 55.51
CA LYS A 2147 21.21 -8.03 55.76
C LYS A 2147 20.33 -6.81 55.95
N GLN A 2148 20.86 -5.77 56.60
CA GLN A 2148 20.13 -4.51 56.76
C GLN A 2148 19.92 -3.82 55.42
N ILE A 2149 20.92 -3.89 54.52
CA ILE A 2149 20.79 -3.31 53.19
C ILE A 2149 19.72 -4.04 52.38
N ILE A 2150 19.71 -5.37 52.43
CA ILE A 2150 18.73 -6.14 51.68
C ILE A 2150 17.31 -5.93 52.23
N MET A 2151 17.17 -5.93 53.55
CA MET A 2151 15.84 -5.81 54.14
C MET A 2151 15.31 -4.38 54.05
N THR A 2152 16.19 -3.39 54.06
CA THR A 2152 15.78 -1.99 54.09
C THR A 2152 15.20 -1.53 52.75
N GLY A 2153 15.83 -1.95 51.65
CA GLY A 2153 15.45 -1.46 50.33
C GLY A 2153 14.10 -1.98 49.86
N GLY A 2154 13.66 -1.43 48.73
CA GLY A 2154 12.32 -1.65 48.24
C GLY A 2154 12.07 -2.94 47.49
N LEU A 2155 12.68 -4.04 47.95
CA LEU A 2155 12.47 -5.33 47.32
C LEU A 2155 11.16 -5.95 47.78
N LYS A 2156 10.59 -6.82 46.95
CA LYS A 2156 9.23 -7.32 47.16
C LYS A 2156 9.13 -8.28 48.34
N ARG A 2157 10.22 -8.94 48.72
CA ARG A 2157 10.37 -10.05 49.68
C ARG A 2157 9.71 -11.34 49.15
N GLU A 2158 9.10 -11.32 47.97
CA GLU A 2158 8.57 -12.52 47.36
C GLU A 2158 8.64 -12.39 45.85
N TRP A 2159 9.28 -13.36 45.21
CA TRP A 2159 9.58 -13.31 43.78
C TRP A 2159 9.17 -14.64 43.15
N VAL A 2160 8.35 -14.58 42.10
CA VAL A 2160 7.98 -15.79 41.37
C VAL A 2160 8.57 -15.71 39.97
N PHE A 2161 8.86 -16.88 39.40
CA PHE A 2161 9.41 -16.99 38.07
C PHE A 2161 8.74 -18.17 37.37
N LYS A 2162 8.18 -17.94 36.19
CA LYS A 2162 7.57 -19.03 35.45
C LYS A 2162 8.64 -19.91 34.80
N VAL A 2163 8.34 -21.20 34.71
CA VAL A 2163 9.24 -22.18 34.12
C VAL A 2163 8.59 -22.72 32.86
N THR A 2164 9.42 -23.16 31.92
CA THR A 2164 8.93 -23.76 30.68
C THR A 2164 8.78 -25.26 30.84
N VAL A 2165 8.42 -25.92 29.74
CA VAL A 2165 8.28 -27.37 29.73
C VAL A 2165 9.64 -28.04 29.84
N LYS A 2166 10.64 -27.52 29.11
CA LYS A 2166 11.99 -28.08 29.15
C LYS A 2166 12.61 -27.93 30.53
N GLU A 2167 12.39 -26.79 31.17
CA GLU A 2167 12.90 -26.59 32.52
C GLU A 2167 12.19 -27.50 33.52
N THR A 2168 10.89 -27.75 33.29
CA THR A 2168 10.15 -28.69 34.14
C THR A 2168 10.73 -30.11 34.05
N LYS A 2169 11.06 -30.54 32.82
CA LYS A 2169 11.69 -31.85 32.63
C LYS A 2169 13.05 -31.91 33.30
N GLU A 2170 13.82 -30.82 33.22
CA GLU A 2170 15.12 -30.78 33.87
C GLU A 2170 15.00 -30.82 35.38
N TRP A 2171 13.99 -30.16 35.95
CA TRP A 2171 13.81 -30.21 37.40
C TRP A 2171 13.39 -31.60 37.87
N TYR A 2172 12.56 -32.29 37.07
CA TYR A 2172 12.20 -33.66 37.43
C TYR A 2172 13.39 -34.61 37.34
N LYS A 2173 14.25 -34.41 36.34
CA LYS A 2173 15.50 -35.19 36.28
C LYS A 2173 16.41 -34.88 37.45
N LEU A 2174 16.39 -33.63 37.93
CA LEU A 2174 17.17 -33.28 39.11
C LEU A 2174 16.64 -33.96 40.38
N VAL A 2175 15.32 -34.11 40.49
CA VAL A 2175 14.74 -34.88 41.59
C VAL A 2175 15.19 -36.34 41.52
N GLY A 2176 15.18 -36.91 40.31
CA GLY A 2176 15.66 -38.28 40.13
C GLY A 2176 17.12 -38.46 40.49
N TYR A 2177 17.96 -37.46 40.22
CA TYR A 2177 19.35 -37.54 40.63
C TYR A 2177 19.52 -37.30 42.14
N SER A 2178 18.67 -36.47 42.72
CA SER A 2178 18.73 -36.21 44.17
C SER A 2178 18.39 -37.45 44.97
N ALA A 2179 17.57 -38.33 44.40
CA ALA A 2179 17.34 -39.65 45.01
C ALA A 2179 18.64 -40.45 45.13
N LEU A 2180 19.48 -40.42 44.11
CA LEU A 2180 20.77 -41.12 44.17
C LEU A 2180 21.73 -40.41 45.11
N ILE A 2181 21.66 -39.09 45.19
CA ILE A 2181 22.53 -38.32 46.09
C ILE A 2181 22.24 -38.67 47.55
N LYS A 2182 20.95 -38.75 47.91
CA LYS A 2182 20.59 -38.97 49.31
C LYS A 2182 20.95 -40.38 49.80
N ASP A 2183 21.19 -41.31 48.88
CA ASP A 2183 21.72 -42.61 49.24
C ASP A 2183 23.23 -42.55 49.43
N LYS B 324 -93.41 31.88 -34.66
CA LYS B 324 -92.41 31.14 -33.89
C LYS B 324 -91.26 30.67 -34.77
N ILE B 325 -91.63 30.10 -35.93
CA ILE B 325 -90.63 29.60 -36.86
C ILE B 325 -89.86 30.75 -37.51
N HIS B 326 -90.59 31.83 -37.86
CA HIS B 326 -89.98 32.99 -38.53
C HIS B 326 -89.00 33.70 -37.62
N GLU B 327 -89.35 33.85 -36.33
CA GLU B 327 -88.47 34.50 -35.36
C GLU B 327 -87.19 33.70 -35.15
N ASP B 328 -87.32 32.36 -35.07
CA ASP B 328 -86.14 31.51 -34.93
C ASP B 328 -85.26 31.57 -36.18
N ASN B 329 -85.88 31.63 -37.37
CA ASN B 329 -85.10 31.75 -38.61
C ASN B 329 -84.36 33.08 -38.68
N GLN B 330 -85.00 34.16 -38.20
CA GLN B 330 -84.32 35.46 -38.17
C GLN B 330 -83.17 35.47 -37.16
N LYS B 331 -83.33 34.77 -36.03
CA LYS B 331 -82.23 34.65 -35.07
C LYS B 331 -81.07 33.84 -35.66
N ILE B 332 -81.38 32.78 -36.41
CA ILE B 332 -80.36 32.00 -37.10
C ILE B 332 -79.60 32.87 -38.12
N ILE B 333 -80.34 33.69 -38.88
CA ILE B 333 -79.72 34.61 -39.84
C ILE B 333 -78.82 35.62 -39.14
N SER B 334 -79.26 36.10 -37.97
CA SER B 334 -78.47 37.05 -37.17
C SER B 334 -77.16 36.43 -36.69
N LYS B 335 -77.18 35.16 -36.29
CA LYS B 335 -75.93 34.51 -35.90
CA LYS B 335 -75.93 34.51 -35.90
C LYS B 335 -75.07 34.15 -37.11
N LEU B 336 -75.70 33.85 -38.25
CA LEU B 336 -74.93 33.53 -39.45
C LEU B 336 -74.18 34.73 -39.99
N GLU B 337 -74.70 35.93 -39.79
CA GLU B 337 -73.94 37.13 -40.15
C GLU B 337 -72.68 37.27 -39.30
N SER B 338 -72.80 36.96 -38.00
CA SER B 338 -71.64 36.97 -37.11
C SER B 338 -70.63 35.90 -37.51
N LEU B 339 -71.10 34.77 -38.02
CA LEU B 339 -70.18 33.75 -38.53
C LEU B 339 -69.52 34.20 -39.83
N LEU B 340 -70.23 34.96 -40.67
CA LEU B 340 -69.62 35.47 -41.90
C LEU B 340 -68.69 36.64 -41.65
N LEU B 341 -68.65 37.18 -40.42
CA LEU B 341 -67.67 38.22 -40.10
C LEU B 341 -66.21 37.76 -40.08
N LEU B 342 -65.91 36.48 -40.35
CA LEU B 342 -64.55 35.97 -40.19
C LEU B 342 -63.65 36.19 -41.39
N LYS B 343 -64.17 36.81 -42.47
CA LYS B 343 -63.48 36.84 -43.75
C LYS B 343 -62.19 37.67 -43.69
N GLY B 344 -62.28 38.89 -43.15
CA GLY B 344 -61.10 39.73 -43.05
C GLY B 344 -60.08 39.19 -42.05
N GLU B 345 -60.55 38.43 -41.07
CA GLU B 345 -59.65 37.76 -40.13
C GLU B 345 -58.83 36.68 -40.83
N VAL B 346 -59.48 35.88 -41.69
CA VAL B 346 -58.75 34.86 -42.45
C VAL B 346 -57.79 35.52 -43.46
N GLU B 347 -58.22 36.64 -44.06
CA GLU B 347 -57.33 37.36 -44.97
C GLU B 347 -56.13 37.96 -44.23
N SER B 348 -56.33 38.42 -42.99
CA SER B 348 -55.22 38.92 -42.18
C SER B 348 -54.23 37.82 -41.85
N ILE B 349 -54.74 36.61 -41.55
CA ILE B 349 -53.88 35.44 -41.39
C ILE B 349 -53.05 35.19 -42.65
N LYS B 350 -53.68 35.30 -43.83
CA LYS B 350 -52.98 35.08 -45.09
C LYS B 350 -51.87 36.11 -45.32
N LYS B 351 -52.12 37.38 -44.96
CA LYS B 351 -51.07 38.39 -45.03
C LYS B 351 -49.91 38.10 -44.07
N GLN B 352 -50.22 37.60 -42.87
CA GLN B 352 -49.17 37.23 -41.92
C GLN B 352 -48.29 36.10 -42.46
N ILE B 353 -48.88 35.08 -43.07
CA ILE B 353 -48.09 33.98 -43.63
C ILE B 353 -47.29 34.45 -44.84
N ASN B 354 -47.83 35.40 -45.60
CA ASN B 354 -47.07 35.97 -46.73
C ASN B 354 -45.83 36.71 -46.24
N ARG B 355 -45.98 37.50 -45.16
CA ARG B 355 -44.82 38.20 -44.57
C ARG B 355 -43.79 37.22 -44.03
N GLN B 356 -44.26 36.13 -43.40
CA GLN B 356 -43.38 35.06 -42.93
C GLN B 356 -42.62 34.43 -44.09
N ASN B 357 -43.29 34.22 -45.22
CA ASN B 357 -42.65 33.62 -46.40
C ASN B 357 -41.57 34.54 -46.97
N ILE B 358 -41.80 35.86 -46.95
CA ILE B 358 -40.77 36.80 -47.37
C ILE B 358 -39.54 36.73 -46.47
N SER B 359 -39.76 36.65 -45.14
CA SER B 359 -38.63 36.55 -44.20
C SER B 359 -37.85 35.25 -44.40
N ILE B 360 -38.56 34.14 -44.64
CA ILE B 360 -37.92 32.85 -44.90
C ILE B 360 -37.12 32.90 -46.20
N SER B 361 -37.63 33.60 -47.21
CA SER B 361 -36.90 33.76 -48.47
C SER B 361 -35.61 34.54 -48.28
N THR B 362 -35.63 35.58 -47.46
CA THR B 362 -34.40 36.33 -47.17
C THR B 362 -33.37 35.48 -46.44
N LEU B 363 -33.83 34.68 -45.45
CA LEU B 363 -32.91 33.81 -44.71
C LEU B 363 -32.30 32.74 -45.62
N GLU B 364 -33.12 32.16 -46.50
CA GLU B 364 -32.62 31.16 -47.43
C GLU B 364 -31.66 31.77 -48.44
N GLY B 365 -31.88 33.05 -48.80
CA GLY B 365 -30.93 33.75 -49.65
C GLY B 365 -29.57 33.94 -49.01
N HIS B 366 -29.55 34.32 -47.72
CA HIS B 366 -28.27 34.47 -47.02
C HIS B 366 -27.54 33.13 -46.88
N LEU B 367 -28.24 32.08 -46.46
CA LEU B 367 -27.58 30.78 -46.28
C LEU B 367 -27.21 30.15 -47.61
N SER B 368 -27.88 30.53 -48.69
CA SER B 368 -27.43 30.12 -50.01
C SER B 368 -26.19 30.91 -50.43
N SER B 369 -26.07 32.15 -49.96
CA SER B 369 -24.92 32.96 -50.34
C SER B 369 -23.64 32.47 -49.69
N ILE B 370 -23.70 32.02 -48.43
CA ILE B 370 -22.42 31.80 -47.73
C ILE B 370 -21.81 30.41 -47.94
N MET B 371 -22.39 29.55 -48.77
CA MET B 371 -21.86 28.19 -48.89
C MET B 371 -20.60 28.13 -49.77
N ILE B 372 -19.70 27.20 -49.43
CA ILE B 372 -18.53 26.87 -50.21
C ILE B 372 -18.51 25.37 -50.45
N ALA B 373 -17.76 24.93 -51.46
CA ALA B 373 -17.59 23.51 -51.70
C ALA B 373 -16.39 22.97 -50.94
N ILE B 374 -16.42 21.67 -50.66
CA ILE B 374 -15.40 21.00 -49.87
C ILE B 374 -14.77 19.91 -50.73
N PRO B 375 -13.45 19.92 -50.95
CA PRO B 375 -12.78 18.89 -51.74
C PRO B 375 -12.53 17.62 -50.95
N PRO B 392 -18.45 18.21 -53.54
CA PRO B 392 -19.66 19.05 -53.53
C PRO B 392 -20.48 18.87 -52.26
N ASP B 393 -19.84 19.04 -51.11
CA ASP B 393 -20.56 18.96 -49.84
C ASP B 393 -21.46 20.17 -49.63
N LEU B 394 -21.01 21.34 -50.09
CA LEU B 394 -21.72 22.62 -50.01
C LEU B 394 -22.08 22.99 -48.57
N LYS B 395 -21.06 23.07 -47.71
CA LYS B 395 -21.29 23.49 -46.34
C LYS B 395 -21.02 25.00 -46.20
N PRO B 396 -21.85 25.71 -45.44
CA PRO B 396 -21.57 27.13 -45.18
C PRO B 396 -20.38 27.31 -44.25
N ILE B 397 -19.72 28.45 -44.38
CA ILE B 397 -18.58 28.80 -43.55
C ILE B 397 -18.74 30.24 -43.07
N ILE B 398 -18.39 30.49 -41.80
CA ILE B 398 -18.51 31.80 -41.19
C ILE B 398 -17.24 32.12 -40.43
N GLY B 399 -17.00 33.42 -40.19
CA GLY B 399 -15.74 33.88 -39.67
C GLY B 399 -15.91 34.67 -38.39
N ARG B 400 -14.80 35.24 -37.92
CA ARG B 400 -14.82 35.90 -36.62
C ARG B 400 -15.31 37.33 -36.71
N ASP B 401 -14.65 38.18 -37.50
CA ASP B 401 -15.03 39.59 -37.55
C ASP B 401 -16.07 39.74 -38.64
N SER B 402 -15.72 39.57 -39.90
CA SER B 402 -16.67 39.22 -40.96
C SER B 402 -15.87 38.50 -42.04
N GLY B 403 -15.74 37.18 -41.90
CA GLY B 403 -14.97 36.37 -42.83
C GLY B 403 -13.52 36.78 -42.99
N ARG B 404 -12.87 37.19 -41.91
CA ARG B 404 -11.49 37.67 -42.01
C ARG B 404 -10.54 36.52 -42.33
N ALA B 405 -10.81 35.33 -41.78
CA ALA B 405 -9.98 34.16 -42.07
C ALA B 405 -10.25 33.57 -43.45
N LEU B 406 -11.31 34.02 -44.13
CA LEU B 406 -11.70 33.41 -45.39
C LEU B 406 -10.70 33.73 -46.50
N ALA B 407 -10.00 34.86 -46.39
CA ALA B 407 -8.90 35.14 -47.31
C ALA B 407 -7.75 34.18 -47.08
N GLU B 408 -7.51 33.80 -45.83
CA GLU B 408 -6.39 32.92 -45.51
C GLU B 408 -6.70 31.48 -45.88
N VAL B 409 -7.95 31.06 -45.70
CA VAL B 409 -8.27 29.63 -45.79
C VAL B 409 -8.65 29.23 -47.22
N LEU B 410 -9.49 30.00 -47.87
CA LEU B 410 -10.04 29.59 -49.15
C LEU B 410 -9.03 29.72 -50.28
N LYS B 411 -9.26 28.93 -51.33
CA LYS B 411 -8.39 28.95 -52.51
C LYS B 411 -8.66 30.20 -53.34
N LYS B 412 -7.60 30.80 -53.84
CA LYS B 412 -7.72 32.03 -54.63
C LYS B 412 -8.30 31.69 -56.00
N PRO B 413 -9.45 32.27 -56.39
CA PRO B 413 -10.08 31.99 -57.67
C PRO B 413 -9.66 32.97 -58.75
N LYS C 324 -91.78 19.72 -35.18
CA LYS C 324 -90.57 19.08 -35.69
C LYS C 324 -89.69 20.12 -36.38
N ILE C 325 -90.34 21.10 -37.01
CA ILE C 325 -89.63 22.19 -37.69
C ILE C 325 -88.90 23.06 -36.67
N HIS C 326 -89.56 23.37 -35.55
CA HIS C 326 -88.97 24.20 -34.51
C HIS C 326 -87.80 23.50 -33.83
N GLU C 327 -87.90 22.18 -33.64
CA GLU C 327 -86.80 21.40 -33.07
C GLU C 327 -85.59 21.41 -34.00
N ASP C 328 -85.82 21.29 -35.31
CA ASP C 328 -84.76 21.42 -36.29
C ASP C 328 -84.10 22.79 -36.24
N ASN C 329 -84.91 23.84 -36.06
CA ASN C 329 -84.38 25.20 -35.92
C ASN C 329 -83.49 25.34 -34.69
N GLN C 330 -83.90 24.73 -33.56
CA GLN C 330 -83.06 24.76 -32.36
C GLN C 330 -81.75 24.01 -32.57
N LYS C 331 -81.79 22.91 -33.34
CA LYS C 331 -80.55 22.21 -33.69
C LYS C 331 -79.63 23.08 -34.53
N ILE C 332 -80.21 23.87 -35.45
CA ILE C 332 -79.42 24.84 -36.22
C ILE C 332 -78.77 25.87 -35.31
N ILE C 333 -79.51 26.39 -34.32
CA ILE C 333 -78.96 27.37 -33.37
C ILE C 333 -77.79 26.78 -32.58
N SER C 334 -77.93 25.53 -32.13
CA SER C 334 -76.85 24.88 -31.39
C SER C 334 -75.60 24.69 -32.25
N LYS C 335 -75.79 24.34 -33.53
CA LYS C 335 -74.64 24.19 -34.43
C LYS C 335 -73.97 25.54 -34.72
N LEU C 336 -74.75 26.62 -34.75
CA LEU C 336 -74.16 27.94 -34.93
C LEU C 336 -73.35 28.37 -33.70
N GLU C 337 -73.81 27.99 -32.50
CA GLU C 337 -72.99 28.20 -31.30
C GLU C 337 -71.67 27.44 -31.37
N SER C 338 -71.72 26.21 -31.90
CA SER C 338 -70.50 25.43 -32.10
C SER C 338 -69.54 26.11 -33.08
N LEU C 339 -70.09 26.72 -34.14
CA LEU C 339 -69.24 27.43 -35.09
C LEU C 339 -68.62 28.69 -34.47
N LEU C 340 -69.33 29.34 -33.55
CA LEU C 340 -68.74 30.45 -32.79
C LEU C 340 -67.57 29.98 -31.92
N LEU C 341 -67.74 28.81 -31.28
CA LEU C 341 -66.65 28.21 -30.51
C LEU C 341 -65.44 27.90 -31.40
N LEU C 342 -65.68 27.54 -32.66
CA LEU C 342 -64.58 27.34 -33.60
C LEU C 342 -63.90 28.67 -33.95
N LYS C 343 -64.71 29.74 -34.08
CA LYS C 343 -64.20 31.07 -34.45
C LYS C 343 -63.19 31.60 -33.43
N GLY C 344 -63.47 31.38 -32.14
CA GLY C 344 -62.53 31.81 -31.10
C GLY C 344 -61.15 31.15 -31.21
N GLU C 345 -61.13 29.86 -31.52
CA GLU C 345 -59.87 29.15 -31.71
C GLU C 345 -59.11 29.67 -32.94
N VAL C 346 -59.85 30.01 -34.01
CA VAL C 346 -59.22 30.59 -35.19
C VAL C 346 -58.55 31.93 -34.87
N GLU C 347 -59.20 32.73 -34.00
CA GLU C 347 -58.60 33.99 -33.56
C GLU C 347 -57.31 33.76 -32.78
N SER C 348 -57.30 32.75 -31.90
CA SER C 348 -56.08 32.42 -31.14
C SER C 348 -54.93 31.99 -32.07
N ILE C 349 -55.27 31.22 -33.12
CA ILE C 349 -54.29 30.83 -34.14
C ILE C 349 -53.70 32.07 -34.82
N LYS C 350 -54.54 33.06 -35.14
CA LYS C 350 -54.05 34.28 -35.78
C LYS C 350 -53.04 35.03 -34.91
N LYS C 351 -53.33 35.13 -33.60
CA LYS C 351 -52.39 35.78 -32.68
C LYS C 351 -51.05 35.03 -32.60
N GLN C 352 -51.11 33.69 -32.57
CA GLN C 352 -49.87 32.91 -32.47
C GLN C 352 -49.02 33.03 -33.73
N ILE C 353 -49.67 33.07 -34.91
CA ILE C 353 -48.95 33.26 -36.17
C ILE C 353 -48.25 34.62 -36.21
N ASN C 354 -48.94 35.66 -35.72
CA ASN C 354 -48.33 37.00 -35.68
C ASN C 354 -47.09 37.03 -34.79
N ARG C 355 -47.17 36.39 -33.61
CA ARG C 355 -46.02 36.35 -32.70
C ARG C 355 -44.85 35.59 -33.32
N GLN C 356 -45.14 34.48 -34.02
CA GLN C 356 -44.08 33.74 -34.70
C GLN C 356 -43.39 34.57 -35.78
N ASN C 357 -44.17 35.37 -36.53
CA ASN C 357 -43.56 36.19 -37.57
C ASN C 357 -42.66 37.27 -36.99
N ILE C 358 -43.03 37.84 -35.83
CA ILE C 358 -42.13 38.77 -35.15
C ILE C 358 -40.83 38.08 -34.73
N SER C 359 -40.94 36.83 -34.26
CA SER C 359 -39.74 36.08 -33.87
C SER C 359 -38.81 35.82 -35.06
N ILE C 360 -39.37 35.39 -36.20
CA ILE C 360 -38.56 35.13 -37.39
C ILE C 360 -37.94 36.42 -37.92
N SER C 361 -38.63 37.55 -37.76
CA SER C 361 -38.04 38.84 -38.12
C SER C 361 -36.82 39.17 -37.27
N THR C 362 -36.89 38.90 -35.96
CA THR C 362 -35.73 39.15 -35.09
C THR C 362 -34.54 38.24 -35.43
N LEU C 363 -34.81 36.95 -35.69
CA LEU C 363 -33.72 36.06 -36.09
C LEU C 363 -33.15 36.43 -37.45
N GLU C 364 -33.97 36.97 -38.35
CA GLU C 364 -33.44 37.44 -39.63
C GLU C 364 -32.53 38.64 -39.43
N GLY C 365 -32.92 39.55 -38.52
CA GLY C 365 -32.09 40.71 -38.24
C GLY C 365 -30.74 40.36 -37.64
N HIS C 366 -30.71 39.32 -36.80
CA HIS C 366 -29.41 38.86 -36.28
C HIS C 366 -28.61 38.11 -37.35
N LEU C 367 -29.29 37.22 -38.10
CA LEU C 367 -28.59 36.27 -38.94
C LEU C 367 -27.99 36.94 -40.17
N SER C 368 -28.64 37.99 -40.68
CA SER C 368 -28.11 38.72 -41.83
C SER C 368 -26.80 39.42 -41.47
N SER C 369 -26.71 39.96 -40.25
CA SER C 369 -25.48 40.61 -39.81
C SER C 369 -24.41 39.58 -39.49
N ILE C 370 -24.80 38.41 -38.97
CA ILE C 370 -23.81 37.43 -38.55
C ILE C 370 -23.20 36.71 -39.76
N MET C 371 -24.05 36.12 -40.61
CA MET C 371 -23.57 35.09 -41.51
C MET C 371 -22.78 35.62 -42.70
N ILE C 372 -23.22 36.73 -43.30
CA ILE C 372 -22.77 37.06 -44.64
C ILE C 372 -21.36 37.64 -44.60
N ALA C 373 -20.52 37.17 -45.52
CA ALA C 373 -19.21 37.74 -45.77
C ALA C 373 -18.86 37.76 -47.24
N ILE C 374 -19.82 37.41 -48.11
CA ILE C 374 -19.71 37.15 -49.56
C ILE C 374 -18.42 36.41 -49.96
N PRO C 375 -18.27 35.14 -49.60
CA PRO C 375 -17.06 34.42 -50.04
C PRO C 375 -17.05 34.11 -51.53
N GLY C 376 -18.21 33.77 -52.10
CA GLY C 376 -18.30 33.47 -53.52
C GLY C 376 -18.54 32.01 -53.80
N SER C 429 -23.23 26.43 -55.37
CA SER C 429 -22.44 27.55 -54.86
C SER C 429 -20.99 27.12 -54.61
N ARG C 430 -20.40 26.43 -55.59
CA ARG C 430 -19.03 25.91 -55.45
C ARG C 430 -18.02 26.99 -55.85
N GLY C 431 -17.99 28.06 -55.06
CA GLY C 431 -17.09 29.17 -55.36
C GLY C 431 -15.64 28.88 -55.01
N GLN C 432 -15.40 28.34 -53.81
CA GLN C 432 -14.05 28.16 -53.32
C GLN C 432 -13.90 26.81 -52.64
N LEU C 433 -12.65 26.43 -52.42
CA LEU C 433 -12.29 25.16 -51.80
C LEU C 433 -11.29 25.43 -50.68
N LEU C 434 -11.24 24.52 -49.71
CA LEU C 434 -10.25 24.65 -48.65
C LEU C 434 -8.88 24.18 -49.13
N LYS C 435 -7.85 24.95 -48.78
CA LYS C 435 -6.48 24.66 -49.23
C LYS C 435 -5.82 23.65 -48.30
N GLU C 436 -6.29 22.39 -48.42
CA GLU C 436 -5.72 21.23 -47.73
C GLU C 436 -5.72 21.40 -46.20
N PHE C 437 -6.85 21.86 -45.68
CA PHE C 437 -7.09 21.94 -44.25
C PHE C 437 -7.78 20.68 -43.73
N GLN C 438 -7.85 19.63 -44.56
CA GLN C 438 -8.38 18.34 -44.16
C GLN C 438 -7.27 17.48 -43.60
N LEU C 439 -7.63 16.54 -42.74
CA LEU C 439 -6.66 15.56 -42.29
C LEU C 439 -6.44 14.54 -43.41
N LYS C 440 -5.21 14.07 -43.52
CA LYS C 440 -4.92 13.05 -44.52
C LYS C 440 -5.45 11.71 -44.05
N PRO C 441 -6.29 11.03 -44.84
CA PRO C 441 -6.75 9.69 -44.46
C PRO C 441 -5.60 8.70 -44.50
N ILE C 442 -5.67 7.72 -43.62
CA ILE C 442 -4.65 6.68 -43.56
C ILE C 442 -5.06 5.56 -44.49
N GLY C 443 -4.21 5.28 -45.48
CA GLY C 443 -4.48 4.21 -46.41
C GLY C 443 -3.94 2.88 -45.93
N LYS C 444 -4.22 1.85 -46.73
CA LYS C 444 -3.68 0.53 -46.42
C LYS C 444 -2.21 0.44 -46.77
N LYS C 445 -1.74 1.30 -47.68
CA LYS C 445 -0.33 1.28 -48.08
C LYS C 445 0.57 1.89 -47.02
N MET C 446 0.15 3.00 -46.42
CA MET C 446 1.03 3.74 -45.52
C MET C 446 1.11 3.07 -44.15
N SER C 447 2.28 3.16 -43.53
CA SER C 447 2.46 2.70 -42.17
C SER C 447 1.99 3.76 -41.18
N SER C 448 1.51 3.31 -40.03
CA SER C 448 0.92 4.20 -39.05
C SER C 448 1.01 3.56 -37.67
N ALA C 449 0.37 4.18 -36.69
CA ALA C 449 0.30 3.61 -35.35
C ALA C 449 -0.58 2.37 -35.34
N VAL C 450 -1.54 2.28 -36.26
CA VAL C 450 -2.48 1.17 -36.26
C VAL C 450 -1.84 -0.10 -36.82
N GLY C 451 -0.74 0.04 -37.57
CA GLY C 451 -0.04 -1.13 -38.07
C GLY C 451 1.12 -0.74 -38.96
N PHE C 452 2.03 -1.70 -39.13
CA PHE C 452 3.21 -1.50 -39.97
C PHE C 452 3.00 -2.16 -41.32
N VAL C 453 3.11 -1.37 -42.38
CA VAL C 453 3.08 -1.87 -43.75
C VAL C 453 4.38 -1.46 -44.42
N PRO C 454 5.16 -2.40 -44.96
CA PRO C 454 6.42 -2.04 -45.62
C PRO C 454 6.19 -1.24 -46.89
N ASP C 455 6.94 -0.16 -47.02
CA ASP C 455 6.80 0.74 -48.16
C ASP C 455 8.08 1.55 -48.31
N THR C 456 8.21 2.19 -49.47
CA THR C 456 9.26 3.15 -49.84
C THR C 456 10.63 2.47 -49.71
N GLY C 457 11.63 3.13 -49.12
CA GLY C 457 13.00 2.66 -49.20
C GLY C 457 13.62 2.19 -47.91
N PRO C 458 14.46 3.04 -47.30
CA PRO C 458 15.49 2.53 -46.37
C PRO C 458 14.95 2.07 -45.02
N ALA C 459 13.94 2.76 -44.48
CA ALA C 459 13.51 2.47 -43.11
C ALA C 459 12.78 1.14 -43.01
N SER C 460 12.06 0.75 -44.07
CA SER C 460 11.22 -0.44 -44.01
C SER C 460 12.04 -1.72 -43.93
N ARG C 461 13.15 -1.77 -44.67
CA ARG C 461 14.02 -2.94 -44.63
C ARG C 461 14.67 -3.10 -43.26
N SER C 462 15.06 -1.97 -42.64
CA SER C 462 15.63 -1.99 -41.30
C SER C 462 14.61 -2.47 -40.28
N VAL C 463 13.35 -2.04 -40.42
CA VAL C 463 12.30 -2.49 -39.51
C VAL C 463 12.04 -3.98 -39.67
N ILE C 464 11.99 -4.48 -40.91
CA ILE C 464 11.78 -5.91 -41.15
C ILE C 464 12.93 -6.74 -40.58
N ARG C 465 14.17 -6.27 -40.76
CA ARG C 465 15.31 -6.97 -40.20
C ARG C 465 15.30 -6.96 -38.67
N SER C 466 14.80 -5.87 -38.07
CA SER C 466 14.66 -5.82 -36.62
C SER C 466 13.58 -6.78 -36.12
N ILE C 467 12.51 -6.95 -36.90
CA ILE C 467 11.48 -7.95 -36.56
C ILE C 467 12.06 -9.36 -36.61
N ILE C 468 12.93 -9.63 -37.60
CA ILE C 468 13.59 -10.94 -37.64
C ILE C 468 14.55 -11.11 -36.45
N LYS C 469 15.33 -10.08 -36.12
CA LYS C 469 16.29 -10.21 -35.02
C LYS C 469 15.62 -10.37 -33.66
N SER C 470 14.51 -9.67 -33.44
CA SER C 470 13.86 -9.72 -32.14
C SER C 470 12.94 -10.92 -31.97
N SER C 471 12.73 -11.71 -33.02
CA SER C 471 11.83 -12.85 -32.93
C SER C 471 12.48 -14.00 -32.16
N ARG C 472 11.66 -14.98 -31.81
CA ARG C 472 12.11 -16.15 -31.07
C ARG C 472 12.43 -17.35 -31.97
N LEU C 473 12.69 -17.11 -33.25
CA LEU C 473 12.96 -18.20 -34.17
C LEU C 473 14.37 -18.75 -33.97
N GLU C 474 14.63 -19.89 -34.60
CA GLU C 474 15.97 -20.46 -34.61
C GLU C 474 16.92 -19.60 -35.44
N GLU C 475 18.18 -19.57 -35.02
CA GLU C 475 19.14 -18.60 -35.55
C GLU C 475 19.49 -18.90 -37.01
N ASP C 476 19.54 -20.18 -37.39
CA ASP C 476 19.75 -20.53 -38.79
C ASP C 476 18.57 -20.08 -39.65
N ARG C 477 17.35 -20.22 -39.12
CA ARG C 477 16.17 -19.75 -39.85
C ARG C 477 16.19 -18.23 -39.97
N LYS C 478 16.64 -17.53 -38.93
CA LYS C 478 16.75 -16.08 -38.99
C LYS C 478 17.78 -15.63 -40.03
N ARG C 479 18.92 -16.34 -40.10
CA ARG C 479 19.94 -16.01 -41.10
C ARG C 479 19.44 -16.28 -42.51
N TYR C 480 18.70 -17.38 -42.69
CA TYR C 480 18.14 -17.70 -44.00
C TYR C 480 17.08 -16.68 -44.43
N LEU C 481 16.27 -16.22 -43.47
CA LEU C 481 15.27 -15.19 -43.77
C LEU C 481 15.92 -13.86 -44.09
N MET C 482 17.04 -13.53 -43.44
CA MET C 482 17.76 -12.31 -43.80
C MET C 482 18.37 -12.41 -45.19
N THR C 483 18.84 -13.60 -45.58
CA THR C 483 19.32 -13.80 -46.94
C THR C 483 18.21 -13.64 -47.97
N LEU C 484 17.02 -14.18 -47.68
CA LEU C 484 15.88 -13.98 -48.56
C LEU C 484 15.46 -12.51 -48.63
N LEU C 485 15.55 -11.79 -47.50
CA LEU C 485 15.24 -10.37 -47.49
C LEU C 485 16.23 -9.57 -48.33
N ASP C 486 17.50 -9.98 -48.30
CA ASP C 486 18.49 -9.36 -49.20
C ASP C 486 18.18 -9.67 -50.65
N ASP C 487 17.57 -10.82 -50.93
CA ASP C 487 17.19 -11.14 -52.30
C ASP C 487 16.00 -10.29 -52.75
N ILE C 488 15.03 -10.06 -51.87
CA ILE C 488 13.79 -9.36 -52.23
C ILE C 488 14.06 -7.89 -52.50
N LYS C 489 13.52 -7.38 -53.62
CA LYS C 489 13.69 -5.99 -53.99
C LYS C 489 12.38 -5.22 -54.23
N GLY C 490 11.34 -5.88 -54.72
CA GLY C 490 10.11 -5.16 -55.03
C GLY C 490 9.29 -4.85 -53.80
N ALA C 491 8.52 -3.75 -53.89
CA ALA C 491 7.71 -3.31 -52.76
C ALA C 491 6.56 -4.28 -52.48
N ASN C 492 5.91 -4.78 -53.53
CA ASN C 492 4.91 -5.82 -53.35
C ASN C 492 5.56 -7.11 -52.85
N ASP C 493 6.78 -7.39 -53.29
CA ASP C 493 7.52 -8.53 -52.76
C ASP C 493 7.89 -8.31 -51.30
N LEU C 494 8.18 -7.07 -50.92
CA LEU C 494 8.41 -6.75 -49.51
C LEU C 494 7.17 -6.98 -48.67
N ALA C 495 6.00 -6.58 -49.18
CA ALA C 495 4.75 -6.80 -48.46
C ALA C 495 4.43 -8.29 -48.34
N LYS C 496 4.68 -9.05 -49.41
CA LYS C 496 4.46 -10.49 -49.39
C LYS C 496 5.41 -11.18 -48.42
N PHE C 497 6.67 -10.73 -48.38
CA PHE C 497 7.63 -11.27 -47.43
C PHE C 497 7.24 -10.94 -45.99
N HIS C 498 6.69 -9.74 -45.77
CA HIS C 498 6.24 -9.36 -44.44
C HIS C 498 5.05 -10.21 -43.99
N GLN C 499 4.11 -10.47 -44.90
CA GLN C 499 2.98 -11.34 -44.57
C GLN C 499 3.42 -12.77 -44.28
N MET C 500 4.37 -13.28 -45.06
CA MET C 500 4.89 -14.62 -44.82
C MET C 500 5.63 -14.70 -43.47
N LEU C 501 6.42 -13.67 -43.16
CA LEU C 501 7.14 -13.61 -41.88
C LEU C 501 6.17 -13.53 -40.70
N MET C 502 5.10 -12.76 -40.85
CA MET C 502 4.06 -12.71 -39.82
C MET C 502 3.39 -14.06 -39.63
N LYS C 503 3.18 -14.79 -40.74
CA LYS C 503 2.63 -16.14 -40.66
C LYS C 503 3.57 -17.10 -39.93
N ILE C 504 4.88 -16.98 -40.16
CA ILE C 504 5.85 -17.82 -39.45
C ILE C 504 5.89 -17.48 -37.96
N ILE C 505 5.87 -16.19 -37.62
CA ILE C 505 5.96 -15.78 -36.22
C ILE C 505 4.72 -16.19 -35.45
N MET C 506 3.53 -16.10 -36.08
CA MET C 506 2.31 -16.57 -35.41
C MET C 506 2.32 -18.08 -35.24
N LYS C 507 2.97 -18.81 -36.13
CA LYS C 507 3.07 -20.26 -36.01
C LYS C 507 4.36 -20.67 -35.31
N LYS D 324 -93.09 33.15 -46.20
CA LYS D 324 -91.99 33.92 -45.63
C LYS D 324 -90.98 32.97 -44.97
N ILE D 325 -91.47 31.80 -44.55
CA ILE D 325 -90.63 30.80 -43.92
C ILE D 325 -89.62 30.24 -44.92
N HIS D 326 -90.11 29.87 -46.11
CA HIS D 326 -89.28 29.27 -47.15
C HIS D 326 -88.20 30.21 -47.65
N GLU D 327 -88.54 31.50 -47.79
CA GLU D 327 -87.56 32.52 -48.18
C GLU D 327 -86.46 32.65 -47.14
N ASP D 328 -86.84 32.61 -45.85
CA ASP D 328 -85.86 32.64 -44.77
C ASP D 328 -84.94 31.43 -44.82
N ASN D 329 -85.49 30.24 -45.12
CA ASN D 329 -84.66 29.05 -45.26
C ASN D 329 -83.68 29.17 -46.42
N GLN D 330 -84.11 29.73 -47.55
CA GLN D 330 -83.20 29.92 -48.68
C GLN D 330 -82.09 30.93 -48.36
N LYS D 331 -82.40 31.97 -47.58
CA LYS D 331 -81.36 32.89 -47.12
C LYS D 331 -80.36 32.19 -46.20
N ILE D 332 -80.85 31.28 -45.34
CA ILE D 332 -79.97 30.47 -44.49
C ILE D 332 -79.02 29.62 -45.34
N ILE D 333 -79.56 28.96 -46.38
CA ILE D 333 -78.74 28.15 -47.28
C ILE D 333 -77.71 29.01 -48.02
N SER D 334 -78.06 30.25 -48.38
CA SER D 334 -77.10 31.15 -49.02
C SER D 334 -75.93 31.48 -48.09
N LYS D 335 -76.23 31.76 -46.81
CA LYS D 335 -75.15 32.01 -45.86
C LYS D 335 -74.31 30.76 -45.60
N LEU D 336 -74.95 29.57 -45.66
CA LEU D 336 -74.21 28.31 -45.55
C LEU D 336 -73.25 28.14 -46.73
N GLU D 337 -73.68 28.52 -47.94
CA GLU D 337 -72.79 28.49 -49.10
C GLU D 337 -71.61 29.45 -48.94
N SER D 338 -71.84 30.61 -48.33
CA SER D 338 -70.74 31.54 -48.08
C SER D 338 -69.72 30.95 -47.10
N LEU D 339 -70.20 30.25 -46.07
CA LEU D 339 -69.28 29.56 -45.16
C LEU D 339 -68.51 28.43 -45.88
N LEU D 340 -69.20 27.72 -46.79
CA LEU D 340 -68.52 26.72 -47.63
C LEU D 340 -67.45 27.36 -48.52
N LEU D 341 -67.67 28.61 -48.95
CA LEU D 341 -66.61 29.34 -49.66
C LEU D 341 -65.42 29.62 -48.74
N LEU D 342 -65.68 29.91 -47.47
CA LEU D 342 -64.56 30.20 -46.55
C LEU D 342 -63.72 28.96 -46.25
N LYS D 343 -64.33 27.77 -46.31
CA LYS D 343 -63.59 26.53 -45.98
C LYS D 343 -62.39 26.29 -46.90
N GLY D 344 -62.53 26.59 -48.20
CA GLY D 344 -61.42 26.40 -49.12
C GLY D 344 -60.25 27.33 -48.86
N GLU D 345 -60.54 28.56 -48.44
CA GLU D 345 -59.48 29.48 -48.05
C GLU D 345 -58.77 29.00 -46.79
N VAL D 346 -59.52 28.41 -45.85
CA VAL D 346 -58.90 27.80 -44.66
C VAL D 346 -57.95 26.67 -45.06
N GLU D 347 -58.36 25.84 -46.02
CA GLU D 347 -57.48 24.77 -46.50
C GLU D 347 -56.24 25.31 -47.21
N SER D 348 -56.38 26.44 -47.92
CA SER D 348 -55.23 27.09 -48.54
C SER D 348 -54.25 27.60 -47.48
N ILE D 349 -54.77 28.14 -46.36
CA ILE D 349 -53.93 28.51 -45.22
C ILE D 349 -53.18 27.30 -44.68
N LYS D 350 -53.84 26.14 -44.60
CA LYS D 350 -53.19 24.91 -44.13
C LYS D 350 -52.02 24.51 -45.03
N LYS D 351 -52.23 24.55 -46.35
CA LYS D 351 -51.16 24.21 -47.28
C LYS D 351 -49.98 25.19 -47.20
N GLN D 352 -50.28 26.48 -47.00
CA GLN D 352 -49.22 27.47 -46.91
C GLN D 352 -48.39 27.30 -45.63
N ILE D 353 -49.04 26.97 -44.51
CA ILE D 353 -48.31 26.68 -43.27
C ILE D 353 -47.42 25.46 -43.43
N ASN D 354 -47.91 24.44 -44.14
CA ASN D 354 -47.08 23.26 -44.42
C ASN D 354 -45.84 23.61 -45.23
N ARG D 355 -46.00 24.47 -46.24
CA ARG D 355 -44.86 24.90 -47.05
C ARG D 355 -43.84 25.68 -46.23
N GLN D 356 -44.32 26.58 -45.35
CA GLN D 356 -43.39 27.35 -44.52
C GLN D 356 -42.67 26.47 -43.51
N ASN D 357 -43.34 25.43 -43.00
CA ASN D 357 -42.67 24.51 -42.08
C ASN D 357 -41.58 23.70 -42.77
N ILE D 358 -41.82 23.28 -44.03
CA ILE D 358 -40.79 22.57 -44.78
C ILE D 358 -39.58 23.47 -45.05
N SER D 359 -39.82 24.74 -45.39
CA SER D 359 -38.70 25.64 -45.66
C SER D 359 -37.92 25.96 -44.38
N ILE D 360 -38.61 26.07 -43.24
CA ILE D 360 -37.91 26.28 -41.97
C ILE D 360 -37.06 25.06 -41.61
N SER D 361 -37.58 23.85 -41.89
CA SER D 361 -36.83 22.63 -41.62
C SER D 361 -35.56 22.55 -42.45
N THR D 362 -35.63 22.90 -43.74
CA THR D 362 -34.41 22.86 -44.55
C THR D 362 -33.46 23.99 -44.19
N LEU D 363 -34.00 25.10 -43.66
CA LEU D 363 -33.15 26.18 -43.14
C LEU D 363 -32.35 25.72 -41.93
N GLU D 364 -33.00 25.01 -41.02
CA GLU D 364 -32.33 24.42 -39.86
C GLU D 364 -31.30 23.38 -40.30
N GLY D 365 -31.62 22.60 -41.33
CA GLY D 365 -30.68 21.62 -41.83
C GLY D 365 -29.43 22.24 -42.41
N HIS D 366 -29.56 23.37 -43.12
CA HIS D 366 -28.36 24.08 -43.57
C HIS D 366 -27.61 24.72 -42.41
N LEU D 367 -28.31 25.20 -41.39
CA LEU D 367 -27.64 25.92 -40.31
C LEU D 367 -26.87 24.97 -39.40
N SER D 368 -27.36 23.73 -39.24
CA SER D 368 -26.73 22.79 -38.32
C SER D 368 -25.37 22.30 -38.84
N SER D 369 -25.22 22.21 -40.15
CA SER D 369 -23.95 21.77 -40.75
C SER D 369 -23.15 22.99 -41.22
N ILE D 370 -22.54 23.67 -40.24
CA ILE D 370 -21.78 24.88 -40.50
C ILE D 370 -20.37 24.70 -39.97
N MET D 371 -19.43 25.48 -40.51
CA MET D 371 -18.03 25.43 -40.11
C MET D 371 -17.52 26.83 -39.82
N ILE D 372 -16.57 26.91 -38.90
CA ILE D 372 -16.06 28.18 -38.38
C ILE D 372 -14.59 28.31 -38.74
N ALA D 373 -14.23 29.44 -39.33
CA ALA D 373 -12.85 29.72 -39.73
C ALA D 373 -12.22 30.69 -38.74
N ILE D 374 -11.02 30.36 -38.28
CA ILE D 374 -10.32 31.11 -37.25
C ILE D 374 -9.08 31.73 -37.87
N PRO D 375 -8.83 33.02 -37.69
CA PRO D 375 -7.68 33.66 -38.36
C PRO D 375 -6.36 33.28 -37.71
N GLY D 376 -5.28 33.58 -38.43
CA GLY D 376 -3.95 33.29 -37.93
C GLY D 376 -3.52 34.22 -36.81
N LEU D 377 -3.82 35.51 -36.94
CA LEU D 377 -3.37 36.51 -35.99
C LEU D 377 -4.55 37.31 -35.45
N GLY D 378 -4.47 37.68 -34.18
CA GLY D 378 -5.28 38.79 -33.70
C GLY D 378 -4.86 40.07 -34.41
N LYS D 379 -5.82 40.95 -34.67
CA LYS D 379 -5.53 42.09 -35.51
C LYS D 379 -4.70 43.13 -34.78
N ASP D 380 -5.06 43.44 -33.55
CA ASP D 380 -4.35 44.44 -32.76
C ASP D 380 -4.60 44.19 -31.28
N LYS E 324 -92.10 21.27 -47.78
CA LYS E 324 -90.90 21.82 -48.40
C LYS E 324 -90.02 22.48 -47.34
N ILE E 325 -90.67 23.01 -46.30
CA ILE E 325 -89.97 23.67 -45.20
C ILE E 325 -89.11 22.68 -44.43
N HIS E 326 -89.67 21.49 -44.14
CA HIS E 326 -88.93 20.45 -43.44
C HIS E 326 -87.78 19.93 -44.29
N GLU E 327 -87.99 19.80 -45.60
CA GLU E 327 -86.92 19.42 -46.52
C GLU E 327 -85.80 20.45 -46.54
N ASP E 328 -86.17 21.75 -46.53
CA ASP E 328 -85.17 22.81 -46.45
C ASP E 328 -84.38 22.74 -45.15
N ASN E 329 -85.06 22.40 -44.04
CA ASN E 329 -84.35 22.25 -42.76
C ASN E 329 -83.38 21.06 -42.80
N GLN E 330 -83.76 19.97 -43.47
CA GLN E 330 -82.83 18.85 -43.64
C GLN E 330 -81.62 19.25 -44.49
N LYS E 331 -81.83 20.08 -45.53
CA LYS E 331 -80.71 20.61 -46.31
C LYS E 331 -79.79 21.48 -45.44
N ILE E 332 -80.38 22.32 -44.58
CA ILE E 332 -79.60 23.18 -43.69
C ILE E 332 -78.75 22.37 -42.73
N ILE E 333 -79.35 21.33 -42.12
CA ILE E 333 -78.60 20.48 -41.19
C ILE E 333 -77.51 19.70 -41.92
N SER E 334 -77.80 19.24 -43.15
CA SER E 334 -76.81 18.50 -43.93
C SER E 334 -75.62 19.38 -44.32
N LYS E 335 -75.86 20.67 -44.56
CA LYS E 335 -74.75 21.57 -44.84
C LYS E 335 -74.00 21.95 -43.55
N LEU E 336 -74.72 22.00 -42.42
CA LEU E 336 -74.07 22.29 -41.15
CA LEU E 336 -74.07 22.29 -41.15
C LEU E 336 -73.13 21.17 -40.72
N GLU E 337 -73.42 19.93 -41.13
CA GLU E 337 -72.46 18.84 -40.88
C GLU E 337 -71.15 19.07 -41.62
N SER E 338 -71.24 19.54 -42.88
CA SER E 338 -70.04 19.88 -43.65
C SER E 338 -69.28 21.04 -43.02
N LEU E 339 -70.00 21.98 -42.42
CA LEU E 339 -69.31 23.07 -41.71
C LEU E 339 -68.69 22.57 -40.39
N LEU E 340 -69.32 21.59 -39.73
CA LEU E 340 -68.73 21.01 -38.53
C LEU E 340 -67.53 20.12 -38.84
N LEU E 341 -67.34 19.75 -40.11
CA LEU E 341 -66.10 19.05 -40.49
C LEU E 341 -64.84 19.91 -40.32
N LEU E 342 -64.97 21.24 -40.19
CA LEU E 342 -63.83 22.14 -40.22
C LEU E 342 -63.02 22.14 -38.91
N LYS E 343 -63.58 21.56 -37.83
CA LYS E 343 -62.94 21.66 -36.52
C LYS E 343 -61.65 20.85 -36.44
N GLY E 344 -61.63 19.66 -37.06
CA GLY E 344 -60.40 18.88 -37.12
C GLY E 344 -59.32 19.56 -37.94
N GLU E 345 -59.72 20.28 -39.00
CA GLU E 345 -58.77 21.07 -39.77
C GLU E 345 -58.16 22.18 -38.94
N VAL E 346 -58.99 22.86 -38.13
CA VAL E 346 -58.50 23.93 -37.26
C VAL E 346 -57.53 23.38 -36.21
N GLU E 347 -57.84 22.21 -35.65
CA GLU E 347 -56.94 21.56 -34.70
C GLU E 347 -55.62 21.15 -35.38
N SER E 348 -55.69 20.73 -36.64
CA SER E 348 -54.49 20.42 -37.41
C SER E 348 -53.63 21.66 -37.63
N ILE E 349 -54.28 22.82 -37.85
CA ILE E 349 -53.54 24.08 -37.94
C ILE E 349 -52.81 24.37 -36.63
N LYS E 350 -53.47 24.13 -35.49
CA LYS E 350 -52.82 24.31 -34.19
C LYS E 350 -51.60 23.39 -34.03
N LYS E 351 -51.71 22.14 -34.48
CA LYS E 351 -50.56 21.22 -34.43
C LYS E 351 -49.42 21.70 -35.33
N GLN E 352 -49.75 22.24 -36.51
CA GLN E 352 -48.71 22.75 -37.39
C GLN E 352 -47.99 23.96 -36.79
N ILE E 353 -48.74 24.83 -36.11
CA ILE E 353 -48.11 26.00 -35.48
C ILE E 353 -47.23 25.59 -34.30
N ASN E 354 -47.64 24.57 -33.53
CA ASN E 354 -46.78 24.03 -32.48
C ASN E 354 -45.48 23.45 -33.05
N ARG E 355 -45.57 22.71 -34.16
CA ARG E 355 -44.35 22.21 -34.80
C ARG E 355 -43.47 23.35 -35.31
N GLN E 356 -44.11 24.43 -35.81
CA GLN E 356 -43.36 25.56 -36.34
C GLN E 356 -42.57 26.27 -35.24
N ASN E 357 -43.17 26.54 -34.08
CA ASN E 357 -42.42 27.32 -33.09
C ASN E 357 -41.41 26.45 -32.33
N ILE E 358 -41.60 25.13 -32.30
CA ILE E 358 -40.51 24.27 -31.85
C ILE E 358 -39.31 24.36 -32.80
N SER E 359 -39.57 24.40 -34.11
CA SER E 359 -38.47 24.56 -35.07
C SER E 359 -37.78 25.92 -34.94
N ILE E 360 -38.57 26.98 -34.71
CA ILE E 360 -37.99 28.32 -34.51
C ILE E 360 -37.15 28.36 -33.22
N SER E 361 -37.58 27.63 -32.18
CA SER E 361 -36.79 27.53 -30.96
C SER E 361 -35.47 26.81 -31.22
N THR E 362 -35.48 25.80 -32.10
CA THR E 362 -34.22 25.13 -32.47
C THR E 362 -33.28 26.10 -33.18
N LEU E 363 -33.84 26.92 -34.09
CA LEU E 363 -33.03 27.94 -34.77
C LEU E 363 -32.48 28.97 -33.79
N GLU E 364 -33.27 29.36 -32.79
CA GLU E 364 -32.80 30.27 -31.74
C GLU E 364 -31.65 29.66 -30.95
N GLY E 365 -31.75 28.37 -30.64
CA GLY E 365 -30.67 27.72 -29.91
C GLY E 365 -29.37 27.66 -30.70
N HIS E 366 -29.46 27.35 -32.00
CA HIS E 366 -28.28 27.36 -32.85
C HIS E 366 -27.67 28.75 -32.97
N LEU E 367 -28.51 29.78 -33.16
CA LEU E 367 -28.01 31.14 -33.29
C LEU E 367 -27.36 31.63 -32.00
N SER E 368 -27.96 31.29 -30.85
CA SER E 368 -27.40 31.65 -29.56
C SER E 368 -26.03 31.01 -29.34
N SER E 369 -25.93 29.70 -29.61
CA SER E 369 -24.67 28.99 -29.38
C SER E 369 -23.57 29.48 -30.31
N ILE E 370 -23.92 29.76 -31.58
CA ILE E 370 -22.93 30.28 -32.53
C ILE E 370 -22.47 31.68 -32.14
N MET E 371 -23.41 32.57 -31.79
CA MET E 371 -23.03 33.95 -31.56
C MET E 371 -22.35 34.13 -30.21
N ILE E 372 -22.45 33.13 -29.33
CA ILE E 372 -21.69 33.26 -28.09
C ILE E 372 -20.35 32.54 -28.23
N ALA E 373 -20.26 31.54 -29.12
CA ALA E 373 -18.99 30.85 -29.33
C ALA E 373 -17.98 31.69 -30.11
N ILE E 374 -18.46 32.61 -30.94
CA ILE E 374 -17.60 33.43 -31.80
C ILE E 374 -17.55 34.83 -31.20
N PRO E 375 -16.36 35.42 -31.00
CA PRO E 375 -16.29 36.76 -30.40
C PRO E 375 -16.74 37.84 -31.37
N GLY E 376 -17.39 38.86 -30.82
CA GLY E 376 -17.69 40.07 -31.56
C GLY E 376 -18.93 40.05 -32.41
N LEU E 377 -19.69 38.96 -32.42
CA LEU E 377 -20.92 38.93 -33.20
C LEU E 377 -22.13 39.46 -32.46
N GLY E 378 -21.95 39.96 -31.24
CA GLY E 378 -23.08 40.53 -30.50
C GLY E 378 -23.63 41.78 -31.16
N LYS E 379 -22.75 42.57 -31.79
CA LYS E 379 -23.04 43.92 -32.29
C LYS E 379 -23.59 44.82 -31.19
N ASP E 380 -22.93 44.76 -30.03
CA ASP E 380 -23.18 45.52 -28.80
C ASP E 380 -24.61 45.44 -28.26
N PRO E 381 -25.09 44.26 -27.80
CA PRO E 381 -26.31 44.26 -26.97
C PRO E 381 -26.02 44.22 -25.48
N ASN E 382 -24.74 44.43 -25.13
CA ASN E 382 -23.94 44.02 -23.97
C ASN E 382 -23.46 42.59 -24.20
N ASP E 383 -22.37 42.20 -23.55
CA ASP E 383 -21.70 40.94 -23.88
C ASP E 383 -22.57 39.74 -23.47
N PRO E 384 -22.80 38.80 -24.40
CA PRO E 384 -23.61 37.62 -24.04
C PRO E 384 -22.98 36.75 -22.97
N THR E 385 -21.65 36.70 -22.92
CA THR E 385 -20.94 35.93 -21.90
C THR E 385 -21.13 36.49 -20.50
N ALA E 386 -21.60 37.73 -20.38
CA ALA E 386 -21.95 38.32 -19.10
C ALA E 386 -23.41 38.11 -18.75
N ASP E 387 -24.12 37.19 -19.42
CA ASP E 387 -25.52 36.94 -19.09
C ASP E 387 -25.70 35.95 -17.96
N VAL E 388 -24.73 35.79 -17.07
CA VAL E 388 -24.91 34.89 -15.94
C VAL E 388 -25.68 35.63 -14.85
N GLU E 389 -26.09 34.88 -13.83
CA GLU E 389 -26.64 35.51 -12.62
C GLU E 389 -25.49 35.69 -11.62
N ILE E 390 -25.52 36.79 -10.88
CA ILE E 390 -24.40 37.13 -10.01
C ILE E 390 -24.86 37.01 -8.56
N ASN E 391 -24.65 35.83 -7.96
CA ASN E 391 -24.67 35.72 -6.51
C ASN E 391 -23.74 34.58 -6.06
N PRO E 392 -22.43 34.57 -6.41
CA PRO E 392 -21.58 33.52 -5.86
C PRO E 392 -20.83 33.97 -4.62
N ASP E 393 -21.56 34.56 -3.65
CA ASP E 393 -20.98 35.18 -2.46
C ASP E 393 -19.89 36.20 -2.81
N LEU E 394 -20.12 36.99 -3.87
CA LEU E 394 -19.10 37.92 -4.33
C LEU E 394 -19.34 39.27 -3.69
N LYS E 395 -20.36 40.04 -4.11
CA LYS E 395 -20.81 41.38 -3.71
C LYS E 395 -19.74 42.36 -3.19
N PRO E 396 -18.75 42.79 -3.99
CA PRO E 396 -17.95 43.94 -3.55
C PRO E 396 -18.70 45.25 -3.72
N ILE E 397 -19.61 45.29 -4.68
CA ILE E 397 -20.35 46.51 -4.99
C ILE E 397 -21.39 46.81 -3.92
N VAL F 52 13.39 -34.93 -13.17
CA VAL F 52 12.32 -34.96 -12.18
C VAL F 52 11.42 -36.16 -12.40
N SER F 53 11.34 -37.02 -11.39
CA SER F 53 10.51 -38.21 -11.47
C SER F 53 9.03 -37.84 -11.31
N ALA F 54 8.16 -38.81 -11.61
CA ALA F 54 6.73 -38.59 -11.44
C ALA F 54 6.34 -38.57 -9.98
N ASN F 55 7.07 -39.30 -9.14
CA ASN F 55 6.77 -39.37 -7.71
C ASN F 55 6.97 -38.03 -7.03
N HIS F 56 8.07 -37.36 -7.37
CA HIS F 56 8.36 -36.03 -6.84
C HIS F 56 7.29 -35.03 -7.25
N ALA F 57 6.87 -35.09 -8.51
CA ALA F 57 5.83 -34.18 -9.00
C ALA F 57 4.49 -34.44 -8.34
N SER F 58 4.17 -35.71 -8.06
CA SER F 58 2.93 -36.03 -7.37
C SER F 58 2.94 -35.54 -5.93
N GLN F 59 4.09 -35.62 -5.26
CA GLN F 59 4.21 -35.06 -3.91
C GLN F 59 4.03 -33.55 -3.90
N GLN F 60 4.63 -32.86 -4.88
CA GLN F 60 4.48 -31.40 -4.96
C GLN F 60 3.04 -31.02 -5.28
N LEU F 61 2.36 -31.82 -6.11
CA LEU F 61 0.96 -31.57 -6.43
C LEU F 61 0.06 -31.75 -5.22
N ASP F 62 0.35 -32.76 -4.38
CA ASP F 62 -0.41 -32.96 -3.14
C ASP F 62 -0.24 -31.78 -2.19
N GLN F 63 0.99 -31.27 -2.07
CA GLN F 63 1.23 -30.10 -1.22
C GLN F 63 0.48 -28.87 -1.72
N LEU F 64 0.47 -28.68 -3.05
CA LEU F 64 -0.22 -27.54 -3.65
C LEU F 64 -1.73 -27.64 -3.43
N LYS F 65 -2.27 -28.85 -3.54
CA LYS F 65 -3.69 -29.08 -3.30
C LYS F 65 -4.08 -28.76 -1.87
N ALA F 66 -3.23 -29.15 -0.90
CA ALA F 66 -3.51 -28.83 0.50
C ALA F 66 -3.49 -27.32 0.75
N VAL F 67 -2.55 -26.60 0.12
CA VAL F 67 -2.48 -25.15 0.29
C VAL F 67 -3.73 -24.46 -0.26
N HIS F 68 -4.18 -24.87 -1.46
CA HIS F 68 -5.39 -24.29 -2.04
C HIS F 68 -6.64 -24.58 -1.21
N LEU F 69 -6.75 -25.80 -0.67
CA LEU F 69 -7.90 -26.13 0.16
C LEU F 69 -7.92 -25.28 1.43
N ALA F 70 -6.75 -25.06 2.04
CA ALA F 70 -6.70 -24.24 3.26
C ALA F 70 -7.09 -22.79 2.99
N SER F 71 -6.63 -22.23 1.87
CA SER F 71 -6.98 -20.85 1.52
C SER F 71 -8.47 -20.70 1.22
N ALA F 72 -9.05 -21.69 0.52
CA ALA F 72 -10.49 -21.66 0.25
C ALA F 72 -11.32 -21.77 1.51
N VAL F 73 -10.87 -22.58 2.48
CA VAL F 73 -11.57 -22.73 3.75
C VAL F 73 -11.54 -21.41 4.53
N ARG F 74 -10.40 -20.70 4.50
CA ARG F 74 -10.32 -19.39 5.16
C ARG F 74 -11.27 -18.38 4.53
N ASP F 75 -11.34 -18.34 3.19
CA ASP F 75 -12.25 -17.41 2.52
C ASP F 75 -13.71 -17.72 2.82
N LEU F 76 -14.06 -19.02 2.85
CA LEU F 76 -15.42 -19.43 3.17
C LEU F 76 -15.80 -19.05 4.60
N GLU F 77 -14.85 -19.20 5.54
CA GLU F 77 -15.10 -18.83 6.93
C GLU F 77 -15.36 -17.34 7.07
N ARG F 78 -14.57 -16.51 6.36
CA ARG F 78 -14.76 -15.07 6.39
C ARG F 78 -16.12 -14.68 5.82
N ALA F 79 -16.51 -15.29 4.69
CA ALA F 79 -17.78 -14.98 4.05
C ALA F 79 -18.97 -15.34 4.94
N MET F 80 -18.95 -16.52 5.54
CA MET F 80 -20.12 -16.91 6.32
C MET F 80 -20.26 -16.14 7.61
N THR F 81 -19.15 -15.69 8.16
CA THR F 81 -19.20 -14.93 9.40
C THR F 81 -19.95 -13.64 9.22
N THR F 82 -19.72 -12.96 8.10
CA THR F 82 -20.36 -11.66 7.88
C THR F 82 -21.86 -11.86 7.83
N LEU F 83 -22.30 -12.90 7.14
CA LEU F 83 -23.73 -13.13 7.01
C LEU F 83 -24.37 -13.41 8.36
N LYS F 84 -23.70 -14.18 9.20
CA LYS F 84 -24.25 -14.51 10.50
C LYS F 84 -24.44 -13.27 11.36
N LEU F 85 -23.47 -12.37 11.35
CA LEU F 85 -23.56 -11.17 12.20
C LEU F 85 -24.72 -10.27 11.83
N TRP F 86 -24.96 -10.12 10.53
CA TRP F 86 -26.00 -9.21 10.08
C TRP F 86 -27.24 -9.96 9.69
N GLU F 87 -27.33 -11.22 10.09
CA GLU F 87 -28.48 -12.07 9.77
C GLU F 87 -29.73 -11.32 9.37
N ALA F 97 -33.03 -18.39 21.77
CA ALA F 97 -32.79 -19.76 22.20
C ALA F 97 -31.41 -20.24 21.74
N LEU F 98 -31.13 -21.52 21.98
CA LEU F 98 -29.85 -22.13 21.63
C LEU F 98 -29.94 -22.97 20.36
N GLY F 99 -30.95 -22.74 19.52
CA GLY F 99 -31.07 -23.52 18.30
C GLY F 99 -30.02 -23.11 17.27
N TYR F 100 -29.59 -24.09 16.49
CA TYR F 100 -28.54 -23.91 15.50
C TYR F 100 -29.15 -23.98 14.11
N SER F 101 -28.84 -22.99 13.27
CA SER F 101 -29.27 -23.01 11.89
C SER F 101 -28.27 -23.79 11.05
N VAL F 102 -28.49 -23.78 9.73
CA VAL F 102 -27.58 -24.46 8.80
C VAL F 102 -26.24 -23.72 8.75
N ILE F 103 -26.29 -22.39 8.82
CA ILE F 103 -25.08 -21.57 8.79
C ILE F 103 -24.25 -21.83 10.04
N MET F 104 -24.91 -22.06 11.17
CA MET F 104 -24.21 -22.27 12.42
C MET F 104 -23.45 -23.59 12.44
N PHE F 105 -24.11 -24.67 12.01
CA PHE F 105 -23.46 -25.97 11.89
C PHE F 105 -22.31 -25.93 10.88
N MET F 106 -22.52 -25.19 9.78
CA MET F 106 -21.52 -25.12 8.74
C MET F 106 -20.27 -24.35 9.20
N ILE F 107 -20.46 -23.27 9.96
CA ILE F 107 -19.33 -22.53 10.49
C ILE F 107 -18.60 -23.34 11.57
N THR F 108 -19.33 -24.14 12.37
CA THR F 108 -18.63 -25.02 13.30
C THR F 108 -17.77 -26.06 12.58
N ALA F 109 -18.29 -26.62 11.47
CA ALA F 109 -17.49 -27.56 10.68
C ALA F 109 -16.27 -26.90 10.06
N VAL F 110 -16.44 -25.66 9.58
CA VAL F 110 -15.30 -24.94 8.97
C VAL F 110 -14.28 -24.56 10.04
N LYS F 111 -14.74 -24.26 11.26
CA LYS F 111 -13.81 -24.02 12.37
C LYS F 111 -13.04 -25.26 12.77
N ARG F 112 -13.67 -26.45 12.65
CA ARG F 112 -12.89 -27.67 12.83
C ARG F 112 -11.85 -27.84 11.73
N LEU F 113 -12.23 -27.55 10.48
CA LEU F 113 -11.29 -27.74 9.37
C LEU F 113 -10.15 -26.74 9.43
N ARG F 114 -10.38 -25.56 10.03
CA ARG F 114 -9.34 -24.56 10.11
C ARG F 114 -8.30 -24.91 11.16
N GLU F 115 -8.68 -25.72 12.14
CA GLU F 115 -7.76 -26.17 13.18
C GLU F 115 -7.13 -27.53 12.87
N SER F 116 -7.19 -27.95 11.60
CA SER F 116 -6.56 -29.17 11.08
C SER F 116 -7.06 -30.44 11.78
N LYS F 117 -8.38 -30.54 11.94
CA LYS F 117 -9.02 -31.76 12.42
C LYS F 117 -10.14 -32.16 11.48
N MET F 118 -10.24 -33.47 11.24
CA MET F 118 -10.99 -33.98 10.09
C MET F 118 -12.47 -34.11 10.39
N LEU F 119 -13.29 -34.03 9.34
CA LEU F 119 -14.71 -34.34 9.42
C LEU F 119 -14.90 -35.83 9.15
N THR F 120 -15.13 -36.61 10.20
CA THR F 120 -15.18 -38.05 10.10
C THR F 120 -16.59 -38.53 10.45
N LEU F 121 -16.80 -39.84 10.26
CA LEU F 121 -18.10 -40.44 10.53
C LEU F 121 -18.37 -40.51 12.04
N SER F 122 -17.32 -40.75 12.83
CA SER F 122 -17.48 -40.82 14.28
C SER F 122 -17.84 -39.45 14.85
N TRP F 123 -17.24 -38.39 14.31
CA TRP F 123 -17.62 -37.04 14.71
C TRP F 123 -19.07 -36.74 14.34
N PHE F 124 -19.51 -37.25 13.18
CA PHE F 124 -20.89 -37.04 12.76
C PHE F 124 -21.87 -37.76 13.68
N ASN F 125 -21.51 -38.98 14.10
CA ASN F 125 -22.37 -39.70 15.05
C ASN F 125 -22.41 -39.02 16.41
N GLN F 126 -21.27 -38.51 16.89
CA GLN F 126 -21.26 -37.74 18.13
C GLN F 126 -22.08 -36.47 18.02
N ALA F 127 -22.00 -35.80 16.86
CA ALA F 127 -22.77 -34.57 16.65
C ALA F 127 -24.26 -34.86 16.57
N LEU F 128 -24.63 -36.03 16.05
CA LEU F 128 -26.03 -36.41 16.05
C LEU F 128 -26.52 -36.73 17.45
N MET F 129 -25.66 -37.36 18.28
CA MET F 129 -26.09 -37.71 19.63
C MET F 129 -26.18 -36.48 20.55
N VAL F 130 -25.33 -35.47 20.35
CA VAL F 130 -25.42 -34.30 21.22
C VAL F 130 -26.62 -33.44 20.84
N ILE F 131 -27.06 -33.56 19.59
CA ILE F 131 -28.19 -32.78 19.09
C ILE F 131 -29.43 -33.68 18.95
N ALA F 132 -29.50 -34.72 19.79
CA ALA F 132 -30.54 -35.75 19.64
C ALA F 132 -32.01 -35.31 19.83
N PRO F 133 -32.40 -34.48 20.83
CA PRO F 133 -33.86 -34.23 21.01
C PRO F 133 -34.56 -33.51 19.88
N SER F 134 -33.92 -32.56 19.21
CA SER F 134 -34.60 -31.71 18.24
C SER F 134 -34.37 -32.25 16.83
N GLN F 135 -35.46 -32.56 16.12
CA GLN F 135 -35.35 -33.12 14.78
C GLN F 135 -34.98 -32.06 13.74
N GLU F 136 -35.43 -30.82 13.97
CA GLU F 136 -35.16 -29.72 13.05
C GLU F 136 -33.67 -29.43 12.95
N GLU F 137 -32.97 -29.46 14.09
CA GLU F 137 -31.54 -29.18 14.08
C GLU F 137 -30.75 -30.35 13.49
N THR F 138 -31.23 -31.59 13.65
CA THR F 138 -30.58 -32.71 12.98
C THR F 138 -30.72 -32.60 11.47
N MET F 139 -31.90 -32.19 11.00
CA MET F 139 -32.10 -31.94 9.58
C MET F 139 -31.20 -30.81 9.09
N ASN F 140 -31.04 -29.76 9.91
CA ASN F 140 -30.16 -28.65 9.56
C ASN F 140 -28.70 -29.08 9.45
N LEU F 141 -28.25 -29.94 10.38
CA LEU F 141 -26.88 -30.46 10.32
C LEU F 141 -26.65 -31.32 9.09
N LYS F 142 -27.61 -32.19 8.77
CA LYS F 142 -27.47 -33.06 7.60
C LYS F 142 -27.46 -32.26 6.30
N THR F 143 -28.32 -31.24 6.21
CA THR F 143 -28.30 -30.36 5.05
C THR F 143 -27.00 -29.58 4.94
N ALA F 144 -26.48 -29.07 6.07
CA ALA F 144 -25.24 -28.29 6.04
C ALA F 144 -24.05 -29.13 5.59
N MET F 145 -23.98 -30.38 6.05
CA MET F 145 -22.93 -31.28 5.56
C MET F 145 -23.11 -31.61 4.09
N TRP F 146 -24.36 -31.69 3.61
CA TRP F 146 -24.59 -31.89 2.18
C TRP F 146 -24.14 -30.67 1.35
N ILE F 147 -24.37 -29.46 1.87
CA ILE F 147 -23.92 -28.25 1.18
C ILE F 147 -22.40 -28.22 1.09
N LEU F 148 -21.72 -28.55 2.19
CA LEU F 148 -20.26 -28.57 2.17
C LEU F 148 -19.72 -29.67 1.27
N ALA F 149 -20.46 -30.78 1.14
CA ALA F 149 -20.05 -31.83 0.20
C ALA F 149 -20.21 -31.35 -1.24
N ASN F 150 -21.18 -30.48 -1.51
CA ASN F 150 -21.35 -29.99 -2.87
C ASN F 150 -20.39 -28.86 -3.22
N LEU F 151 -20.03 -28.00 -2.26
CA LEU F 151 -19.17 -26.87 -2.59
C LEU F 151 -17.74 -27.29 -2.90
N ILE F 152 -17.19 -28.20 -2.11
CA ILE F 152 -15.82 -28.65 -2.30
C ILE F 152 -15.80 -29.62 -3.48
N PRO F 153 -14.82 -29.52 -4.38
CA PRO F 153 -14.71 -30.49 -5.47
C PRO F 153 -14.45 -31.90 -4.97
N ARG F 154 -14.74 -32.89 -5.82
CA ARG F 154 -14.67 -34.29 -5.43
C ARG F 154 -13.24 -34.71 -5.11
N ASP F 155 -12.28 -34.24 -5.91
CA ASP F 155 -10.89 -34.67 -5.77
C ASP F 155 -10.27 -34.20 -4.46
N MET F 156 -10.80 -33.12 -3.88
CA MET F 156 -10.31 -32.66 -2.59
C MET F 156 -11.13 -33.17 -1.42
N LEU F 157 -12.20 -33.95 -1.66
CA LEU F 157 -13.07 -34.38 -0.58
C LEU F 157 -12.36 -35.29 0.41
N SER F 158 -11.41 -36.10 -0.09
CA SER F 158 -10.66 -36.99 0.78
C SER F 158 -9.71 -36.23 1.70
N LEU F 159 -9.39 -34.97 1.36
CA LEU F 159 -8.59 -34.18 2.29
C LEU F 159 -9.43 -33.68 3.45
N THR F 160 -10.75 -33.71 3.32
CA THR F 160 -11.61 -33.26 4.42
C THR F 160 -11.81 -34.35 5.46
N GLY F 161 -11.87 -35.60 5.04
CA GLY F 161 -12.11 -36.70 5.95
C GLY F 161 -12.86 -37.81 5.26
N ASP F 162 -13.64 -38.54 6.07
CA ASP F 162 -14.41 -39.67 5.55
C ASP F 162 -15.86 -39.31 5.26
N LEU F 163 -16.38 -38.28 5.93
CA LEU F 163 -17.82 -38.03 5.93
C LEU F 163 -18.31 -37.47 4.60
N LEU F 164 -17.57 -36.53 4.03
CA LEU F 164 -18.02 -35.89 2.79
C LEU F 164 -17.90 -36.80 1.55
N PRO F 165 -16.88 -37.68 1.39
CA PRO F 165 -16.98 -38.69 0.32
C PRO F 165 -18.19 -39.60 0.43
N SER F 166 -18.61 -39.95 1.65
CA SER F 166 -19.81 -40.77 1.80
C SER F 166 -21.07 -39.98 1.46
N LEU F 167 -21.13 -38.72 1.88
CA LEU F 167 -22.30 -37.91 1.62
C LEU F 167 -22.37 -37.38 0.19
N TRP F 168 -21.31 -37.55 -0.59
CA TRP F 168 -21.39 -37.18 -2.02
C TRP F 168 -22.39 -38.04 -2.77
N GLY F 169 -22.60 -39.29 -2.34
CA GLY F 169 -23.50 -40.18 -3.05
C GLY F 169 -24.97 -39.78 -2.95
N SER F 170 -25.41 -39.35 -1.77
CA SER F 170 -26.82 -39.05 -1.56
C SER F 170 -27.20 -37.72 -2.19
N GLY F 171 -28.48 -37.57 -2.52
CA GLY F 171 -28.97 -36.36 -3.15
C GLY F 171 -30.44 -36.12 -2.84
N LEU F 172 -30.87 -34.89 -3.12
CA LEU F 172 -32.25 -34.51 -2.88
C LEU F 172 -33.18 -35.14 -3.92
N LEU F 173 -34.39 -35.51 -3.48
CA LEU F 173 -35.37 -36.07 -4.42
C LEU F 173 -36.08 -34.96 -5.20
N MET F 174 -36.50 -33.90 -4.52
CA MET F 174 -37.26 -32.84 -5.16
C MET F 174 -36.74 -31.48 -4.68
N LEU F 175 -36.91 -30.48 -5.53
CA LEU F 175 -36.44 -29.13 -5.25
C LEU F 175 -37.27 -28.46 -4.15
N SER G 58 -32.91 3.66 9.92
CA SER G 58 -33.49 2.62 9.08
C SER G 58 -32.77 2.52 7.74
N GLN G 59 -32.46 3.69 7.16
CA GLN G 59 -31.73 3.72 5.90
C GLN G 59 -30.28 3.30 6.09
N GLN G 60 -29.68 3.69 7.21
CA GLN G 60 -28.33 3.28 7.54
C GLN G 60 -28.23 1.78 7.73
N LEU G 61 -29.25 1.18 8.36
CA LEU G 61 -29.30 -0.27 8.52
C LEU G 61 -29.39 -0.97 7.17
N ASP G 62 -30.19 -0.44 6.25
CA ASP G 62 -30.33 -1.06 4.93
C ASP G 62 -29.05 -0.96 4.11
N GLN G 63 -28.34 0.18 4.18
CA GLN G 63 -27.10 0.29 3.43
C GLN G 63 -25.99 -0.55 4.07
N LEU G 64 -26.03 -0.74 5.39
CA LEU G 64 -25.12 -1.69 6.02
C LEU G 64 -25.40 -3.13 5.56
N LYS G 65 -26.69 -3.50 5.46
CA LYS G 65 -27.04 -4.81 4.93
C LYS G 65 -26.62 -4.98 3.48
N ALA G 66 -26.60 -3.90 2.70
CA ALA G 66 -26.08 -3.96 1.35
C ALA G 66 -24.57 -4.14 1.30
N VAL G 67 -23.83 -3.38 2.11
CA VAL G 67 -22.36 -3.42 2.07
C VAL G 67 -21.84 -4.76 2.57
N HIS G 68 -22.42 -5.29 3.64
CA HIS G 68 -21.99 -6.58 4.18
C HIS G 68 -22.29 -7.72 3.22
N LEU G 69 -23.44 -7.64 2.53
CA LEU G 69 -23.77 -8.62 1.50
C LEU G 69 -22.78 -8.55 0.34
N ALA G 70 -22.36 -7.34 -0.05
CA ALA G 70 -21.38 -7.19 -1.12
C ALA G 70 -20.04 -7.81 -0.73
N SER G 71 -19.59 -7.57 0.51
CA SER G 71 -18.32 -8.14 0.97
C SER G 71 -18.37 -9.66 1.04
N ALA G 72 -19.50 -10.21 1.51
CA ALA G 72 -19.63 -11.66 1.59
C ALA G 72 -19.69 -12.29 0.19
N VAL G 73 -20.32 -11.59 -0.77
CA VAL G 73 -20.34 -12.06 -2.16
C VAL G 73 -18.94 -12.07 -2.74
N ARG G 74 -18.14 -11.03 -2.42
CA ARG G 74 -16.74 -10.99 -2.85
C ARG G 74 -15.93 -12.15 -2.30
N ASP G 75 -16.11 -12.47 -1.01
CA ASP G 75 -15.34 -13.55 -0.40
C ASP G 75 -15.78 -14.91 -0.93
N LEU G 76 -17.09 -15.08 -1.18
CA LEU G 76 -17.57 -16.32 -1.79
C LEU G 76 -17.04 -16.48 -3.21
N GLU G 77 -16.94 -15.38 -3.95
CA GLU G 77 -16.37 -15.41 -5.29
C GLU G 77 -14.91 -15.86 -5.26
N ARG G 78 -14.14 -15.33 -4.29
CA ARG G 78 -12.75 -15.73 -4.15
C ARG G 78 -12.61 -17.21 -3.79
N ALA G 79 -13.45 -17.69 -2.86
CA ALA G 79 -13.39 -19.09 -2.45
C ALA G 79 -13.74 -20.04 -3.59
N MET G 80 -14.82 -19.74 -4.32
CA MET G 80 -15.22 -20.61 -5.43
C MET G 80 -14.23 -20.53 -6.58
N THR G 81 -13.59 -19.38 -6.77
CA THR G 81 -12.57 -19.24 -7.79
C THR G 81 -11.36 -20.11 -7.48
N THR G 82 -10.96 -20.18 -6.21
CA THR G 82 -9.87 -21.08 -5.84
C THR G 82 -10.28 -22.55 -5.96
N LEU G 83 -11.54 -22.88 -5.62
CA LEU G 83 -11.96 -24.28 -5.70
C LEU G 83 -12.11 -24.76 -7.14
N LYS G 84 -12.41 -23.86 -8.08
CA LYS G 84 -12.71 -24.27 -9.45
C LYS G 84 -11.50 -24.85 -10.18
N LEU G 85 -10.29 -24.47 -9.76
CA LEU G 85 -9.08 -24.91 -10.46
C LEU G 85 -8.83 -26.41 -10.32
N TRP G 86 -9.43 -27.06 -9.32
CA TRP G 86 -9.22 -28.47 -9.07
C TRP G 86 -10.39 -29.33 -9.49
N GLU G 87 -11.28 -28.84 -10.35
CA GLU G 87 -12.36 -29.64 -10.86
C GLU G 87 -11.84 -30.67 -11.86
N SER G 88 -12.49 -31.83 -11.90
CA SER G 88 -11.97 -32.95 -12.69
C SER G 88 -12.10 -32.77 -14.20
N PRO G 89 -13.15 -32.13 -14.77
CA PRO G 89 -12.98 -31.81 -16.19
C PRO G 89 -11.97 -30.70 -16.44
N GLY G 99 -21.32 -28.08 -20.50
CA GLY G 99 -20.65 -28.90 -19.51
C GLY G 99 -20.60 -28.25 -18.14
N TYR G 100 -21.58 -27.39 -17.86
CA TYR G 100 -21.63 -26.70 -16.58
C TYR G 100 -21.99 -27.66 -15.46
N SER G 101 -21.54 -27.33 -14.25
CA SER G 101 -21.77 -28.15 -13.08
C SER G 101 -22.14 -27.25 -11.90
N VAL G 102 -22.24 -27.87 -10.73
CA VAL G 102 -22.31 -27.13 -9.48
C VAL G 102 -20.96 -26.42 -9.31
N ILE G 103 -21.01 -25.24 -8.68
CA ILE G 103 -19.96 -24.24 -8.40
C ILE G 103 -19.79 -23.34 -9.62
N MET G 104 -19.69 -23.93 -10.81
CA MET G 104 -19.58 -23.14 -12.03
C MET G 104 -20.84 -22.29 -12.26
N PHE G 105 -22.01 -22.90 -12.05
CA PHE G 105 -23.25 -22.12 -12.06
C PHE G 105 -23.31 -21.17 -10.88
N MET G 106 -22.75 -21.58 -9.74
CA MET G 106 -22.68 -20.70 -8.58
C MET G 106 -21.72 -19.54 -8.82
N ILE G 107 -20.60 -19.79 -9.50
CA ILE G 107 -19.70 -18.72 -9.91
C ILE G 107 -20.42 -17.75 -10.85
N THR G 108 -21.21 -18.28 -11.78
CA THR G 108 -21.98 -17.43 -12.70
C THR G 108 -22.98 -16.54 -11.94
N ALA G 109 -23.70 -17.12 -10.97
CA ALA G 109 -24.67 -16.34 -10.20
C ALA G 109 -23.99 -15.29 -9.32
N VAL G 110 -22.85 -15.63 -8.72
CA VAL G 110 -22.14 -14.68 -7.89
C VAL G 110 -21.54 -13.56 -8.74
N LYS G 111 -21.07 -13.88 -9.95
CA LYS G 111 -20.62 -12.84 -10.88
C LYS G 111 -21.75 -11.92 -11.30
N ARG G 112 -22.98 -12.46 -11.44
CA ARG G 112 -24.11 -11.57 -11.70
C ARG G 112 -24.42 -10.68 -10.51
N LEU G 113 -24.25 -11.21 -9.29
CA LEU G 113 -24.49 -10.39 -8.10
C LEU G 113 -23.41 -9.32 -7.95
N ARG G 114 -22.18 -9.60 -8.38
CA ARG G 114 -21.12 -8.59 -8.33
C ARG G 114 -21.40 -7.44 -9.30
N GLU G 115 -21.92 -7.76 -10.48
CA GLU G 115 -22.19 -6.75 -11.50
C GLU G 115 -23.53 -6.06 -11.32
N SER G 116 -24.16 -6.19 -10.14
CA SER G 116 -25.44 -5.59 -9.77
C SER G 116 -26.60 -6.01 -10.68
N LYS G 117 -26.52 -7.21 -11.25
CA LYS G 117 -27.62 -7.76 -12.04
C LYS G 117 -28.35 -8.78 -11.18
N MET G 118 -29.63 -8.51 -10.90
CA MET G 118 -30.37 -9.30 -9.93
C MET G 118 -30.74 -10.66 -10.50
N LEU G 119 -30.75 -11.67 -9.63
CA LEU G 119 -31.21 -12.99 -10.04
C LEU G 119 -32.74 -13.02 -10.05
N THR G 120 -33.32 -13.27 -11.20
CA THR G 120 -34.76 -13.15 -11.39
C THR G 120 -35.34 -14.47 -11.89
N LEU G 121 -36.67 -14.57 -11.79
CA LEU G 121 -37.38 -15.76 -12.24
C LEU G 121 -37.30 -15.92 -13.75
N SER G 122 -37.32 -14.80 -14.48
CA SER G 122 -37.21 -14.84 -15.94
C SER G 122 -35.84 -15.34 -16.37
N TRP G 123 -34.78 -14.90 -15.68
CA TRP G 123 -33.43 -15.37 -15.98
C TRP G 123 -33.29 -16.87 -15.69
N PHE G 124 -33.88 -17.32 -14.59
CA PHE G 124 -33.85 -18.74 -14.23
C PHE G 124 -34.59 -19.59 -15.25
N ASN G 125 -35.78 -19.16 -15.68
CA ASN G 125 -36.54 -19.91 -16.66
C ASN G 125 -35.86 -19.90 -18.02
N GLN G 126 -35.27 -18.77 -18.40
CA GLN G 126 -34.54 -18.69 -19.67
C GLN G 126 -33.33 -19.61 -19.67
N ALA G 127 -32.57 -19.63 -18.56
CA ALA G 127 -31.43 -20.54 -18.45
C ALA G 127 -31.87 -21.99 -18.40
N LEU G 128 -33.08 -22.25 -17.90
CA LEU G 128 -33.63 -23.60 -17.95
C LEU G 128 -33.95 -24.00 -19.39
N MET G 129 -34.47 -23.06 -20.19
CA MET G 129 -34.75 -23.38 -21.60
C MET G 129 -33.47 -23.58 -22.41
N VAL G 130 -32.41 -22.83 -22.09
CA VAL G 130 -31.14 -23.02 -22.80
C VAL G 130 -30.55 -24.39 -22.49
N ILE G 131 -30.63 -24.83 -21.24
CA ILE G 131 -29.89 -26.00 -20.79
C ILE G 131 -30.91 -27.14 -20.69
N ALA G 132 -31.98 -27.02 -21.48
CA ALA G 132 -33.06 -28.01 -21.45
C ALA G 132 -32.69 -29.46 -21.85
N PRO G 133 -31.86 -29.75 -22.88
CA PRO G 133 -31.60 -31.18 -23.21
C PRO G 133 -30.91 -32.00 -22.13
N SER G 134 -30.04 -31.40 -21.33
CA SER G 134 -29.27 -32.13 -20.34
C SER G 134 -30.01 -32.09 -19.00
N GLN G 135 -30.37 -33.27 -18.48
CA GLN G 135 -31.07 -33.34 -17.20
C GLN G 135 -30.14 -33.05 -16.04
N GLU G 136 -28.91 -33.55 -16.12
CA GLU G 136 -27.95 -33.42 -15.02
C GLU G 136 -27.57 -31.98 -14.78
N GLU G 137 -27.43 -31.19 -15.85
CA GLU G 137 -27.07 -29.79 -15.69
C GLU G 137 -28.23 -28.96 -15.13
N THR G 138 -29.47 -29.35 -15.46
CA THR G 138 -30.62 -28.73 -14.80
C THR G 138 -30.66 -29.05 -13.31
N MET G 139 -30.33 -30.30 -12.95
CA MET G 139 -30.21 -30.63 -11.53
C MET G 139 -29.10 -29.85 -10.85
N ASN G 140 -27.97 -29.66 -11.56
CA ASN G 140 -26.86 -28.89 -11.01
C ASN G 140 -27.23 -27.43 -10.78
N LEU G 141 -27.95 -26.81 -11.71
CA LEU G 141 -28.31 -25.41 -11.55
C LEU G 141 -29.39 -25.23 -10.47
N LYS G 142 -30.34 -26.17 -10.38
CA LYS G 142 -31.32 -26.11 -9.30
C LYS G 142 -30.68 -26.29 -7.93
N THR G 143 -29.73 -27.23 -7.81
CA THR G 143 -29.04 -27.41 -6.54
C THR G 143 -28.17 -26.21 -6.19
N ALA G 144 -27.54 -25.58 -7.19
CA ALA G 144 -26.72 -24.40 -6.94
C ALA G 144 -27.56 -23.22 -6.44
N MET G 145 -28.73 -23.01 -7.05
CA MET G 145 -29.58 -21.92 -6.59
C MET G 145 -30.21 -22.24 -5.24
N TRP G 146 -30.44 -23.52 -4.94
CA TRP G 146 -30.92 -23.88 -3.61
C TRP G 146 -29.84 -23.68 -2.55
N ILE G 147 -28.58 -23.94 -2.91
CA ILE G 147 -27.44 -23.67 -2.03
C ILE G 147 -27.36 -22.18 -1.73
N LEU G 148 -27.48 -21.35 -2.76
CA LEU G 148 -27.45 -19.90 -2.56
C LEU G 148 -28.65 -19.41 -1.76
N ALA G 149 -29.79 -20.11 -1.87
CA ALA G 149 -30.94 -19.78 -1.05
C ALA G 149 -30.69 -20.09 0.42
N ASN G 150 -30.07 -21.23 0.72
CA ASN G 150 -29.87 -21.61 2.11
C ASN G 150 -28.73 -20.82 2.77
N LEU G 151 -27.70 -20.45 2.01
CA LEU G 151 -26.56 -19.74 2.62
C LEU G 151 -26.92 -18.31 2.98
N ILE G 152 -27.57 -17.59 2.07
CA ILE G 152 -27.87 -16.18 2.30
C ILE G 152 -29.06 -16.09 3.26
N PRO G 153 -28.99 -15.24 4.29
CA PRO G 153 -30.09 -15.14 5.24
C PRO G 153 -31.35 -14.55 4.62
N ARG G 154 -32.49 -14.80 5.27
CA ARG G 154 -33.78 -14.40 4.72
C ARG G 154 -33.97 -12.89 4.74
N ASP G 155 -33.31 -12.21 5.68
CA ASP G 155 -33.41 -10.75 5.76
C ASP G 155 -32.69 -10.08 4.59
N MET G 156 -31.58 -10.68 4.14
CA MET G 156 -30.84 -10.20 2.99
C MET G 156 -31.26 -10.87 1.69
N LEU G 157 -32.25 -11.76 1.74
CA LEU G 157 -32.61 -12.55 0.57
C LEU G 157 -33.34 -11.71 -0.48
N SER G 158 -34.07 -10.69 -0.02
CA SER G 158 -34.82 -9.85 -0.95
C SER G 158 -33.91 -8.93 -1.74
N LEU G 159 -32.73 -8.62 -1.21
CA LEU G 159 -31.79 -7.76 -1.93
C LEU G 159 -31.14 -8.50 -3.09
N THR G 160 -31.12 -9.83 -3.05
CA THR G 160 -30.52 -10.60 -4.13
C THR G 160 -31.40 -10.58 -5.38
N GLY G 161 -32.70 -10.73 -5.21
CA GLY G 161 -33.60 -10.81 -6.34
C GLY G 161 -34.90 -11.48 -5.94
N ASP G 162 -35.62 -11.94 -6.96
CA ASP G 162 -36.93 -12.55 -6.71
C ASP G 162 -36.82 -14.06 -6.60
N LEU G 163 -35.76 -14.65 -7.17
CA LEU G 163 -35.65 -16.11 -7.29
C LEU G 163 -35.39 -16.77 -5.94
N LEU G 164 -34.52 -16.17 -5.13
CA LEU G 164 -34.15 -16.81 -3.87
C LEU G 164 -35.24 -16.74 -2.79
N PRO G 165 -36.05 -15.67 -2.64
CA PRO G 165 -37.24 -15.79 -1.78
C PRO G 165 -38.21 -16.88 -2.21
N SER G 166 -38.35 -17.12 -3.51
CA SER G 166 -39.23 -18.20 -3.97
C SER G 166 -38.61 -19.56 -3.66
N LEU G 167 -37.29 -19.69 -3.78
CA LEU G 167 -36.67 -20.98 -3.55
C LEU G 167 -36.45 -21.27 -2.07
N TRP G 168 -36.58 -20.24 -1.21
CA TRP G 168 -36.44 -20.46 0.23
C TRP G 168 -37.55 -21.37 0.76
N GLY G 169 -38.77 -21.23 0.22
CA GLY G 169 -39.86 -22.09 0.66
C GLY G 169 -39.68 -23.54 0.27
N SER G 170 -39.08 -23.79 -0.89
CA SER G 170 -38.88 -25.15 -1.36
C SER G 170 -37.77 -25.84 -0.58
N GLY G 171 -37.93 -27.14 -0.37
CA GLY G 171 -36.96 -27.92 0.35
C GLY G 171 -36.83 -29.31 -0.23
N LEU G 172 -35.84 -30.04 0.27
CA LEU G 172 -35.62 -31.41 -0.20
C LEU G 172 -36.67 -32.34 0.36
N LEU G 173 -37.14 -33.27 -0.48
CA LEU G 173 -38.09 -34.28 -0.01
C LEU G 173 -37.40 -35.33 0.84
N MET G 174 -36.22 -35.78 0.44
CA MET G 174 -35.51 -36.82 1.16
C MET G 174 -34.02 -36.61 0.92
N LEU G 175 -33.21 -37.01 1.89
CA LEU G 175 -31.78 -36.68 1.94
C LEU G 175 -30.94 -37.27 0.80
N12 A1EF9 H . -6.91 17.30 -26.46
C15 A1EF9 H . 2.04 20.16 -19.93
C17 A1EF9 H . 1.90 18.84 -20.53
C20 A1EF9 H . 2.27 21.33 -16.71
C21 A1EF9 H . 4.24 22.14 -16.28
C22 A1EF9 H . 2.28 22.97 -15.28
C24 A1EF9 H . 4.63 21.47 -14.96
C26 A1EF9 H . -2.07 20.17 -22.23
C28 A1EF9 H . -2.89 19.42 -23.03
C14 A1EF9 H . 1.17 20.30 -18.68
C16 A1EF9 H . 1.45 21.60 -17.97
C18 A1EF9 H . -0.32 18.64 -19.42
C19 A1EF9 H . 0.55 18.33 -20.63
C23 A1EF9 H . -2.39 20.32 -20.90
C25 A1EF9 H . 2.67 22.29 -13.95
C27 A1EF9 H . -3.54 19.73 -20.37
C29 A1EF9 H . -4.36 18.98 -21.20
C30 A1EF9 H . -4.04 18.86 -22.54
C31 A1EF9 H . -5.41 18.49 -24.69
C32 A1EF9 H . -6.00 17.35 -25.51
C33 A1EF9 H . -5.53 16.07 -25.34
C34 A1EF9 H . -6.20 15.25 -26.21
C35 A1EF9 H . -7.69 18.40 -26.99
C36 A1EF9 H . -6.00 13.75 -26.35
F02 A1EF9 H . -7.15 13.15 -26.75
F03 A1EF9 H . -5.03 13.47 -27.26
F04 A1EF9 H . -5.65 13.24 -25.15
N09 A1EF9 H . -0.29 20.13 -19.04
N10 A1EF9 H . 2.88 22.38 -16.38
N11 A1EF9 H . -4.77 18.07 -23.49
N13 A1EF9 H . -7.06 16.01 -26.89
O05 A1EF9 H . -1.84 22.29 -19.08
O06 A1EF9 H . -0.41 22.15 -20.76
O07 A1EF9 H . 4.05 22.10 -13.86
O08 A1EF9 H . -5.44 19.63 -25.01
S01 A1EF9 H . -1.22 21.28 -19.92
#